data_8H67
#
_entry.id   8H67
#
_cell.length_a   1.00
_cell.length_b   1.00
_cell.length_c   1.00
_cell.angle_alpha   90.00
_cell.angle_beta   90.00
_cell.angle_gamma   90.00
#
_symmetry.space_group_name_H-M   'P 1'
#
loop_
_entity.id
_entity.type
_entity.pdbx_description
1 polymer 'CRISPR RNA'
2 polymer 'Target DNA'
3 polymer 'Non target DNA'
4 polymer 'CRISPR associated protein Cas5'
5 polymer 'CRISPR associated protein Cas7'
6 polymer 'CRISPR associated protein Cas8'
7 polymer 'CRISPR associated protein Cas11b'
#
loop_
_entity_poly.entity_id
_entity_poly.type
_entity_poly.pdbx_seq_one_letter_code
_entity_poly.pdbx_strand_id
1 'polyribonucleotide' UGAGCACUUUAUCACCGUGUCCCCAAUCUGGAUAUUUUGUGUGUGUCCAAACCAUUGAUGCCGUAAGGCGU B
2 'polydeoxyribonucleotide' (DA)(DT)(DA)(DA)(DA)(DC)(DA)(DT)(DG)(DG)(DA) C
3 'polydeoxyribonucleotide' (DT)(DC)(DC)(DA)(DT)(DG)(DT)(DT)(DA) D
4 'polypeptide(L)'
;MAQLALALDTVTRYLRLKAPFAAFRPFQSGSFRSTTPVPSFSAVYGLLLNLAGIEQRQEVEGKVTLIKPKAELPKLAIAI
GQVKPSSTSLINQQLHNYPVGNSGKEFASRTFGSKYWIAPVRREVLVNLDLIIGLQSPVEFWQKLDQGLKGETVINRYGL
PFAGDNNFLFDEIYPIEKPDLASWYCPLEPDTRPNQGACRLTLWIDRENNTQTTIKVFSPSDFRLEPPAKAWQQLPG
;
A
5 'polypeptide(L)'
;MSNLNLFATILTYPAPASNYRGESEENRSVIQKILKDGQKYAIISPESMRNALREMLIELGQPNNRTRLHSEDQLAVEFK
EYPNPDKFADDFLFGYMVAQTNDAKEMKKLNRPAKRDSIFRCNMAVAVNPYKYDTVFYQSPLNAGDSAWKNSTSSALLHR
EVTHTAFQYPFALAGKDCAAKPEWVKALLQAIAELNGVAGGHARAYYEFAPRSVVARLTPKLVAGYQTYGFDAEGNWLEL
SRLTATDSDNLDLPANEFWLGGELVRKMDQEQKAQLEAMGAHLYANPEKLFADLADSFLGV
;
E,F,G,H,J,K,I
6 'polypeptide(L)'
;MGSSHHHHHHHHSQWSHPQFEKGGGSGGGSGGSAWSHPQFEKLEVLFQGPGSMPKTQAEILTLDFNLAELPSAQHRAGLA
GLILMIRELKKWPWFKIRQKEKDVLLSIENLDQYGASIQLNLEGLIALFDLAYLSFTEERKSKSKIKDFKRVDEIEIEEN
GKNKIQKYYFYDVITPQGGFLAGWDKSDGQIWLRIWRDMFWSIIKGVPATRNPFNNRCGLNLNAGDSFSKDVESVWKSLQ
NAEKTTGQSGAFYLGAMAVNAENVSTDDLIKWQFLLHFWAFVAQVYCPYILDKDGKRNFNGYVIVIPDIANLEDFCDILP
DVLSNRNSKAFGFRPQESVIDVPEQGALELLNLIKQRIAKKAGSGLLSDLIVGVEVIHAEKQGNSIKLHSVSYLQPNEES
VDDYNAIKNSYYCPWFRRQLLLNLVNPKFDLASQSWLKRHPWYGFGDLLSRIPQRWLKENNSYFSHDARQLFTQKGDFDM
TVATTKTREYAEIVYKIAQGFVLSKLSSKHDLQWSKCKGNPKLEREYNDKKEKVVNEAFLAIRSRTEKQAFIDYFVSTLY
PHVRQDEFVDFAQKLFQDTDEIRSLTLLALSSQYPIKRQGETE
;
L
7 'polypeptide(L)'
;MTVATTKTREYAEIVYKIAQGFVLSKLSSKHDLQWSKCKGNPKLEREYNDKKEKVVNEAFLAIRSRTEKQAFIDYFVSTL
YPHVRQDEFVDFAQKLFQDTDEIRSLTLLALSSQYPIKRQGETE
;
M,N,O
#
# COMPACT_ATOMS: atom_id res chain seq x y z
N VAL D 11 51.53 41.30 34.99
CA VAL D 11 50.32 41.86 34.40
C VAL D 11 49.26 42.07 35.47
N THR D 12 48.44 43.11 35.32
CA THR D 12 47.36 43.37 36.25
C THR D 12 46.21 42.39 36.02
N ARG D 13 45.63 42.40 34.82
CA ARG D 13 44.54 41.52 34.48
C ARG D 13 44.38 41.51 32.97
N TYR D 14 43.72 40.47 32.45
CA TYR D 14 43.54 40.31 31.02
C TYR D 14 42.13 39.83 30.73
N LEU D 15 41.67 40.10 29.50
CA LEU D 15 40.28 39.92 29.12
C LEU D 15 40.20 39.26 27.76
N ARG D 16 39.10 38.56 27.52
CA ARG D 16 38.92 37.70 26.35
C ARG D 16 37.88 38.29 25.40
N LEU D 17 38.02 37.94 24.12
CA LEU D 17 37.09 38.40 23.10
C LEU D 17 37.10 37.41 21.94
N LYS D 18 36.08 37.51 21.10
CA LYS D 18 35.97 36.68 19.91
C LYS D 18 35.24 37.46 18.82
N ALA D 19 35.45 37.03 17.57
CA ALA D 19 34.86 37.71 16.42
C ALA D 19 34.74 36.70 15.28
N PRO D 20 33.68 36.76 14.48
CA PRO D 20 33.50 35.77 13.42
C PRO D 20 34.34 36.06 12.18
N PHE D 21 34.55 37.33 11.84
CA PHE D 21 35.25 37.69 10.63
C PHE D 21 36.23 38.82 10.89
N ALA D 22 37.37 38.77 10.21
CA ALA D 22 38.40 39.80 10.32
C ALA D 22 39.39 39.62 9.20
N ALA D 23 40.23 40.64 9.01
CA ALA D 23 41.28 40.59 7.99
C ALA D 23 42.43 41.48 8.43
N PHE D 24 43.66 41.00 8.21
CA PHE D 24 44.87 41.71 8.61
C PHE D 24 45.81 41.75 7.41
N ARG D 25 45.78 42.86 6.68
CA ARG D 25 46.58 43.03 5.47
C ARG D 25 48.05 43.20 5.83
N PRO D 26 48.95 42.56 5.09
CA PRO D 26 50.37 42.93 5.19
C PRO D 26 50.58 44.35 4.70
N PHE D 27 51.55 45.03 5.29
CA PHE D 27 51.78 46.45 5.04
C PHE D 27 52.31 46.61 3.61
N GLN D 28 51.45 47.10 2.72
CA GLN D 28 51.71 47.18 1.28
C GLN D 28 52.08 45.80 0.71
N SER D 29 51.12 44.88 0.78
CA SER D 29 51.33 43.52 0.31
C SER D 29 51.62 43.45 -1.18
N GLY D 30 50.90 44.24 -1.97
CA GLY D 30 51.10 44.24 -3.40
C GLY D 30 49.79 44.33 -4.16
N SER D 31 49.83 43.96 -5.44
CA SER D 31 48.64 43.99 -6.27
C SER D 31 47.59 43.03 -5.71
N PHE D 32 48.04 41.87 -5.25
CA PHE D 32 47.15 40.88 -4.68
C PHE D 32 47.36 40.83 -3.18
N ARG D 33 46.28 40.99 -2.42
CA ARG D 33 46.37 41.06 -0.97
C ARG D 33 46.61 39.68 -0.37
N SER D 34 46.93 39.68 0.93
CA SER D 34 47.15 38.46 1.69
C SER D 34 46.69 38.72 3.11
N THR D 35 47.06 37.81 4.03
CA THR D 35 46.63 37.94 5.42
C THR D 35 47.59 37.14 6.30
N THR D 36 47.46 37.35 7.60
CA THR D 36 48.23 36.66 8.62
C THR D 36 47.28 36.03 9.64
N PRO D 37 47.68 34.90 10.24
CA PRO D 37 46.78 34.23 11.18
C PRO D 37 46.42 35.06 12.40
N VAL D 38 47.28 35.98 12.82
CA VAL D 38 47.04 36.74 14.04
C VAL D 38 47.19 38.23 13.75
N PRO D 39 46.50 39.11 14.48
CA PRO D 39 46.64 40.54 14.24
C PRO D 39 48.01 41.06 14.68
N SER D 40 48.40 42.17 14.07
CA SER D 40 49.65 42.83 14.45
C SER D 40 49.49 43.48 15.82
N PHE D 41 50.63 43.67 16.49
CA PHE D 41 50.62 44.29 17.81
C PHE D 41 50.14 45.74 17.73
N SER D 42 50.54 46.46 16.68
CA SER D 42 50.11 47.85 16.52
C SER D 42 48.60 47.95 16.38
N ALA D 43 47.99 47.05 15.60
CA ALA D 43 46.54 47.07 15.44
C ALA D 43 45.83 46.79 16.76
N VAL D 44 46.34 45.84 17.53
CA VAL D 44 45.75 45.54 18.83
C VAL D 44 45.87 46.73 19.77
N TYR D 45 47.04 47.38 19.77
CA TYR D 45 47.23 48.56 20.62
C TYR D 45 46.26 49.67 20.22
N GLY D 46 46.10 49.89 18.92
CA GLY D 46 45.14 50.90 18.48
C GLY D 46 43.71 50.57 18.84
N LEU D 47 43.33 49.30 18.70
CA LEU D 47 41.98 48.88 19.07
C LEU D 47 41.72 49.08 20.56
N LEU D 48 42.68 48.72 21.40
CA LEU D 48 42.52 48.92 22.84
C LEU D 48 42.48 50.40 23.18
N LEU D 49 43.31 51.23 22.53
CA LEU D 49 43.28 52.66 22.79
C LEU D 49 41.93 53.26 22.41
N ASN D 50 41.39 52.85 21.26
CA ASN D 50 40.12 53.42 20.79
C ASN D 50 38.95 52.93 21.64
N LEU D 51 38.99 51.66 22.06
CA LEU D 51 37.89 51.11 22.84
C LEU D 51 37.72 51.85 24.17
N ALA D 52 38.82 52.33 24.75
CA ALA D 52 38.76 53.11 25.97
C ALA D 52 38.16 54.50 25.74
N GLY D 53 37.95 54.89 24.50
CA GLY D 53 37.47 56.22 24.19
C GLY D 53 38.56 57.27 24.00
N ILE D 54 39.82 56.89 24.15
CA ILE D 54 40.93 57.81 23.95
C ILE D 54 41.04 58.12 22.47
N GLU D 55 40.74 59.36 22.10
CA GLU D 55 40.86 59.77 20.71
C GLU D 55 42.33 59.78 20.30
N GLN D 56 42.57 59.75 18.99
CA GLN D 56 43.95 59.75 18.51
C GLN D 56 44.64 61.06 18.86
N ARG D 57 45.92 60.95 19.23
CA ARG D 57 46.69 62.11 19.65
C ARG D 57 46.84 63.12 18.52
N GLN D 58 47.13 62.65 17.31
CA GLN D 58 47.27 63.53 16.16
C GLN D 58 46.35 63.05 15.04
N GLU D 59 45.58 63.98 14.48
CA GLU D 59 44.68 63.69 13.37
C GLU D 59 44.73 64.81 12.33
N VAL D 60 45.94 65.27 11.99
CA VAL D 60 46.07 66.30 10.97
C VAL D 60 45.69 65.72 9.61
N GLU D 61 45.42 66.63 8.68
CA GLU D 61 44.96 66.26 7.34
C GLU D 61 45.93 66.68 6.25
N GLY D 62 45.94 65.88 5.19
CA GLY D 62 46.82 66.09 4.06
C GLY D 62 46.72 64.91 3.12
N LYS D 63 47.74 64.73 2.29
CA LYS D 63 47.75 63.61 1.37
C LYS D 63 47.70 62.33 2.19
N VAL D 64 48.40 62.34 3.32
CA VAL D 64 48.45 61.18 4.19
C VAL D 64 48.28 61.65 5.64
N THR D 65 48.33 60.70 6.56
CA THR D 65 48.13 60.95 7.98
C THR D 65 49.14 60.08 8.74
N LEU D 66 48.89 59.90 10.04
CA LEU D 66 49.69 59.01 10.89
C LEU D 66 51.14 59.51 11.00
N ILE D 67 51.28 60.69 11.58
CA ILE D 67 52.59 61.26 11.91
C ILE D 67 52.63 61.34 13.43
N LYS D 68 53.16 60.30 14.07
CA LYS D 68 53.02 60.13 15.51
C LYS D 68 54.37 60.16 16.23
N PRO D 69 54.72 61.25 16.90
CA PRO D 69 55.81 61.19 17.88
C PRO D 69 55.38 60.44 19.14
N LYS D 70 56.38 59.98 19.89
CA LYS D 70 56.14 59.19 21.09
C LYS D 70 56.18 60.03 22.36
N ALA D 71 56.29 61.36 22.24
CA ALA D 71 56.50 62.19 23.43
C ALA D 71 55.30 62.11 24.38
N GLU D 72 54.09 62.27 23.86
CA GLU D 72 52.87 62.17 24.66
C GLU D 72 52.08 60.97 24.16
N LEU D 73 52.26 59.83 24.84
CA LEU D 73 51.60 58.60 24.48
C LEU D 73 51.71 57.63 25.65
N PRO D 74 50.64 56.91 26.00
CA PRO D 74 50.68 56.02 27.15
C PRO D 74 51.74 54.94 27.01
N LYS D 75 52.36 54.58 28.14
CA LYS D 75 53.36 53.52 28.19
C LYS D 75 52.72 52.26 28.76
N LEU D 76 52.99 51.13 28.10
CA LEU D 76 52.25 49.91 28.39
C LEU D 76 52.97 48.72 27.77
N ALA D 77 52.65 47.53 28.28
CA ALA D 77 53.25 46.28 27.83
C ALA D 77 52.14 45.32 27.43
N ILE D 78 52.29 44.72 26.24
CA ILE D 78 51.25 43.88 25.66
C ILE D 78 51.87 42.53 25.29
N ALA D 79 51.08 41.49 25.46
CA ALA D 79 51.38 40.14 24.97
C ALA D 79 50.29 39.75 23.97
N ILE D 80 50.33 38.49 23.53
CA ILE D 80 49.32 37.98 22.60
C ILE D 80 49.10 36.51 22.85
N GLY D 81 47.87 36.05 22.57
CA GLY D 81 47.49 34.67 22.80
C GLY D 81 46.59 34.16 21.70
N GLN D 82 46.28 32.86 21.78
CA GLN D 82 45.48 32.19 20.77
C GLN D 82 44.95 30.87 21.32
N VAL D 83 43.69 30.55 21.05
CA VAL D 83 43.02 29.41 21.67
C VAL D 83 42.70 28.31 20.64
N LYS D 84 42.17 28.70 19.48
CA LYS D 84 41.72 27.71 18.51
C LYS D 84 42.21 28.10 17.11
N PRO D 85 42.84 27.17 16.38
CA PRO D 85 43.30 27.49 15.03
C PRO D 85 42.11 27.75 14.10
N SER D 86 42.34 28.61 13.11
CA SER D 86 41.31 28.99 12.15
C SER D 86 41.86 28.88 10.73
N SER D 87 40.98 28.60 9.79
CA SER D 87 41.34 28.48 8.38
C SER D 87 41.16 29.83 7.68
N THR D 88 41.41 29.86 6.38
CA THR D 88 41.30 31.08 5.60
C THR D 88 40.55 30.78 4.31
N SER D 89 39.95 31.83 3.74
CA SER D 89 39.23 31.73 2.49
C SER D 89 39.56 32.95 1.63
N LEU D 90 39.12 32.93 0.38
CA LEU D 90 39.32 34.06 -0.53
C LEU D 90 37.96 34.44 -1.11
N ILE D 91 37.44 35.59 -0.69
CA ILE D 91 36.13 36.04 -1.16
C ILE D 91 36.17 37.50 -1.63
N ASN D 92 36.51 37.69 -2.92
CA ASN D 92 36.50 38.98 -3.60
C ASN D 92 36.79 38.75 -5.07
N GLN D 93 36.33 39.69 -5.90
CA GLN D 93 36.69 39.64 -7.31
C GLN D 93 37.17 41.00 -7.82
N GLN D 94 36.72 42.09 -7.21
CA GLN D 94 37.09 43.40 -7.76
C GLN D 94 37.34 44.38 -6.62
N LEU D 95 38.25 45.32 -6.88
CA LEU D 95 38.44 46.50 -6.05
C LEU D 95 39.27 47.48 -6.86
N HIS D 96 38.72 48.67 -7.09
CA HIS D 96 39.38 49.64 -7.96
C HIS D 96 40.67 50.14 -7.32
N ASN D 97 41.45 50.88 -8.10
CA ASN D 97 42.75 51.37 -7.66
C ASN D 97 42.95 52.78 -8.20
N TYR D 98 44.18 53.28 -8.11
CA TYR D 98 44.55 54.55 -8.68
C TYR D 98 45.66 54.34 -9.71
N PRO D 99 45.41 54.66 -10.98
CA PRO D 99 46.34 54.28 -12.05
C PRO D 99 47.67 55.03 -11.95
N VAL D 100 48.69 54.38 -12.50
CA VAL D 100 50.02 54.95 -12.58
C VAL D 100 50.33 54.90 -14.07
N GLY D 101 50.70 56.04 -14.64
CA GLY D 101 50.96 56.07 -16.07
C GLY D 101 50.39 57.33 -16.68
N ASN D 102 49.89 57.20 -17.91
CA ASN D 102 49.31 58.34 -18.61
C ASN D 102 48.12 58.91 -17.83
N SER D 103 47.26 58.05 -17.30
CA SER D 103 46.07 58.57 -16.63
C SER D 103 45.37 59.49 -17.65
N GLY D 104 45.32 59.02 -18.89
CA GLY D 104 44.76 59.73 -20.02
C GLY D 104 43.25 59.86 -20.16
N LYS D 105 42.86 60.76 -21.06
CA LYS D 105 41.47 61.06 -21.39
C LYS D 105 40.61 61.61 -20.24
N GLU D 106 39.46 60.98 -20.00
CA GLU D 106 38.53 61.44 -18.98
C GLU D 106 39.13 61.45 -17.57
N PHE D 107 39.90 60.42 -17.23
CA PHE D 107 40.50 60.37 -15.90
C PHE D 107 41.03 61.74 -15.49
N ALA D 108 41.85 62.35 -16.35
CA ALA D 108 42.36 63.68 -16.08
C ALA D 108 41.27 64.74 -16.21
N SER D 109 40.17 64.43 -16.91
CA SER D 109 39.11 65.42 -17.10
C SER D 109 38.28 65.59 -15.83
N ARG D 110 37.98 64.50 -15.13
CA ARG D 110 37.06 64.58 -14.00
C ARG D 110 37.68 65.28 -12.80
N THR D 111 38.70 64.67 -12.19
CA THR D 111 39.38 65.20 -11.00
C THR D 111 38.37 65.64 -9.94
N PHE D 112 37.64 64.64 -9.42
CA PHE D 112 36.60 64.84 -8.42
C PHE D 112 36.79 63.87 -7.26
N GLY D 113 38.01 63.78 -6.75
CA GLY D 113 38.34 62.69 -5.86
C GLY D 113 38.34 61.42 -6.69
N SER D 114 39.35 61.32 -7.57
CA SER D 114 39.25 60.52 -8.78
C SER D 114 38.88 59.06 -8.53
N LYS D 115 39.80 58.29 -7.95
CA LYS D 115 39.60 56.87 -7.69
C LYS D 115 38.90 56.13 -8.83
N TYR D 116 39.32 56.40 -10.08
CA TYR D 116 38.69 55.77 -11.23
C TYR D 116 39.48 54.53 -11.66
N TRP D 117 39.15 54.01 -12.84
CA TRP D 117 39.80 52.85 -13.45
C TRP D 117 39.67 51.61 -12.55
N ILE D 118 38.42 51.17 -12.42
CA ILE D 118 38.13 49.99 -11.61
C ILE D 118 38.74 48.76 -12.26
N ALA D 119 39.43 47.95 -11.46
CA ALA D 119 40.08 46.74 -11.92
C ALA D 119 39.83 45.59 -10.95
N PRO D 120 39.71 44.37 -11.46
CA PRO D 120 39.47 43.22 -10.57
C PRO D 120 40.68 42.87 -9.73
N VAL D 121 40.41 42.35 -8.53
CA VAL D 121 41.45 41.88 -7.63
C VAL D 121 40.77 41.08 -6.51
N ARG D 122 41.48 40.06 -6.02
CA ARG D 122 40.99 39.18 -4.97
C ARG D 122 41.80 39.37 -3.69
N ARG D 123 41.22 38.91 -2.58
CA ARG D 123 41.90 38.96 -1.29
C ARG D 123 41.31 37.90 -0.37
N GLU D 124 41.84 37.84 0.84
CA GLU D 124 41.56 36.75 1.78
C GLU D 124 40.79 37.24 3.00
N VAL D 125 40.12 36.30 3.65
CA VAL D 125 39.39 36.52 4.89
C VAL D 125 39.63 35.34 5.83
N LEU D 126 39.34 35.56 7.10
CA LEU D 126 39.48 34.55 8.15
C LEU D 126 38.10 34.03 8.55
N VAL D 127 37.98 32.71 8.67
CA VAL D 127 36.69 32.09 8.94
C VAL D 127 36.21 32.41 10.35
N ASN D 128 37.12 32.48 11.31
CA ASN D 128 36.76 32.76 12.69
C ASN D 128 37.99 33.28 13.44
N LEU D 129 37.75 33.89 14.59
CA LEU D 129 38.83 34.49 15.35
C LEU D 129 38.47 34.57 16.82
N ASP D 130 39.45 34.30 17.69
CA ASP D 130 39.28 34.44 19.13
C ASP D 130 40.61 34.83 19.75
N LEU D 131 40.58 35.76 20.69
CA LEU D 131 41.78 36.24 21.35
C LEU D 131 41.56 36.31 22.86
N ILE D 132 42.65 36.19 23.62
CA ILE D 132 42.57 36.05 25.06
C ILE D 132 43.38 37.10 25.81
N ILE D 133 44.43 37.67 25.20
CA ILE D 133 45.36 38.49 25.96
C ILE D 133 44.72 39.82 26.35
N GLY D 134 45.21 40.39 27.45
CA GLY D 134 44.80 41.71 27.89
C GLY D 134 45.96 42.67 27.99
N LEU D 135 46.01 43.48 29.05
CA LEU D 135 47.00 44.53 29.16
C LEU D 135 47.53 44.64 30.58
N GLN D 136 48.83 44.90 30.70
CA GLN D 136 49.45 45.34 31.95
C GLN D 136 49.57 46.85 31.91
N SER D 137 48.86 47.53 32.80
CA SER D 137 48.71 48.98 32.71
C SER D 137 48.43 49.51 34.10
N PRO D 138 48.73 50.79 34.36
CA PRO D 138 48.37 51.39 35.64
C PRO D 138 46.86 51.39 35.87
N VAL D 139 46.48 51.66 37.13
CA VAL D 139 45.09 51.53 37.54
C VAL D 139 44.21 52.55 36.82
N GLU D 140 44.70 53.78 36.64
CA GLU D 140 43.88 54.82 36.04
C GLU D 140 43.50 54.48 34.60
N PHE D 141 44.45 53.93 33.83
CA PHE D 141 44.15 53.58 32.45
C PHE D 141 43.11 52.47 32.36
N TRP D 142 43.23 51.45 33.20
CA TRP D 142 42.23 50.39 33.23
C TRP D 142 40.88 50.94 33.65
N GLN D 143 40.87 51.85 34.62
CA GLN D 143 39.61 52.43 35.08
C GLN D 143 38.92 53.21 33.97
N LYS D 144 39.67 54.03 33.24
CA LYS D 144 39.04 54.78 32.15
C LYS D 144 38.68 53.89 30.99
N LEU D 145 39.40 52.78 30.78
CA LEU D 145 38.99 51.80 29.78
C LEU D 145 37.66 51.18 30.15
N ASP D 146 37.48 50.83 31.44
CA ASP D 146 36.20 50.30 31.89
C ASP D 146 35.09 51.33 31.74
N GLN D 147 35.41 52.60 32.03
CA GLN D 147 34.42 53.66 31.84
C GLN D 147 34.03 53.79 30.38
N GLY D 148 34.99 53.69 29.46
CA GLY D 148 34.67 53.71 28.06
C GLY D 148 33.80 52.53 27.64
N LEU D 149 34.13 51.33 28.14
CA LEU D 149 33.30 50.17 27.85
C LEU D 149 31.95 50.28 28.53
N LYS D 150 31.94 50.60 29.82
CA LYS D 150 30.71 50.74 30.61
C LYS D 150 30.80 52.04 31.39
N GLY D 151 30.10 53.06 30.93
CA GLY D 151 30.14 54.35 31.60
C GLY D 151 29.25 55.36 30.92
N GLU D 152 29.50 56.62 31.24
CA GLU D 152 28.71 57.73 30.72
C GLU D 152 29.54 58.60 29.79
N ASP D 171 33.02 41.58 18.54
CA ASP D 171 31.60 41.59 18.88
C ASP D 171 31.37 41.78 20.37
N GLU D 172 31.82 40.81 21.16
CA GLU D 172 31.63 40.86 22.60
C GLU D 172 32.96 40.58 23.28
N ILE D 173 33.21 41.30 24.38
CA ILE D 173 34.48 41.24 25.11
C ILE D 173 34.18 41.22 26.60
N TYR D 174 34.88 40.37 27.35
CA TYR D 174 34.67 40.31 28.79
C TYR D 174 35.86 39.62 29.44
N PRO D 175 36.18 39.95 30.70
CA PRO D 175 37.36 39.37 31.36
C PRO D 175 37.10 38.04 32.04
N ILE D 176 37.79 36.99 31.58
CA ILE D 176 37.74 35.66 32.19
C ILE D 176 39.16 35.26 32.57
N GLU D 177 39.96 36.23 33.04
CA GLU D 177 41.40 36.11 33.15
C GLU D 177 41.89 34.77 33.73
N LYS D 178 41.48 34.45 34.95
CA LYS D 178 42.09 33.31 35.65
C LYS D 178 41.90 31.98 34.94
N PRO D 179 40.67 31.56 34.55
CA PRO D 179 40.53 30.28 33.85
C PRO D 179 40.68 30.41 32.34
N ASP D 180 40.51 29.30 31.62
CA ASP D 180 40.48 29.26 30.16
C ASP D 180 41.77 29.81 29.57
N LEU D 181 42.87 29.11 29.84
CA LEU D 181 44.19 29.47 29.34
C LEU D 181 44.53 28.57 28.15
N ALA D 182 45.25 29.15 27.18
CA ALA D 182 45.58 28.45 25.94
C ALA D 182 46.99 28.83 25.53
N SER D 183 47.34 28.51 24.28
CA SER D 183 48.68 28.72 23.77
C SER D 183 48.99 30.21 23.65
N TRP D 184 50.26 30.52 23.39
CA TRP D 184 50.72 31.91 23.33
C TRP D 184 51.75 32.04 22.21
N TYR D 185 52.33 33.24 22.10
CA TYR D 185 53.33 33.54 21.09
C TYR D 185 54.55 34.16 21.76
N CYS D 186 55.68 34.10 21.05
CA CYS D 186 56.94 34.61 21.58
C CYS D 186 57.94 34.78 20.44
N PRO D 187 58.78 35.81 20.49
CA PRO D 187 59.87 35.91 19.50
C PRO D 187 60.81 34.72 19.62
N LEU D 188 61.35 34.30 18.48
CA LEU D 188 62.17 33.10 18.40
C LEU D 188 63.63 33.47 18.10
N GLU D 189 64.54 32.74 18.71
CA GLU D 189 65.98 32.86 18.52
C GLU D 189 66.47 31.77 17.59
N PRO D 190 67.71 31.89 17.07
CA PRO D 190 68.18 30.90 16.09
C PRO D 190 68.42 29.52 16.68
N ASP D 191 67.38 28.91 17.22
CA ASP D 191 67.38 27.53 17.68
C ASP D 191 65.93 27.16 17.99
N THR D 192 65.73 25.88 18.33
CA THR D 192 64.41 25.35 18.72
C THR D 192 63.37 25.64 17.64
N ARG D 193 63.58 25.00 16.49
CA ARG D 193 62.74 25.18 15.31
C ARG D 193 61.26 25.09 15.66
N PRO D 194 60.48 26.14 15.44
CA PRO D 194 59.06 26.10 15.80
C PRO D 194 58.20 25.46 14.72
N ASN D 195 56.88 25.49 14.91
CA ASN D 195 55.94 24.90 13.96
C ASN D 195 54.82 25.90 13.65
N GLN D 196 54.54 26.07 12.36
CA GLN D 196 53.44 26.92 11.89
C GLN D 196 53.54 28.35 12.45
N GLY D 197 54.75 28.91 12.41
CA GLY D 197 54.94 30.26 12.88
C GLY D 197 54.42 31.32 11.92
N ALA D 198 54.22 32.52 12.45
CA ALA D 198 53.80 33.64 11.64
C ALA D 198 54.99 34.21 10.87
N CYS D 199 54.81 34.40 9.56
CA CYS D 199 55.92 34.82 8.72
C CYS D 199 56.40 36.22 9.08
N ARG D 200 55.46 37.16 9.27
CA ARG D 200 55.81 38.54 9.53
C ARG D 200 54.88 39.11 10.60
N LEU D 201 55.35 40.16 11.26
CA LEU D 201 54.54 40.87 12.24
C LEU D 201 55.08 42.29 12.38
N THR D 202 54.23 43.17 12.90
CA THR D 202 54.55 44.59 13.02
C THR D 202 54.40 45.04 14.46
N LEU D 203 55.37 45.83 14.94
CA LEU D 203 55.34 46.36 16.31
C LEU D 203 54.85 47.80 16.35
N TRP D 204 55.52 48.70 15.64
CA TRP D 204 55.16 50.12 15.61
C TRP D 204 55.52 50.68 14.24
N ILE D 205 54.50 51.07 13.49
CA ILE D 205 54.67 51.49 12.11
C ILE D 205 54.06 52.88 11.92
N ASP D 206 54.79 53.74 11.21
CA ASP D 206 54.28 55.04 10.78
C ASP D 206 54.42 55.13 9.26
N ARG D 207 53.41 55.68 8.61
CA ARG D 207 53.33 55.67 7.15
C ARG D 207 54.21 56.75 6.54
N GLU D 208 55.51 56.67 6.86
CA GLU D 208 56.50 57.59 6.34
C GLU D 208 57.79 56.82 6.10
N ASN D 209 58.84 57.56 5.70
CA ASN D 209 60.15 56.95 5.51
C ASN D 209 60.81 56.70 6.87
N ASN D 210 61.11 55.45 7.15
CA ASN D 210 61.67 55.05 8.44
C ASN D 210 62.32 53.68 8.28
N THR D 211 62.68 53.07 9.40
CA THR D 211 63.15 51.70 9.42
C THR D 211 62.04 50.71 9.76
N GLN D 212 60.80 51.19 9.90
CA GLN D 212 59.63 50.36 10.21
C GLN D 212 59.89 49.65 11.54
N THR D 213 59.64 48.35 11.66
CA THR D 213 59.87 47.62 12.89
C THR D 213 61.00 46.61 12.70
N THR D 214 61.66 46.26 13.81
CA THR D 214 62.89 45.50 13.73
C THR D 214 62.62 44.01 13.53
N ILE D 215 61.95 43.37 14.48
CA ILE D 215 61.71 41.93 14.42
C ILE D 215 60.46 41.66 13.60
N LYS D 216 60.52 40.61 12.78
CA LYS D 216 59.41 40.22 11.92
C LYS D 216 58.78 38.91 12.35
N VAL D 217 59.58 37.86 12.46
CA VAL D 217 59.07 36.51 12.70
C VAL D 217 58.68 36.33 14.16
N PHE D 218 57.66 35.48 14.37
CA PHE D 218 57.20 35.12 15.70
C PHE D 218 56.90 33.64 15.73
N SER D 219 56.94 33.05 16.93
CA SER D 219 56.74 31.62 17.04
C SER D 219 55.68 31.30 18.09
N PRO D 220 54.80 30.34 17.81
CA PRO D 220 53.80 29.94 18.80
C PRO D 220 54.30 28.85 19.73
N SER D 221 53.88 28.95 20.98
CA SER D 221 54.20 27.98 22.02
C SER D 221 52.91 27.43 22.59
N ASP D 222 52.82 26.11 22.70
CA ASP D 222 51.60 25.42 23.11
C ASP D 222 51.83 24.80 24.48
N PHE D 223 51.16 25.35 25.49
CA PHE D 223 51.14 24.80 26.84
C PHE D 223 50.07 25.52 27.65
N ARG D 224 49.32 24.75 28.43
CA ARG D 224 48.24 25.30 29.25
C ARG D 224 48.79 25.86 30.56
N LEU D 225 49.76 26.75 30.43
CA LEU D 225 50.38 27.41 31.56
C LEU D 225 50.63 28.86 31.19
N GLU D 226 50.79 29.70 32.21
CA GLU D 226 50.94 31.13 31.99
C GLU D 226 52.11 31.41 31.05
N PRO D 227 51.97 32.33 30.11
CA PRO D 227 53.03 32.57 29.13
C PRO D 227 54.27 33.10 29.82
N PRO D 228 55.46 32.81 29.28
CA PRO D 228 56.70 33.29 29.90
C PRO D 228 56.82 34.81 29.79
N ALA D 229 57.75 35.35 30.57
CA ALA D 229 58.00 36.78 30.55
C ALA D 229 58.47 37.25 29.18
N LYS D 230 59.06 36.35 28.38
CA LYS D 230 59.47 36.71 27.03
C LYS D 230 58.27 37.03 26.15
N ALA D 231 57.12 36.42 26.43
CA ALA D 231 55.92 36.71 25.65
C ALA D 231 55.49 38.16 25.81
N TRP D 232 55.53 38.68 27.04
CA TRP D 232 55.21 40.08 27.26
C TRP D 232 56.23 40.97 26.58
N GLN D 233 55.75 41.98 25.86
CA GLN D 233 56.62 42.93 25.17
C GLN D 233 56.18 44.33 25.56
N GLN D 234 57.11 45.12 26.10
CA GLN D 234 56.81 46.51 26.46
C GLN D 234 56.77 47.34 25.19
N LEU D 235 55.57 47.78 24.80
CA LEU D 235 55.42 48.46 23.53
C LEU D 235 55.96 49.89 23.64
N PRO D 236 56.85 50.32 22.74
CA PRO D 236 57.31 51.72 22.77
C PRO D 236 56.17 52.71 22.59
N GLY D 237 55.15 52.36 21.81
CA GLY D 237 53.98 53.19 21.68
C GLY D 237 53.05 53.02 22.87
N ASN E 3 20.40 56.69 24.48
CA ASN E 3 21.35 57.56 23.80
C ASN E 3 22.28 56.76 22.89
N LEU E 4 21.69 55.98 21.98
CA LEU E 4 22.46 55.22 21.00
C LEU E 4 21.63 55.07 19.74
N ASN E 5 22.18 54.38 18.76
CA ASN E 5 21.45 53.94 17.58
C ASN E 5 21.23 52.44 17.70
N LEU E 6 19.99 52.01 17.50
CA LEU E 6 19.67 50.59 17.61
C LEU E 6 20.12 49.84 16.35
N PHE E 7 20.39 48.55 16.52
CA PHE E 7 20.80 47.70 15.43
C PHE E 7 20.14 46.34 15.57
N ALA E 8 19.86 45.71 14.43
CA ALA E 8 19.07 44.49 14.44
C ALA E 8 19.58 43.45 13.45
N THR E 9 18.84 42.36 13.30
CA THR E 9 19.20 41.28 12.39
C THR E 9 17.97 40.85 11.61
N ILE E 10 18.11 40.73 10.30
CA ILE E 10 17.00 40.41 9.42
C ILE E 10 17.19 39.01 8.85
N LEU E 11 16.07 38.40 8.45
CA LEU E 11 16.04 37.10 7.81
C LEU E 11 15.10 37.17 6.62
N THR E 12 15.34 36.31 5.63
CA THR E 12 14.63 36.36 4.36
C THR E 12 13.88 35.06 4.12
N TYR E 13 12.77 35.15 3.37
CA TYR E 13 12.00 33.98 3.02
C TYR E 13 12.82 33.08 2.08
N PRO E 14 12.64 31.76 2.17
CA PRO E 14 13.40 30.86 1.30
C PRO E 14 12.99 31.00 -0.17
N ALA E 15 13.96 30.81 -1.04
CA ALA E 15 13.78 30.89 -2.48
C ALA E 15 15.07 30.43 -3.16
N PRO E 16 14.99 29.99 -4.41
CA PRO E 16 16.22 29.57 -5.11
C PRO E 16 17.22 30.71 -5.24
N ALA E 17 18.50 30.36 -5.17
CA ALA E 17 19.56 31.36 -5.22
C ALA E 17 19.70 31.93 -6.63
N SER E 18 20.17 33.18 -6.69
CA SER E 18 20.31 33.88 -7.96
C SER E 18 21.75 34.30 -8.22
N ASN E 19 22.44 34.77 -7.18
CA ASN E 19 23.76 35.35 -7.34
C ASN E 19 24.76 34.30 -7.78
N TYR E 20 25.25 34.43 -9.01
CA TYR E 20 26.45 33.72 -9.45
C TYR E 20 27.64 34.64 -9.21
N ARG E 21 28.64 34.15 -8.48
CA ARG E 21 29.71 34.99 -7.98
C ARG E 21 30.97 34.91 -8.83
N GLY E 22 30.83 34.65 -10.13
CA GLY E 22 31.96 34.66 -11.03
C GLY E 22 33.00 33.61 -10.65
N GLU E 23 34.27 33.97 -10.87
CA GLU E 23 35.38 33.05 -10.65
C GLU E 23 35.16 31.74 -11.40
N SER E 24 34.61 31.84 -12.61
CA SER E 24 34.21 30.68 -13.37
C SER E 24 35.43 29.83 -13.74
N GLU E 25 35.29 28.52 -13.57
CA GLU E 25 36.30 27.56 -13.96
C GLU E 25 35.69 26.61 -15.00
N GLU E 26 36.54 26.20 -15.96
CA GLU E 26 36.11 25.49 -17.16
C GLU E 26 34.79 26.05 -17.70
N ASN E 27 33.75 25.24 -17.82
CA ASN E 27 32.47 25.66 -18.38
C ASN E 27 31.38 25.73 -17.31
N ARG E 28 31.73 26.15 -16.09
CA ARG E 28 30.76 26.24 -15.01
C ARG E 28 30.97 27.54 -14.26
N SER E 29 29.86 28.12 -13.80
CA SER E 29 29.89 29.26 -12.90
C SER E 29 29.61 28.79 -11.48
N VAL E 30 30.35 29.35 -10.52
CA VAL E 30 30.32 28.89 -9.14
C VAL E 30 30.02 30.05 -8.21
N ILE E 31 29.88 29.72 -6.93
CA ILE E 31 29.66 30.69 -5.86
C ILE E 31 30.67 30.38 -4.76
N GLN E 32 31.26 31.43 -4.18
CA GLN E 32 32.26 31.23 -3.14
C GLN E 32 31.64 30.57 -1.92
N LYS E 33 32.46 29.78 -1.22
CA LYS E 33 32.03 29.04 -0.05
C LYS E 33 32.91 29.37 1.12
N ILE E 34 32.44 29.03 2.32
CA ILE E 34 33.19 29.23 3.56
C ILE E 34 33.16 27.93 4.36
N LEU E 35 34.26 27.63 5.04
CA LEU E 35 34.37 26.41 5.83
C LEU E 35 34.03 26.73 7.29
N LYS E 36 32.74 26.99 7.53
CA LYS E 36 32.29 27.34 8.88
C LYS E 36 32.52 26.18 9.84
N ASP E 37 32.07 24.99 9.48
CA ASP E 37 32.30 23.79 10.26
C ASP E 37 32.65 22.61 9.35
N GLY E 38 33.49 22.88 8.35
CA GLY E 38 33.84 21.86 7.37
C GLY E 38 32.83 21.68 6.26
N GLN E 39 31.81 22.53 6.17
CA GLN E 39 30.76 22.43 5.18
C GLN E 39 30.87 23.57 4.17
N LYS E 40 29.88 23.65 3.29
CA LYS E 40 29.79 24.67 2.27
C LYS E 40 28.65 25.63 2.60
N TYR E 41 28.86 26.91 2.31
CA TYR E 41 27.84 27.92 2.52
C TYR E 41 28.01 29.06 1.53
N ALA E 42 26.90 29.50 0.94
CA ALA E 42 26.93 30.63 0.03
C ALA E 42 26.88 31.94 0.81
N ILE E 43 27.61 32.94 0.29
CA ILE E 43 27.80 34.19 1.01
C ILE E 43 27.63 35.35 0.04
N ILE E 44 27.42 36.55 0.58
CA ILE E 44 27.34 37.78 -0.19
C ILE E 44 28.12 38.87 0.54
N SER E 45 28.96 39.59 -0.20
CA SER E 45 29.77 40.65 0.39
C SER E 45 28.92 41.89 0.67
N PRO E 46 29.28 42.68 1.69
CA PRO E 46 28.45 43.84 2.05
C PRO E 46 28.41 44.92 0.98
N GLU E 47 29.35 44.92 0.05
CA GLU E 47 29.40 45.98 -0.96
C GLU E 47 28.14 45.97 -1.82
N SER E 48 27.64 44.78 -2.17
CA SER E 48 26.42 44.70 -2.96
C SER E 48 25.23 45.29 -2.22
N MET E 49 25.12 44.98 -0.92
CA MET E 49 24.04 45.57 -0.13
C MET E 49 24.16 47.08 -0.05
N ARG E 50 25.38 47.60 0.14
CA ARG E 50 25.55 49.05 0.15
C ARG E 50 25.10 49.68 -1.17
N ASN E 51 25.51 49.08 -2.29
CA ASN E 51 25.11 49.60 -3.59
C ASN E 51 23.60 49.55 -3.77
N ALA E 52 22.97 48.45 -3.37
CA ALA E 52 21.52 48.33 -3.53
C ALA E 52 20.78 49.32 -2.65
N LEU E 53 21.26 49.53 -1.41
CA LEU E 53 20.62 50.51 -0.55
C LEU E 53 20.74 51.91 -1.12
N ARG E 54 21.89 52.26 -1.66
CA ARG E 54 22.02 53.58 -2.29
C ARG E 54 21.12 53.69 -3.52
N GLU E 55 20.95 52.58 -4.24
CA GLU E 55 20.02 52.58 -5.37
C GLU E 55 18.59 52.83 -4.91
N MET E 56 18.18 52.23 -3.81
CA MET E 56 16.84 52.48 -3.30
C MET E 56 16.71 53.91 -2.78
N LEU E 57 17.77 54.45 -2.18
CA LEU E 57 17.72 55.86 -1.76
C LEU E 57 17.51 56.78 -2.94
N ILE E 58 18.21 56.54 -4.05
CA ILE E 58 17.98 57.38 -5.23
C ILE E 58 16.60 57.10 -5.84
N GLU E 59 16.11 55.86 -5.71
CA GLU E 59 14.79 55.52 -6.24
C GLU E 59 13.69 56.26 -5.50
N LEU E 60 13.81 56.37 -4.16
CA LEU E 60 12.80 57.04 -3.37
C LEU E 60 12.73 58.54 -3.62
N GLY E 61 13.69 59.10 -4.33
CA GLY E 61 13.70 60.51 -4.65
C GLY E 61 14.63 61.35 -3.80
N GLN E 62 15.32 60.76 -2.83
CA GLN E 62 16.25 61.53 -2.02
C GLN E 62 17.43 61.99 -2.87
N PRO E 63 17.81 63.26 -2.80
CA PRO E 63 18.89 63.76 -3.67
C PRO E 63 20.22 63.08 -3.38
N ASN E 64 21.01 62.90 -4.44
CA ASN E 64 22.36 62.39 -4.33
C ASN E 64 23.18 62.94 -5.49
N ASN E 65 24.48 62.68 -5.45
CA ASN E 65 25.41 63.26 -6.43
C ASN E 65 26.35 62.19 -6.95
N ARG E 66 25.80 61.06 -7.37
CA ARG E 66 26.61 59.96 -7.91
C ARG E 66 25.72 59.00 -8.68
N THR E 67 26.13 58.65 -9.90
CA THR E 67 25.36 57.69 -10.70
C THR E 67 26.28 56.64 -11.28
N ARG E 68 25.88 55.38 -11.14
CA ARG E 68 26.55 54.25 -11.78
C ARG E 68 25.69 53.86 -12.99
N LEU E 69 26.12 54.27 -14.18
CA LEU E 69 25.35 54.06 -15.39
C LEU E 69 26.00 52.99 -16.27
N HIS E 70 25.16 52.28 -17.01
CA HIS E 70 25.62 51.18 -17.86
C HIS E 70 26.33 51.75 -19.07
N SER E 71 27.66 51.70 -19.04
CA SER E 71 28.50 52.21 -20.13
C SER E 71 28.82 51.09 -21.11
N GLU E 72 29.02 51.49 -22.37
CA GLU E 72 29.28 50.52 -23.43
C GLU E 72 30.69 49.96 -23.38
N ASP E 73 31.65 50.71 -22.83
CA ASP E 73 33.05 50.29 -22.85
C ASP E 73 33.42 49.44 -21.64
N GLN E 74 33.23 49.99 -20.44
CA GLN E 74 33.61 49.30 -19.22
C GLN E 74 32.89 49.98 -18.05
N LEU E 75 32.53 49.17 -17.06
CA LEU E 75 31.75 49.67 -15.93
C LEU E 75 32.48 50.81 -15.23
N ALA E 76 31.74 51.90 -14.97
CA ALA E 76 32.32 53.08 -14.35
C ALA E 76 31.21 53.86 -13.67
N VAL E 77 31.62 54.78 -12.79
CA VAL E 77 30.71 55.62 -12.04
C VAL E 77 31.03 57.08 -12.33
N GLU E 78 30.01 57.87 -12.63
CA GLU E 78 30.23 59.27 -12.97
C GLU E 78 29.05 60.09 -12.48
N PHE E 79 28.92 61.31 -13.01
CA PHE E 79 27.97 62.31 -12.54
C PHE E 79 28.14 62.54 -11.04
N LYS E 80 29.32 63.05 -10.69
CA LYS E 80 29.62 63.41 -9.32
C LYS E 80 30.42 64.71 -9.32
N GLU E 81 30.14 65.55 -8.34
CA GLU E 81 30.82 66.82 -8.15
C GLU E 81 31.42 66.85 -6.75
N TYR E 82 32.02 67.98 -6.41
CA TYR E 82 32.68 68.10 -5.12
C TYR E 82 31.64 68.03 -4.00
N PRO E 83 31.74 67.08 -3.08
CA PRO E 83 30.76 66.97 -1.98
C PRO E 83 31.04 67.94 -0.86
N ASN E 84 31.07 69.23 -1.21
CA ASN E 84 31.35 70.27 -0.21
C ASN E 84 30.37 70.25 0.96
N PRO E 85 29.05 70.18 0.76
CA PRO E 85 28.16 70.07 1.92
C PRO E 85 27.88 68.64 2.30
N ASP E 86 27.88 68.38 3.60
CA ASP E 86 27.42 67.08 4.09
C ASP E 86 25.95 66.88 3.76
N LYS E 87 25.16 67.94 3.83
CA LYS E 87 23.81 67.91 3.29
C LYS E 87 23.86 67.85 1.78
N PHE E 88 22.75 67.40 1.18
CA PHE E 88 22.53 67.29 -0.26
C PHE E 88 23.43 66.26 -0.92
N ALA E 89 24.23 65.50 -0.17
CA ALA E 89 25.14 64.53 -0.75
C ALA E 89 25.19 63.29 0.13
N ASP E 90 25.17 62.13 -0.52
CA ASP E 90 25.59 60.80 -0.07
C ASP E 90 24.94 60.38 1.24
N ASP E 91 23.98 61.17 1.72
CA ASP E 91 23.15 60.84 2.88
C ASP E 91 24.00 60.42 4.09
N PHE E 92 25.03 61.21 4.39
CA PHE E 92 25.86 61.06 5.59
C PHE E 92 26.49 59.66 5.66
N LEU E 93 27.03 59.21 4.54
CA LEU E 93 27.70 57.92 4.52
C LEU E 93 28.52 57.76 3.25
N PHE E 94 29.65 57.07 3.37
CA PHE E 94 30.38 56.53 2.23
C PHE E 94 30.91 57.65 1.33
N GLY E 95 31.34 58.74 1.96
CA GLY E 95 31.84 59.90 1.24
C GLY E 95 33.35 60.00 1.17
N TYR E 96 34.02 59.01 0.59
CA TYR E 96 35.47 58.98 0.59
C TYR E 96 36.03 60.09 -0.28
N MET E 97 37.34 60.34 -0.12
CA MET E 97 38.09 61.25 -1.00
C MET E 97 39.57 60.99 -0.77
N VAL E 98 40.34 60.88 -1.85
CA VAL E 98 41.78 60.65 -1.75
C VAL E 98 42.51 61.60 -2.68
N ALA E 99 41.83 62.67 -3.11
CA ALA E 99 42.44 63.59 -4.07
C ALA E 99 43.69 64.25 -3.47
N GLN E 100 44.76 64.25 -4.27
CA GLN E 100 46.04 64.80 -3.85
C GLN E 100 46.05 66.32 -3.83
N THR E 101 45.43 66.95 -4.81
CA THR E 101 45.24 68.40 -4.85
C THR E 101 43.79 68.67 -5.24
N ASN E 102 43.02 69.19 -4.31
CA ASN E 102 41.59 69.39 -4.52
C ASN E 102 41.12 70.66 -3.87
N ASP E 103 40.28 71.42 -4.58
CA ASP E 103 39.47 72.53 -4.10
C ASP E 103 40.16 73.35 -3.02
N ALA E 104 41.45 73.62 -3.21
CA ALA E 104 42.28 74.30 -2.22
C ALA E 104 42.13 73.65 -0.84
N LYS E 105 42.07 72.32 -0.84
CA LYS E 105 42.00 71.54 0.39
C LYS E 105 40.84 72.02 1.25
N GLU E 106 41.11 72.95 2.17
CA GLU E 106 40.08 73.61 2.95
C GLU E 106 40.14 75.12 2.86
N MET E 107 41.09 75.67 2.10
CA MET E 107 41.23 77.12 2.01
C MET E 107 39.99 77.76 1.40
N LYS E 108 39.46 77.17 0.32
CA LYS E 108 38.19 77.62 -0.24
C LYS E 108 37.07 76.62 -0.08
N LYS E 109 37.40 75.33 0.11
CA LYS E 109 36.37 74.35 0.42
C LYS E 109 35.68 74.69 1.74
N LEU E 110 36.47 75.03 2.77
CA LEU E 110 35.98 75.45 4.07
C LEU E 110 35.14 74.36 4.74
N ASN E 111 35.30 73.11 4.33
CA ASN E 111 34.56 72.00 4.90
C ASN E 111 35.53 70.90 5.32
N ARG E 112 35.03 69.99 6.14
CA ARG E 112 35.85 68.89 6.61
C ARG E 112 36.27 68.00 5.44
N PRO E 113 37.44 67.35 5.51
CA PRO E 113 37.91 66.56 4.38
C PRO E 113 37.00 65.40 4.01
N ALA E 114 36.17 64.93 4.93
CA ALA E 114 35.31 63.76 4.71
C ALA E 114 36.15 62.55 4.31
N LYS E 115 37.30 62.41 4.98
CA LYS E 115 38.22 61.32 4.71
C LYS E 115 38.07 60.27 5.80
N ARG E 116 37.98 59.00 5.38
CA ARG E 116 37.88 57.86 6.30
C ARG E 116 36.70 58.01 7.26
N ASP E 117 35.57 58.49 6.75
CA ASP E 117 34.36 58.66 7.53
C ASP E 117 33.29 57.68 7.04
N SER E 118 32.54 57.11 7.98
CA SER E 118 31.47 56.19 7.64
C SER E 118 30.40 56.20 8.72
N ILE E 119 29.17 55.94 8.29
CA ILE E 119 28.03 55.75 9.19
C ILE E 119 27.25 54.56 8.65
N PHE E 120 26.71 53.75 9.57
CA PHE E 120 26.00 52.53 9.23
C PHE E 120 26.94 51.56 8.50
N ARG E 121 27.94 51.10 9.26
CA ARG E 121 28.80 50.02 8.78
C ARG E 121 28.08 48.70 8.94
N CYS E 122 27.87 48.00 7.84
CA CYS E 122 27.06 46.79 7.82
C CYS E 122 27.94 45.55 7.63
N ASN E 123 27.46 44.43 8.14
CA ASN E 123 28.16 43.15 8.03
C ASN E 123 27.85 42.52 6.68
N MET E 124 28.20 41.25 6.52
CA MET E 124 28.02 40.53 5.28
C MET E 124 27.09 39.35 5.49
N ALA E 125 26.31 39.02 4.45
CA ALA E 125 25.29 38.00 4.58
C ALA E 125 25.89 36.60 4.53
N VAL E 126 25.24 35.67 5.24
CA VAL E 126 25.64 34.27 5.28
C VAL E 126 24.39 33.41 5.12
N ALA E 127 24.53 32.30 4.41
CA ALA E 127 23.43 31.36 4.25
C ALA E 127 23.21 30.56 5.52
N VAL E 128 22.14 29.78 5.54
CA VAL E 128 21.79 28.94 6.68
C VAL E 128 21.79 27.45 6.37
N ASN E 129 21.93 27.06 5.11
CA ASN E 129 21.88 25.65 4.75
C ASN E 129 23.14 25.25 3.98
N PRO E 130 23.70 24.09 4.28
CA PRO E 130 24.89 23.64 3.55
C PRO E 130 24.58 23.36 2.08
N TYR E 131 25.60 23.55 1.25
CA TYR E 131 25.49 23.26 -0.17
C TYR E 131 25.70 21.77 -0.41
N LYS E 132 24.82 21.17 -1.21
CA LYS E 132 24.77 19.72 -1.40
C LYS E 132 25.34 19.29 -2.75
N TYR E 133 26.15 20.14 -3.38
CA TYR E 133 26.75 19.86 -4.69
C TYR E 133 25.67 19.64 -5.75
N ASP E 134 24.85 20.65 -5.95
CA ASP E 134 23.81 20.62 -6.95
C ASP E 134 24.37 21.05 -8.31
N THR E 135 23.60 20.77 -9.37
CA THR E 135 23.99 21.13 -10.72
C THR E 135 22.76 21.11 -11.61
N VAL E 136 22.61 22.16 -12.42
CA VAL E 136 21.54 22.24 -13.43
C VAL E 136 22.20 22.63 -14.74
N PHE E 137 21.96 21.84 -15.79
CA PHE E 137 22.62 22.09 -17.06
C PHE E 137 21.92 23.24 -17.79
N TYR E 138 22.40 23.54 -19.00
CA TYR E 138 22.12 24.80 -19.65
C TYR E 138 22.19 24.60 -21.15
N GLN E 139 21.16 25.04 -21.87
CA GLN E 139 21.09 24.79 -23.31
C GLN E 139 22.21 25.51 -24.05
N SER E 140 22.18 26.84 -24.03
CA SER E 140 23.20 27.71 -24.62
C SER E 140 23.49 27.38 -26.09
N PRO E 141 22.55 27.58 -27.00
CA PRO E 141 22.86 27.43 -28.43
C PRO E 141 23.52 28.67 -28.99
N LEU E 142 24.18 28.48 -30.13
CA LEU E 142 24.81 29.60 -30.81
C LEU E 142 23.75 30.58 -31.31
N ASN E 143 24.12 31.85 -31.37
CA ASN E 143 23.16 32.88 -31.76
C ASN E 143 22.67 32.69 -33.18
N ALA E 144 23.59 32.38 -34.11
CA ALA E 144 23.23 32.24 -35.51
C ALA E 144 24.36 31.56 -36.25
N GLY E 145 24.03 30.99 -37.41
CA GLY E 145 25.03 30.41 -38.29
C GLY E 145 25.17 31.20 -39.58
N ASP E 146 24.29 32.19 -39.78
CA ASP E 146 24.27 32.96 -41.01
C ASP E 146 24.22 34.47 -40.78
N SER E 147 24.12 34.94 -39.55
CA SER E 147 23.96 36.36 -39.29
C SER E 147 25.26 37.11 -39.56
N ALA E 148 25.11 38.43 -39.76
CA ALA E 148 26.28 39.29 -39.90
C ALA E 148 27.10 39.33 -38.61
N TRP E 149 26.43 39.40 -37.46
CA TRP E 149 27.13 39.45 -36.19
C TRP E 149 27.75 38.10 -35.87
N LYS E 150 28.81 38.12 -35.06
CA LYS E 150 29.59 36.93 -34.80
C LYS E 150 28.79 35.91 -33.98
N ASN E 151 29.37 34.72 -33.84
CA ASN E 151 28.64 33.59 -33.27
C ASN E 151 29.47 32.76 -32.28
N SER E 152 30.68 33.20 -31.94
CA SER E 152 31.62 32.43 -31.12
C SER E 152 32.00 31.10 -31.77
N THR E 153 31.73 30.97 -33.07
CA THR E 153 32.14 29.88 -33.96
C THR E 153 31.53 28.53 -33.63
N SER E 154 30.74 28.41 -32.57
CA SER E 154 30.16 27.12 -32.20
C SER E 154 29.10 27.34 -31.13
N SER E 155 28.53 26.24 -30.65
CA SER E 155 27.56 26.24 -29.57
C SER E 155 28.00 25.23 -28.52
N ALA E 156 27.83 25.59 -27.25
CA ALA E 156 28.27 24.77 -26.14
C ALA E 156 27.08 24.29 -25.32
N LEU E 157 27.37 23.59 -24.23
CA LEU E 157 26.36 23.10 -23.30
C LEU E 157 26.87 23.39 -21.90
N LEU E 158 26.37 24.48 -21.30
CA LEU E 158 26.85 24.93 -20.01
C LEU E 158 26.05 24.26 -18.89
N HIS E 159 26.25 24.75 -17.66
CA HIS E 159 25.61 24.22 -16.48
C HIS E 159 25.90 25.16 -15.31
N ARG E 160 24.90 25.36 -14.46
CA ARG E 160 25.04 26.20 -13.28
C ARG E 160 24.30 25.55 -12.11
N GLU E 161 24.71 25.92 -10.90
CA GLU E 161 24.16 25.34 -9.68
C GLU E 161 23.32 26.37 -8.94
N VAL E 162 22.18 25.91 -8.42
CA VAL E 162 21.27 26.76 -7.66
C VAL E 162 20.83 26.01 -6.42
N THR E 163 20.37 26.77 -5.42
CA THR E 163 19.88 26.19 -4.17
C THR E 163 18.94 27.19 -3.53
N HIS E 164 18.12 26.69 -2.61
CA HIS E 164 17.16 27.49 -1.86
C HIS E 164 17.65 27.58 -0.42
N THR E 165 17.85 28.81 0.06
CA THR E 165 18.38 29.02 1.40
C THR E 165 18.11 30.46 1.81
N ALA E 166 17.75 30.65 3.08
CA ALA E 166 17.54 31.97 3.64
C ALA E 166 18.87 32.59 4.05
N PHE E 167 18.85 33.90 4.27
CA PHE E 167 20.01 34.65 4.71
C PHE E 167 19.65 35.49 5.93
N GLN E 168 20.63 35.67 6.82
CA GLN E 168 20.49 36.55 7.97
C GLN E 168 21.53 37.66 7.85
N TYR E 169 21.18 38.83 8.40
CA TYR E 169 21.96 40.03 8.09
C TYR E 169 21.88 41.05 9.22
N PRO E 170 23.01 41.42 9.82
CA PRO E 170 22.98 42.42 10.90
C PRO E 170 23.20 43.85 10.40
N PHE E 171 22.64 44.79 11.17
CA PHE E 171 22.76 46.21 10.85
C PHE E 171 24.08 46.79 11.32
N ALA E 172 24.35 46.71 12.62
CA ALA E 172 25.53 47.30 13.25
C ALA E 172 25.59 48.81 13.03
N LEU E 173 24.57 49.50 13.53
CA LEU E 173 24.51 50.96 13.51
C LEU E 173 24.43 51.45 14.96
N ALA E 174 25.33 52.35 15.33
CA ALA E 174 25.43 52.81 16.71
C ALA E 174 25.75 54.30 16.71
N GLY E 175 26.12 54.82 17.88
CA GLY E 175 26.45 56.21 18.03
C GLY E 175 25.23 57.09 18.28
N LYS E 176 25.47 58.40 18.26
CA LYS E 176 24.39 59.37 18.34
C LYS E 176 24.61 60.56 17.42
N ASP E 177 25.67 60.56 16.61
CA ASP E 177 25.97 61.71 15.76
C ASP E 177 25.02 61.83 14.58
N CYS E 178 24.30 60.77 14.23
CA CYS E 178 23.38 60.81 13.10
C CYS E 178 22.05 61.41 13.50
N ALA E 179 22.07 62.63 14.03
CA ALA E 179 20.87 63.33 14.43
C ALA E 179 20.61 64.59 13.61
N ALA E 180 21.48 64.90 12.64
CA ALA E 180 21.30 66.11 11.84
C ALA E 180 20.02 66.04 11.01
N LYS E 181 19.75 64.89 10.39
CA LYS E 181 18.60 64.71 9.52
C LYS E 181 17.82 63.47 9.94
N PRO E 182 16.97 63.59 10.95
CA PRO E 182 16.11 62.44 11.32
C PRO E 182 15.22 61.97 10.19
N GLU E 183 14.79 62.88 9.32
CA GLU E 183 14.00 62.48 8.16
C GLU E 183 14.80 61.54 7.26
N TRP E 184 16.08 61.84 7.05
CA TRP E 184 16.93 60.96 6.26
C TRP E 184 17.05 59.58 6.91
N VAL E 185 17.16 59.56 8.25
CA VAL E 185 17.25 58.28 8.96
C VAL E 185 15.96 57.48 8.77
N LYS E 186 14.81 58.13 8.89
CA LYS E 186 13.55 57.43 8.69
C LYS E 186 13.42 56.91 7.27
N ALA E 187 13.83 57.72 6.29
CA ALA E 187 13.77 57.28 4.90
C ALA E 187 14.68 56.08 4.66
N LEU E 188 15.88 56.11 5.24
CA LEU E 188 16.81 54.99 5.10
C LEU E 188 16.25 53.73 5.75
N LEU E 189 15.62 53.87 6.92
CA LEU E 189 15.00 52.73 7.56
C LEU E 189 13.88 52.15 6.71
N GLN E 190 13.05 53.02 6.13
CA GLN E 190 11.99 52.54 5.24
C GLN E 190 12.58 51.85 4.01
N ALA E 191 13.67 52.39 3.47
CA ALA E 191 14.31 51.76 2.32
C ALA E 191 14.84 50.37 2.67
N ILE E 192 15.42 50.21 3.86
CA ILE E 192 15.84 48.88 4.30
C ILE E 192 14.63 47.97 4.40
N ALA E 193 13.54 48.48 4.97
CA ALA E 193 12.32 47.68 5.09
C ALA E 193 11.74 47.32 3.72
N GLU E 194 12.09 48.07 2.68
CA GLU E 194 11.55 47.86 1.34
C GLU E 194 12.65 47.45 0.36
N LEU E 195 13.51 46.52 0.77
CA LEU E 195 14.60 46.06 -0.08
C LEU E 195 14.09 44.96 -1.01
N ASN E 196 14.56 44.99 -2.25
CA ASN E 196 14.15 44.02 -3.26
C ASN E 196 15.22 43.92 -4.33
N GLY E 197 15.58 42.70 -4.71
CA GLY E 197 16.63 42.51 -5.70
C GLY E 197 17.96 43.09 -5.27
N VAL E 198 18.36 42.84 -4.03
CA VAL E 198 19.59 43.43 -3.50
C VAL E 198 20.80 42.94 -4.28
N ALA E 199 20.87 41.64 -4.56
CA ALA E 199 22.00 41.12 -5.31
C ALA E 199 21.91 41.53 -6.77
N GLY E 200 23.08 41.62 -7.40
CA GLY E 200 23.13 41.93 -8.82
C GLY E 200 23.10 40.68 -9.68
N GLY E 201 22.72 39.56 -9.08
CA GLY E 201 22.83 38.26 -9.72
C GLY E 201 22.30 38.18 -11.13
N HIS E 202 20.98 38.29 -11.31
CA HIS E 202 20.39 38.25 -12.64
C HIS E 202 18.91 38.54 -12.52
N ALA E 203 18.32 39.05 -13.61
CA ALA E 203 16.90 39.35 -13.62
C ALA E 203 16.06 38.09 -13.45
N ARG E 204 16.32 37.08 -14.27
CA ARG E 204 15.61 35.81 -14.15
C ARG E 204 16.00 35.12 -12.85
N ALA E 205 15.07 34.32 -12.32
CA ALA E 205 15.26 33.63 -11.05
C ALA E 205 15.67 34.60 -9.95
N TYR E 206 15.02 35.76 -9.92
CA TYR E 206 15.44 36.83 -9.03
C TYR E 206 15.15 36.47 -7.58
N TYR E 207 16.07 36.87 -6.70
CA TYR E 207 15.93 36.72 -5.27
C TYR E 207 15.83 38.10 -4.65
N GLU E 208 14.86 38.28 -3.76
CA GLU E 208 14.62 39.56 -3.11
C GLU E 208 14.72 39.40 -1.61
N PHE E 209 15.22 40.44 -0.94
CA PHE E 209 15.41 40.41 0.51
C PHE E 209 14.22 41.09 1.17
N ALA E 210 13.23 40.29 1.55
CA ALA E 210 12.17 40.94 2.30
C ALA E 210 12.35 40.70 3.80
N PRO E 211 12.03 41.67 4.64
CA PRO E 211 12.17 41.46 6.09
C PRO E 211 11.26 40.34 6.56
N ARG E 212 11.75 39.57 7.52
CA ARG E 212 11.00 38.45 8.08
C ARG E 212 11.51 38.21 9.50
N SER E 213 10.75 38.70 10.48
CA SER E 213 11.08 38.57 11.90
C SER E 213 12.44 39.21 12.21
N VAL E 214 12.50 40.51 12.02
CA VAL E 214 13.67 41.31 12.40
C VAL E 214 13.54 41.69 13.88
N VAL E 215 14.46 41.22 14.70
CA VAL E 215 14.40 41.40 16.15
C VAL E 215 15.81 41.55 16.72
N ALA E 216 16.09 42.71 17.28
CA ALA E 216 17.25 42.96 18.14
C ALA E 216 17.18 44.38 18.67
N ARG E 217 17.73 44.58 19.86
CA ARG E 217 17.72 45.88 20.53
C ARG E 217 18.71 45.82 21.70
N LEU E 218 19.09 47.00 22.18
CA LEU E 218 19.97 47.08 23.34
C LEU E 218 19.97 48.51 23.87
N THR E 219 20.36 48.63 25.14
CA THR E 219 20.56 49.90 25.83
C THR E 219 21.84 50.56 25.31
N PRO E 220 22.15 51.81 25.69
CA PRO E 220 23.37 52.44 25.17
C PRO E 220 24.64 51.76 25.65
N LYS E 221 24.78 50.48 25.33
CA LYS E 221 25.98 49.70 25.63
C LYS E 221 26.35 48.90 24.40
N LEU E 222 27.63 48.54 24.33
CA LEU E 222 28.14 47.85 23.14
C LEU E 222 27.52 46.46 23.02
N VAL E 223 27.42 45.99 21.78
CA VAL E 223 26.71 44.74 21.49
C VAL E 223 27.36 43.56 22.19
N ALA E 224 26.54 42.60 22.60
CA ALA E 224 26.98 41.36 23.22
C ALA E 224 25.80 40.39 23.24
N GLY E 225 26.01 39.24 23.88
CA GLY E 225 24.94 38.30 24.14
C GLY E 225 24.69 37.27 23.06
N TYR E 226 24.07 37.68 21.95
CA TYR E 226 23.61 36.75 20.92
C TYR E 226 24.55 36.64 19.73
N GLN E 227 25.39 37.65 19.49
CA GLN E 227 26.51 37.61 18.55
C GLN E 227 26.07 37.52 17.09
N THR E 228 24.79 37.67 16.79
CA THR E 228 24.23 37.78 15.43
C THR E 228 24.43 36.52 14.60
N TYR E 229 25.06 35.47 15.15
CA TYR E 229 25.31 34.26 14.40
C TYR E 229 25.31 33.08 15.35
N GLY E 230 25.59 31.90 14.79
CA GLY E 230 25.52 30.66 15.55
C GLY E 230 24.08 30.23 15.78
N PHE E 231 23.36 30.00 14.68
CA PHE E 231 21.92 29.77 14.75
C PHE E 231 21.56 28.61 13.83
N ASP E 232 20.44 27.95 14.15
CA ASP E 232 19.97 26.85 13.33
C ASP E 232 19.15 27.36 12.14
N ALA E 233 18.78 26.42 11.27
CA ALA E 233 18.09 26.73 10.03
C ALA E 233 16.61 26.39 10.13
N GLU E 234 15.78 27.24 9.51
CA GLU E 234 14.33 27.04 9.36
C GLU E 234 13.67 26.63 10.68
N GLY E 235 14.16 27.21 11.76
CA GLY E 235 13.67 26.89 13.08
C GLY E 235 13.31 28.15 13.84
N ASN E 236 13.57 28.12 15.14
CA ASN E 236 13.27 29.23 16.03
C ASN E 236 14.53 29.74 16.73
N TRP E 237 15.62 29.89 15.98
CA TRP E 237 16.87 30.37 16.54
C TRP E 237 16.69 31.72 17.23
N LEU E 238 16.03 32.65 16.55
CA LEU E 238 15.58 33.88 17.19
C LEU E 238 14.93 33.57 18.54
N GLU E 239 13.85 32.79 18.48
CA GLU E 239 13.07 32.47 19.66
C GLU E 239 13.90 31.74 20.70
N LEU E 240 14.41 30.55 20.36
CA LEU E 240 15.12 29.76 21.35
C LEU E 240 16.23 30.59 21.99
N SER E 241 17.06 31.24 21.17
CA SER E 241 18.21 31.98 21.68
C SER E 241 17.78 33.07 22.65
N ARG E 242 17.05 34.09 22.15
CA ARG E 242 16.82 35.22 23.04
C ARG E 242 15.72 34.96 24.08
N LEU E 243 14.73 34.11 23.81
CA LEU E 243 13.80 33.74 24.86
C LEU E 243 14.51 33.03 26.01
N THR E 244 15.40 32.08 25.71
CA THR E 244 16.13 31.41 26.78
C THR E 244 17.04 32.39 27.51
N ALA E 245 17.73 33.27 26.78
CA ALA E 245 18.61 34.25 27.42
C ALA E 245 17.81 35.18 28.32
N THR E 246 16.65 35.66 27.86
CA THR E 246 15.89 36.63 28.62
C THR E 246 15.22 35.98 29.81
N ASP E 247 14.77 34.73 29.68
CA ASP E 247 14.30 34.00 30.86
C ASP E 247 15.42 33.84 31.87
N SER E 248 16.64 33.57 31.39
CA SER E 248 17.80 33.55 32.27
C SER E 248 18.22 34.95 32.70
N ASP E 249 17.90 35.98 31.92
CA ASP E 249 18.37 37.33 32.18
C ASP E 249 17.21 38.33 32.16
N ASN E 250 16.09 37.97 32.79
CA ASN E 250 15.00 38.93 32.94
C ASN E 250 15.43 40.10 33.83
N LEU E 251 16.15 39.81 34.90
CA LEU E 251 16.70 40.84 35.77
C LEU E 251 18.11 41.25 35.39
N ASP E 252 18.85 40.39 34.68
CA ASP E 252 20.21 40.74 34.28
C ASP E 252 20.23 41.77 33.16
N LEU E 253 19.34 41.62 32.17
CA LEU E 253 19.21 42.58 31.09
C LEU E 253 17.76 43.03 30.99
N PRO E 254 17.52 44.30 30.65
CA PRO E 254 16.17 44.85 30.66
C PRO E 254 15.39 44.43 29.42
N ALA E 255 14.42 43.55 29.62
CA ALA E 255 13.56 43.11 28.53
C ALA E 255 12.53 44.17 28.13
N ASN E 256 12.36 45.22 28.92
CA ASN E 256 11.40 46.27 28.57
C ASN E 256 11.82 46.97 27.28
N GLU E 257 13.08 47.38 27.19
CA GLU E 257 13.58 47.99 25.96
C GLU E 257 13.84 46.96 24.87
N PHE E 258 14.30 45.78 25.24
CA PHE E 258 14.62 44.71 24.28
C PHE E 258 13.35 43.90 24.04
N TRP E 259 12.62 44.26 22.98
CA TRP E 259 11.29 43.73 22.76
C TRP E 259 11.36 42.28 22.26
N LEU E 260 10.18 41.75 21.91
CA LEU E 260 10.02 40.33 21.64
C LEU E 260 10.82 39.91 20.40
N GLY E 261 10.79 38.61 20.14
CA GLY E 261 11.51 38.05 19.00
C GLY E 261 10.75 36.91 18.37
N GLY E 262 10.90 36.78 17.05
CA GLY E 262 10.27 35.68 16.33
C GLY E 262 8.93 36.01 15.74
N GLU E 263 8.74 35.67 14.46
CA GLU E 263 7.44 35.88 13.82
C GLU E 263 6.45 34.77 14.09
N LEU E 264 6.93 33.58 14.45
CA LEU E 264 6.01 32.47 14.72
C LEU E 264 5.26 32.67 16.03
N VAL E 265 5.95 33.16 17.07
CA VAL E 265 5.30 33.41 18.35
C VAL E 265 4.21 34.47 18.26
N ARG E 266 4.18 35.23 17.17
CA ARG E 266 3.06 36.13 16.91
C ARG E 266 1.78 35.37 16.62
N LYS E 267 1.86 34.05 16.41
CA LYS E 267 0.69 33.23 16.10
C LYS E 267 0.23 32.36 17.25
N MET E 268 1.14 31.93 18.13
CA MET E 268 0.76 31.09 19.27
C MET E 268 1.62 31.45 20.46
N ASP E 269 1.07 31.22 21.65
CA ASP E 269 1.75 31.43 22.93
C ASP E 269 2.25 32.87 23.10
N GLN E 270 1.72 33.80 22.31
CA GLN E 270 2.11 35.19 22.47
C GLN E 270 1.73 35.72 23.84
N GLU E 271 0.51 35.40 24.30
CA GLU E 271 0.04 35.90 25.58
C GLU E 271 0.90 35.41 26.73
N GLN E 272 1.27 34.11 26.72
CA GLN E 272 2.07 33.56 27.80
C GLN E 272 3.44 34.21 27.86
N LYS E 273 4.11 34.35 26.71
CA LYS E 273 5.42 34.98 26.68
C LYS E 273 5.33 36.43 27.14
N ALA E 274 4.31 37.16 26.67
CA ALA E 274 4.17 38.56 27.05
C ALA E 274 3.96 38.69 28.56
N GLN E 275 3.06 37.89 29.13
CA GLN E 275 2.78 38.01 30.55
C GLN E 275 3.97 37.56 31.39
N LEU E 276 4.72 36.56 30.94
CA LEU E 276 5.86 36.11 31.74
C LEU E 276 7.04 37.07 31.64
N GLU E 277 7.18 37.79 30.53
CA GLU E 277 8.35 38.65 30.37
C GLU E 277 8.08 40.09 30.84
N ALA E 278 7.19 40.80 30.17
CA ALA E 278 6.97 42.22 30.47
C ALA E 278 5.82 42.73 29.61
N MET E 279 5.31 43.90 29.99
CA MET E 279 4.30 44.63 29.23
C MET E 279 4.92 45.74 28.39
N GLY E 280 6.15 45.55 27.91
CA GLY E 280 6.84 46.56 27.15
C GLY E 280 6.28 46.73 25.75
N ALA E 281 6.95 47.59 24.98
CA ALA E 281 6.53 47.89 23.61
C ALA E 281 6.96 46.76 22.66
N HIS E 282 6.49 45.56 22.97
CA HIS E 282 6.86 44.35 22.25
C HIS E 282 5.89 44.04 21.11
N LEU E 283 5.31 45.07 20.50
CA LEU E 283 4.35 44.85 19.42
C LEU E 283 5.07 44.22 18.21
N TYR E 284 4.40 43.24 17.60
CA TYR E 284 4.96 42.59 16.42
C TYR E 284 3.79 42.13 15.55
N ALA E 285 3.46 42.94 14.56
CA ALA E 285 2.48 42.57 13.54
C ALA E 285 3.09 42.52 12.15
N ASN E 286 3.75 43.60 11.72
CA ASN E 286 4.42 43.67 10.44
C ASN E 286 5.71 44.47 10.59
N PRO E 287 6.72 44.17 9.79
CA PRO E 287 7.98 44.95 9.88
C PRO E 287 7.80 46.43 9.60
N GLU E 288 6.85 46.80 8.74
CA GLU E 288 6.68 48.20 8.38
C GLU E 288 6.26 49.03 9.59
N LYS E 289 5.18 48.62 10.25
CA LYS E 289 4.72 49.37 11.43
C LYS E 289 5.70 49.21 12.60
N LEU E 290 6.40 48.07 12.66
CA LEU E 290 7.44 47.91 13.65
C LEU E 290 8.52 48.99 13.49
N PHE E 291 9.06 49.13 12.29
CA PHE E 291 10.05 50.17 12.05
C PHE E 291 9.45 51.56 12.20
N ALA E 292 8.14 51.71 11.94
CA ALA E 292 7.51 53.00 12.18
C ALA E 292 7.57 53.38 13.66
N ASP E 293 7.26 52.44 14.56
CA ASP E 293 7.33 52.78 15.97
C ASP E 293 8.78 52.87 16.45
N LEU E 294 9.70 52.12 15.84
CA LEU E 294 11.12 52.33 16.12
C LEU E 294 11.53 53.76 15.81
N ALA E 295 11.12 54.27 14.64
CA ALA E 295 11.44 55.64 14.29
C ALA E 295 10.74 56.63 15.24
N ASP E 296 9.52 56.32 15.64
CA ASP E 296 8.78 57.19 16.57
C ASP E 296 9.53 57.31 17.89
N SER E 297 10.00 56.19 18.43
CA SER E 297 10.74 56.22 19.68
C SER E 297 12.15 56.76 19.48
N PHE E 298 12.68 56.68 18.27
CA PHE E 298 14.05 57.11 18.00
C PHE E 298 14.16 58.60 17.74
N LEU E 299 13.08 59.25 17.32
CA LEU E 299 13.12 60.70 17.11
C LEU E 299 13.48 61.43 18.39
N GLY E 300 12.97 60.94 19.53
CA GLY E 300 13.26 61.57 20.80
C GLY E 300 14.67 61.35 21.32
N VAL E 301 15.35 60.31 20.82
CA VAL E 301 16.69 59.99 21.31
C VAL E 301 17.74 60.37 20.26
N ASN F 3 5.22 53.79 -11.17
CA ASN F 3 4.25 54.34 -10.23
C ASN F 3 3.38 53.24 -9.63
N LEU F 4 3.32 52.11 -10.32
CA LEU F 4 2.53 50.97 -9.86
C LEU F 4 3.19 49.68 -10.32
N ASN F 5 3.48 48.80 -9.38
CA ASN F 5 4.14 47.53 -9.67
C ASN F 5 3.15 46.38 -9.51
N LEU F 6 3.49 45.24 -10.13
CA LEU F 6 2.63 44.07 -10.03
C LEU F 6 3.48 42.81 -10.17
N PHE F 7 3.00 41.74 -9.52
CA PHE F 7 3.65 40.44 -9.52
C PHE F 7 2.68 39.41 -8.98
N ALA F 8 2.77 38.19 -9.51
CA ALA F 8 1.78 37.18 -9.19
C ALA F 8 2.39 35.79 -9.28
N THR F 9 1.79 34.85 -8.55
CA THR F 9 2.17 33.44 -8.58
C THR F 9 0.99 32.64 -9.11
N ILE F 10 1.24 31.80 -10.11
CA ILE F 10 0.17 31.05 -10.74
C ILE F 10 0.52 29.57 -10.77
N LEU F 11 -0.51 28.72 -10.78
CA LEU F 11 -0.36 27.28 -10.82
C LEU F 11 -1.29 26.70 -11.88
N THR F 12 -1.27 25.38 -12.01
CA THR F 12 -2.02 24.68 -13.04
C THR F 12 -2.64 23.42 -12.42
N TYR F 13 -3.18 22.54 -13.29
CA TYR F 13 -3.88 21.31 -12.95
C TYR F 13 -2.96 20.11 -13.05
N PRO F 14 -3.19 19.07 -12.25
CA PRO F 14 -2.28 17.92 -12.25
C PRO F 14 -2.36 17.12 -13.54
N ALA F 15 -1.21 16.59 -13.94
CA ALA F 15 -1.07 15.75 -15.13
C ALA F 15 0.37 15.23 -15.17
N PRO F 16 0.63 14.20 -15.97
CA PRO F 16 2.00 13.68 -16.05
C PRO F 16 3.00 14.72 -16.53
N ALA F 17 4.28 14.42 -16.30
CA ALA F 17 5.35 15.37 -16.61
C ALA F 17 5.49 15.56 -18.12
N SER F 18 6.10 16.67 -18.51
CA SER F 18 6.16 17.05 -19.91
C SER F 18 7.57 17.42 -20.36
N ASN F 19 8.41 17.86 -19.45
CA ASN F 19 9.78 18.24 -19.80
C ASN F 19 10.63 16.97 -19.94
N TYR F 20 11.39 16.89 -21.03
CA TYR F 20 12.22 15.72 -21.30
C TYR F 20 13.44 16.16 -22.09
N ARG F 21 14.62 15.75 -21.63
CA ARG F 21 15.87 16.15 -22.27
C ARG F 21 16.80 14.98 -22.59
N GLY F 22 16.74 13.90 -21.84
CA GLY F 22 17.62 12.76 -22.07
C GLY F 22 19.09 13.06 -21.88
N GLU F 23 19.42 13.86 -20.86
CA GLU F 23 20.82 14.27 -20.67
C GLU F 23 21.66 13.13 -20.09
N SER F 24 21.03 12.12 -19.48
CA SER F 24 21.80 11.10 -18.78
C SER F 24 22.40 10.10 -19.75
N GLU F 25 21.56 9.38 -20.49
CA GLU F 25 22.04 8.30 -21.35
C GLU F 25 20.97 7.98 -22.37
N GLU F 26 21.34 7.18 -23.37
CA GLU F 26 20.38 6.74 -24.37
C GLU F 26 19.43 5.69 -23.82
N ASN F 27 19.92 4.79 -22.96
CA ASN F 27 19.07 3.74 -22.42
C ASN F 27 18.13 4.24 -21.34
N ARG F 28 18.53 5.26 -20.59
CA ARG F 28 17.73 5.79 -19.49
C ARG F 28 17.59 7.30 -19.65
N SER F 29 16.36 7.78 -19.63
CA SER F 29 16.06 9.21 -19.70
C SER F 29 15.68 9.71 -18.31
N VAL F 30 16.11 10.94 -18.00
CA VAL F 30 15.92 11.51 -16.68
C VAL F 30 15.45 12.95 -16.83
N ILE F 31 14.81 13.45 -15.78
CA ILE F 31 14.37 14.84 -15.69
C ILE F 31 15.12 15.53 -14.57
N GLN F 32 15.26 16.85 -14.69
CA GLN F 32 16.02 17.62 -13.70
C GLN F 32 15.41 17.48 -12.32
N LYS F 33 16.27 17.43 -11.31
CA LYS F 33 15.87 17.16 -9.94
C LYS F 33 16.50 18.20 -9.00
N ILE F 34 15.73 18.66 -8.02
CA ILE F 34 16.19 19.66 -7.07
C ILE F 34 15.87 19.18 -5.66
N LEU F 35 16.78 19.46 -4.73
CA LEU F 35 16.58 19.11 -3.32
C LEU F 35 15.72 20.15 -2.64
N LYS F 36 14.89 19.69 -1.70
CA LYS F 36 14.04 20.58 -0.91
C LYS F 36 13.69 19.87 0.39
N ASP F 37 14.29 20.30 1.50
CA ASP F 37 14.01 19.77 2.83
C ASP F 37 14.21 18.26 2.89
N GLY F 38 15.14 17.74 2.10
CA GLY F 38 15.42 16.32 2.07
C GLY F 38 14.68 15.54 1.00
N GLN F 39 13.71 16.14 0.34
CA GLN F 39 12.98 15.49 -0.74
C GLN F 39 13.45 16.02 -2.09
N LYS F 40 12.86 15.51 -3.16
CA LYS F 40 13.24 15.87 -4.51
C LYS F 40 12.03 16.40 -5.27
N TYR F 41 12.29 17.35 -6.17
CA TYR F 41 11.23 18.01 -6.92
C TYR F 41 11.70 18.31 -8.33
N ALA F 42 10.74 18.54 -9.22
CA ALA F 42 10.98 18.78 -10.63
C ALA F 42 11.17 20.27 -10.91
N ILE F 43 11.80 20.56 -12.04
CA ILE F 43 12.16 21.92 -12.43
C ILE F 43 11.75 22.15 -13.88
N ILE F 44 11.27 23.36 -14.17
CA ILE F 44 11.09 23.84 -15.53
C ILE F 44 11.83 25.17 -15.62
N SER F 45 12.88 25.21 -16.43
CA SER F 45 13.74 26.39 -16.47
C SER F 45 13.03 27.57 -17.11
N PRO F 46 13.36 28.79 -16.68
CA PRO F 46 12.70 29.99 -17.25
C PRO F 46 12.95 30.19 -18.73
N GLU F 47 14.02 29.62 -19.29
CA GLU F 47 14.28 29.76 -20.71
C GLU F 47 13.16 29.16 -21.53
N SER F 48 12.59 28.04 -21.07
CA SER F 48 11.46 27.43 -21.76
C SER F 48 10.26 28.37 -21.82
N MET F 49 9.96 29.05 -20.70
CA MET F 49 8.85 30.00 -20.71
C MET F 49 9.16 31.21 -21.58
N ARG F 50 10.42 31.66 -21.60
CA ARG F 50 10.78 32.74 -22.50
C ARG F 50 10.54 32.35 -23.94
N ASN F 51 10.95 31.14 -24.33
CA ASN F 51 10.73 30.67 -25.69
C ASN F 51 9.25 30.55 -25.99
N ALA F 52 8.46 30.04 -25.04
CA ALA F 52 7.02 29.90 -25.26
C ALA F 52 6.35 31.26 -25.42
N LEU F 53 6.76 32.23 -24.61
CA LEU F 53 6.20 33.58 -24.75
C LEU F 53 6.56 34.17 -26.10
N ARG F 54 7.80 33.97 -26.55
CA ARG F 54 8.16 34.41 -27.89
C ARG F 54 7.28 33.75 -28.94
N GLU F 55 7.01 32.46 -28.79
CA GLU F 55 6.18 31.75 -29.76
C GLU F 55 4.76 32.31 -29.79
N MET F 56 4.17 32.57 -28.62
CA MET F 56 2.81 33.12 -28.62
C MET F 56 2.78 34.54 -29.15
N LEU F 57 3.82 35.34 -28.88
CA LEU F 57 3.91 36.65 -29.51
C LEU F 57 4.01 36.53 -31.03
N ILE F 58 4.64 35.46 -31.52
CA ILE F 58 4.58 35.16 -32.95
C ILE F 58 3.14 34.87 -33.36
N GLU F 59 2.43 34.07 -32.57
CA GLU F 59 1.11 33.60 -32.97
C GLU F 59 0.06 34.71 -32.94
N LEU F 60 0.18 35.67 -32.01
CA LEU F 60 -0.86 36.67 -31.79
C LEU F 60 -0.77 37.84 -32.76
N GLY F 61 -0.09 37.68 -33.90
CA GLY F 61 -0.03 38.73 -34.90
C GLY F 61 0.67 39.99 -34.42
N GLN F 62 1.80 39.81 -33.74
CA GLN F 62 2.60 40.91 -33.25
C GLN F 62 3.90 41.03 -34.05
N PRO F 63 4.42 42.23 -34.25
CA PRO F 63 5.72 42.37 -34.93
C PRO F 63 6.80 41.58 -34.21
N ASN F 64 7.67 40.96 -35.00
CA ASN F 64 8.64 40.01 -34.48
C ASN F 64 10.04 40.38 -34.93
N ASN F 65 11.03 39.91 -34.17
CA ASN F 65 12.43 40.11 -34.52
C ASN F 65 13.27 38.88 -34.22
N ARG F 66 12.67 37.69 -34.33
CA ARG F 66 13.38 36.45 -34.05
C ARG F 66 12.55 35.26 -34.51
N THR F 67 13.21 34.26 -35.10
CA THR F 67 12.57 32.99 -35.42
C THR F 67 13.64 31.94 -35.62
N ARG F 68 13.23 30.68 -35.59
CA ARG F 68 14.12 29.56 -35.82
C ARG F 68 14.04 29.10 -37.27
N LEU F 69 14.76 28.03 -37.58
CA LEU F 69 14.73 27.49 -38.95
C LEU F 69 14.39 26.00 -38.93
N HIS F 70 14.84 25.28 -37.89
CA HIS F 70 14.62 23.84 -37.76
C HIS F 70 15.14 23.05 -38.96
N SER F 71 16.12 23.62 -39.68
CA SER F 71 16.65 22.99 -40.88
C SER F 71 18.17 22.97 -40.88
N GLU F 72 18.78 22.79 -39.71
CA GLU F 72 20.23 22.78 -39.57
C GLU F 72 20.65 21.58 -38.73
N ASP F 73 21.88 21.12 -38.97
CA ASP F 73 22.42 19.98 -38.21
C ASP F 73 22.47 20.30 -36.73
N GLN F 74 22.96 21.50 -36.38
CA GLN F 74 22.91 21.99 -35.01
C GLN F 74 21.99 23.21 -34.97
N LEU F 75 21.04 23.19 -34.05
CA LEU F 75 19.98 24.19 -34.05
C LEU F 75 20.52 25.58 -33.74
N ALA F 76 19.98 26.58 -34.43
CA ALA F 76 20.40 27.96 -34.26
C ALA F 76 19.21 28.87 -34.51
N VAL F 77 19.44 30.17 -34.35
CA VAL F 77 18.41 31.19 -34.56
C VAL F 77 18.89 32.10 -35.69
N GLU F 78 17.95 32.53 -36.53
CA GLU F 78 18.30 33.32 -37.70
C GLU F 78 17.78 34.75 -37.62
N PHE F 79 16.47 34.94 -37.42
CA PHE F 79 15.89 36.27 -37.51
C PHE F 79 16.28 37.18 -36.35
N LYS F 80 16.76 36.62 -35.23
CA LYS F 80 17.17 37.46 -34.11
C LYS F 80 18.40 38.27 -34.45
N GLU F 81 19.37 37.66 -35.14
CA GLU F 81 20.69 38.26 -35.31
C GLU F 81 20.97 38.72 -36.74
N TYR F 82 20.37 38.09 -37.75
CA TYR F 82 20.71 38.40 -39.13
C TYR F 82 20.07 39.70 -39.63
N PRO F 83 18.73 39.84 -39.68
CA PRO F 83 18.16 41.02 -40.35
C PRO F 83 18.01 42.24 -39.45
N ASN F 84 17.86 42.03 -38.15
CA ASN F 84 17.43 43.09 -37.26
C ASN F 84 18.62 43.79 -36.62
N PRO F 85 18.77 45.10 -36.80
CA PRO F 85 19.74 45.87 -36.00
C PRO F 85 19.29 46.13 -34.57
N ASP F 86 18.25 45.44 -34.09
CA ASP F 86 17.76 45.55 -32.73
C ASP F 86 17.11 46.92 -32.47
N LYS F 87 16.32 47.40 -33.43
CA LYS F 87 15.62 48.67 -33.25
C LYS F 87 14.55 48.55 -32.16
N PHE F 88 13.73 47.50 -32.21
CA PHE F 88 12.66 47.28 -31.25
C PHE F 88 12.44 45.78 -31.12
N ALA F 89 12.76 45.22 -29.95
CA ALA F 89 12.62 43.79 -29.72
C ALA F 89 11.17 43.42 -29.45
N ASP F 90 10.94 42.15 -29.12
CA ASP F 90 9.59 41.68 -28.84
C ASP F 90 9.02 42.34 -27.60
N ASP F 91 9.76 42.31 -26.50
CA ASP F 91 9.39 42.96 -25.25
C ASP F 91 10.49 43.90 -24.79
N PHE F 92 11.07 44.64 -25.74
CA PHE F 92 12.18 45.56 -25.48
C PHE F 92 13.37 44.84 -24.86
N LEU F 93 13.54 43.57 -25.22
CA LEU F 93 14.66 42.78 -24.70
C LEU F 93 15.99 43.18 -25.31
N PHE F 94 15.97 43.84 -26.48
CA PHE F 94 17.13 44.53 -27.06
C PHE F 94 18.41 43.70 -26.95
N GLY F 95 18.40 42.55 -27.62
CA GLY F 95 19.48 41.59 -27.55
C GLY F 95 20.88 42.16 -27.65
N TYR F 96 21.81 41.59 -26.88
CA TYR F 96 23.17 42.09 -26.82
C TYR F 96 24.15 41.02 -27.30
N MET F 97 25.30 41.46 -27.79
CA MET F 97 26.45 40.58 -27.96
C MET F 97 27.67 41.45 -28.21
N VAL F 98 28.82 41.02 -27.72
CA VAL F 98 30.03 41.82 -27.78
C VAL F 98 30.96 41.23 -28.84
N ALA F 99 31.70 42.12 -29.50
CA ALA F 99 32.68 41.74 -30.53
C ALA F 99 33.56 42.95 -30.77
N GLN F 100 34.44 42.83 -31.77
CA GLN F 100 35.27 43.97 -32.15
C GLN F 100 34.43 45.11 -32.69
N THR F 101 33.35 44.79 -33.40
CA THR F 101 32.34 45.79 -33.74
C THR F 101 31.01 45.08 -33.93
N ASN F 102 29.92 45.85 -33.82
CA ASN F 102 28.57 45.34 -34.02
C ASN F 102 27.79 46.41 -34.76
N ASP F 103 27.55 46.18 -36.06
CA ASP F 103 26.84 47.11 -36.92
C ASP F 103 27.45 48.51 -36.84
N ALA F 104 28.73 48.59 -37.23
CA ALA F 104 29.51 49.82 -37.19
C ALA F 104 29.55 50.40 -35.77
N LYS F 105 29.99 49.57 -34.83
CA LYS F 105 30.12 49.93 -33.41
C LYS F 105 28.78 50.30 -32.79
N GLU F 106 27.68 49.99 -33.48
CA GLU F 106 26.31 50.27 -33.03
C GLU F 106 26.14 51.69 -32.49
N MET F 107 26.96 52.63 -32.95
CA MET F 107 26.88 54.03 -32.57
C MET F 107 26.36 54.90 -33.70
N LYS F 108 27.03 54.87 -34.86
CA LYS F 108 26.68 55.82 -35.93
C LYS F 108 25.34 55.49 -36.57
N LYS F 109 25.09 54.22 -36.87
CA LYS F 109 23.88 53.86 -37.60
C LYS F 109 22.65 53.84 -36.70
N LEU F 110 22.80 53.49 -35.42
CA LEU F 110 21.65 53.40 -34.52
C LEU F 110 22.16 53.60 -33.10
N ASN F 111 21.88 54.76 -32.52
CA ASN F 111 22.41 55.10 -31.21
C ASN F 111 21.71 54.32 -30.11
N ARG F 112 22.15 53.10 -29.87
CA ARG F 112 21.62 52.26 -28.81
C ARG F 112 22.76 51.71 -27.96
N PRO F 113 22.49 51.44 -26.68
CA PRO F 113 23.51 50.80 -25.85
C PRO F 113 23.77 49.37 -26.28
N ALA F 114 24.98 48.91 -26.00
CA ALA F 114 25.33 47.52 -26.30
C ALA F 114 24.49 46.56 -25.47
N LYS F 115 24.26 46.90 -24.20
CA LYS F 115 23.53 46.02 -23.29
C LYS F 115 22.04 46.10 -23.57
N ARG F 116 21.23 45.51 -22.70
CA ARG F 116 19.79 45.34 -22.96
C ARG F 116 19.00 45.93 -21.80
N ASP F 117 17.68 45.79 -21.88
CA ASP F 117 16.75 46.34 -20.90
C ASP F 117 16.31 45.31 -19.85
N SER F 118 15.86 44.13 -20.30
CA SER F 118 15.38 43.08 -19.40
C SER F 118 14.20 43.56 -18.56
N ILE F 119 13.12 43.91 -19.25
CA ILE F 119 11.92 44.39 -18.56
C ILE F 119 11.26 43.28 -17.76
N PHE F 120 11.10 42.10 -18.37
CA PHE F 120 10.40 41.01 -17.71
C PHE F 120 11.23 40.45 -16.56
N ARG F 121 10.54 39.87 -15.58
CA ARG F 121 11.19 39.31 -14.39
C ARG F 121 10.49 37.98 -14.08
N CYS F 122 11.12 36.87 -14.46
CA CYS F 122 10.58 35.55 -14.24
C CYS F 122 11.39 34.84 -13.16
N ASN F 123 11.04 33.57 -12.91
CA ASN F 123 11.70 32.79 -11.89
C ASN F 123 11.49 31.31 -12.20
N MET F 124 12.28 30.47 -11.52
CA MET F 124 12.22 29.03 -11.70
C MET F 124 10.86 28.48 -11.26
N ALA F 125 10.41 27.44 -11.94
CA ALA F 125 9.16 26.76 -11.60
C ALA F 125 9.47 25.48 -10.84
N VAL F 126 8.79 25.28 -9.72
CA VAL F 126 9.04 24.15 -8.84
C VAL F 126 7.73 23.42 -8.58
N ALA F 127 7.84 22.12 -8.30
CA ALA F 127 6.68 21.27 -8.09
C ALA F 127 6.10 21.48 -6.68
N VAL F 128 5.10 20.68 -6.34
CA VAL F 128 4.48 20.76 -5.02
C VAL F 128 4.61 19.46 -4.23
N ASN F 129 4.76 18.31 -4.87
CA ASN F 129 4.96 17.05 -4.17
C ASN F 129 6.08 16.26 -4.84
N PRO F 130 6.82 15.47 -4.07
CA PRO F 130 7.96 14.73 -4.64
C PRO F 130 7.51 13.57 -5.51
N TYR F 131 8.45 13.09 -6.33
CA TYR F 131 8.29 11.89 -7.12
C TYR F 131 9.24 10.82 -6.59
N LYS F 132 9.27 9.66 -7.25
CA LYS F 132 10.11 8.56 -6.80
C LYS F 132 10.48 7.66 -7.98
N TYR F 133 11.75 7.71 -8.37
CA TYR F 133 12.43 6.79 -9.28
C TYR F 133 11.66 6.40 -10.53
N ASP F 134 12.09 5.31 -11.17
CA ASP F 134 11.55 4.91 -12.47
C ASP F 134 10.08 4.52 -12.36
N THR F 135 9.34 4.77 -13.43
CA THR F 135 7.89 4.61 -13.36
C THR F 135 7.28 3.85 -14.55
N VAL F 136 7.95 3.84 -15.70
CA VAL F 136 7.37 3.25 -16.91
C VAL F 136 8.46 2.58 -17.73
N PHE F 137 8.07 1.53 -18.44
CA PHE F 137 8.92 0.81 -19.38
C PHE F 137 8.79 1.45 -20.77
N TYR F 138 9.41 0.83 -21.77
CA TYR F 138 9.37 1.35 -23.13
C TYR F 138 9.86 0.25 -24.07
N GLN F 139 9.69 0.48 -25.37
CA GLN F 139 10.09 -0.49 -26.38
C GLN F 139 10.58 0.23 -27.63
N SER F 140 11.45 -0.45 -28.38
CA SER F 140 12.05 0.08 -29.59
C SER F 140 12.12 -1.02 -30.65
N PRO F 141 12.03 -0.67 -31.93
CA PRO F 141 12.10 -1.68 -32.99
C PRO F 141 13.54 -2.10 -33.28
N LEU F 142 13.66 -3.11 -34.13
CA LEU F 142 14.98 -3.60 -34.54
C LEU F 142 15.57 -2.72 -35.64
N ASN F 143 14.92 -2.70 -36.80
CA ASN F 143 15.42 -1.96 -37.96
C ASN F 143 14.35 -1.97 -39.04
N ALA F 144 14.63 -1.24 -40.12
CA ALA F 144 13.71 -1.20 -41.25
C ALA F 144 13.57 -2.56 -41.91
N GLY F 145 14.67 -3.30 -42.03
CA GLY F 145 14.62 -4.61 -42.66
C GLY F 145 14.92 -4.57 -44.15
N ASP F 146 13.87 -4.59 -44.98
CA ASP F 146 14.06 -4.66 -46.42
C ASP F 146 14.56 -3.33 -46.99
N SER F 147 13.78 -2.26 -46.80
CA SER F 147 14.17 -0.94 -47.28
C SER F 147 15.16 -0.35 -46.29
N ALA F 148 16.45 -0.57 -46.56
CA ALA F 148 17.51 -0.16 -45.64
C ALA F 148 17.88 1.29 -45.91
N TRP F 149 17.31 2.19 -45.11
CA TRP F 149 17.69 3.59 -45.16
C TRP F 149 17.99 4.12 -43.76
N LYS F 150 17.34 3.55 -42.75
CA LYS F 150 17.60 3.97 -41.37
C LYS F 150 18.81 3.23 -40.79
N ASN F 151 18.72 1.90 -40.70
CA ASN F 151 19.83 1.04 -40.30
C ASN F 151 20.40 1.44 -38.94
N SER F 152 19.51 1.77 -37.99
CA SER F 152 19.96 2.07 -36.64
C SER F 152 20.55 0.83 -35.97
N THR F 153 19.91 -0.33 -36.13
CA THR F 153 20.36 -1.59 -35.55
C THR F 153 20.57 -1.48 -34.04
N SER F 154 19.65 -0.78 -33.37
CA SER F 154 19.75 -0.62 -31.92
C SER F 154 19.22 -1.85 -31.19
N SER F 155 17.93 -2.15 -31.37
CA SER F 155 17.30 -3.34 -30.79
C SER F 155 17.46 -3.35 -29.26
N ALA F 156 16.89 -2.34 -28.62
CA ALA F 156 17.02 -2.17 -27.18
C ALA F 156 15.65 -1.89 -26.56
N LEU F 157 15.58 -2.05 -25.25
CA LEU F 157 14.37 -1.81 -24.46
C LEU F 157 14.73 -0.75 -23.41
N LEU F 158 14.57 0.51 -23.77
CA LEU F 158 14.94 1.60 -22.89
C LEU F 158 13.82 1.88 -21.89
N HIS F 159 14.05 2.87 -21.04
CA HIS F 159 13.08 3.26 -20.02
C HIS F 159 12.81 4.75 -20.10
N ARG F 160 11.69 5.16 -19.53
CA ARG F 160 11.28 6.56 -19.50
C ARG F 160 10.87 6.92 -18.07
N GLU F 161 10.94 8.21 -17.76
CA GLU F 161 10.61 8.73 -16.45
C GLU F 161 9.40 9.63 -16.53
N VAL F 162 8.35 9.29 -15.78
CA VAL F 162 7.13 10.10 -15.73
C VAL F 162 6.71 10.26 -14.28
N THR F 163 5.98 11.34 -14.02
CA THR F 163 5.43 11.60 -12.69
C THR F 163 4.25 12.55 -12.82
N HIS F 164 3.32 12.45 -11.88
CA HIS F 164 2.10 13.23 -11.89
C HIS F 164 2.19 14.31 -10.82
N THR F 165 2.14 15.58 -11.26
CA THR F 165 2.30 16.70 -10.33
C THR F 165 1.83 17.97 -11.01
N ALA F 166 1.13 18.81 -10.26
CA ALA F 166 0.79 20.17 -10.66
C ALA F 166 1.72 21.13 -9.96
N PHE F 167 2.34 22.04 -10.72
CA PHE F 167 3.36 22.92 -10.18
C PHE F 167 2.99 24.38 -10.46
N GLN F 168 3.64 25.27 -9.72
CA GLN F 168 3.37 26.70 -9.75
C GLN F 168 4.66 27.48 -9.91
N TYR F 169 4.52 28.75 -10.29
CA TYR F 169 5.67 29.60 -10.52
C TYR F 169 5.26 31.07 -10.35
N PRO F 170 6.19 31.92 -9.89
CA PRO F 170 5.88 33.35 -9.80
C PRO F 170 6.38 34.15 -11.00
N PHE F 171 6.03 35.44 -11.04
CA PHE F 171 6.57 36.37 -12.01
C PHE F 171 6.30 37.78 -11.51
N ALA F 172 7.05 38.74 -12.04
CA ALA F 172 6.94 40.14 -11.67
C ALA F 172 7.10 41.00 -12.91
N LEU F 173 6.59 42.23 -12.83
CA LEU F 173 6.67 43.17 -13.95
C LEU F 173 7.13 44.53 -13.45
N ALA F 174 7.85 45.24 -14.31
CA ALA F 174 8.28 46.59 -14.00
C ALA F 174 7.09 47.55 -14.01
N GLY F 175 7.23 48.64 -13.26
CA GLY F 175 6.13 49.55 -13.07
C GLY F 175 6.11 50.80 -13.94
N LYS F 176 7.26 51.47 -14.05
CA LYS F 176 7.33 52.77 -14.70
C LYS F 176 7.58 52.68 -16.20
N ASP F 177 7.62 51.47 -16.76
CA ASP F 177 7.84 51.32 -18.19
C ASP F 177 6.55 51.63 -18.94
N CYS F 178 6.58 52.68 -19.76
CA CYS F 178 5.40 53.10 -20.50
C CYS F 178 5.67 53.49 -21.95
N ALA F 179 6.90 53.34 -22.43
CA ALA F 179 7.22 53.68 -23.82
C ALA F 179 6.65 52.63 -24.75
N ALA F 180 5.71 53.04 -25.60
CA ALA F 180 5.03 52.15 -26.56
C ALA F 180 4.33 50.99 -25.86
N LYS F 181 4.01 51.14 -24.58
CA LYS F 181 3.36 50.11 -23.80
C LYS F 181 1.93 49.76 -24.24
N PRO F 182 1.03 50.76 -24.53
CA PRO F 182 -0.43 50.52 -24.41
C PRO F 182 -0.92 49.21 -24.98
N GLU F 183 -0.48 48.84 -26.19
CA GLU F 183 -0.91 47.59 -26.78
C GLU F 183 0.12 46.47 -26.64
N TRP F 184 1.41 46.81 -26.63
CA TRP F 184 2.45 45.78 -26.51
C TRP F 184 2.31 45.00 -25.22
N VAL F 185 2.24 45.71 -24.09
CA VAL F 185 2.25 45.03 -22.80
C VAL F 185 0.94 44.26 -22.59
N LYS F 186 -0.19 44.80 -23.06
CA LYS F 186 -1.43 44.06 -22.91
C LYS F 186 -1.47 42.83 -23.81
N ALA F 187 -0.87 42.90 -25.00
CA ALA F 187 -0.76 41.71 -25.83
C ALA F 187 0.13 40.66 -25.18
N LEU F 188 1.24 41.10 -24.56
CA LEU F 188 2.09 40.18 -23.83
C LEU F 188 1.34 39.53 -22.67
N LEU F 189 0.53 40.33 -21.97
CA LEU F 189 -0.29 39.80 -20.87
C LEU F 189 -1.30 38.78 -21.39
N GLN F 190 -1.94 39.08 -22.52
CA GLN F 190 -2.88 38.14 -23.11
C GLN F 190 -2.19 36.84 -23.51
N ALA F 191 -0.96 36.94 -24.02
CA ALA F 191 -0.19 35.75 -24.34
C ALA F 191 0.12 34.94 -23.08
N ILE F 192 0.45 35.62 -21.98
CA ILE F 192 0.67 34.92 -20.72
C ILE F 192 -0.61 34.20 -20.29
N ALA F 193 -1.76 34.81 -20.55
CA ALA F 193 -3.02 34.24 -20.08
C ALA F 193 -3.21 32.80 -20.53
N GLU F 194 -2.76 32.46 -21.74
CA GLU F 194 -2.89 31.09 -22.23
C GLU F 194 -1.65 30.25 -21.95
N LEU F 195 -0.50 30.64 -22.51
CA LEU F 195 0.78 29.96 -22.32
C LEU F 195 0.62 28.46 -22.58
N ASN F 196 0.30 28.14 -23.83
CA ASN F 196 -0.04 26.77 -24.19
C ASN F 196 1.20 25.91 -24.45
N GLY F 197 1.99 26.28 -25.45
CA GLY F 197 3.05 25.42 -25.93
C GLY F 197 4.40 25.56 -25.27
N VAL F 198 4.52 25.15 -24.01
CA VAL F 198 5.80 25.12 -23.31
C VAL F 198 6.06 23.70 -22.82
N ALA F 199 7.21 23.14 -23.19
CA ALA F 199 7.60 21.80 -22.78
C ALA F 199 9.00 21.52 -23.30
N GLY F 200 9.66 20.56 -22.65
CA GLY F 200 10.86 19.98 -23.21
C GLY F 200 10.59 18.92 -24.26
N GLY F 201 9.31 18.62 -24.50
CA GLY F 201 8.90 17.65 -25.49
C GLY F 201 7.39 17.50 -25.54
N HIS F 202 6.83 17.48 -26.75
CA HIS F 202 5.39 17.41 -26.93
C HIS F 202 5.01 16.24 -27.83
N ALA F 203 5.57 15.07 -27.55
CA ALA F 203 5.23 13.89 -28.34
C ALA F 203 4.05 13.13 -27.73
N ARG F 204 4.10 12.91 -26.41
CA ARG F 204 3.03 12.19 -25.73
C ARG F 204 2.56 12.85 -24.44
N ALA F 205 3.21 13.93 -23.99
CA ALA F 205 2.84 14.53 -22.71
C ALA F 205 1.65 15.47 -22.84
N TYR F 206 1.83 16.57 -23.59
CA TYR F 206 0.80 17.57 -23.83
C TYR F 206 0.24 18.12 -22.52
N TYR F 207 1.13 18.79 -21.80
CA TYR F 207 0.79 19.44 -20.53
C TYR F 207 0.39 20.88 -20.81
N GLU F 208 -0.80 21.27 -20.36
CA GLU F 208 -1.34 22.60 -20.62
C GLU F 208 -1.11 23.48 -19.40
N PHE F 209 -0.59 24.69 -19.63
CA PHE F 209 -0.32 25.63 -18.55
C PHE F 209 -1.51 26.58 -18.39
N ALA F 210 -2.64 26.00 -17.99
CA ALA F 210 -3.84 26.79 -17.77
C ALA F 210 -3.83 27.32 -16.34
N PRO F 211 -3.83 28.64 -16.14
CA PRO F 211 -3.85 29.18 -14.77
C PRO F 211 -5.09 28.73 -14.01
N ARG F 212 -4.88 28.42 -12.74
CA ARG F 212 -5.95 28.01 -11.85
C ARG F 212 -6.23 29.02 -10.76
N SER F 213 -5.19 29.64 -10.18
CA SER F 213 -5.41 30.60 -9.11
C SER F 213 -4.32 31.66 -9.14
N VAL F 214 -4.70 32.92 -8.98
CA VAL F 214 -3.79 34.05 -9.14
C VAL F 214 -3.97 35.04 -8.00
N VAL F 215 -2.87 35.66 -7.58
CA VAL F 215 -2.86 36.78 -6.63
C VAL F 215 -1.89 37.82 -7.18
N ALA F 216 -2.43 38.91 -7.74
CA ALA F 216 -1.70 39.75 -8.66
C ALA F 216 -1.85 41.23 -8.32
N ARG F 217 -1.67 41.59 -7.05
CA ARG F 217 -1.77 43.00 -6.71
C ARG F 217 -1.07 43.27 -5.38
N LEU F 218 -0.45 44.44 -5.29
CA LEU F 218 -0.03 45.03 -4.03
C LEU F 218 -0.03 46.54 -4.20
N THR F 219 0.33 47.24 -3.12
CA THR F 219 0.29 48.69 -3.09
C THR F 219 1.37 49.27 -3.99
N PRO F 220 1.22 50.54 -4.41
CA PRO F 220 2.22 51.13 -5.31
C PRO F 220 3.56 51.36 -4.63
N LYS F 221 4.31 50.28 -4.43
CA LYS F 221 5.64 50.32 -3.85
C LYS F 221 6.40 49.09 -4.33
N LEU F 222 7.56 48.83 -3.73
CA LEU F 222 8.35 47.69 -4.14
C LEU F 222 7.72 46.39 -3.66
N VAL F 223 8.34 45.27 -4.02
CA VAL F 223 7.79 43.96 -3.71
C VAL F 223 7.85 43.72 -2.20
N ALA F 224 6.72 43.32 -1.62
CA ALA F 224 6.68 43.02 -0.19
C ALA F 224 7.21 41.62 0.12
N GLY F 225 7.27 40.73 -0.87
CA GLY F 225 7.80 39.40 -0.66
C GLY F 225 7.02 38.57 0.34
N TYR F 226 5.70 38.53 0.21
CA TYR F 226 4.84 37.84 1.16
C TYR F 226 4.83 36.33 0.89
N GLN F 227 6.04 35.75 0.87
CA GLN F 227 6.24 34.33 0.63
C GLN F 227 5.62 33.91 -0.71
N THR F 228 6.21 34.46 -1.78
CA THR F 228 5.70 34.24 -3.12
C THR F 228 5.51 32.76 -3.43
N TYR F 229 6.52 31.95 -3.14
CA TYR F 229 6.42 30.51 -3.38
C TYR F 229 5.53 29.90 -2.31
N GLY F 230 4.23 29.85 -2.59
CA GLY F 230 3.27 29.28 -1.66
C GLY F 230 2.84 27.89 -2.07
N PHE F 231 2.97 26.93 -1.14
CA PHE F 231 2.57 25.57 -1.43
C PHE F 231 1.07 25.44 -1.70
N ASP F 232 0.29 26.42 -1.25
CA ASP F 232 -1.16 26.51 -1.48
C ASP F 232 -1.93 25.31 -0.94
N ALA F 233 -1.30 24.49 -0.10
CA ALA F 233 -1.96 23.35 0.54
C ALA F 233 -2.70 22.48 -0.47
N GLU F 234 -2.14 22.37 -1.68
CA GLU F 234 -2.76 21.62 -2.78
C GLU F 234 -4.17 22.14 -3.08
N GLY F 235 -4.29 23.46 -3.16
CA GLY F 235 -5.56 24.08 -3.52
C GLY F 235 -5.95 25.28 -2.68
N ASN F 236 -5.55 25.29 -1.42
CA ASN F 236 -5.93 26.36 -0.50
C ASN F 236 -4.94 27.52 -0.61
N TRP F 237 -4.98 28.44 0.35
CA TRP F 237 -4.02 29.52 0.45
C TRP F 237 -3.69 29.72 1.92
N LEU F 238 -2.40 29.91 2.21
CA LEU F 238 -1.91 29.90 3.59
C LEU F 238 -1.81 31.30 4.19
N GLU F 239 -2.53 32.27 3.62
CA GLU F 239 -2.48 33.63 4.16
C GLU F 239 -3.86 34.28 4.20
N LEU F 240 -4.92 33.48 4.36
CA LEU F 240 -6.25 34.06 4.56
C LEU F 240 -6.31 34.83 5.87
N SER F 241 -5.63 34.34 6.90
CA SER F 241 -5.59 35.06 8.18
C SER F 241 -4.96 36.43 8.00
N ARG F 242 -3.93 36.53 7.16
CA ARG F 242 -3.30 37.81 6.85
C ARG F 242 -4.04 38.59 5.78
N LEU F 243 -5.30 38.23 5.49
CA LEU F 243 -6.12 38.96 4.54
C LEU F 243 -7.44 39.45 5.11
N THR F 244 -7.79 39.09 6.34
CA THR F 244 -9.11 39.42 6.87
C THR F 244 -9.24 40.91 7.18
N ALA F 245 -8.23 41.48 7.84
CA ALA F 245 -8.31 42.85 8.35
C ALA F 245 -8.12 43.83 7.18
N THR F 246 -9.17 43.94 6.37
CA THR F 246 -9.11 44.78 5.18
C THR F 246 -8.87 46.24 5.54
N ASP F 247 -9.53 46.74 6.57
CA ASP F 247 -9.33 48.12 7.04
C ASP F 247 -9.88 48.21 8.45
N SER F 248 -9.00 48.44 9.42
CA SER F 248 -9.40 48.48 10.81
C SER F 248 -8.48 49.45 11.56
N ASP F 249 -8.61 49.47 12.88
CA ASP F 249 -7.77 50.36 13.69
C ASP F 249 -6.29 49.97 13.58
N ASN F 250 -6.00 48.67 13.64
CA ASN F 250 -4.61 48.23 13.54
C ASN F 250 -4.08 48.41 12.12
N LEU F 251 -4.90 48.09 11.11
CA LEU F 251 -4.51 48.18 9.70
C LEU F 251 -3.22 47.41 9.46
N ASP F 252 -3.17 46.18 9.96
CA ASP F 252 -1.96 45.37 9.91
C ASP F 252 -1.79 44.65 8.57
N LEU F 253 -2.72 44.79 7.64
CA LEU F 253 -2.61 44.11 6.35
C LEU F 253 -3.41 44.86 5.29
N PRO F 254 -2.82 45.16 4.14
CA PRO F 254 -3.54 45.84 3.06
C PRO F 254 -4.33 44.83 2.23
N ALA F 255 -5.64 44.94 2.26
CA ALA F 255 -6.51 44.10 1.45
C ALA F 255 -7.29 44.89 0.40
N ASN F 256 -7.09 46.20 0.33
CA ASN F 256 -7.77 46.99 -0.68
C ASN F 256 -7.21 46.74 -2.07
N GLU F 257 -5.98 46.25 -2.15
CA GLU F 257 -5.30 46.01 -3.43
C GLU F 257 -4.99 44.52 -3.53
N PHE F 258 -5.97 43.76 -4.02
CA PHE F 258 -5.80 42.32 -4.22
C PHE F 258 -6.87 41.83 -5.18
N TRP F 259 -6.49 40.83 -5.97
CA TRP F 259 -7.38 40.17 -6.93
C TRP F 259 -7.17 38.68 -6.81
N LEU F 260 -8.27 37.92 -6.72
CA LEU F 260 -8.23 36.51 -6.36
C LEU F 260 -8.71 35.66 -7.53
N GLY F 261 -8.07 34.49 -7.70
CA GLY F 261 -8.33 33.62 -8.82
C GLY F 261 -9.65 32.87 -8.70
N GLY F 262 -9.81 31.89 -9.59
CA GLY F 262 -11.08 31.22 -9.78
C GLY F 262 -11.43 30.18 -8.72
N GLU F 263 -10.69 29.08 -8.69
CA GLU F 263 -11.00 28.00 -7.76
C GLU F 263 -10.74 28.38 -6.31
N LEU F 264 -10.07 29.50 -6.02
CA LEU F 264 -10.14 30.03 -4.66
C LEU F 264 -11.55 30.52 -4.34
N VAL F 265 -12.21 31.15 -5.31
CA VAL F 265 -13.58 31.60 -5.13
C VAL F 265 -14.54 30.41 -5.12
N ARG F 266 -14.28 29.42 -5.99
CA ARG F 266 -15.21 28.29 -6.14
C ARG F 266 -15.43 27.56 -4.83
N LYS F 267 -14.43 27.51 -3.95
CA LYS F 267 -14.64 27.02 -2.60
C LYS F 267 -15.51 28.04 -1.87
N MET F 268 -16.82 27.95 -2.12
CA MET F 268 -17.74 29.02 -1.76
C MET F 268 -17.97 28.94 -0.26
N ASP F 269 -17.71 30.02 0.47
CA ASP F 269 -17.77 29.96 1.92
C ASP F 269 -18.33 31.26 2.48
N GLN F 270 -18.71 31.22 3.76
CA GLN F 270 -19.30 32.40 4.38
C GLN F 270 -18.26 33.50 4.61
N GLU F 271 -17.02 33.14 4.87
CA GLU F 271 -15.97 34.14 4.93
C GLU F 271 -15.79 34.83 3.58
N GLN F 272 -16.16 34.14 2.49
CA GLN F 272 -16.17 34.82 1.20
C GLN F 272 -17.22 35.92 1.18
N LYS F 273 -18.39 35.65 1.79
CA LYS F 273 -19.33 36.75 2.05
C LYS F 273 -18.66 37.86 2.84
N ALA F 274 -17.90 37.49 3.88
CA ALA F 274 -17.30 38.49 4.76
C ALA F 274 -16.36 39.41 3.99
N GLN F 275 -15.54 38.84 3.11
CA GLN F 275 -14.65 39.65 2.31
C GLN F 275 -15.33 40.32 1.12
N LEU F 276 -16.55 39.91 0.77
CA LEU F 276 -17.26 40.59 -0.31
C LEU F 276 -17.43 42.08 -0.03
N GLU F 277 -17.98 42.43 1.14
CA GLU F 277 -18.10 43.84 1.47
C GLU F 277 -16.76 44.47 1.82
N ALA F 278 -15.76 43.66 2.16
CA ALA F 278 -14.41 44.16 2.33
C ALA F 278 -13.91 44.75 1.02
N MET F 279 -13.38 45.97 1.09
CA MET F 279 -12.91 46.65 -0.12
C MET F 279 -11.73 45.90 -0.72
N GLY F 280 -11.61 45.97 -2.04
CA GLY F 280 -10.61 45.20 -2.75
C GLY F 280 -10.88 43.72 -2.80
N ALA F 281 -12.14 43.32 -2.70
CA ALA F 281 -12.49 41.91 -2.80
C ALA F 281 -12.10 41.34 -4.15
N HIS F 282 -12.74 41.83 -5.22
CA HIS F 282 -12.35 41.52 -6.59
C HIS F 282 -12.35 40.02 -6.85
N LEU F 283 -13.34 39.32 -6.31
CA LEU F 283 -13.46 37.87 -6.45
C LEU F 283 -14.16 37.58 -7.77
N TYR F 284 -13.40 37.13 -8.77
CA TYR F 284 -13.92 36.83 -10.09
C TYR F 284 -13.79 35.34 -10.36
N ALA F 285 -14.85 34.74 -10.88
CA ALA F 285 -14.86 33.30 -11.13
C ALA F 285 -13.93 32.94 -12.27
N ASN F 286 -13.97 33.68 -13.37
CA ASN F 286 -13.17 33.36 -14.54
C ASN F 286 -11.82 34.04 -14.44
N PRO F 287 -10.72 33.29 -14.33
CA PRO F 287 -9.40 33.94 -14.20
C PRO F 287 -9.01 34.81 -15.39
N GLU F 288 -9.41 34.43 -16.61
CA GLU F 288 -8.93 35.14 -17.78
C GLU F 288 -9.52 36.54 -17.88
N LYS F 289 -10.81 36.69 -17.58
CA LYS F 289 -11.41 38.02 -17.65
C LYS F 289 -10.90 38.91 -16.51
N LEU F 290 -10.66 38.32 -15.33
CA LEU F 290 -9.98 39.04 -14.26
C LEU F 290 -8.61 39.51 -14.72
N PHE F 291 -7.88 38.67 -15.43
CA PHE F 291 -6.50 38.99 -15.79
C PHE F 291 -6.47 40.09 -16.85
N ALA F 292 -7.39 40.03 -17.81
CA ALA F 292 -7.58 41.13 -18.75
C ALA F 292 -8.02 42.41 -18.05
N ASP F 293 -8.86 42.30 -17.02
CA ASP F 293 -9.28 43.48 -16.27
C ASP F 293 -8.11 44.10 -15.51
N LEU F 294 -7.21 43.26 -14.97
CA LEU F 294 -5.98 43.78 -14.38
C LEU F 294 -5.15 44.52 -15.40
N ALA F 295 -5.05 43.96 -16.62
CA ALA F 295 -4.35 44.67 -17.68
C ALA F 295 -4.97 46.05 -17.92
N ASP F 296 -6.30 46.09 -18.04
CA ASP F 296 -6.98 47.36 -18.31
C ASP F 296 -6.78 48.35 -17.18
N SER F 297 -6.87 47.89 -15.92
CA SER F 297 -6.75 48.79 -14.78
C SER F 297 -5.33 49.31 -14.62
N PHE F 298 -4.33 48.45 -14.84
CA PHE F 298 -2.95 48.87 -14.70
C PHE F 298 -2.51 49.77 -15.85
N LEU F 299 -3.07 49.57 -17.03
CA LEU F 299 -2.71 50.38 -18.20
C LEU F 299 -3.66 51.57 -18.39
N GLY F 300 -4.95 51.28 -18.58
CA GLY F 300 -5.90 52.34 -18.84
C GLY F 300 -6.09 53.27 -17.67
N VAL F 301 -6.24 52.72 -16.46
CA VAL F 301 -6.49 53.52 -15.28
C VAL F 301 -5.17 53.95 -14.64
N ASN G 3 -9.25 30.13 -36.68
CA ASN G 3 -9.53 28.75 -37.08
C ASN G 3 -10.07 27.96 -35.88
N LEU G 4 -10.67 26.81 -36.16
CA LEU G 4 -11.28 26.01 -35.11
C LEU G 4 -10.29 24.97 -34.59
N ASN G 5 -10.31 24.75 -33.28
CA ASN G 5 -9.49 23.74 -32.62
C ASN G 5 -10.35 22.96 -31.65
N LEU G 6 -10.28 21.63 -31.72
CA LEU G 6 -11.13 20.78 -30.90
C LEU G 6 -10.27 19.77 -30.13
N PHE G 7 -10.81 19.33 -29.00
CA PHE G 7 -10.15 18.35 -28.14
C PHE G 7 -11.18 17.75 -27.20
N ALA G 8 -11.02 16.47 -26.90
CA ALA G 8 -12.08 15.71 -26.25
C ALA G 8 -11.52 14.73 -25.23
N THR G 9 -12.43 14.13 -24.47
CA THR G 9 -12.12 13.11 -23.47
C THR G 9 -13.21 12.04 -23.51
N ILE G 10 -12.80 10.80 -23.23
CA ILE G 10 -13.66 9.63 -23.31
C ILE G 10 -13.37 8.72 -22.12
N LEU G 11 -14.24 7.72 -21.95
CA LEU G 11 -13.95 6.61 -21.04
C LEU G 11 -14.66 5.36 -21.56
N THR G 12 -14.20 4.21 -21.11
CA THR G 12 -14.74 2.93 -21.53
C THR G 12 -15.59 2.31 -20.43
N TYR G 13 -16.27 1.23 -20.78
CA TYR G 13 -17.11 0.52 -19.83
C TYR G 13 -16.26 -0.29 -18.85
N PRO G 14 -16.71 -0.45 -17.61
CA PRO G 14 -15.95 -1.24 -16.65
C PRO G 14 -15.88 -2.71 -17.09
N ALA G 15 -14.74 -3.32 -16.80
CA ALA G 15 -14.48 -4.70 -17.18
C ALA G 15 -13.17 -5.15 -16.51
N PRO G 16 -12.96 -6.45 -16.37
CA PRO G 16 -11.63 -6.94 -16.00
C PRO G 16 -10.65 -6.74 -17.14
N ALA G 17 -9.38 -6.56 -16.79
CA ALA G 17 -8.36 -6.30 -17.79
C ALA G 17 -6.99 -6.66 -17.23
N SER G 18 -6.05 -6.85 -18.16
CA SER G 18 -4.65 -7.08 -17.86
C SER G 18 -3.86 -6.89 -19.15
N ASN G 19 -2.72 -6.22 -19.05
CA ASN G 19 -1.90 -5.90 -20.21
C ASN G 19 -0.46 -6.29 -19.93
N TYR G 20 0.16 -6.99 -20.88
CA TYR G 20 1.58 -7.30 -20.77
C TYR G 20 2.36 -6.00 -20.68
N ARG G 21 3.00 -5.75 -19.53
CA ARG G 21 3.69 -4.49 -19.32
C ARG G 21 5.05 -4.64 -18.66
N GLY G 22 5.41 -5.81 -18.15
CA GLY G 22 6.67 -5.97 -17.46
C GLY G 22 7.87 -6.12 -18.37
N GLU G 23 7.89 -7.19 -19.16
CA GLU G 23 9.08 -7.60 -19.93
C GLU G 23 10.32 -7.64 -19.04
N SER G 24 10.13 -7.91 -17.75
CA SER G 24 11.21 -7.89 -16.78
C SER G 24 11.45 -9.25 -16.14
N GLU G 25 10.41 -9.89 -15.61
CA GLU G 25 10.54 -11.15 -14.92
C GLU G 25 9.49 -12.12 -15.41
N GLU G 26 9.76 -13.41 -15.22
CA GLU G 26 8.89 -14.47 -15.72
C GLU G 26 8.03 -15.10 -14.63
N ASN G 27 8.50 -15.15 -13.39
CA ASN G 27 7.75 -15.81 -12.33
C ASN G 27 6.44 -15.07 -12.04
N ARG G 28 6.47 -13.74 -12.07
CA ARG G 28 5.30 -12.93 -11.76
C ARG G 28 5.19 -11.80 -12.77
N SER G 29 3.97 -11.31 -12.96
CA SER G 29 3.68 -10.24 -13.90
C SER G 29 3.22 -9.00 -13.14
N VAL G 30 3.71 -7.84 -13.55
CA VAL G 30 3.39 -6.58 -12.89
C VAL G 30 2.70 -5.68 -13.91
N ILE G 31 1.68 -4.96 -13.45
CA ILE G 31 0.87 -4.13 -14.34
C ILE G 31 0.93 -2.67 -13.91
N GLN G 32 1.17 -2.43 -12.62
CA GLN G 32 1.09 -1.08 -12.07
C GLN G 32 2.23 -0.22 -12.60
N LYS G 33 1.91 0.99 -13.06
CA LYS G 33 2.89 1.88 -13.67
C LYS G 33 3.14 3.14 -12.84
N ILE G 34 2.11 3.95 -12.59
CA ILE G 34 2.27 5.24 -11.94
C ILE G 34 1.18 5.44 -10.89
N LEU G 35 1.51 6.21 -9.86
CA LEU G 35 0.65 6.44 -8.71
C LEU G 35 0.09 7.85 -8.73
N LYS G 36 -0.82 8.10 -7.79
CA LYS G 36 -1.42 9.41 -7.57
C LYS G 36 -1.59 9.62 -6.07
N ASP G 37 -1.29 10.83 -5.60
CA ASP G 37 -1.50 11.29 -4.23
C ASP G 37 -1.26 10.21 -3.18
N GLY G 38 -0.22 9.41 -3.35
CA GLY G 38 0.08 8.33 -2.44
C GLY G 38 -0.68 7.06 -2.70
N GLN G 39 -1.30 6.90 -3.86
CA GLN G 39 -2.07 5.71 -4.20
C GLN G 39 -1.79 5.30 -5.63
N LYS G 40 -1.65 3.99 -5.84
CA LYS G 40 -1.28 3.41 -7.14
C LYS G 40 -2.54 2.99 -7.88
N TYR G 41 -3.07 3.88 -8.73
CA TYR G 41 -4.26 3.55 -9.49
C TYR G 41 -4.18 4.06 -10.94
N ALA G 42 -3.03 3.87 -11.59
CA ALA G 42 -2.92 4.25 -12.99
C ALA G 42 -2.01 3.27 -13.74
N ILE G 43 -2.41 2.97 -14.98
CA ILE G 43 -1.76 1.97 -15.82
C ILE G 43 -1.76 2.50 -17.26
N ILE G 44 -1.19 1.70 -18.18
CA ILE G 44 -1.33 1.86 -19.63
C ILE G 44 -0.41 2.95 -20.16
N SER G 45 0.11 2.74 -21.40
CA SER G 45 1.09 3.54 -22.12
C SER G 45 0.41 4.48 -23.12
N PRO G 46 1.00 5.65 -23.39
CA PRO G 46 0.35 6.60 -24.31
C PRO G 46 0.75 6.43 -25.77
N GLU G 47 1.35 5.29 -26.13
CA GLU G 47 1.79 5.10 -27.50
C GLU G 47 1.29 3.81 -28.17
N SER G 48 0.70 2.87 -27.42
CA SER G 48 0.16 1.67 -28.05
C SER G 48 -1.04 2.00 -28.92
N MET G 49 -1.89 2.93 -28.47
CA MET G 49 -3.04 3.32 -29.27
C MET G 49 -2.63 3.95 -30.60
N ARG G 50 -1.43 4.49 -30.69
CA ARG G 50 -0.94 4.92 -32.00
C ARG G 50 -0.84 3.74 -32.96
N ASN G 51 -0.29 2.63 -32.49
CA ASN G 51 -0.23 1.42 -33.31
C ASN G 51 -1.62 0.90 -33.61
N ALA G 52 -2.54 0.97 -32.63
CA ALA G 52 -3.89 0.53 -32.87
C ALA G 52 -4.56 1.35 -33.97
N LEU G 53 -4.39 2.68 -33.92
CA LEU G 53 -4.92 3.55 -34.95
C LEU G 53 -4.30 3.24 -36.30
N ARG G 54 -3.00 2.99 -36.34
CA ARG G 54 -2.34 2.65 -37.60
C ARG G 54 -2.94 1.39 -38.19
N GLU G 55 -3.11 0.35 -37.37
CA GLU G 55 -3.68 -0.89 -37.86
C GLU G 55 -5.09 -0.68 -38.38
N MET G 56 -5.93 0.02 -37.60
CA MET G 56 -7.31 0.24 -38.02
C MET G 56 -7.38 1.03 -39.32
N LEU G 57 -6.51 2.04 -39.46
CA LEU G 57 -6.43 2.76 -40.73
C LEU G 57 -6.00 1.83 -41.85
N ILE G 58 -5.17 0.84 -41.55
CA ILE G 58 -4.80 -0.15 -42.56
C ILE G 58 -6.03 -0.93 -43.01
N GLU G 59 -6.87 -1.36 -42.07
CA GLU G 59 -8.06 -2.11 -42.46
C GLU G 59 -9.12 -1.26 -43.15
N LEU G 60 -8.99 0.06 -43.14
CA LEU G 60 -9.99 0.93 -43.73
C LEU G 60 -9.68 1.35 -45.16
N GLY G 61 -8.63 0.78 -45.76
CA GLY G 61 -8.35 1.00 -47.17
C GLY G 61 -7.34 2.09 -47.48
N GLN G 62 -6.79 2.77 -46.47
CA GLN G 62 -5.73 3.72 -46.69
C GLN G 62 -4.39 2.99 -46.84
N PRO G 63 -3.39 3.63 -47.46
CA PRO G 63 -2.19 2.91 -47.87
C PRO G 63 -1.47 2.22 -46.71
N ASN G 64 -0.90 1.05 -47.01
CA ASN G 64 -0.14 0.26 -46.05
C ASN G 64 1.33 0.70 -46.10
N ASN G 65 1.58 1.87 -45.53
CA ASN G 65 2.90 2.48 -45.65
C ASN G 65 3.93 1.79 -44.77
N ARG G 66 3.53 1.39 -43.56
CA ARG G 66 4.43 0.74 -42.62
C ARG G 66 3.69 -0.41 -41.97
N THR G 67 4.00 -1.63 -42.41
CA THR G 67 3.31 -2.83 -41.94
C THR G 67 4.24 -3.62 -41.02
N ARG G 68 3.74 -3.98 -39.85
CA ARG G 68 4.51 -4.77 -38.89
C ARG G 68 4.63 -6.19 -39.38
N LEU G 69 5.85 -6.71 -39.41
CA LEU G 69 6.12 -8.09 -39.81
C LEU G 69 6.75 -8.84 -38.64
N HIS G 70 6.36 -10.11 -38.49
CA HIS G 70 6.83 -10.96 -37.39
C HIS G 70 7.46 -12.23 -37.98
N SER G 71 8.75 -12.14 -38.27
CA SER G 71 9.53 -13.28 -38.76
C SER G 71 10.78 -13.53 -37.94
N GLU G 72 11.45 -12.48 -37.48
CA GLU G 72 12.64 -12.61 -36.66
C GLU G 72 12.26 -12.68 -35.18
N ASP G 73 13.24 -13.05 -34.35
CA ASP G 73 13.00 -13.11 -32.92
C ASP G 73 12.66 -11.74 -32.35
N GLN G 74 13.37 -10.71 -32.77
CA GLN G 74 13.06 -9.34 -32.36
C GLN G 74 12.23 -8.66 -33.43
N LEU G 75 11.22 -7.91 -32.99
CA LEU G 75 10.27 -7.30 -33.93
C LEU G 75 10.97 -6.27 -34.81
N ALA G 76 10.65 -6.32 -36.10
CA ALA G 76 11.15 -5.35 -37.08
C ALA G 76 10.01 -4.93 -37.97
N VAL G 77 10.00 -3.66 -38.37
CA VAL G 77 8.93 -3.09 -39.18
C VAL G 77 9.53 -2.63 -40.51
N GLU G 78 8.87 -3.01 -41.59
CA GLU G 78 9.34 -2.65 -42.93
C GLU G 78 8.93 -1.23 -43.28
N PHE G 79 9.29 -0.80 -44.48
CA PHE G 79 8.94 0.52 -44.96
C PHE G 79 8.76 0.48 -46.47
N LYS G 80 8.10 1.51 -47.00
CA LYS G 80 7.99 1.71 -48.43
C LYS G 80 9.28 2.35 -48.94
N GLU G 81 9.26 2.85 -50.17
CA GLU G 81 10.46 3.41 -50.77
C GLU G 81 11.01 4.57 -49.94
N TYR G 82 10.14 5.47 -49.50
CA TYR G 82 10.53 6.59 -48.65
C TYR G 82 9.29 7.26 -48.09
N PRO G 83 9.34 7.79 -46.87
CA PRO G 83 8.17 8.50 -46.33
C PRO G 83 7.86 9.76 -47.13
N ASN G 84 6.64 9.82 -47.67
CA ASN G 84 6.22 10.93 -48.53
C ASN G 84 4.82 11.37 -48.11
N PRO G 85 4.67 12.59 -47.58
CA PRO G 85 3.34 13.04 -47.13
C PRO G 85 2.41 13.52 -48.23
N ASP G 86 2.76 13.33 -49.50
CA ASP G 86 1.94 13.83 -50.60
C ASP G 86 1.38 12.72 -51.48
N LYS G 87 2.22 11.78 -51.91
CA LYS G 87 1.74 10.67 -52.74
C LYS G 87 0.75 9.80 -52.01
N PHE G 88 0.79 9.81 -50.68
CA PHE G 88 -0.01 8.90 -49.86
C PHE G 88 -0.13 9.48 -48.46
N ALA G 89 -0.93 8.81 -47.63
CA ALA G 89 -1.27 9.35 -46.32
C ALA G 89 -0.06 9.47 -45.39
N ASP G 90 1.01 8.74 -45.67
CA ASP G 90 2.24 8.79 -44.88
C ASP G 90 1.94 8.56 -43.40
N ASP G 91 1.07 7.59 -43.12
CA ASP G 91 0.61 7.30 -41.77
C ASP G 91 0.10 8.58 -41.10
N PHE G 92 -0.89 9.20 -41.75
CA PHE G 92 -1.41 10.51 -41.35
C PHE G 92 -0.28 11.55 -41.40
N LEU G 93 0.47 11.52 -42.50
CA LEU G 93 1.55 12.47 -42.75
C LEU G 93 2.57 12.47 -41.61
N PHE G 94 3.18 11.30 -41.39
CA PHE G 94 4.12 11.09 -40.30
C PHE G 94 5.53 10.83 -40.83
N GLY G 95 5.95 11.57 -41.85
CA GLY G 95 7.34 11.51 -42.25
C GLY G 95 8.23 12.05 -41.15
N TYR G 96 8.94 11.17 -40.48
CA TYR G 96 9.60 11.49 -39.22
C TYR G 96 11.11 11.61 -39.44
N MET G 97 11.82 11.85 -38.33
CA MET G 97 13.25 12.09 -38.38
C MET G 97 13.99 10.87 -38.90
N VAL G 98 14.97 11.11 -39.78
CA VAL G 98 15.86 10.07 -40.29
C VAL G 98 17.27 10.58 -40.03
N ALA G 99 17.84 10.20 -38.89
CA ALA G 99 19.16 10.65 -38.49
C ALA G 99 20.18 9.57 -38.82
N GLN G 100 20.99 9.80 -39.85
CA GLN G 100 22.01 8.84 -40.24
C GLN G 100 23.16 9.60 -40.90
N THR G 101 24.33 8.97 -40.87
CA THR G 101 25.53 9.57 -41.45
C THR G 101 25.54 9.52 -42.97
N ASN G 102 24.73 8.66 -43.59
CA ASN G 102 24.69 8.58 -45.04
C ASN G 102 24.26 9.90 -45.67
N ASP G 103 23.37 10.62 -45.01
CA ASP G 103 22.79 11.87 -45.51
C ASP G 103 22.16 11.55 -46.86
N ALA G 104 22.41 12.35 -47.91
CA ALA G 104 21.84 12.12 -49.24
C ALA G 104 20.32 11.95 -49.17
N LYS G 105 19.70 12.72 -48.28
CA LYS G 105 18.26 12.65 -48.11
C LYS G 105 17.54 13.29 -49.29
N GLU G 106 16.23 13.10 -49.34
CA GLU G 106 15.43 13.64 -50.43
C GLU G 106 15.37 15.16 -50.43
N MET G 107 15.82 15.82 -49.35
CA MET G 107 15.81 17.27 -49.33
C MET G 107 16.63 17.85 -50.47
N LYS G 108 17.71 17.17 -50.87
CA LYS G 108 18.50 17.60 -52.02
C LYS G 108 18.05 16.94 -53.32
N LYS G 109 17.16 15.96 -53.28
CA LYS G 109 16.67 15.31 -54.48
C LYS G 109 15.17 15.51 -54.70
N LEU G 110 14.35 15.20 -53.71
CA LEU G 110 12.90 15.41 -53.79
C LEU G 110 12.46 16.64 -53.02
N ASN G 111 13.41 17.42 -52.48
CA ASN G 111 13.11 18.61 -51.68
C ASN G 111 12.21 18.27 -50.50
N ARG G 112 12.49 17.14 -49.85
CA ARG G 112 11.74 16.71 -48.68
C ARG G 112 12.57 16.97 -47.43
N PRO G 113 12.22 17.93 -46.58
CA PRO G 113 13.04 18.23 -45.40
C PRO G 113 12.97 17.19 -44.31
N ALA G 114 12.28 16.06 -44.54
CA ALA G 114 12.08 15.00 -43.56
C ALA G 114 11.32 15.48 -42.32
N LYS G 115 10.71 16.66 -42.38
CA LYS G 115 10.01 17.20 -41.23
C LYS G 115 8.63 16.56 -41.08
N ARG G 116 8.17 16.48 -39.84
CA ARG G 116 6.92 15.81 -39.52
C ARG G 116 5.72 16.72 -39.71
N ASP G 117 4.56 16.10 -39.85
CA ASP G 117 3.27 16.75 -39.72
C ASP G 117 2.52 15.98 -38.63
N SER G 118 2.76 16.35 -37.37
CA SER G 118 2.19 15.63 -36.25
C SER G 118 0.67 15.73 -36.25
N ILE G 119 0.16 16.93 -36.00
CA ILE G 119 -1.28 17.23 -36.06
C ILE G 119 -2.05 16.22 -35.22
N PHE G 120 -1.49 15.84 -34.07
CA PHE G 120 -2.17 14.91 -33.18
C PHE G 120 -1.61 15.05 -31.78
N ARG G 121 -2.46 14.80 -30.79
CA ARG G 121 -2.09 14.90 -29.39
C ARG G 121 -2.82 13.82 -28.60
N CYS G 122 -2.09 13.11 -27.75
CA CYS G 122 -2.68 12.04 -26.95
C CYS G 122 -1.87 11.88 -25.66
N ASN G 123 -2.51 11.29 -24.66
CA ASN G 123 -1.89 11.14 -23.35
C ASN G 123 -2.21 9.77 -22.79
N MET G 124 -1.45 9.37 -21.77
CA MET G 124 -1.63 8.06 -21.17
C MET G 124 -2.93 8.01 -20.36
N ALA G 125 -3.60 6.85 -20.41
CA ALA G 125 -4.82 6.66 -19.66
C ALA G 125 -4.53 6.44 -18.18
N VAL G 126 -5.55 6.64 -17.36
CA VAL G 126 -5.45 6.50 -15.91
C VAL G 126 -6.68 5.76 -15.40
N ALA G 127 -6.48 4.74 -14.58
CA ALA G 127 -7.56 3.96 -14.02
C ALA G 127 -8.25 4.72 -12.88
N VAL G 128 -9.26 4.10 -12.28
CA VAL G 128 -10.01 4.72 -11.19
C VAL G 128 -10.12 3.78 -10.00
N ASN G 129 -9.36 2.68 -10.00
CA ASN G 129 -9.41 1.71 -8.92
C ASN G 129 -7.99 1.38 -8.49
N PRO G 130 -7.70 1.36 -7.18
CA PRO G 130 -6.31 1.34 -6.72
C PRO G 130 -5.70 -0.03 -6.46
N TYR G 131 -6.51 -1.07 -6.34
CA TYR G 131 -6.02 -2.34 -5.84
C TYR G 131 -5.40 -3.17 -6.96
N LYS G 132 -4.14 -3.54 -6.79
CA LYS G 132 -3.39 -4.37 -7.72
C LYS G 132 -2.62 -5.46 -6.99
N TYR G 133 -3.30 -6.17 -6.09
CA TYR G 133 -2.68 -7.21 -5.28
C TYR G 133 -3.53 -8.47 -5.25
N ASP G 134 -3.96 -8.92 -6.43
CA ASP G 134 -4.71 -10.15 -6.58
C ASP G 134 -4.09 -11.00 -7.69
N THR G 135 -4.21 -12.32 -7.56
CA THR G 135 -3.62 -13.27 -8.48
C THR G 135 -4.69 -14.22 -9.00
N VAL G 136 -4.30 -15.09 -9.94
CA VAL G 136 -5.23 -16.06 -10.52
C VAL G 136 -4.68 -17.48 -10.38
N PHE G 137 -3.35 -17.60 -10.30
CA PHE G 137 -2.67 -18.86 -10.03
C PHE G 137 -3.03 -19.93 -11.06
N TYR G 138 -2.61 -19.68 -12.30
CA TYR G 138 -2.68 -20.68 -13.34
C TYR G 138 -1.40 -21.50 -13.33
N GLN G 139 -1.20 -22.35 -14.34
CA GLN G 139 0.01 -23.16 -14.39
C GLN G 139 0.28 -23.59 -15.82
N SER G 140 1.52 -24.02 -16.07
CA SER G 140 1.96 -24.50 -17.36
C SER G 140 2.46 -25.93 -17.24
N PRO G 141 2.17 -26.78 -18.22
CA PRO G 141 2.55 -28.20 -18.13
C PRO G 141 3.87 -28.49 -18.82
N LEU G 142 4.34 -29.72 -18.60
CA LEU G 142 5.47 -30.27 -19.33
C LEU G 142 4.94 -31.31 -20.32
N ASN G 143 5.34 -31.17 -21.58
CA ASN G 143 4.81 -32.05 -22.61
C ASN G 143 5.24 -33.50 -22.39
N ALA G 144 6.55 -33.77 -22.45
CA ALA G 144 7.08 -35.11 -22.21
C ALA G 144 6.36 -36.18 -23.02
N GLY G 145 5.87 -35.80 -24.21
CA GLY G 145 5.09 -36.72 -25.02
C GLY G 145 5.92 -37.40 -26.09
N ASP G 146 7.24 -37.40 -25.90
CA ASP G 146 8.20 -37.99 -26.84
C ASP G 146 8.13 -37.33 -28.22
N SER G 147 7.70 -36.07 -28.27
CA SER G 147 7.65 -35.33 -29.52
C SER G 147 9.02 -34.77 -29.86
N ALA G 148 9.17 -34.34 -31.11
CA ALA G 148 10.44 -33.81 -31.60
C ALA G 148 10.83 -32.49 -30.94
N TRP G 149 9.91 -31.82 -30.26
CA TRP G 149 10.17 -30.52 -29.67
C TRP G 149 9.75 -30.51 -28.21
N LYS G 150 10.66 -30.09 -27.33
CA LYS G 150 10.37 -29.89 -25.92
C LYS G 150 10.49 -28.40 -25.63
N ASN G 151 9.45 -27.83 -25.03
CA ASN G 151 9.42 -26.39 -24.83
C ASN G 151 10.36 -25.96 -23.71
N SER G 152 10.09 -26.41 -22.49
CA SER G 152 10.86 -26.00 -21.32
C SER G 152 11.53 -27.13 -20.58
N THR G 153 11.09 -28.38 -20.80
CA THR G 153 11.63 -29.54 -20.09
C THR G 153 11.53 -29.35 -18.58
N SER G 154 10.41 -28.81 -18.14
CA SER G 154 10.17 -28.55 -16.72
C SER G 154 8.69 -28.22 -16.54
N SER G 155 8.28 -28.10 -15.28
CA SER G 155 6.92 -27.69 -14.93
C SER G 155 7.00 -26.57 -13.91
N ALA G 156 6.11 -25.60 -14.04
CA ALA G 156 6.14 -24.41 -13.19
C ALA G 156 4.73 -24.07 -12.74
N LEU G 157 4.65 -23.37 -11.61
CA LEU G 157 3.40 -22.89 -11.03
C LEU G 157 3.49 -21.38 -10.94
N LEU G 158 3.14 -20.69 -12.03
CA LEU G 158 3.28 -19.25 -12.13
C LEU G 158 1.90 -18.61 -12.23
N HIS G 159 1.76 -17.44 -11.61
CA HIS G 159 0.48 -16.75 -11.49
C HIS G 159 0.53 -15.40 -12.18
N ARG G 160 -0.66 -14.83 -12.38
CA ARG G 160 -0.83 -13.58 -13.12
C ARG G 160 -1.74 -12.65 -12.32
N GLU G 161 -1.69 -11.36 -12.66
CA GLU G 161 -2.46 -10.34 -11.97
C GLU G 161 -3.42 -9.66 -12.95
N VAL G 162 -4.65 -9.45 -12.50
CA VAL G 162 -5.69 -8.79 -13.28
C VAL G 162 -6.37 -7.74 -12.42
N THR G 163 -7.05 -6.80 -13.07
CA THR G 163 -7.76 -5.76 -12.34
C THR G 163 -9.02 -5.38 -13.09
N HIS G 164 -10.12 -5.23 -12.36
CA HIS G 164 -11.40 -4.85 -12.94
C HIS G 164 -11.58 -3.34 -12.78
N THR G 165 -11.48 -2.60 -13.88
CA THR G 165 -11.50 -1.15 -13.78
C THR G 165 -11.95 -0.55 -15.12
N ALA G 166 -12.56 0.63 -15.02
CA ALA G 166 -12.81 1.49 -16.17
C ALA G 166 -11.90 2.72 -16.07
N PHE G 167 -11.44 3.20 -17.21
CA PHE G 167 -10.43 4.25 -17.23
C PHE G 167 -10.70 5.25 -18.35
N GLN G 168 -10.28 6.48 -18.12
CA GLN G 168 -10.54 7.61 -19.02
C GLN G 168 -9.35 7.86 -19.93
N TYR G 169 -9.58 8.71 -20.94
CA TYR G 169 -8.62 8.96 -22.00
C TYR G 169 -8.84 10.35 -22.61
N PRO G 170 -7.89 11.26 -22.49
CA PRO G 170 -7.99 12.55 -23.18
C PRO G 170 -7.21 12.56 -24.50
N PHE G 171 -7.59 13.49 -25.38
CA PHE G 171 -6.82 13.70 -26.59
C PHE G 171 -7.15 15.07 -27.16
N ALA G 172 -6.25 15.56 -28.02
CA ALA G 172 -6.41 16.84 -28.68
C ALA G 172 -5.95 16.71 -30.13
N LEU G 173 -6.53 17.54 -30.99
CA LEU G 173 -6.13 17.58 -32.40
C LEU G 173 -5.56 18.93 -32.78
N ALA G 174 -6.34 20.01 -32.64
CA ALA G 174 -5.86 21.38 -32.86
C ALA G 174 -5.17 21.54 -34.21
N GLY G 175 -5.81 20.99 -35.24
CA GLY G 175 -5.27 21.03 -36.58
C GLY G 175 -6.03 21.98 -37.50
N LYS G 176 -5.80 21.81 -38.79
CA LYS G 176 -6.44 22.64 -39.80
C LYS G 176 -6.48 21.88 -41.11
N ASP G 177 -7.50 22.18 -41.91
CA ASP G 177 -7.67 21.51 -43.19
C ASP G 177 -6.58 21.92 -44.18
N CYS G 178 -6.11 20.95 -44.96
CA CYS G 178 -5.10 21.17 -45.99
C CYS G 178 -5.38 20.22 -47.14
N ALA G 179 -4.40 20.04 -48.02
CA ALA G 179 -4.56 19.17 -49.17
C ALA G 179 -4.75 17.72 -48.73
N ALA G 180 -5.74 17.06 -49.34
CA ALA G 180 -6.06 15.65 -49.11
C ALA G 180 -6.43 15.36 -47.65
N LYS G 181 -6.62 16.38 -46.83
CA LYS G 181 -6.90 16.22 -45.42
C LYS G 181 -8.35 15.80 -45.11
N PRO G 182 -9.37 16.43 -45.71
CA PRO G 182 -10.75 16.15 -45.24
C PRO G 182 -11.11 14.68 -45.25
N GLU G 183 -10.75 13.95 -46.31
CA GLU G 183 -11.01 12.51 -46.32
C GLU G 183 -10.23 11.80 -45.22
N TRP G 184 -8.97 12.18 -45.03
CA TRP G 184 -8.13 11.49 -44.05
C TRP G 184 -8.56 11.81 -42.62
N VAL G 185 -8.87 13.08 -42.33
CA VAL G 185 -9.33 13.43 -40.99
C VAL G 185 -10.70 12.82 -40.73
N LYS G 186 -11.56 12.76 -41.75
CA LYS G 186 -12.85 12.11 -41.59
C LYS G 186 -12.69 10.63 -41.29
N ALA G 187 -11.75 9.97 -41.99
CA ALA G 187 -11.47 8.56 -41.72
C ALA G 187 -10.92 8.37 -40.32
N LEU G 188 -10.06 9.29 -39.87
CA LEU G 188 -9.54 9.20 -38.51
C LEU G 188 -10.64 9.33 -37.47
N LEU G 189 -11.56 10.27 -37.67
CA LEU G 189 -12.67 10.43 -36.74
C LEU G 189 -13.62 9.23 -36.80
N GLN G 190 -13.78 8.62 -37.98
CA GLN G 190 -14.58 7.41 -38.08
C GLN G 190 -13.92 6.26 -37.31
N ALA G 191 -12.60 6.12 -37.44
CA ALA G 191 -11.89 5.00 -36.85
C ALA G 191 -11.74 5.14 -35.34
N ILE G 192 -11.63 6.36 -34.82
CA ILE G 192 -11.47 6.54 -33.39
C ILE G 192 -12.71 6.08 -32.63
N ALA G 193 -13.86 5.97 -33.31
CA ALA G 193 -15.07 5.54 -32.65
C ALA G 193 -14.96 4.10 -32.15
N GLU G 194 -14.39 3.21 -32.95
CA GLU G 194 -14.31 1.80 -32.56
C GLU G 194 -13.13 1.56 -31.62
N LEU G 195 -11.91 1.78 -32.12
CA LEU G 195 -10.68 1.68 -31.33
C LEU G 195 -10.59 0.32 -30.62
N ASN G 196 -10.48 -0.72 -31.45
CA ASN G 196 -10.34 -2.08 -30.96
C ASN G 196 -8.91 -2.57 -31.18
N GLY G 197 -8.60 -3.72 -30.60
CA GLY G 197 -7.27 -4.29 -30.73
C GLY G 197 -6.18 -3.50 -30.05
N VAL G 198 -6.42 -3.03 -28.83
CA VAL G 198 -5.43 -2.25 -28.10
C VAL G 198 -4.47 -3.19 -27.38
N ALA G 199 -3.23 -2.74 -27.22
CA ALA G 199 -2.19 -3.48 -26.49
C ALA G 199 -1.93 -4.84 -27.13
N GLY G 200 -1.90 -4.88 -28.46
CA GLY G 200 -1.56 -6.09 -29.17
C GLY G 200 -2.62 -7.18 -29.05
N GLY G 201 -2.21 -8.40 -29.35
CA GLY G 201 -3.11 -9.54 -29.27
C GLY G 201 -3.29 -10.00 -27.83
N HIS G 202 -4.51 -10.45 -27.53
CA HIS G 202 -4.82 -10.95 -26.19
C HIS G 202 -5.96 -11.96 -26.33
N ALA G 203 -5.60 -13.25 -26.36
CA ALA G 203 -6.59 -14.31 -26.52
C ALA G 203 -7.18 -14.79 -25.20
N ARG G 204 -6.61 -14.37 -24.07
CA ARG G 204 -7.12 -14.76 -22.76
C ARG G 204 -7.90 -13.67 -22.05
N ALA G 205 -7.51 -12.41 -22.21
CA ALA G 205 -8.26 -11.27 -21.70
C ALA G 205 -8.69 -10.41 -22.87
N TYR G 206 -9.98 -10.08 -22.92
CA TYR G 206 -10.56 -9.37 -24.06
C TYR G 206 -11.13 -8.05 -23.56
N TYR G 207 -10.62 -6.95 -24.09
CA TYR G 207 -11.01 -5.62 -23.63
C TYR G 207 -11.31 -4.75 -24.85
N GLU G 208 -12.15 -3.74 -24.63
CA GLU G 208 -12.61 -2.87 -25.69
C GLU G 208 -12.44 -1.41 -25.25
N PHE G 209 -12.25 -0.54 -26.24
CA PHE G 209 -12.16 0.89 -26.00
C PHE G 209 -13.37 1.63 -26.58
N ALA G 210 -14.52 0.97 -26.60
CA ALA G 210 -15.74 1.61 -27.08
C ALA G 210 -16.09 2.76 -26.14
N PRO G 211 -16.22 3.99 -26.64
CA PRO G 211 -16.38 5.14 -25.76
C PRO G 211 -17.82 5.39 -25.35
N ARG G 212 -18.00 5.71 -24.07
CA ARG G 212 -19.26 6.21 -23.54
C ARG G 212 -19.00 7.52 -22.81
N SER G 213 -20.00 8.39 -22.84
CA SER G 213 -19.92 9.72 -22.22
C SER G 213 -18.74 10.51 -22.76
N VAL G 214 -18.61 10.50 -24.09
CA VAL G 214 -17.61 11.33 -24.75
C VAL G 214 -17.98 12.79 -24.61
N VAL G 215 -17.00 13.64 -24.33
CA VAL G 215 -17.23 15.08 -24.27
C VAL G 215 -16.10 15.81 -24.99
N ALA G 216 -16.45 16.68 -25.93
CA ALA G 216 -15.51 17.51 -26.65
C ALA G 216 -15.75 18.96 -26.28
N ARG G 217 -14.68 19.76 -26.23
CA ARG G 217 -14.75 21.09 -25.67
C ARG G 217 -14.22 22.13 -26.64
N LEU G 218 -14.94 23.26 -26.70
CA LEU G 218 -14.45 24.49 -27.32
C LEU G 218 -13.97 24.27 -28.75
N THR G 219 -14.80 23.60 -29.55
CA THR G 219 -14.42 23.31 -30.93
C THR G 219 -14.13 24.55 -31.76
N PRO G 220 -14.95 25.63 -31.73
CA PRO G 220 -14.63 26.78 -32.58
C PRO G 220 -13.58 27.72 -32.00
N LYS G 221 -13.59 27.88 -30.67
CA LYS G 221 -12.75 28.84 -30.00
C LYS G 221 -11.32 28.32 -29.85
N LEU G 222 -10.41 29.23 -29.52
CA LEU G 222 -9.02 28.89 -29.29
C LEU G 222 -8.88 28.04 -28.01
N VAL G 223 -7.65 27.65 -27.71
CA VAL G 223 -7.40 26.75 -26.59
C VAL G 223 -7.72 27.47 -25.27
N ALA G 224 -8.79 27.02 -24.61
CA ALA G 224 -9.15 27.57 -23.31
C ALA G 224 -9.62 26.49 -22.34
N GLY G 225 -9.56 25.21 -22.73
CA GLY G 225 -10.10 24.16 -21.88
C GLY G 225 -9.25 23.94 -20.64
N TYR G 226 -9.84 23.25 -19.67
CA TYR G 226 -9.18 22.97 -18.42
C TYR G 226 -9.78 21.72 -17.78
N GLN G 227 -8.95 21.01 -17.01
CA GLN G 227 -9.37 19.81 -16.28
C GLN G 227 -9.92 18.75 -17.23
N THR G 228 -9.04 18.26 -18.10
CA THR G 228 -9.42 17.20 -19.04
C THR G 228 -9.77 15.90 -18.31
N TYR G 229 -9.11 15.62 -17.20
CA TYR G 229 -9.34 14.40 -16.43
C TYR G 229 -10.51 14.52 -15.45
N GLY G 230 -11.42 15.45 -15.69
CA GLY G 230 -12.45 15.78 -14.72
C GLY G 230 -13.41 14.67 -14.35
N PHE G 231 -14.26 14.25 -15.29
CA PHE G 231 -15.31 13.31 -14.96
C PHE G 231 -14.74 11.93 -14.66
N ASP G 232 -15.19 11.33 -13.56
CA ASP G 232 -14.68 10.05 -13.10
C ASP G 232 -15.65 9.50 -12.05
N ALA G 233 -15.28 8.36 -11.47
CA ALA G 233 -16.07 7.71 -10.43
C ALA G 233 -17.50 7.47 -10.89
N GLU G 234 -17.63 6.98 -12.13
CA GLU G 234 -18.92 6.73 -12.79
C GLU G 234 -19.92 7.85 -12.55
N GLY G 235 -19.44 9.07 -12.38
CA GLY G 235 -20.28 10.21 -12.10
C GLY G 235 -20.02 11.34 -13.09
N ASN G 236 -21.08 12.00 -13.51
CA ASN G 236 -20.95 13.17 -14.39
C ASN G 236 -20.28 14.31 -13.64
N TRP G 237 -19.41 15.03 -14.35
CA TRP G 237 -18.75 16.21 -13.79
C TRP G 237 -18.76 17.42 -14.70
N LEU G 238 -18.94 17.25 -16.02
CA LEU G 238 -18.92 18.41 -16.91
C LEU G 238 -20.19 19.24 -16.81
N GLU G 239 -21.25 18.71 -16.20
CA GLU G 239 -22.47 19.50 -16.06
C GLU G 239 -22.27 20.69 -15.12
N LEU G 240 -21.51 20.52 -14.04
CA LEU G 240 -21.15 21.66 -13.20
C LEU G 240 -20.05 22.50 -13.84
N SER G 241 -19.24 21.91 -14.72
CA SER G 241 -18.27 22.69 -15.47
C SER G 241 -18.98 23.70 -16.38
N ARG G 242 -20.06 23.28 -17.04
CA ARG G 242 -20.90 24.22 -17.76
C ARG G 242 -21.48 25.28 -16.85
N LEU G 243 -21.78 24.93 -15.60
CA LEU G 243 -22.25 25.94 -14.65
C LEU G 243 -21.18 26.96 -14.34
N THR G 244 -19.93 26.53 -14.19
CA THR G 244 -18.87 27.43 -13.76
C THR G 244 -18.02 27.98 -14.91
N ALA G 245 -17.91 27.25 -16.01
CA ALA G 245 -17.15 27.71 -17.18
C ALA G 245 -18.12 27.90 -18.33
N THR G 246 -18.15 29.11 -18.88
CA THR G 246 -19.09 29.48 -19.94
C THR G 246 -20.51 29.11 -19.55
N ASP G 247 -20.98 29.77 -18.49
CA ASP G 247 -22.27 29.45 -17.89
C ASP G 247 -23.39 29.53 -18.93
N SER G 248 -24.38 28.65 -18.79
CA SER G 248 -25.40 28.48 -19.81
C SER G 248 -26.09 29.81 -20.14
N ASP G 249 -26.50 30.55 -19.12
CA ASP G 249 -27.10 31.85 -19.34
C ASP G 249 -26.02 32.86 -19.74
N ASN G 250 -26.38 33.78 -20.63
CA ASN G 250 -25.46 34.83 -21.08
C ASN G 250 -25.65 36.10 -20.25
N LEU G 251 -25.57 35.97 -18.93
CA LEU G 251 -25.77 37.09 -18.01
C LEU G 251 -24.49 37.49 -17.29
N ASP G 252 -23.84 36.55 -16.62
CA ASP G 252 -22.56 36.80 -15.98
C ASP G 252 -21.40 36.07 -16.62
N LEU G 253 -21.67 35.03 -17.41
CA LEU G 253 -20.63 34.30 -18.12
C LEU G 253 -21.25 33.64 -19.35
N PRO G 254 -21.09 34.23 -20.53
CA PRO G 254 -21.74 33.67 -21.73
C PRO G 254 -21.25 32.26 -22.02
N ALA G 255 -22.16 31.43 -22.54
CA ALA G 255 -21.91 30.02 -22.73
C ALA G 255 -21.09 29.79 -24.00
N ASN G 256 -20.96 28.52 -24.38
CA ASN G 256 -20.16 28.15 -25.54
C ASN G 256 -20.73 26.88 -26.16
N GLU G 257 -20.34 26.62 -27.40
CA GLU G 257 -20.82 25.45 -28.14
C GLU G 257 -20.12 24.20 -27.62
N PHE G 258 -20.86 23.33 -26.95
CA PHE G 258 -20.35 22.06 -26.46
C PHE G 258 -21.08 20.91 -27.13
N TRP G 259 -20.43 19.74 -27.11
CA TRP G 259 -21.00 18.52 -27.64
C TRP G 259 -20.87 17.44 -26.59
N LEU G 260 -21.98 16.80 -26.24
CA LEU G 260 -22.04 15.85 -25.13
C LEU G 260 -22.36 14.46 -25.63
N GLY G 261 -21.92 13.45 -24.88
CA GLY G 261 -22.08 12.07 -25.27
C GLY G 261 -23.44 11.51 -24.88
N GLY G 262 -23.49 10.18 -24.78
CA GLY G 262 -24.75 9.50 -24.55
C GLY G 262 -25.04 9.13 -23.11
N GLU G 263 -24.02 8.69 -22.37
CA GLU G 263 -24.25 8.24 -21.00
C GLU G 263 -24.72 9.40 -20.12
N LEU G 264 -24.15 10.60 -20.30
CA LEU G 264 -24.51 11.72 -19.46
C LEU G 264 -25.95 12.18 -19.67
N VAL G 265 -26.59 11.76 -20.75
CA VAL G 265 -27.97 12.11 -21.02
C VAL G 265 -28.91 10.92 -21.01
N ARG G 266 -28.39 9.69 -21.07
CA ARG G 266 -29.25 8.52 -21.04
C ARG G 266 -29.97 8.39 -19.71
N LYS G 267 -29.23 8.52 -18.61
CA LYS G 267 -29.79 8.41 -17.26
C LYS G 267 -29.50 9.72 -16.51
N MET G 268 -30.38 10.69 -16.70
CA MET G 268 -30.22 12.00 -16.10
C MET G 268 -31.58 12.69 -16.15
N ASP G 269 -31.75 13.72 -15.32
CA ASP G 269 -33.06 14.33 -15.11
C ASP G 269 -33.67 14.82 -16.41
N GLN G 270 -34.94 14.48 -16.63
CA GLN G 270 -35.64 14.91 -17.84
C GLN G 270 -35.77 16.42 -17.90
N GLU G 271 -36.09 17.05 -16.77
CA GLU G 271 -36.26 18.50 -16.75
C GLU G 271 -34.96 19.22 -17.12
N GLN G 272 -33.81 18.61 -16.85
CA GLN G 272 -32.54 19.25 -17.14
C GLN G 272 -32.32 19.43 -18.64
N LYS G 273 -32.79 18.47 -19.45
CA LYS G 273 -32.69 18.61 -20.90
C LYS G 273 -33.36 19.89 -21.36
N ALA G 274 -34.60 20.13 -20.90
CA ALA G 274 -35.29 21.37 -21.23
C ALA G 274 -34.58 22.58 -20.64
N GLN G 275 -34.09 22.46 -19.40
CA GLN G 275 -33.39 23.57 -18.77
C GLN G 275 -32.12 23.92 -19.52
N LEU G 276 -31.34 22.91 -19.93
CA LEU G 276 -30.11 23.14 -20.67
C LEU G 276 -30.47 23.35 -22.14
N GLU G 277 -31.06 24.52 -22.40
CA GLU G 277 -31.49 24.86 -23.75
C GLU G 277 -31.22 26.32 -24.08
N ALA G 278 -30.21 26.92 -23.44
CA ALA G 278 -29.82 28.28 -23.81
C ALA G 278 -29.39 28.35 -25.27
N MET G 279 -28.59 27.37 -25.69
CA MET G 279 -28.32 27.13 -27.10
C MET G 279 -28.69 25.71 -27.52
N GLY G 280 -29.11 24.87 -26.58
CA GLY G 280 -29.39 23.48 -26.85
C GLY G 280 -28.20 22.56 -26.82
N ALA G 281 -26.97 23.12 -26.80
CA ALA G 281 -25.74 22.34 -26.84
C ALA G 281 -25.79 21.30 -27.96
N HIS G 282 -25.34 20.09 -27.67
CA HIS G 282 -25.39 18.99 -28.64
C HIS G 282 -25.57 17.70 -27.85
N LEU G 283 -26.79 17.21 -27.79
CA LEU G 283 -27.14 16.02 -27.02
C LEU G 283 -27.43 14.87 -27.97
N TYR G 284 -26.78 13.73 -27.72
CA TYR G 284 -26.91 12.57 -28.59
C TYR G 284 -27.01 11.32 -27.74
N ALA G 285 -27.65 10.29 -28.30
CA ALA G 285 -27.83 9.02 -27.60
C ALA G 285 -26.62 8.11 -27.79
N ASN G 286 -26.27 7.80 -29.03
CA ASN G 286 -25.06 7.00 -29.18
C ASN G 286 -23.88 7.88 -29.55
N PRO G 287 -22.72 7.63 -28.93
CA PRO G 287 -21.56 8.50 -29.19
C PRO G 287 -21.13 8.50 -30.65
N GLU G 288 -21.24 7.38 -31.35
CA GLU G 288 -20.78 7.33 -32.74
C GLU G 288 -21.57 8.27 -33.63
N LYS G 289 -22.83 8.56 -33.27
CA LYS G 289 -23.65 9.44 -34.09
C LYS G 289 -23.07 10.85 -34.16
N LEU G 290 -22.57 11.36 -33.03
CA LEU G 290 -22.18 12.76 -32.98
C LEU G 290 -20.83 13.02 -33.64
N PHE G 291 -19.98 12.01 -33.79
CA PHE G 291 -18.67 12.24 -34.38
C PHE G 291 -18.77 12.67 -35.84
N ALA G 292 -19.69 12.07 -36.60
CA ALA G 292 -19.84 12.47 -38.00
C ALA G 292 -20.26 13.93 -38.11
N ASP G 293 -21.24 14.34 -37.31
CA ASP G 293 -21.69 15.73 -37.35
C ASP G 293 -20.60 16.68 -36.87
N LEU G 294 -19.85 16.29 -35.83
CA LEU G 294 -18.77 17.13 -35.34
C LEU G 294 -17.67 17.30 -36.39
N ALA G 295 -17.33 16.20 -37.08
CA ALA G 295 -16.34 16.30 -38.15
C ALA G 295 -16.85 17.19 -39.28
N ASP G 296 -18.12 17.05 -39.64
CA ASP G 296 -18.70 17.90 -40.67
C ASP G 296 -18.62 19.37 -40.28
N SER G 297 -18.96 19.69 -39.03
CA SER G 297 -18.98 21.08 -38.60
C SER G 297 -17.57 21.67 -38.51
N PHE G 298 -16.66 20.96 -37.83
CA PHE G 298 -15.31 21.48 -37.64
C PHE G 298 -14.55 21.53 -38.96
N LEU G 299 -14.63 20.47 -39.76
CA LEU G 299 -13.95 20.45 -41.05
C LEU G 299 -14.52 21.49 -42.00
N GLY G 300 -15.78 21.87 -41.82
CA GLY G 300 -16.43 22.82 -42.69
C GLY G 300 -17.11 22.21 -43.91
N VAL G 301 -17.01 20.90 -44.10
CA VAL G 301 -17.64 20.25 -45.25
C VAL G 301 -17.88 18.77 -44.91
N ASN H 3 -17.17 -7.32 -44.33
CA ASN H 3 -17.39 -8.68 -43.85
C ASN H 3 -18.17 -8.65 -42.54
N LEU H 4 -18.73 -9.79 -42.16
CA LEU H 4 -19.54 -9.86 -40.95
C LEU H 4 -18.70 -10.28 -39.76
N ASN H 5 -19.00 -9.66 -38.60
CA ASN H 5 -18.34 -9.99 -37.35
C ASN H 5 -19.40 -10.12 -36.26
N LEU H 6 -19.34 -11.20 -35.50
CA LEU H 6 -20.35 -11.48 -34.49
C LEU H 6 -19.70 -11.73 -33.14
N PHE H 7 -20.45 -11.46 -32.08
CA PHE H 7 -19.99 -11.65 -30.71
C PHE H 7 -21.20 -11.67 -29.79
N ALA H 8 -21.14 -12.50 -28.74
CA ALA H 8 -22.32 -12.82 -27.96
C ALA H 8 -21.99 -12.93 -26.48
N THR H 9 -23.05 -13.04 -25.68
CA THR H 9 -22.97 -13.24 -24.25
C THR H 9 -24.04 -14.23 -23.81
N ILE H 10 -23.72 -14.99 -22.77
CA ILE H 10 -24.57 -16.06 -22.26
C ILE H 10 -24.55 -16.03 -20.74
N LEU H 11 -25.45 -16.82 -20.14
CA LEU H 11 -25.37 -17.13 -18.72
C LEU H 11 -25.99 -18.50 -18.48
N THR H 12 -25.65 -19.10 -17.35
CA THR H 12 -26.12 -20.43 -17.00
C THR H 12 -27.18 -20.35 -15.90
N TYR H 13 -27.81 -21.50 -15.64
CA TYR H 13 -28.84 -21.57 -14.62
C TYR H 13 -28.21 -21.54 -13.22
N PRO H 14 -28.90 -20.97 -12.25
CA PRO H 14 -28.37 -20.95 -10.88
C PRO H 14 -28.23 -22.36 -10.32
N ALA H 15 -27.19 -22.57 -9.53
CA ALA H 15 -26.89 -23.86 -8.93
C ALA H 15 -25.75 -23.67 -7.93
N PRO H 16 -25.59 -24.61 -6.99
CA PRO H 16 -24.38 -24.62 -6.18
C PRO H 16 -23.18 -25.05 -7.02
N ALA H 17 -22.01 -24.57 -6.64
CA ALA H 17 -20.80 -24.85 -7.40
C ALA H 17 -19.58 -24.65 -6.52
N SER H 18 -18.48 -25.26 -6.96
CA SER H 18 -17.17 -25.11 -6.35
C SER H 18 -16.14 -25.66 -7.32
N ASN H 19 -15.02 -24.95 -7.47
CA ASN H 19 -13.99 -25.30 -8.42
C ASN H 19 -12.64 -25.28 -7.72
N TYR H 20 -11.85 -26.34 -7.92
CA TYR H 20 -10.50 -26.38 -7.40
C TYR H 20 -9.71 -25.20 -8.00
N ARG H 21 -9.31 -24.27 -7.14
CA ARG H 21 -8.65 -23.06 -7.63
C ARG H 21 -7.45 -22.63 -6.80
N GLY H 22 -7.23 -23.21 -5.63
CA GLY H 22 -6.13 -22.80 -4.78
C GLY H 22 -4.78 -23.34 -5.19
N GLU H 23 -4.62 -24.67 -5.16
CA GLU H 23 -3.32 -25.32 -5.30
C GLU H 23 -2.27 -24.69 -4.38
N SER H 24 -2.72 -24.15 -3.24
CA SER H 24 -1.85 -23.44 -2.32
C SER H 24 -1.78 -24.12 -0.95
N GLU H 25 -2.92 -24.41 -0.33
CA GLU H 25 -2.95 -24.99 1.00
C GLU H 25 -3.91 -26.16 1.02
N GLU H 26 -3.70 -27.05 2.00
CA GLU H 26 -4.48 -28.28 2.12
C GLU H 26 -5.56 -28.22 3.19
N ASN H 27 -5.33 -27.47 4.27
CA ASN H 27 -6.31 -27.43 5.36
C ASN H 27 -7.63 -26.81 4.91
N ARG H 28 -7.56 -25.76 4.09
CA ARG H 28 -8.75 -25.06 3.64
C ARG H 28 -8.64 -24.79 2.15
N SER H 29 -9.78 -24.64 1.50
CA SER H 29 -9.86 -24.37 0.06
C SER H 29 -10.44 -22.98 -0.17
N VAL H 30 -9.85 -22.26 -1.11
CA VAL H 30 -10.27 -20.90 -1.43
C VAL H 30 -10.72 -20.86 -2.89
N ILE H 31 -11.81 -20.13 -3.14
CA ILE H 31 -12.41 -20.08 -4.46
C ILE H 31 -12.40 -18.66 -5.01
N GLN H 32 -12.42 -17.67 -4.11
CA GLN H 32 -12.58 -16.27 -4.52
C GLN H 32 -11.34 -15.80 -5.26
N LYS H 33 -11.54 -15.14 -6.40
CA LYS H 33 -10.45 -14.70 -7.26
C LYS H 33 -10.33 -13.17 -7.33
N ILE H 34 -11.38 -12.49 -7.80
CA ILE H 34 -11.32 -11.05 -8.06
C ILE H 34 -12.60 -10.39 -7.55
N LEU H 35 -12.46 -9.12 -7.16
CA LEU H 35 -13.53 -8.35 -6.57
C LEU H 35 -14.04 -7.28 -7.52
N LYS H 36 -15.12 -6.63 -7.10
CA LYS H 36 -15.71 -5.52 -7.83
C LYS H 36 -16.19 -4.49 -6.82
N ASP H 37 -15.96 -3.21 -7.14
CA ASP H 37 -16.43 -2.04 -6.39
C ASP H 37 -16.43 -2.24 -4.88
N GLY H 38 -15.39 -2.86 -4.35
CA GLY H 38 -15.30 -3.16 -2.93
C GLY H 38 -16.02 -4.40 -2.49
N GLN H 39 -16.39 -5.29 -3.42
CA GLN H 39 -17.11 -6.51 -3.08
C GLN H 39 -16.55 -7.67 -3.89
N LYS H 40 -16.41 -8.83 -3.24
CA LYS H 40 -15.78 -10.01 -3.83
C LYS H 40 -16.88 -10.93 -4.37
N TYR H 41 -17.21 -10.77 -5.65
CA TYR H 41 -18.24 -11.63 -6.25
C TYR H 41 -17.85 -12.08 -7.67
N ALA H 42 -16.61 -12.50 -7.85
CA ALA H 42 -16.21 -13.02 -9.16
C ALA H 42 -15.20 -14.15 -9.00
N ILE H 43 -15.34 -15.18 -9.84
CA ILE H 43 -14.56 -16.41 -9.77
C ILE H 43 -14.26 -16.85 -11.20
N ILE H 44 -13.55 -17.96 -11.35
CA ILE H 44 -13.38 -18.73 -12.59
C ILE H 44 -12.35 -18.09 -13.51
N SER H 45 -11.60 -18.93 -14.25
CA SER H 45 -10.49 -18.63 -15.13
C SER H 45 -10.93 -18.56 -16.58
N PRO H 46 -10.28 -17.72 -17.40
CA PRO H 46 -10.70 -17.58 -18.81
C PRO H 46 -10.03 -18.55 -19.76
N GLU H 47 -9.39 -19.61 -19.26
CA GLU H 47 -8.69 -20.54 -20.13
C GLU H 47 -9.07 -22.01 -19.95
N SER H 48 -9.81 -22.37 -18.89
CA SER H 48 -10.24 -23.75 -18.75
C SER H 48 -11.24 -24.15 -19.83
N MET H 49 -12.14 -23.23 -20.19
CA MET H 49 -13.11 -23.52 -21.24
C MET H 49 -12.43 -23.77 -22.59
N ARG H 50 -11.21 -23.27 -22.78
CA ARG H 50 -10.46 -23.66 -23.98
C ARG H 50 -10.21 -25.16 -23.98
N ASN H 51 -9.78 -25.70 -22.84
CA ASN H 51 -9.58 -27.14 -22.73
C ASN H 51 -10.91 -27.89 -22.89
N ALA H 52 -11.98 -27.34 -22.35
CA ALA H 52 -13.28 -27.98 -22.49
C ALA H 52 -13.70 -28.05 -23.96
N LEU H 53 -13.52 -26.95 -24.69
CA LEU H 53 -13.81 -26.93 -26.12
C LEU H 53 -12.95 -27.93 -26.87
N ARG H 54 -11.65 -28.00 -26.52
CA ARG H 54 -10.77 -28.96 -27.18
C ARG H 54 -11.26 -30.39 -26.98
N GLU H 55 -11.61 -30.73 -25.73
CA GLU H 55 -12.10 -32.07 -25.46
C GLU H 55 -13.38 -32.36 -26.23
N MET H 56 -14.34 -31.43 -26.20
CA MET H 56 -15.61 -31.65 -26.89
C MET H 56 -15.40 -31.80 -28.39
N LEU H 57 -14.51 -31.00 -28.97
CA LEU H 57 -14.15 -31.17 -30.37
C LEU H 57 -13.53 -32.54 -30.61
N ILE H 58 -12.79 -33.07 -29.62
CA ILE H 58 -12.25 -34.42 -29.75
C ILE H 58 -13.38 -35.43 -29.83
N GLU H 59 -14.41 -35.29 -28.98
CA GLU H 59 -15.50 -36.26 -29.03
C GLU H 59 -16.39 -36.10 -30.26
N LEU H 60 -16.23 -35.03 -31.04
CA LEU H 60 -17.09 -34.80 -32.19
C LEU H 60 -16.48 -35.30 -33.51
N GLY H 61 -15.35 -35.99 -33.46
CA GLY H 61 -14.78 -36.63 -34.63
C GLY H 61 -13.71 -35.84 -35.36
N GLN H 62 -13.37 -34.66 -34.89
CA GLN H 62 -12.25 -33.91 -35.46
C GLN H 62 -10.93 -34.44 -34.91
N PRO H 63 -9.82 -34.19 -35.60
CA PRO H 63 -8.56 -34.89 -35.28
C PRO H 63 -8.11 -34.67 -33.85
N ASN H 64 -7.52 -35.71 -33.27
CA ASN H 64 -6.98 -35.69 -31.91
C ASN H 64 -5.53 -35.21 -31.97
N ASN H 65 -5.36 -33.91 -32.19
CA ASN H 65 -4.04 -33.36 -32.43
C ASN H 65 -3.22 -33.27 -31.15
N ARG H 66 -3.87 -32.90 -30.04
CA ARG H 66 -3.18 -32.76 -28.76
C ARG H 66 -4.06 -33.37 -27.68
N THR H 67 -3.70 -34.57 -27.22
CA THR H 67 -4.48 -35.31 -26.24
C THR H 67 -3.76 -35.30 -24.91
N ARG H 68 -4.50 -34.93 -23.86
CA ARG H 68 -3.95 -34.90 -22.51
C ARG H 68 -3.77 -36.32 -22.01
N LEU H 69 -2.57 -36.62 -21.50
CA LEU H 69 -2.27 -37.92 -20.92
C LEU H 69 -1.90 -37.76 -19.46
N HIS H 70 -2.32 -38.71 -18.63
CA HIS H 70 -2.10 -38.68 -17.19
C HIS H 70 -1.39 -39.96 -16.77
N SER H 71 -0.07 -39.93 -16.83
CA SER H 71 0.77 -41.05 -16.38
C SER H 71 1.83 -40.63 -15.39
N GLU H 72 2.41 -39.45 -15.55
CA GLU H 72 3.41 -38.93 -14.63
C GLU H 72 2.74 -38.15 -13.51
N ASP H 73 3.53 -37.84 -12.47
CA ASP H 73 3.01 -37.05 -11.35
C ASP H 73 2.58 -35.66 -11.81
N GLN H 74 3.38 -35.03 -12.65
CA GLN H 74 3.03 -33.73 -13.20
C GLN H 74 2.45 -33.91 -14.60
N LEU H 75 1.38 -33.16 -14.89
CA LEU H 75 0.66 -33.33 -16.13
C LEU H 75 1.53 -32.98 -17.33
N ALA H 76 1.48 -33.82 -18.35
CA ALA H 76 2.18 -33.58 -19.61
C ALA H 76 1.24 -33.90 -20.76
N VAL H 77 1.35 -33.13 -21.84
CA VAL H 77 0.47 -33.27 -22.99
C VAL H 77 1.33 -33.64 -24.20
N GLU H 78 0.90 -34.66 -24.93
CA GLU H 78 1.63 -35.13 -26.10
C GLU H 78 1.33 -34.25 -27.31
N PHE H 79 1.92 -34.59 -28.44
CA PHE H 79 1.71 -33.87 -29.69
C PHE H 79 1.83 -34.82 -30.86
N LYS H 80 1.31 -34.38 -32.00
CA LYS H 80 1.49 -35.10 -33.25
C LYS H 80 2.88 -34.76 -33.82
N GLU H 81 3.11 -35.11 -35.08
CA GLU H 81 4.42 -34.89 -35.68
C GLU H 81 4.80 -33.42 -35.65
N TYR H 82 3.88 -32.53 -36.00
CA TYR H 82 4.13 -31.09 -35.95
C TYR H 82 2.81 -30.35 -36.14
N PRO H 83 2.62 -29.19 -35.51
CA PRO H 83 1.37 -28.43 -35.73
C PRO H 83 1.27 -27.94 -37.16
N ASN H 84 0.18 -28.34 -37.82
CA ASN H 84 -0.04 -28.03 -39.23
C ASN H 84 -1.48 -27.57 -39.41
N PRO H 85 -1.72 -26.31 -39.77
CA PRO H 85 -3.09 -25.81 -39.91
C PRO H 85 -3.77 -26.19 -41.22
N ASP H 86 -3.20 -27.06 -42.03
CA ASP H 86 -3.76 -27.41 -43.32
C ASP H 86 -4.15 -28.87 -43.44
N LYS H 87 -3.27 -29.80 -43.06
CA LYS H 87 -3.59 -31.22 -43.11
C LYS H 87 -4.73 -31.58 -42.17
N PHE H 88 -4.95 -30.77 -41.14
CA PHE H 88 -5.92 -31.09 -40.09
C PHE H 88 -6.31 -29.80 -39.38
N ALA H 89 -7.27 -29.92 -38.47
CA ALA H 89 -7.85 -28.74 -37.83
C ALA H 89 -6.85 -27.97 -36.99
N ASP H 90 -5.76 -28.60 -36.57
CA ASP H 90 -4.71 -27.97 -35.77
C ASP H 90 -5.30 -27.29 -34.54
N ASP H 91 -6.22 -27.98 -33.88
CA ASP H 91 -6.96 -27.45 -32.74
C ASP H 91 -7.57 -26.09 -33.08
N PHE H 92 -8.40 -26.09 -34.13
CA PHE H 92 -8.95 -24.87 -34.71
C PHE H 92 -7.83 -23.95 -35.18
N LEU H 93 -6.86 -24.56 -35.89
CA LEU H 93 -5.73 -23.84 -36.48
C LEU H 93 -4.96 -23.05 -35.42
N PHE H 94 -4.44 -23.77 -34.45
CA PHE H 94 -3.73 -23.19 -33.31
C PHE H 94 -2.25 -23.57 -33.32
N GLY H 95 -1.62 -23.53 -34.48
CA GLY H 95 -0.18 -23.68 -34.53
C GLY H 95 0.47 -22.50 -33.84
N TYR H 96 1.03 -22.73 -32.66
CA TYR H 96 1.43 -21.66 -31.77
C TYR H 96 2.96 -21.52 -31.75
N MET H 97 3.43 -20.60 -30.92
CA MET H 97 4.85 -20.29 -30.86
C MET H 97 5.66 -21.49 -30.40
N VAL H 98 6.78 -21.72 -31.06
CA VAL H 98 7.74 -22.76 -30.67
C VAL H 98 9.09 -22.05 -30.55
N ALA H 99 9.41 -21.60 -29.33
CA ALA H 99 10.63 -20.87 -29.07
C ALA H 99 11.67 -21.82 -28.48
N GLN H 100 12.67 -22.16 -29.29
CA GLN H 100 13.74 -23.05 -28.84
C GLN H 100 15.01 -22.72 -29.61
N THR H 101 16.15 -23.09 -29.01
CA THR H 101 17.44 -22.83 -29.62
C THR H 101 17.76 -23.78 -30.77
N ASN H 102 17.07 -24.91 -30.85
CA ASN H 102 17.32 -25.85 -31.94
C ASN H 102 17.05 -25.23 -33.31
N ASP H 103 16.05 -24.35 -33.39
CA ASP H 103 15.61 -23.72 -34.64
C ASP H 103 15.26 -24.85 -35.60
N ALA H 104 15.72 -24.82 -36.86
CA ALA H 104 15.42 -25.86 -37.84
C ALA H 104 13.92 -26.11 -37.95
N LYS H 105 13.15 -25.03 -37.84
CA LYS H 105 11.70 -25.14 -37.90
C LYS H 105 11.25 -25.41 -39.33
N GLU H 106 9.97 -25.73 -39.47
CA GLU H 106 9.41 -26.04 -40.79
C GLU H 106 9.39 -24.84 -41.71
N MET H 107 9.62 -23.63 -41.20
CA MET H 107 9.65 -22.46 -42.06
C MET H 107 10.70 -22.59 -43.16
N LYS H 108 11.81 -23.26 -42.88
CA LYS H 108 12.82 -23.52 -43.89
C LYS H 108 12.63 -24.87 -44.59
N LYS H 109 11.72 -25.71 -44.10
CA LYS H 109 11.47 -27.01 -44.73
C LYS H 109 10.06 -27.13 -45.27
N LEU H 110 9.04 -26.88 -44.46
CA LEU H 110 7.65 -26.91 -44.90
C LEU H 110 7.09 -25.52 -45.12
N ASN H 111 7.92 -24.48 -45.01
CA ASN H 111 7.49 -23.09 -45.17
C ASN H 111 6.37 -22.74 -44.20
N ARG H 112 6.49 -23.22 -42.96
CA ARG H 112 5.51 -22.94 -41.92
C ARG H 112 6.09 -21.90 -40.96
N PRO H 113 5.59 -20.67 -40.95
CA PRO H 113 6.17 -19.63 -40.08
C PRO H 113 5.86 -19.82 -38.61
N ALA H 114 5.15 -20.89 -38.26
CA ALA H 114 4.84 -21.14 -36.85
C ALA H 114 3.83 -20.11 -36.32
N LYS H 115 3.27 -19.29 -37.20
CA LYS H 115 2.30 -18.31 -36.77
C LYS H 115 1.08 -19.09 -36.41
N ARG H 116 0.48 -18.77 -35.27
CA ARG H 116 -0.71 -19.50 -34.87
C ARG H 116 -1.96 -18.66 -35.07
N ASP H 117 -2.88 -19.17 -35.87
CA ASP H 117 -4.13 -18.47 -36.11
C ASP H 117 -4.92 -18.51 -34.82
N SER H 118 -5.55 -17.40 -34.46
CA SER H 118 -6.34 -17.37 -33.24
C SER H 118 -7.82 -17.45 -33.56
N ILE H 119 -8.36 -16.40 -34.19
CA ILE H 119 -9.74 -16.35 -34.66
C ILE H 119 -10.69 -16.73 -33.53
N PHE H 120 -10.37 -16.28 -32.32
CA PHE H 120 -11.24 -16.56 -31.17
C PHE H 120 -10.97 -15.55 -30.07
N ARG H 121 -12.00 -15.25 -29.30
CA ARG H 121 -11.92 -14.29 -28.20
C ARG H 121 -12.81 -14.76 -27.07
N CYS H 122 -12.28 -14.73 -25.85
CA CYS H 122 -13.03 -15.17 -24.67
C CYS H 122 -12.51 -14.44 -23.45
N ASN H 123 -13.35 -14.37 -22.41
CA ASN H 123 -13.00 -13.64 -21.20
C ASN H 123 -13.46 -14.44 -19.99
N MET H 124 -12.92 -14.07 -18.83
CA MET H 124 -13.25 -14.76 -17.60
C MET H 124 -14.68 -14.45 -17.16
N ALA H 125 -15.34 -15.47 -16.61
CA ALA H 125 -16.71 -15.31 -16.12
C ALA H 125 -16.71 -14.56 -14.79
N VAL H 126 -17.88 -14.02 -14.45
CA VAL H 126 -18.08 -13.26 -13.22
C VAL H 126 -19.39 -13.67 -12.59
N ALA H 127 -19.38 -13.96 -11.29
CA ALA H 127 -20.57 -14.36 -10.57
C ALA H 127 -21.45 -13.15 -10.28
N VAL H 128 -22.57 -13.39 -9.58
CA VAL H 128 -23.51 -12.32 -9.25
C VAL H 128 -23.88 -12.36 -7.77
N ASN H 129 -23.16 -13.16 -6.99
CA ASN H 129 -23.43 -13.28 -5.56
C ASN H 129 -22.13 -13.14 -4.78
N PRO H 130 -22.12 -12.35 -3.71
CA PRO H 130 -20.85 -11.93 -3.10
C PRO H 130 -20.33 -12.80 -1.97
N TYR H 131 -21.16 -13.65 -1.38
CA TYR H 131 -20.82 -14.31 -0.12
C TYR H 131 -20.00 -15.56 -0.39
N LYS H 132 -18.81 -15.62 0.18
CA LYS H 132 -17.90 -16.77 0.08
C LYS H 132 -17.32 -17.11 1.45
N TYR H 133 -18.17 -17.21 2.46
CA TYR H 133 -17.75 -17.48 3.84
C TYR H 133 -18.62 -18.56 4.46
N ASP H 134 -18.80 -19.66 3.75
CA ASP H 134 -19.55 -20.81 4.26
C ASP H 134 -18.73 -22.08 4.02
N THR H 135 -18.90 -23.07 4.90
CA THR H 135 -18.15 -24.31 4.85
C THR H 135 -19.12 -25.49 4.86
N VAL H 136 -18.58 -26.70 4.71
CA VAL H 136 -19.38 -27.92 4.70
C VAL H 136 -18.90 -28.89 5.77
N PHE H 137 -17.62 -28.81 6.13
CA PHE H 137 -17.04 -29.57 7.23
C PHE H 137 -17.19 -31.08 7.02
N TYR H 138 -16.53 -31.57 5.97
CA TYR H 138 -16.42 -33.00 5.75
C TYR H 138 -15.17 -33.52 6.48
N GLN H 139 -14.80 -34.77 6.26
CA GLN H 139 -13.62 -35.32 6.91
C GLN H 139 -13.09 -36.49 6.10
N SER H 140 -11.82 -36.83 6.38
CA SER H 140 -11.14 -37.94 5.75
C SER H 140 -10.71 -38.96 6.79
N PRO H 141 -10.81 -40.25 6.51
CA PRO H 141 -10.49 -41.28 7.49
C PRO H 141 -9.06 -41.79 7.37
N LEU H 142 -8.67 -42.59 8.36
CA LEU H 142 -7.44 -43.35 8.32
C LEU H 142 -7.77 -44.81 8.10
N ASN H 143 -7.13 -45.42 7.10
CA ASN H 143 -7.45 -46.80 6.74
C ASN H 143 -7.11 -47.77 7.86
N ALA H 144 -5.82 -47.88 8.21
CA ALA H 144 -5.36 -48.75 9.30
C ALA H 144 -5.94 -50.16 9.20
N GLY H 145 -6.18 -50.62 7.97
CA GLY H 145 -6.79 -51.91 7.76
C GLY H 145 -5.78 -53.00 7.49
N ASP H 146 -4.53 -52.76 7.86
CA ASP H 146 -3.42 -53.69 7.65
C ASP H 146 -3.19 -53.99 6.17
N SER H 147 -3.58 -53.07 5.29
CA SER H 147 -3.36 -53.23 3.86
C SER H 147 -1.94 -52.84 3.50
N ALA H 148 -1.53 -53.23 2.28
CA ALA H 148 -0.18 -52.98 1.81
C ALA H 148 0.10 -51.50 1.58
N TRP H 149 -0.93 -50.65 1.54
CA TRP H 149 -0.76 -49.23 1.24
C TRP H 149 -1.47 -48.40 2.30
N LYS H 150 -0.75 -47.45 2.88
CA LYS H 150 -1.30 -46.47 3.81
C LYS H 150 -1.21 -45.10 3.16
N ASN H 151 -2.35 -44.40 3.09
CA ASN H 151 -2.39 -43.14 2.36
C ASN H 151 -1.68 -42.02 3.14
N SER H 152 -2.20 -41.69 4.32
CA SER H 152 -1.66 -40.57 5.09
C SER H 152 -1.18 -40.96 6.48
N THR H 153 -1.59 -42.13 6.99
CA THR H 153 -1.22 -42.57 8.33
C THR H 153 -1.61 -41.52 9.38
N SER H 154 -2.80 -40.95 9.21
CA SER H 154 -3.32 -39.92 10.10
C SER H 154 -4.79 -39.71 9.79
N SER H 155 -5.44 -38.91 10.62
CA SER H 155 -6.83 -38.52 10.42
C SER H 155 -6.94 -37.00 10.55
N ALA H 156 -7.76 -36.40 9.69
CA ALA H 156 -7.87 -34.95 9.64
C ALA H 156 -9.35 -34.56 9.54
N LEU H 157 -9.64 -33.33 9.98
CA LEU H 157 -10.97 -32.74 9.93
C LEU H 157 -10.86 -31.47 9.09
N LEU H 158 -10.98 -31.61 7.77
CA LEU H 158 -10.79 -30.51 6.83
C LEU H 158 -12.11 -30.21 6.14
N HIS H 159 -12.34 -28.93 5.88
CA HIS H 159 -13.61 -28.45 5.35
C HIS H 159 -13.39 -27.77 3.99
N ARG H 160 -14.51 -27.57 3.29
CA ARG H 160 -14.51 -27.04 1.93
C ARG H 160 -15.54 -25.92 1.82
N GLU H 161 -15.39 -25.10 0.79
CA GLU H 161 -16.26 -23.95 0.57
C GLU H 161 -16.99 -24.09 -0.76
N VAL H 162 -18.30 -23.79 -0.75
CA VAL H 162 -19.13 -23.85 -1.94
C VAL H 162 -19.95 -22.57 -2.01
N THR H 163 -20.47 -22.29 -3.21
CA THR H 163 -21.29 -21.09 -3.40
C THR H 163 -22.37 -21.37 -4.43
N HIS H 164 -23.59 -20.93 -4.15
CA HIS H 164 -24.72 -21.12 -5.04
C HIS H 164 -24.89 -19.84 -5.85
N THR H 165 -24.56 -19.90 -7.15
CA THR H 165 -24.58 -18.70 -7.96
C THR H 165 -24.73 -19.06 -9.43
N ALA H 166 -25.33 -18.13 -10.19
CA ALA H 166 -25.32 -18.16 -11.64
C ALA H 166 -24.43 -17.02 -12.14
N PHE H 167 -23.74 -17.28 -13.25
CA PHE H 167 -22.72 -16.36 -13.73
C PHE H 167 -22.75 -16.25 -15.24
N GLN H 168 -22.36 -15.09 -15.75
CA GLN H 168 -22.41 -14.77 -17.17
C GLN H 168 -21.06 -14.99 -17.84
N TYR H 169 -21.07 -14.93 -19.17
CA TYR H 169 -19.91 -15.28 -19.99
C TYR H 169 -19.98 -14.57 -21.34
N PRO H 170 -19.05 -13.66 -21.63
CA PRO H 170 -18.98 -13.07 -22.97
C PRO H 170 -17.96 -13.77 -23.86
N PHE H 171 -18.14 -13.59 -25.17
CA PHE H 171 -17.13 -14.06 -26.12
C PHE H 171 -17.32 -13.35 -27.45
N ALA H 172 -16.26 -13.39 -28.25
CA ALA H 172 -16.25 -12.78 -29.58
C ALA H 172 -15.51 -13.70 -30.54
N LEU H 173 -15.90 -13.62 -31.81
CA LEU H 173 -15.22 -14.40 -32.86
C LEU H 173 -14.56 -13.48 -33.89
N ALA H 174 -15.33 -12.63 -34.56
CA ALA H 174 -14.79 -11.61 -35.47
C ALA H 174 -13.85 -12.22 -36.51
N GLY H 175 -14.26 -13.35 -37.08
CA GLY H 175 -13.48 -14.07 -38.06
C GLY H 175 -14.01 -13.94 -39.47
N LYS H 176 -13.53 -14.83 -40.34
CA LYS H 176 -13.97 -14.83 -41.72
C LYS H 176 -13.74 -16.22 -42.30
N ASP H 177 -14.57 -16.57 -43.27
CA ASP H 177 -14.50 -17.90 -43.88
C ASP H 177 -13.23 -18.05 -44.71
N CYS H 178 -12.63 -19.23 -44.65
CA CYS H 178 -11.44 -19.56 -45.41
C CYS H 178 -11.49 -21.04 -45.76
N ALA H 179 -10.36 -21.60 -46.18
CA ALA H 179 -10.31 -23.00 -46.57
C ALA H 179 -10.61 -23.91 -45.38
N ALA H 180 -11.47 -24.90 -45.62
CA ALA H 180 -11.87 -25.91 -44.63
C ALA H 180 -12.52 -25.32 -43.39
N LYS H 181 -12.84 -24.04 -43.42
CA LYS H 181 -13.41 -23.34 -42.26
C LYS H 181 -14.89 -23.65 -42.02
N PRO H 182 -15.77 -23.61 -43.04
CA PRO H 182 -17.21 -23.70 -42.74
C PRO H 182 -17.61 -24.91 -41.93
N GLU H 183 -17.05 -26.09 -42.23
CA GLU H 183 -17.33 -27.26 -41.41
C GLU H 183 -16.80 -27.08 -40.00
N TRP H 184 -15.59 -26.54 -39.87
CA TRP H 184 -14.99 -26.41 -38.54
C TRP H 184 -15.68 -25.34 -37.71
N VAL H 185 -16.01 -24.20 -38.30
CA VAL H 185 -16.72 -23.17 -37.55
C VAL H 185 -18.14 -23.64 -37.21
N LYS H 186 -18.77 -24.39 -38.12
CA LYS H 186 -20.09 -24.94 -37.81
C LYS H 186 -20.01 -25.93 -36.66
N ALA H 187 -18.96 -26.77 -36.64
CA ALA H 187 -18.78 -27.69 -35.52
C ALA H 187 -18.52 -26.95 -34.22
N LEU H 188 -17.75 -25.86 -34.28
CA LEU H 188 -17.51 -25.06 -33.08
C LEU H 188 -18.79 -24.46 -32.55
N LEU H 189 -19.64 -23.92 -33.44
CA LEU H 189 -20.92 -23.36 -33.00
C LEU H 189 -21.84 -24.45 -32.48
N GLN H 190 -21.79 -25.65 -33.05
CA GLN H 190 -22.57 -26.77 -32.52
C GLN H 190 -22.10 -27.15 -31.12
N ALA H 191 -20.78 -27.19 -30.92
CA ALA H 191 -20.22 -27.65 -29.65
C ALA H 191 -20.39 -26.62 -28.54
N ILE H 192 -20.35 -25.33 -28.87
CA ILE H 192 -20.48 -24.31 -27.83
C ILE H 192 -21.85 -24.36 -27.18
N ALA H 193 -22.84 -24.96 -27.84
CA ALA H 193 -24.18 -25.05 -27.27
C ALA H 193 -24.20 -25.88 -25.98
N GLU H 194 -23.49 -27.01 -25.97
CA GLU H 194 -23.52 -27.87 -24.80
C GLU H 194 -22.56 -27.39 -23.72
N LEU H 195 -21.26 -27.38 -24.03
CA LEU H 195 -20.21 -26.86 -23.15
C LEU H 195 -20.29 -27.51 -21.76
N ASN H 196 -20.05 -28.82 -21.75
CA ASN H 196 -20.03 -29.58 -20.51
C ASN H 196 -18.59 -29.95 -20.16
N GLY H 197 -18.43 -30.49 -18.95
CA GLY H 197 -17.12 -30.88 -18.47
C GLY H 197 -16.15 -29.73 -18.24
N VAL H 198 -16.63 -28.65 -17.62
CA VAL H 198 -15.80 -27.49 -17.36
C VAL H 198 -15.02 -27.70 -16.07
N ALA H 199 -13.82 -27.12 -16.01
CA ALA H 199 -12.96 -27.17 -14.82
C ALA H 199 -12.61 -28.61 -14.43
N GLY H 200 -12.32 -29.43 -15.44
CA GLY H 200 -11.87 -30.78 -15.20
C GLY H 200 -12.95 -31.68 -14.63
N GLY H 201 -12.51 -32.78 -14.05
CA GLY H 201 -13.43 -33.73 -13.45
C GLY H 201 -13.90 -33.26 -12.08
N HIS H 202 -15.17 -33.56 -11.77
CA HIS H 202 -15.76 -33.19 -10.49
C HIS H 202 -16.86 -34.20 -10.18
N ALA H 203 -16.53 -35.20 -9.36
CA ALA H 203 -17.48 -36.24 -9.01
C ALA H 203 -18.34 -35.90 -7.79
N ARG H 204 -18.00 -34.82 -7.07
CA ARG H 204 -18.77 -34.41 -5.90
C ARG H 204 -19.66 -33.20 -6.15
N ALA H 205 -19.22 -32.26 -6.98
CA ALA H 205 -20.02 -31.12 -7.39
C ALA H 205 -20.19 -31.19 -8.91
N TYR H 206 -21.44 -31.09 -9.36
CA TYR H 206 -21.77 -31.26 -10.77
C TYR H 206 -22.40 -29.98 -11.28
N TYR H 207 -21.77 -29.37 -12.28
CA TYR H 207 -22.22 -28.08 -12.80
C TYR H 207 -22.25 -28.14 -14.33
N GLU H 208 -23.11 -27.31 -14.91
CA GLU H 208 -23.32 -27.29 -16.34
C GLU H 208 -23.21 -25.86 -16.86
N PHE H 209 -22.81 -25.74 -18.12
CA PHE H 209 -22.74 -24.46 -18.79
C PHE H 209 -23.79 -24.33 -19.88
N ALA H 210 -24.94 -24.99 -19.70
CA ALA H 210 -26.02 -24.89 -20.66
C ALA H 210 -26.53 -23.46 -20.70
N PRO H 211 -26.53 -22.80 -21.86
CA PRO H 211 -26.84 -21.37 -21.89
C PRO H 211 -28.33 -21.09 -21.97
N ARG H 212 -28.75 -20.08 -21.21
CA ARG H 212 -30.08 -19.51 -21.32
C ARG H 212 -29.95 -18.00 -21.50
N SER H 213 -30.90 -17.43 -22.22
CA SER H 213 -30.92 -15.99 -22.53
C SER H 213 -29.63 -15.57 -23.23
N VAL H 214 -29.24 -16.36 -24.24
CA VAL H 214 -28.12 -16.00 -25.09
C VAL H 214 -28.48 -14.79 -25.93
N VAL H 215 -27.55 -13.84 -26.06
CA VAL H 215 -27.77 -12.69 -26.93
C VAL H 215 -26.50 -12.42 -27.73
N ALA H 216 -26.65 -12.32 -29.06
CA ALA H 216 -25.55 -12.00 -29.95
C ALA H 216 -25.83 -10.65 -30.60
N ARG H 217 -24.78 -9.87 -30.84
CA ARG H 217 -24.93 -8.48 -31.24
C ARG H 217 -24.21 -8.18 -32.54
N LEU H 218 -24.87 -7.40 -33.40
CA LEU H 218 -24.25 -6.75 -34.54
C LEU H 218 -23.50 -7.73 -35.43
N THR H 219 -24.16 -8.82 -35.79
CA THR H 219 -23.52 -9.84 -36.61
C THR H 219 -23.05 -9.31 -37.97
N PRO H 220 -23.84 -8.52 -38.73
CA PRO H 220 -23.32 -8.09 -40.05
C PRO H 220 -22.39 -6.89 -39.97
N LYS H 221 -22.66 -5.97 -39.04
CA LYS H 221 -21.95 -4.71 -38.98
C LYS H 221 -20.60 -4.89 -38.29
N LEU H 222 -19.76 -3.87 -38.43
CA LEU H 222 -18.44 -3.86 -37.80
C LEU H 222 -18.58 -3.75 -36.28
N VAL H 223 -17.44 -3.75 -35.60
CA VAL H 223 -17.44 -3.76 -34.14
C VAL H 223 -18.00 -2.44 -33.61
N ALA H 224 -19.19 -2.51 -33.01
CA ALA H 224 -19.80 -1.34 -32.38
C ALA H 224 -20.47 -1.67 -31.05
N GLY H 225 -20.36 -2.90 -30.58
CA GLY H 225 -21.07 -3.29 -29.38
C GLY H 225 -20.50 -2.63 -28.14
N TYR H 226 -21.28 -2.67 -27.06
CA TYR H 226 -20.89 -2.06 -25.80
C TYR H 226 -21.62 -2.73 -24.66
N GLN H 227 -20.98 -2.75 -23.49
CA GLN H 227 -21.56 -3.31 -22.26
C GLN H 227 -21.94 -4.78 -22.45
N THR H 228 -20.91 -5.61 -22.68
CA THR H 228 -21.12 -7.04 -22.82
C THR H 228 -21.63 -7.67 -21.54
N TYR H 229 -21.22 -7.16 -20.38
CA TYR H 229 -21.61 -7.70 -19.09
C TYR H 229 -22.95 -7.14 -18.60
N GLY H 230 -23.78 -6.64 -19.51
CA GLY H 230 -24.97 -5.90 -19.13
C GLY H 230 -26.01 -6.66 -18.33
N PHE H 231 -26.66 -7.65 -18.95
CA PHE H 231 -27.79 -8.32 -18.30
C PHE H 231 -27.31 -9.18 -17.13
N ASP H 232 -27.98 -9.04 -15.99
CA ASP H 232 -27.60 -9.73 -14.76
C ASP H 232 -28.76 -9.63 -13.79
N ALA H 233 -28.54 -10.15 -12.58
CA ALA H 233 -29.54 -10.12 -11.51
C ALA H 233 -30.86 -10.75 -11.97
N GLU H 234 -30.74 -11.89 -12.66
CA GLU H 234 -31.89 -12.62 -13.23
C GLU H 234 -32.90 -11.69 -13.90
N GLY H 235 -32.42 -10.57 -14.43
CA GLY H 235 -33.28 -9.58 -15.06
C GLY H 235 -32.80 -9.24 -16.45
N ASN H 236 -33.75 -9.09 -17.37
CA ASN H 236 -33.42 -8.68 -18.73
C ASN H 236 -32.89 -7.25 -18.73
N TRP H 237 -31.89 -7.01 -19.57
CA TRP H 237 -31.33 -5.67 -19.74
C TRP H 237 -31.13 -5.25 -21.18
N LEU H 238 -31.04 -6.19 -22.14
CA LEU H 238 -30.82 -5.82 -23.52
C LEU H 238 -32.06 -5.22 -24.17
N GLU H 239 -33.24 -5.39 -23.56
CA GLU H 239 -34.45 -4.80 -24.13
C GLU H 239 -34.41 -3.29 -24.10
N LEU H 240 -33.89 -2.69 -23.02
CA LEU H 240 -33.68 -1.25 -23.00
C LEU H 240 -32.46 -0.85 -23.83
N SER H 241 -31.51 -1.76 -24.01
CA SER H 241 -30.39 -1.48 -24.90
C SER H 241 -30.88 -1.29 -26.33
N ARG H 242 -31.81 -2.14 -26.77
CA ARG H 242 -32.48 -1.92 -28.05
C ARG H 242 -33.21 -0.59 -28.10
N LEU H 243 -33.75 -0.14 -26.96
CA LEU H 243 -34.39 1.17 -26.91
C LEU H 243 -33.38 2.28 -27.12
N THR H 244 -32.19 2.15 -26.52
CA THR H 244 -31.22 3.24 -26.55
C THR H 244 -30.14 3.08 -27.62
N ALA H 245 -29.83 1.86 -28.03
CA ALA H 245 -28.85 1.60 -29.08
C ALA H 245 -29.57 0.96 -30.26
N THR H 246 -29.46 1.59 -31.42
CA THR H 246 -30.16 1.15 -32.63
C THR H 246 -31.64 0.94 -32.35
N ASP H 247 -32.30 2.05 -32.01
CA ASP H 247 -33.69 2.01 -31.57
C ASP H 247 -34.57 1.35 -32.61
N SER H 248 -35.59 0.62 -32.13
CA SER H 248 -36.39 -0.23 -33.00
C SER H 248 -36.97 0.54 -34.18
N ASP H 249 -37.56 1.71 -33.90
CA ASP H 249 -38.07 2.55 -34.97
C ASP H 249 -36.92 3.22 -35.71
N ASN H 250 -37.07 3.37 -37.02
CA ASN H 250 -36.08 4.05 -37.85
C ASN H 250 -36.39 5.54 -38.01
N LEU H 251 -36.59 6.22 -36.90
CA LEU H 251 -36.94 7.64 -36.90
C LEU H 251 -35.83 8.52 -36.36
N ASP H 252 -35.34 8.24 -35.15
CA ASP H 252 -34.21 8.97 -34.59
C ASP H 252 -32.95 8.12 -34.45
N LEU H 253 -33.08 6.80 -34.48
CA LEU H 253 -31.94 5.90 -34.40
C LEU H 253 -32.31 4.58 -35.06
N PRO H 254 -31.92 4.35 -36.32
CA PRO H 254 -32.32 3.13 -37.01
C PRO H 254 -31.81 1.88 -36.30
N ALA H 255 -32.62 0.83 -36.35
CA ALA H 255 -32.35 -0.39 -35.60
C ALA H 255 -31.31 -1.25 -36.32
N ASN H 256 -31.13 -2.47 -35.82
CA ASN H 256 -30.13 -3.38 -36.34
C ASN H 256 -30.59 -4.81 -36.15
N GLU H 257 -29.96 -5.72 -36.89
CA GLU H 257 -30.30 -7.14 -36.83
C GLU H 257 -29.74 -7.75 -35.56
N PHE H 258 -30.63 -8.12 -34.64
CA PHE H 258 -30.25 -8.78 -33.40
C PHE H 258 -30.84 -10.17 -33.35
N TRP H 259 -30.24 -11.01 -32.51
CA TRP H 259 -30.72 -12.37 -32.27
C TRP H 259 -30.83 -12.58 -30.77
N LEU H 260 -32.00 -12.99 -30.30
CA LEU H 260 -32.28 -13.09 -28.88
C LEU H 260 -32.53 -14.54 -28.48
N GLY H 261 -32.27 -14.84 -27.21
CA GLY H 261 -32.39 -16.18 -26.70
C GLY H 261 -33.80 -16.53 -26.29
N GLY H 262 -33.90 -17.54 -25.41
CA GLY H 262 -35.19 -18.07 -25.03
C GLY H 262 -35.77 -17.53 -23.75
N GLU H 263 -34.93 -17.33 -22.73
CA GLU H 263 -35.44 -16.89 -21.43
C GLU H 263 -36.06 -15.50 -21.52
N LEU H 264 -35.43 -14.60 -22.30
CA LEU H 264 -35.93 -13.23 -22.39
C LEU H 264 -37.28 -13.15 -23.08
N VAL H 265 -37.70 -14.21 -23.78
CA VAL H 265 -38.99 -14.23 -24.44
C VAL H 265 -39.95 -15.27 -23.86
N ARG H 266 -39.45 -16.23 -23.08
CA ARG H 266 -40.33 -17.23 -22.49
C ARG H 266 -41.29 -16.60 -21.50
N LYS H 267 -40.79 -15.77 -20.59
CA LYS H 267 -41.59 -15.10 -19.58
C LYS H 267 -41.44 -13.59 -19.75
N MET H 268 -42.24 -13.02 -20.63
CA MET H 268 -42.18 -11.60 -20.93
C MET H 268 -43.49 -11.24 -21.63
N ASP H 269 -43.80 -9.94 -21.63
CA ASP H 269 -45.12 -9.47 -22.06
C ASP H 269 -45.44 -9.91 -23.48
N GLN H 270 -46.65 -10.45 -23.65
CA GLN H 270 -47.08 -10.92 -24.97
C GLN H 270 -47.18 -9.76 -25.96
N GLU H 271 -47.69 -8.61 -25.52
CA GLU H 271 -47.84 -7.47 -26.42
C GLU H 271 -46.48 -6.99 -26.92
N GLN H 272 -45.42 -7.19 -26.14
CA GLN H 272 -44.10 -6.71 -26.54
C GLN H 272 -43.58 -7.46 -27.76
N LYS H 273 -43.91 -8.74 -27.89
CA LYS H 273 -43.51 -9.48 -29.09
C LYS H 273 -44.06 -8.81 -30.34
N ALA H 274 -45.35 -8.49 -30.34
CA ALA H 274 -45.94 -7.77 -31.47
C ALA H 274 -45.34 -6.39 -31.62
N GLN H 275 -45.11 -5.69 -30.50
CA GLN H 275 -44.53 -4.35 -30.57
C GLN H 275 -43.12 -4.39 -31.16
N LEU H 276 -42.30 -5.35 -30.72
CA LEU H 276 -40.94 -5.49 -31.22
C LEU H 276 -41.00 -6.24 -32.56
N GLU H 277 -41.50 -5.53 -33.57
CA GLU H 277 -41.65 -6.11 -34.90
C GLU H 277 -41.28 -5.12 -35.99
N ALA H 278 -40.41 -4.15 -35.69
CA ALA H 278 -39.93 -3.26 -36.73
C ALA H 278 -39.22 -4.03 -37.83
N MET H 279 -38.37 -4.97 -37.43
CA MET H 279 -37.83 -5.98 -38.33
C MET H 279 -38.13 -7.39 -37.86
N GLY H 280 -38.74 -7.54 -36.69
CA GLY H 280 -39.00 -8.84 -36.10
C GLY H 280 -37.85 -9.42 -35.32
N ALA H 281 -36.65 -8.84 -35.43
CA ALA H 281 -35.44 -9.35 -34.78
C ALA H 281 -35.29 -10.85 -35.03
N HIS H 282 -34.94 -11.59 -33.98
CA HIS H 282 -34.81 -13.05 -34.09
C HIS H 282 -35.17 -13.62 -32.72
N LEU H 283 -36.40 -14.11 -32.58
CA LEU H 283 -36.91 -14.62 -31.32
C LEU H 283 -37.02 -16.14 -31.41
N TYR H 284 -36.46 -16.83 -30.42
CA TYR H 284 -36.44 -18.29 -30.40
C TYR H 284 -36.73 -18.78 -28.99
N ALA H 285 -37.27 -20.00 -28.92
CA ALA H 285 -37.61 -20.61 -27.63
C ALA H 285 -36.41 -21.31 -27.02
N ASN H 286 -35.83 -22.26 -27.74
CA ASN H 286 -34.63 -22.86 -27.16
C ASN H 286 -33.38 -22.25 -27.77
N PRO H 287 -32.37 -21.96 -26.96
CA PRO H 287 -31.16 -21.32 -27.48
C PRO H 287 -30.45 -22.13 -28.53
N GLU H 288 -30.44 -23.46 -28.42
CA GLU H 288 -29.72 -24.28 -29.39
C GLU H 288 -30.30 -24.15 -30.79
N LYS H 289 -31.59 -23.84 -30.90
CA LYS H 289 -32.22 -23.71 -32.21
C LYS H 289 -31.60 -22.57 -33.02
N LEU H 290 -31.34 -21.44 -32.38
CA LEU H 290 -30.92 -20.25 -33.11
C LEU H 290 -29.47 -20.31 -33.57
N PHE H 291 -28.63 -21.11 -32.91
CA PHE H 291 -27.21 -21.15 -33.29
C PHE H 291 -27.02 -21.68 -34.70
N ALA H 292 -27.78 -22.72 -35.09
CA ALA H 292 -27.64 -23.25 -36.43
C ALA H 292 -28.00 -22.20 -37.49
N ASP H 293 -29.12 -21.49 -37.28
CA ASP H 293 -29.51 -20.46 -38.23
C ASP H 293 -28.51 -19.30 -38.24
N LEU H 294 -28.01 -18.92 -37.08
CA LEU H 294 -27.03 -17.84 -37.03
C LEU H 294 -25.75 -18.22 -37.76
N ALA H 295 -25.29 -19.47 -37.57
CA ALA H 295 -24.11 -19.93 -38.28
C ALA H 295 -24.36 -19.96 -39.79
N ASP H 296 -25.55 -20.41 -40.20
CA ASP H 296 -25.88 -20.41 -41.62
C ASP H 296 -25.85 -19.00 -42.20
N SER H 297 -26.42 -18.04 -41.47
CA SER H 297 -26.51 -16.68 -41.99
C SER H 297 -25.13 -16.01 -42.03
N PHE H 298 -24.39 -16.08 -40.92
CA PHE H 298 -23.09 -15.40 -40.86
C PHE H 298 -22.08 -16.07 -41.79
N LEU H 299 -22.02 -17.41 -41.77
CA LEU H 299 -21.10 -18.12 -42.65
C LEU H 299 -21.45 -17.92 -44.12
N GLY H 300 -22.71 -17.65 -44.42
CA GLY H 300 -23.15 -17.49 -45.78
C GLY H 300 -23.59 -18.76 -46.47
N VAL H 301 -23.48 -19.90 -45.82
CA VAL H 301 -23.87 -21.18 -46.40
C VAL H 301 -24.22 -22.16 -45.29
N ASN I 3 -33.97 -62.08 6.87
CA ASN I 3 -34.27 -61.17 5.78
C ASN I 3 -35.76 -60.81 5.77
N LEU I 4 -36.30 -60.54 6.96
CA LEU I 4 -37.70 -60.18 7.13
C LEU I 4 -37.78 -58.83 7.84
N ASN I 5 -38.59 -57.92 7.29
CA ASN I 5 -38.69 -56.58 7.84
C ASN I 5 -40.15 -56.14 7.86
N LEU I 6 -40.46 -55.23 8.77
CA LEU I 6 -41.81 -54.70 8.92
C LEU I 6 -41.73 -53.21 9.22
N PHE I 7 -42.83 -52.51 8.93
CA PHE I 7 -42.97 -51.09 9.20
C PHE I 7 -44.39 -50.81 9.64
N ALA I 8 -44.56 -49.91 10.60
CA ALA I 8 -45.89 -49.65 11.15
C ALA I 8 -45.92 -48.28 11.80
N THR I 9 -47.14 -47.81 12.07
CA THR I 9 -47.35 -46.58 12.83
C THR I 9 -48.63 -46.74 13.65
N ILE I 10 -48.74 -45.93 14.70
CA ILE I 10 -49.85 -46.02 15.64
C ILE I 10 -50.38 -44.61 15.90
N LEU I 11 -51.69 -44.45 15.83
CA LEU I 11 -52.35 -43.22 16.23
C LEU I 11 -53.33 -43.51 17.36
N THR I 12 -53.71 -42.46 18.09
CA THR I 12 -54.47 -42.65 19.32
C THR I 12 -55.18 -41.36 19.72
N TYR I 13 -56.51 -41.43 19.85
CA TYR I 13 -57.30 -40.33 20.41
C TYR I 13 -58.32 -40.86 21.41
N PRO I 14 -57.87 -41.31 22.59
CA PRO I 14 -58.83 -41.71 23.63
C PRO I 14 -59.47 -40.50 24.29
N ALA I 15 -58.64 -39.51 24.62
CA ALA I 15 -59.02 -38.41 25.50
C ALA I 15 -58.17 -37.19 25.19
N PRO I 16 -58.45 -36.03 25.80
CA PRO I 16 -57.57 -34.87 25.62
C PRO I 16 -56.13 -35.17 26.03
N ALA I 17 -55.19 -34.65 25.25
CA ALA I 17 -53.78 -34.85 25.54
C ALA I 17 -53.34 -33.98 26.72
N SER I 18 -53.91 -32.79 26.84
CA SER I 18 -53.65 -31.85 27.95
C SER I 18 -52.16 -31.49 27.91
N ASN I 19 -51.43 -31.63 29.02
CA ASN I 19 -50.03 -31.25 29.09
C ASN I 19 -49.16 -32.48 29.32
N TYR I 20 -48.00 -32.49 28.68
CA TYR I 20 -47.03 -33.56 28.86
C TYR I 20 -45.64 -33.03 28.57
N ARG I 21 -44.63 -33.72 29.08
CA ARG I 21 -43.24 -33.34 28.87
C ARG I 21 -42.76 -33.70 27.47
N ARG I 28 -46.33 -18.69 30.98
CA ARG I 28 -45.50 -19.00 32.14
C ARG I 28 -44.76 -20.33 31.95
N SER I 29 -45.52 -21.41 31.78
CA SER I 29 -44.97 -22.75 31.66
C SER I 29 -45.54 -23.42 30.42
N VAL I 30 -44.69 -23.66 29.42
CA VAL I 30 -45.04 -24.43 28.23
C VAL I 30 -43.93 -25.42 27.97
N ILE I 31 -44.28 -26.51 27.30
CA ILE I 31 -43.34 -27.61 27.05
C ILE I 31 -43.37 -27.93 25.56
N GLN I 32 -42.23 -27.71 24.88
CA GLN I 32 -41.98 -28.23 23.54
C GLN I 32 -43.08 -27.82 22.55
N LYS I 33 -43.56 -26.60 22.66
CA LYS I 33 -44.52 -26.06 21.71
C LYS I 33 -43.72 -25.41 20.58
N ILE I 34 -43.54 -26.13 19.48
CA ILE I 34 -42.64 -25.70 18.42
C ILE I 34 -43.42 -25.39 17.16
N LEU I 35 -42.73 -24.96 16.11
CA LEU I 35 -43.32 -24.62 14.82
C LEU I 35 -42.85 -25.61 13.77
N LYS I 36 -43.79 -26.24 13.08
CA LYS I 36 -43.48 -27.13 11.97
C LYS I 36 -44.53 -26.95 10.88
N ASP I 37 -44.07 -26.86 9.64
CA ASP I 37 -44.88 -26.67 8.43
C ASP I 37 -46.02 -25.68 8.63
N GLY I 38 -45.77 -24.60 9.36
CA GLY I 38 -46.78 -23.60 9.62
C GLY I 38 -47.75 -24.02 10.71
N GLN I 39 -48.49 -23.03 11.22
CA GLN I 39 -49.49 -23.23 12.26
C GLN I 39 -48.91 -23.82 13.54
N LYS I 40 -47.60 -23.63 13.75
CA LYS I 40 -46.87 -24.01 14.97
C LYS I 40 -47.29 -25.38 15.51
N TYR I 41 -47.08 -26.40 14.69
CA TYR I 41 -47.23 -27.77 15.14
C TYR I 41 -46.12 -28.13 16.12
N ALA I 42 -46.48 -28.75 17.23
CA ALA I 42 -45.59 -28.96 18.37
C ALA I 42 -45.13 -30.41 18.45
N ILE I 43 -43.87 -30.58 18.84
CA ILE I 43 -43.25 -31.89 19.00
C ILE I 43 -43.66 -32.48 20.34
N ILE I 44 -43.68 -33.81 20.43
CA ILE I 44 -43.98 -34.50 21.67
C ILE I 44 -43.01 -35.67 21.82
N SER I 45 -42.10 -35.58 22.79
CA SER I 45 -41.32 -36.72 23.27
C SER I 45 -40.49 -37.37 22.17
N PRO I 46 -39.42 -36.73 21.69
CA PRO I 46 -38.57 -37.39 20.69
C PRO I 46 -37.97 -38.70 21.16
N GLU I 47 -37.68 -38.82 22.44
CA GLU I 47 -37.09 -40.04 22.99
C GLU I 47 -37.73 -40.50 24.31
N SER I 48 -38.70 -39.77 24.85
CA SER I 48 -39.22 -40.08 26.17
C SER I 48 -39.89 -41.45 26.23
N MET I 49 -40.40 -41.97 25.12
CA MET I 49 -40.99 -43.30 25.14
C MET I 49 -39.95 -44.40 25.30
N ARG I 50 -38.70 -44.13 24.93
CA ARG I 50 -37.67 -45.17 24.96
C ARG I 50 -37.46 -45.69 26.37
N ASN I 51 -37.02 -44.82 27.28
CA ASN I 51 -36.81 -45.26 28.67
C ASN I 51 -38.13 -45.64 29.33
N ALA I 52 -39.23 -45.01 28.92
CA ALA I 52 -40.53 -45.35 29.49
C ALA I 52 -40.88 -46.81 29.21
N LEU I 53 -40.61 -47.29 28.01
CA LEU I 53 -40.84 -48.68 27.67
C LEU I 53 -39.99 -49.63 28.50
N ARG I 54 -38.81 -49.19 28.93
CA ARG I 54 -37.88 -50.08 29.64
C ARG I 54 -38.47 -50.56 30.96
N GLU I 55 -39.05 -49.64 31.75
CA GLU I 55 -39.57 -50.01 33.05
C GLU I 55 -40.71 -51.00 32.93
N MET I 56 -41.62 -50.78 31.98
CA MET I 56 -42.74 -51.70 31.81
C MET I 56 -42.31 -53.02 31.21
N LEU I 57 -41.26 -53.02 30.38
CA LEU I 57 -40.72 -54.28 29.90
C LEU I 57 -40.10 -55.08 31.04
N ILE I 58 -39.40 -54.40 31.96
CA ILE I 58 -38.82 -55.09 33.10
C ILE I 58 -39.91 -55.58 34.04
N GLU I 59 -41.00 -54.82 34.17
CA GLU I 59 -42.12 -55.23 34.99
C GLU I 59 -42.68 -56.57 34.55
N LEU I 60 -42.53 -56.91 33.27
CA LEU I 60 -42.98 -58.20 32.76
C LEU I 60 -42.15 -59.37 33.29
N GLY I 61 -41.00 -59.10 33.91
CA GLY I 61 -40.16 -60.14 34.45
C GLY I 61 -38.81 -60.30 33.77
N GLN I 62 -38.43 -59.40 32.86
CA GLN I 62 -37.13 -59.61 32.25
C GLN I 62 -36.05 -58.87 33.03
N PRO I 63 -34.87 -59.47 33.17
CA PRO I 63 -33.78 -58.81 33.89
C PRO I 63 -33.24 -57.61 33.12
N ASN I 64 -32.65 -56.67 33.87
CA ASN I 64 -32.12 -55.45 33.31
C ASN I 64 -30.79 -55.12 33.95
N ASN I 65 -30.05 -54.23 33.29
CA ASN I 65 -28.76 -53.73 33.78
C ASN I 65 -28.83 -52.30 34.28
N ARG I 66 -29.70 -51.47 33.72
CA ARG I 66 -29.82 -50.07 34.09
C ARG I 66 -31.05 -49.89 34.96
N THR I 67 -30.91 -49.12 36.04
CA THR I 67 -32.04 -48.85 36.92
C THR I 67 -32.00 -47.40 37.37
N ARG I 68 -33.16 -46.74 37.30
CA ARG I 68 -33.28 -45.39 37.81
C ARG I 68 -33.43 -45.40 39.32
N LEU I 69 -32.75 -44.47 39.99
CA LEU I 69 -32.84 -44.32 41.44
C LEU I 69 -33.09 -42.86 41.76
N HIS I 70 -33.83 -42.63 42.85
CA HIS I 70 -34.21 -41.28 43.29
C HIS I 70 -33.47 -41.00 44.59
N SER I 71 -32.26 -40.44 44.46
CA SER I 71 -31.43 -40.11 45.61
C SER I 71 -31.42 -38.62 45.92
N GLU I 72 -31.32 -37.77 44.91
CA GLU I 72 -31.27 -36.33 45.10
C GLU I 72 -31.89 -35.65 43.89
N ASP I 73 -31.68 -34.35 43.76
CA ASP I 73 -32.19 -33.61 42.61
C ASP I 73 -31.59 -34.13 41.31
N GLN I 74 -30.30 -34.42 41.31
CA GLN I 74 -29.66 -34.98 40.13
C GLN I 74 -30.23 -36.36 39.84
N LEU I 75 -30.60 -36.58 38.57
CA LEU I 75 -31.28 -37.79 38.16
C LEU I 75 -30.24 -38.81 37.67
N ALA I 76 -29.68 -39.55 38.63
CA ALA I 76 -28.65 -40.52 38.33
C ALA I 76 -29.28 -41.87 37.94
N VAL I 77 -28.45 -42.73 37.37
CA VAL I 77 -28.82 -44.10 37.03
C VAL I 77 -27.75 -45.03 37.60
N GLU I 78 -28.13 -46.30 37.73
CA GLU I 78 -27.24 -47.32 38.30
C GLU I 78 -27.10 -48.47 37.31
N PHE I 79 -25.86 -48.87 37.06
CA PHE I 79 -25.53 -50.04 36.25
C PHE I 79 -25.01 -51.10 37.21
N LYS I 80 -25.83 -52.11 37.49
CA LYS I 80 -25.45 -53.13 38.47
C LYS I 80 -24.19 -53.88 38.04
N GLU I 81 -24.10 -54.24 36.77
CA GLU I 81 -22.93 -54.94 36.24
C GLU I 81 -22.63 -54.41 34.85
N TYR I 82 -21.65 -55.01 34.20
CA TYR I 82 -21.32 -54.64 32.83
C TYR I 82 -22.36 -55.20 31.87
N PRO I 83 -22.58 -54.55 30.74
CA PRO I 83 -23.60 -55.03 29.80
C PRO I 83 -23.25 -56.42 29.27
N ASN I 84 -24.19 -57.34 29.41
CA ASN I 84 -24.00 -58.73 28.99
C ASN I 84 -25.27 -59.25 28.32
N PRO I 85 -25.18 -59.73 27.08
CA PRO I 85 -26.39 -60.18 26.38
C PRO I 85 -27.01 -61.43 26.98
N ASP I 86 -26.29 -62.16 27.81
CA ASP I 86 -26.79 -63.45 28.30
C ASP I 86 -28.05 -63.28 29.15
N LYS I 87 -28.07 -62.29 30.03
CA LYS I 87 -29.16 -62.14 30.99
C LYS I 87 -29.64 -60.71 31.08
N PHE I 88 -29.63 -59.97 29.97
CA PHE I 88 -30.10 -58.60 29.95
C PHE I 88 -31.07 -58.40 28.79
N ALA I 89 -32.10 -57.60 29.02
CA ALA I 89 -33.21 -57.46 28.10
C ALA I 89 -32.85 -56.50 26.97
N ASP I 90 -33.86 -56.11 26.18
CA ASP I 90 -33.72 -55.23 25.02
C ASP I 90 -32.78 -55.82 23.97
N ASP I 91 -32.64 -57.15 23.97
CA ASP I 91 -31.67 -57.85 23.13
C ASP I 91 -30.28 -57.19 23.27
N PHE I 92 -29.76 -57.28 24.49
CA PHE I 92 -28.46 -56.72 24.86
C PHE I 92 -28.50 -55.18 24.89
N LEU I 93 -29.58 -54.62 25.43
CA LEU I 93 -29.64 -53.21 25.80
C LEU I 93 -29.31 -52.30 24.62
N PHE I 94 -30.24 -52.30 23.65
CA PHE I 94 -30.08 -51.53 22.42
C PHE I 94 -29.55 -50.13 22.70
N GLY I 95 -28.37 -49.84 22.16
CA GLY I 95 -27.68 -48.61 22.49
C GLY I 95 -27.15 -48.59 23.90
N TYR I 96 -26.20 -49.47 24.21
CA TYR I 96 -25.66 -49.60 25.55
C TYR I 96 -24.37 -48.81 25.68
N MET I 97 -24.21 -48.12 26.80
CA MET I 97 -23.11 -47.19 27.00
C MET I 97 -21.76 -47.90 26.85
N VAL I 98 -20.81 -47.17 26.26
CA VAL I 98 -19.46 -47.69 26.03
C VAL I 98 -18.49 -46.97 26.95
N ALA I 99 -17.44 -47.69 27.33
CA ALA I 99 -16.44 -47.13 28.22
C ALA I 99 -15.60 -46.06 27.51
N GLN I 100 -15.09 -45.12 28.30
CA GLN I 100 -14.23 -44.05 27.81
C GLN I 100 -12.91 -44.13 28.57
N THR I 101 -11.97 -44.92 28.05
CA THR I 101 -10.68 -45.16 28.69
C THR I 101 -10.86 -45.66 30.12
N ASN I 102 -11.84 -46.53 30.32
CA ASN I 102 -12.15 -47.11 31.62
C ASN I 102 -12.00 -48.63 31.55
N ASP I 103 -11.43 -49.20 32.60
CA ASP I 103 -11.22 -50.65 32.69
C ASP I 103 -10.39 -51.16 31.51
N ALA I 104 -9.40 -50.36 31.11
CA ALA I 104 -8.58 -50.66 29.93
C ALA I 104 -9.46 -50.93 28.71
N LYS I 105 -10.51 -50.13 28.56
CA LYS I 105 -11.48 -50.20 27.48
C LYS I 105 -12.29 -51.49 27.49
N GLU I 106 -12.15 -52.31 28.54
CA GLU I 106 -12.87 -53.57 28.67
C GLU I 106 -12.60 -54.50 27.48
N MET I 107 -11.44 -54.33 26.84
CA MET I 107 -11.17 -55.04 25.61
C MET I 107 -10.81 -56.52 25.86
N LYS I 108 -10.13 -56.80 26.97
CA LYS I 108 -9.66 -58.15 27.24
C LYS I 108 -10.33 -58.83 28.41
N LYS I 109 -10.91 -58.06 29.34
CA LYS I 109 -11.56 -58.66 30.51
C LYS I 109 -12.75 -59.51 30.10
N LEU I 110 -13.57 -59.01 29.17
CA LEU I 110 -14.71 -59.76 28.67
C LEU I 110 -14.73 -59.90 27.15
N ASN I 111 -13.83 -59.22 26.44
CA ASN I 111 -13.63 -59.41 25.00
C ASN I 111 -14.89 -59.09 24.20
N ARG I 112 -15.64 -58.06 24.64
CA ARG I 112 -16.71 -57.62 23.76
C ARG I 112 -16.25 -56.42 22.93
N PRO I 113 -16.82 -56.22 21.74
CA PRO I 113 -16.42 -55.08 20.92
C PRO I 113 -16.67 -53.73 21.58
N ALA I 114 -17.64 -53.66 22.50
CA ALA I 114 -17.94 -52.44 23.25
C ALA I 114 -18.31 -51.29 22.32
N LYS I 115 -19.39 -51.50 21.56
CA LYS I 115 -19.96 -50.48 20.71
C LYS I 115 -21.47 -50.68 20.65
N ARG I 116 -22.20 -49.56 20.57
CA ARG I 116 -23.65 -49.60 20.62
C ARG I 116 -24.22 -50.36 19.43
N ASP I 117 -25.19 -51.23 19.71
CA ASP I 117 -25.99 -51.89 18.68
C ASP I 117 -27.44 -51.54 18.94
N SER I 118 -28.10 -50.94 17.96
CA SER I 118 -29.46 -50.44 18.11
C SER I 118 -30.33 -51.00 16.99
N ILE I 119 -30.89 -52.19 17.20
CA ILE I 119 -31.83 -52.75 16.24
C ILE I 119 -33.12 -51.94 16.25
N PHE I 120 -33.63 -51.62 17.43
CA PHE I 120 -34.84 -50.80 17.53
C PHE I 120 -34.55 -49.37 17.09
N ARG I 121 -35.50 -48.77 16.39
CA ARG I 121 -35.38 -47.39 15.95
C ARG I 121 -36.77 -46.82 15.73
N CYS I 122 -36.93 -45.53 16.00
CA CYS I 122 -38.22 -44.89 15.90
C CYS I 122 -38.04 -43.40 15.67
N ASN I 123 -39.17 -42.70 15.53
CA ASN I 123 -39.21 -41.28 15.24
C ASN I 123 -40.26 -40.65 16.14
N MET I 124 -40.15 -39.33 16.37
CA MET I 124 -41.03 -38.73 17.37
C MET I 124 -42.45 -38.61 16.83
N ALA I 125 -43.39 -38.49 17.77
CA ALA I 125 -44.79 -38.29 17.44
C ALA I 125 -45.07 -36.82 17.18
N VAL I 126 -46.21 -36.56 16.53
CA VAL I 126 -46.62 -35.20 16.20
C VAL I 126 -48.13 -35.17 16.12
N ALA I 127 -48.72 -34.05 16.56
CA ALA I 127 -50.16 -33.91 16.59
C ALA I 127 -50.73 -33.79 15.18
N VAL I 128 -52.05 -33.92 15.08
CA VAL I 128 -52.77 -33.82 13.81
C VAL I 128 -53.60 -32.54 13.72
N ASN I 129 -54.36 -32.23 14.76
CA ASN I 129 -55.16 -31.02 14.77
C ASN I 129 -54.28 -29.82 15.10
N PRO I 130 -54.27 -28.78 14.26
CA PRO I 130 -53.42 -27.62 14.54
C PRO I 130 -53.84 -26.93 15.83
N TYR I 131 -52.85 -26.46 16.58
CA TYR I 131 -53.11 -25.75 17.82
C TYR I 131 -53.62 -24.34 17.53
N LYS I 132 -54.54 -23.87 18.36
CA LYS I 132 -54.94 -22.47 18.36
C LYS I 132 -53.89 -21.68 19.15
N TYR I 133 -54.19 -20.41 19.43
CA TYR I 133 -53.29 -19.61 20.23
C TYR I 133 -53.24 -20.14 21.67
N ASP I 134 -52.33 -19.58 22.46
CA ASP I 134 -52.16 -20.00 23.85
C ASP I 134 -53.43 -19.70 24.61
N THR I 135 -54.20 -20.74 24.93
CA THR I 135 -55.53 -20.60 25.53
C THR I 135 -55.60 -21.49 26.76
N VAL I 136 -55.41 -20.89 27.94
CA VAL I 136 -55.56 -21.60 29.20
C VAL I 136 -55.65 -20.56 30.30
N PHE I 137 -56.39 -20.90 31.37
CA PHE I 137 -56.51 -20.03 32.53
C PHE I 137 -56.37 -20.86 33.80
N TYR I 138 -55.95 -20.19 34.87
CA TYR I 138 -55.77 -20.83 36.16
C TYR I 138 -56.55 -20.03 37.21
N GLN I 139 -57.18 -20.74 38.14
CA GLN I 139 -58.08 -20.08 39.09
C GLN I 139 -57.31 -19.42 40.22
N SER I 140 -56.62 -20.22 41.04
CA SER I 140 -55.89 -19.69 42.19
C SER I 140 -54.88 -20.69 42.73
N PRO I 141 -53.63 -20.28 42.92
CA PRO I 141 -52.66 -21.17 43.58
C PRO I 141 -52.75 -21.08 45.09
N LEU I 142 -51.85 -21.77 45.79
CA LEU I 142 -51.81 -21.67 47.24
C LEU I 142 -51.43 -20.25 47.67
N ASN I 143 -51.98 -19.82 48.79
CA ASN I 143 -51.84 -18.43 49.23
C ASN I 143 -50.45 -18.21 49.83
N ALA I 144 -50.25 -17.04 50.43
CA ALA I 144 -48.96 -16.68 50.99
C ALA I 144 -48.56 -17.63 52.12
N GLY I 145 -47.52 -18.43 51.89
CA GLY I 145 -47.07 -19.38 52.89
C GLY I 145 -45.69 -19.90 52.54
N ASP I 146 -45.00 -20.39 53.57
CA ASP I 146 -43.65 -20.91 53.41
C ASP I 146 -43.62 -22.41 53.13
N SER I 147 -44.57 -23.17 53.67
CA SER I 147 -44.61 -24.61 53.45
C SER I 147 -45.58 -24.97 52.34
N ALA I 156 -50.36 -15.35 40.73
CA ALA I 156 -49.50 -16.38 40.17
C ALA I 156 -50.30 -17.35 39.30
N LEU I 157 -50.50 -16.97 38.04
CA LEU I 157 -51.28 -17.81 37.13
C LEU I 157 -50.59 -19.15 36.90
N LEU I 158 -49.31 -19.13 36.51
CA LEU I 158 -48.56 -20.34 36.17
C LEU I 158 -49.30 -21.17 35.12
N HIS I 159 -49.90 -20.47 34.16
CA HIS I 159 -50.74 -21.14 33.17
C HIS I 159 -49.89 -22.03 32.26
N ARG I 160 -50.48 -23.15 31.84
CA ARG I 160 -49.82 -24.10 30.95
C ARG I 160 -50.78 -24.45 29.82
N GLU I 161 -50.30 -24.31 28.58
CA GLU I 161 -51.15 -24.54 27.43
C GLU I 161 -51.69 -25.97 27.42
N VAL I 162 -52.99 -26.12 27.20
CA VAL I 162 -53.67 -27.41 27.24
C VAL I 162 -54.42 -27.59 25.93
N THR I 163 -54.16 -28.71 25.26
CA THR I 163 -54.84 -29.07 24.02
C THR I 163 -55.31 -30.51 24.11
N HIS I 164 -56.40 -30.81 23.38
CA HIS I 164 -56.97 -32.14 23.35
C HIS I 164 -56.59 -32.90 22.08
N THR I 165 -55.58 -32.43 21.36
CA THR I 165 -55.26 -32.98 20.05
C THR I 165 -54.61 -34.36 20.17
N ALA I 166 -54.96 -35.24 19.24
CA ALA I 166 -54.34 -36.55 19.14
C ALA I 166 -53.00 -36.45 18.39
N PHE I 167 -52.21 -37.52 18.50
CA PHE I 167 -50.90 -37.56 17.86
C PHE I 167 -50.51 -39.00 17.57
N GLN I 168 -49.64 -39.17 16.57
CA GLN I 168 -49.22 -40.49 16.11
C GLN I 168 -47.72 -40.51 15.89
N TYR I 169 -47.15 -41.70 15.93
CA TYR I 169 -45.72 -41.90 15.74
C TYR I 169 -45.48 -43.10 14.84
N PRO I 170 -44.39 -43.12 14.09
CA PRO I 170 -44.05 -44.28 13.26
C PRO I 170 -43.26 -45.31 14.06
N PHE I 171 -42.94 -46.42 13.40
CA PHE I 171 -42.32 -47.55 14.09
C PHE I 171 -41.62 -48.41 13.04
N ALA I 172 -40.29 -48.53 13.14
CA ALA I 172 -39.54 -49.29 12.15
C ALA I 172 -39.27 -50.72 12.60
N LEU I 173 -38.51 -50.90 13.68
CA LEU I 173 -38.10 -52.21 14.18
C LEU I 173 -37.62 -53.11 13.03
N ALA I 174 -36.54 -52.68 12.39
CA ALA I 174 -36.03 -53.36 11.21
C ALA I 174 -35.04 -54.44 11.63
N GLY I 175 -35.26 -55.67 11.14
CA GLY I 175 -34.31 -56.74 11.31
C GLY I 175 -34.65 -57.75 12.39
N LYS I 176 -35.15 -58.91 11.97
CA LYS I 176 -35.34 -60.04 12.88
C LYS I 176 -34.23 -61.06 12.78
N ASP I 177 -33.61 -61.20 11.61
CA ASP I 177 -32.54 -62.17 11.44
C ASP I 177 -31.33 -61.86 12.31
N CYS I 178 -31.16 -60.60 12.69
CA CYS I 178 -30.02 -60.19 13.50
C CYS I 178 -30.20 -60.70 14.93
N ALA I 179 -29.61 -61.86 15.22
CA ALA I 179 -29.65 -62.47 16.54
C ALA I 179 -31.09 -62.67 17.00
N ALA I 180 -31.82 -63.51 16.27
CA ALA I 180 -33.24 -63.72 16.53
C ALA I 180 -33.47 -64.37 17.88
N LYS I 181 -33.98 -63.60 18.84
CA LYS I 181 -34.30 -64.11 20.17
C LYS I 181 -35.81 -64.10 20.33
N PRO I 182 -36.48 -65.23 20.12
CA PRO I 182 -37.96 -65.21 20.08
C PRO I 182 -38.62 -64.67 21.33
N GLU I 183 -38.10 -65.01 22.52
CA GLU I 183 -38.79 -64.63 23.75
C GLU I 183 -38.76 -63.12 23.96
N TRP I 184 -37.59 -62.50 23.86
CA TRP I 184 -37.47 -61.07 24.11
C TRP I 184 -38.20 -60.27 23.05
N VAL I 185 -38.07 -60.65 21.77
CA VAL I 185 -38.74 -59.94 20.70
C VAL I 185 -40.25 -60.05 20.85
N LYS I 186 -40.75 -61.26 21.12
CA LYS I 186 -42.19 -61.42 21.26
C LYS I 186 -42.71 -60.67 22.48
N ALA I 187 -41.94 -60.62 23.56
CA ALA I 187 -42.34 -59.83 24.72
C ALA I 187 -42.42 -58.35 24.39
N LEU I 188 -41.42 -57.84 23.66
CA LEU I 188 -41.46 -56.44 23.25
C LEU I 188 -42.68 -56.14 22.39
N LEU I 189 -42.97 -57.02 21.43
CA LEU I 189 -44.11 -56.80 20.55
C LEU I 189 -45.44 -56.86 21.31
N GLN I 190 -45.59 -57.81 22.22
CA GLN I 190 -46.84 -57.89 22.97
C GLN I 190 -46.93 -56.86 24.09
N ALA I 191 -45.83 -56.19 24.43
CA ALA I 191 -45.85 -55.17 25.46
C ALA I 191 -46.00 -53.76 24.91
N ILE I 192 -45.57 -53.52 23.66
CA ILE I 192 -45.67 -52.19 23.09
C ILE I 192 -47.12 -51.74 22.93
N ALA I 193 -48.06 -52.68 22.89
CA ALA I 193 -49.46 -52.32 22.64
C ALA I 193 -50.12 -51.63 23.83
N GLU I 194 -49.49 -51.62 25.00
CA GLU I 194 -50.16 -51.13 26.19
C GLU I 194 -49.26 -50.24 27.04
N LEU I 195 -48.41 -49.44 26.41
CA LEU I 195 -47.63 -48.46 27.16
C LEU I 195 -48.54 -47.33 27.63
N ASN I 196 -48.39 -46.92 28.88
CA ASN I 196 -49.23 -45.87 29.46
C ASN I 196 -48.43 -44.65 29.88
N GLY I 197 -47.37 -44.83 30.67
CA GLY I 197 -46.57 -43.70 31.12
C GLY I 197 -45.49 -43.32 30.13
N VAL I 198 -45.52 -42.07 29.65
CA VAL I 198 -44.58 -41.60 28.65
C VAL I 198 -43.75 -40.42 29.17
N ALA I 199 -44.36 -39.49 29.88
CA ALA I 199 -43.70 -38.27 30.31
C ALA I 199 -44.22 -37.88 31.69
N GLY I 200 -43.95 -36.65 32.10
CA GLY I 200 -44.40 -36.18 33.38
C GLY I 200 -45.86 -35.76 33.37
N GLY I 201 -46.35 -35.40 34.56
CA GLY I 201 -47.72 -34.95 34.71
C GLY I 201 -48.76 -36.04 34.63
N HIS I 202 -48.37 -37.30 34.87
CA HIS I 202 -49.35 -38.39 34.82
C HIS I 202 -50.41 -38.24 35.90
N ALA I 203 -50.03 -37.73 37.08
CA ALA I 203 -51.00 -37.50 38.13
C ALA I 203 -52.05 -36.47 37.73
N ARG I 204 -51.75 -35.64 36.73
CA ARG I 204 -52.70 -34.63 36.27
C ARG I 204 -53.58 -35.12 35.13
N ALA I 205 -53.09 -36.07 34.32
CA ALA I 205 -53.86 -36.53 33.16
C ALA I 205 -53.46 -37.95 32.80
N TYR I 206 -54.45 -38.80 32.56
CA TYR I 206 -54.25 -40.14 32.05
C TYR I 206 -54.35 -40.13 30.52
N TYR I 207 -53.69 -41.09 29.89
CA TYR I 207 -53.67 -41.11 28.43
C TYR I 207 -53.24 -42.50 27.95
N GLU I 208 -53.91 -42.98 26.91
CA GLU I 208 -53.61 -44.27 26.28
C GLU I 208 -52.88 -44.03 24.97
N PHE I 209 -52.40 -45.12 24.36
CA PHE I 209 -51.60 -44.95 23.14
C PHE I 209 -51.95 -45.87 21.99
N ALA I 210 -52.58 -47.02 22.24
CA ALA I 210 -52.89 -47.97 21.16
C ALA I 210 -54.30 -48.54 21.30
N PRO I 211 -55.34 -47.68 21.23
CA PRO I 211 -56.69 -48.21 21.10
C PRO I 211 -57.24 -48.14 19.68
N ARG I 212 -56.52 -47.49 18.78
CA ARG I 212 -57.02 -47.14 17.46
C ARG I 212 -56.36 -47.99 16.38
N SER I 213 -56.65 -47.65 15.12
CA SER I 213 -56.20 -48.43 13.98
C SER I 213 -54.68 -48.33 13.82
N VAL I 214 -54.12 -49.33 13.13
CA VAL I 214 -52.69 -49.39 12.85
C VAL I 214 -52.47 -50.00 11.47
N VAL I 215 -51.62 -49.35 10.67
CA VAL I 215 -51.08 -50.01 9.49
C VAL I 215 -49.89 -50.88 9.89
N ALA I 216 -49.48 -51.77 8.99
CA ALA I 216 -48.53 -52.80 9.36
C ALA I 216 -47.58 -53.07 8.20
N ARG I 217 -46.91 -54.20 8.27
CA ARG I 217 -45.84 -54.57 7.34
C ARG I 217 -46.30 -54.49 5.89
N LEU I 218 -45.42 -53.94 5.04
CA LEU I 218 -45.78 -53.69 3.65
C LEU I 218 -44.70 -54.08 2.64
N THR I 219 -43.55 -54.60 3.06
CA THR I 219 -42.52 -54.96 2.10
C THR I 219 -41.59 -56.04 2.65
N PRO I 220 -41.51 -57.21 2.01
CA PRO I 220 -40.62 -58.26 2.51
C PRO I 220 -39.21 -58.18 1.98
N LYS I 221 -39.02 -57.61 0.79
CA LYS I 221 -37.74 -57.72 0.10
C LYS I 221 -36.64 -56.93 0.80
N LEU I 222 -36.92 -55.66 1.13
CA LEU I 222 -35.88 -54.78 1.66
C LEU I 222 -36.56 -53.58 2.32
N VAL I 223 -35.75 -52.76 2.99
CA VAL I 223 -36.27 -51.54 3.60
C VAL I 223 -36.86 -50.65 2.52
N ALA I 224 -38.13 -50.29 2.69
CA ALA I 224 -38.86 -49.46 1.75
C ALA I 224 -40.16 -49.03 2.39
N GLY I 225 -40.59 -47.81 2.09
CA GLY I 225 -41.83 -47.30 2.64
C GLY I 225 -42.34 -46.15 1.82
N TYR I 226 -43.43 -45.55 2.30
CA TYR I 226 -44.08 -44.44 1.62
C TYR I 226 -45.08 -43.81 2.57
N GLN I 227 -45.10 -42.48 2.60
CA GLN I 227 -46.09 -41.70 3.35
C GLN I 227 -46.18 -42.19 4.79
N THR I 228 -45.06 -41.98 5.50
CA THR I 228 -44.87 -42.62 6.81
C THR I 228 -46.01 -42.28 7.76
N TYR I 229 -46.35 -40.99 7.90
CA TYR I 229 -47.43 -40.62 8.81
C TYR I 229 -48.79 -40.91 8.19
N GLY I 230 -49.15 -40.19 7.13
CA GLY I 230 -50.32 -40.51 6.32
C GLY I 230 -51.65 -40.61 7.04
N PHE I 231 -51.97 -39.65 7.91
CA PHE I 231 -53.30 -39.60 8.51
C PHE I 231 -53.83 -38.18 8.53
N ASP I 232 -55.07 -38.02 8.10
CA ASP I 232 -55.84 -36.81 8.34
C ASP I 232 -56.64 -37.00 9.63
N ALA I 233 -57.63 -36.14 9.87
CA ALA I 233 -58.45 -36.25 11.09
C ALA I 233 -59.24 -37.55 11.15
N GLU I 234 -59.13 -38.38 10.11
CA GLU I 234 -59.78 -39.68 10.09
C GLU I 234 -58.81 -40.66 9.43
N GLY I 235 -59.31 -41.84 9.07
CA GLY I 235 -58.45 -42.87 8.52
C GLY I 235 -57.94 -42.54 7.13
N ASN I 236 -56.83 -43.18 6.77
CA ASN I 236 -56.21 -43.00 5.47
C ASN I 236 -55.53 -44.31 5.09
N TRP I 237 -54.60 -44.25 4.12
CA TRP I 237 -53.96 -45.44 3.55
C TRP I 237 -54.98 -46.31 2.82
N LEU I 238 -55.79 -45.69 1.97
CA LEU I 238 -56.84 -46.38 1.24
C LEU I 238 -56.81 -45.88 -0.21
N GLU I 239 -57.86 -46.24 -0.95
CA GLU I 239 -58.18 -45.69 -2.28
C GLU I 239 -57.00 -45.75 -3.25
N LEU I 240 -56.02 -46.61 -2.99
CA LEU I 240 -54.80 -46.66 -3.78
C LEU I 240 -54.54 -48.09 -4.25
N SER I 241 -53.97 -48.21 -5.44
CA SER I 241 -53.74 -49.52 -6.04
C SER I 241 -52.77 -50.37 -5.24
N ARG I 242 -51.94 -49.75 -4.39
CA ARG I 242 -51.11 -50.53 -3.48
C ARG I 242 -51.99 -51.35 -2.54
N LEU I 243 -53.06 -50.76 -2.03
CA LEU I 243 -54.01 -51.53 -1.22
C LEU I 243 -54.82 -52.46 -2.10
N THR I 244 -55.26 -52.00 -3.27
CA THR I 244 -55.99 -52.87 -4.19
C THR I 244 -55.19 -54.13 -4.49
N ALA I 245 -53.90 -53.96 -4.81
CA ALA I 245 -52.92 -55.04 -4.76
C ALA I 245 -53.34 -56.23 -5.61
N THR I 246 -53.75 -55.95 -6.84
CA THR I 246 -54.07 -57.03 -7.76
C THR I 246 -52.85 -57.91 -7.97
N ASP I 247 -53.08 -59.23 -8.07
CA ASP I 247 -51.97 -60.16 -8.06
C ASP I 247 -51.12 -60.04 -9.32
N SER I 248 -51.75 -60.04 -10.50
CA SER I 248 -50.98 -60.07 -11.74
C SER I 248 -51.55 -59.23 -12.87
N ASP I 249 -52.41 -58.25 -12.59
CA ASP I 249 -53.05 -57.50 -13.66
C ASP I 249 -53.34 -56.07 -13.24
N ASN I 250 -53.49 -55.21 -14.25
CA ASN I 250 -54.01 -53.84 -14.13
C ASN I 250 -53.39 -53.09 -12.95
N LEU I 251 -52.09 -52.78 -13.11
CA LEU I 251 -51.35 -51.96 -12.15
C LEU I 251 -51.31 -52.64 -10.78
N ASP I 252 -50.58 -53.75 -10.74
CA ASP I 252 -50.52 -54.58 -9.55
C ASP I 252 -50.09 -53.78 -8.32
N LEU I 253 -48.95 -53.07 -8.41
CA LEU I 253 -48.38 -52.32 -7.28
C LEU I 253 -48.06 -53.30 -6.15
N PRO I 254 -47.48 -52.88 -5.01
CA PRO I 254 -47.14 -53.87 -3.98
C PRO I 254 -48.37 -54.62 -3.48
N ALA I 255 -48.18 -55.92 -3.24
CA ALA I 255 -49.29 -56.83 -3.00
C ALA I 255 -49.91 -56.57 -1.63
N ASN I 256 -50.93 -57.35 -1.30
CA ASN I 256 -51.72 -57.16 -0.09
C ASN I 256 -51.12 -58.02 1.01
N GLU I 257 -50.12 -57.46 1.70
CA GLU I 257 -49.55 -58.08 2.90
C GLU I 257 -49.69 -57.17 4.11
N PHE I 258 -50.54 -56.15 4.00
CA PHE I 258 -50.80 -55.26 5.11
C PHE I 258 -51.68 -55.94 6.14
N TRP I 259 -51.59 -55.45 7.39
CA TRP I 259 -52.45 -55.92 8.47
C TRP I 259 -53.11 -54.69 9.08
N LEU I 260 -54.43 -54.63 8.99
CA LEU I 260 -55.21 -53.48 9.45
C LEU I 260 -56.06 -53.92 10.64
N GLY I 261 -55.99 -53.15 11.73
CA GLY I 261 -56.78 -53.45 12.90
C GLY I 261 -56.98 -52.27 13.80
N GLY I 262 -58.22 -51.99 14.18
CA GLY I 262 -58.51 -50.86 15.05
C GLY I 262 -59.82 -50.16 14.75
N GLU I 263 -59.76 -48.86 14.49
CA GLU I 263 -60.95 -48.05 14.31
C GLU I 263 -61.51 -48.10 12.89
N LEU I 264 -60.63 -48.10 11.88
CA LEU I 264 -61.12 -48.05 10.50
C LEU I 264 -61.86 -49.33 10.11
N VAL I 265 -61.43 -50.48 10.64
CA VAL I 265 -62.11 -51.72 10.33
C VAL I 265 -63.52 -51.76 10.89
N ARG I 266 -63.81 -50.96 11.92
CA ARG I 266 -65.15 -50.90 12.49
C ARG I 266 -66.14 -50.18 11.58
N LYS I 267 -65.67 -49.49 10.55
CA LYS I 267 -66.55 -48.81 9.60
C LYS I 267 -66.85 -49.80 8.48
N MET I 268 -67.93 -50.56 8.67
CA MET I 268 -68.28 -51.61 7.72
C MET I 268 -68.69 -50.98 6.39
N ASP I 269 -68.15 -51.51 5.30
CA ASP I 269 -68.45 -51.03 3.96
C ASP I 269 -68.54 -52.23 3.02
N GLN I 270 -69.12 -52.00 1.85
CA GLN I 270 -69.18 -53.06 0.85
C GLN I 270 -67.83 -53.27 0.19
N GLU I 271 -67.01 -52.22 0.07
CA GLU I 271 -65.65 -52.42 -0.41
C GLU I 271 -64.78 -53.13 0.62
N GLN I 272 -65.21 -53.15 1.89
CA GLN I 272 -64.54 -54.00 2.86
C GLN I 272 -64.60 -55.46 2.46
N LYS I 273 -65.68 -55.87 1.80
CA LYS I 273 -65.74 -57.22 1.24
C LYS I 273 -64.70 -57.40 0.13
N ALA I 274 -64.48 -56.35 -0.67
CA ALA I 274 -63.45 -56.42 -1.70
C ALA I 274 -62.07 -56.56 -1.10
N GLN I 275 -61.81 -55.85 0.00
CA GLN I 275 -60.54 -56.04 0.70
C GLN I 275 -60.46 -57.43 1.33
N LEU I 276 -61.58 -57.96 1.81
CA LEU I 276 -61.59 -59.30 2.40
C LEU I 276 -61.22 -60.35 1.37
N GLU I 277 -61.85 -60.29 0.19
CA GLU I 277 -61.50 -61.25 -0.86
C GLU I 277 -60.09 -61.04 -1.36
N ALA I 278 -59.56 -59.82 -1.25
CA ALA I 278 -58.15 -59.58 -1.53
C ALA I 278 -57.31 -60.30 -0.49
N MET I 279 -56.59 -61.34 -0.91
CA MET I 279 -55.86 -62.18 0.03
C MET I 279 -54.78 -61.38 0.75
N GLY I 280 -54.54 -61.74 2.00
CA GLY I 280 -53.53 -61.10 2.81
C GLY I 280 -53.99 -59.86 3.55
N ALA I 281 -55.28 -59.52 3.52
CA ALA I 281 -55.76 -58.35 4.24
C ALA I 281 -55.55 -58.50 5.74
N HIS I 282 -55.91 -59.67 6.29
CA HIS I 282 -55.65 -60.00 7.69
C HIS I 282 -56.24 -58.95 8.63
N LEU I 283 -57.40 -58.41 8.27
CA LEU I 283 -58.03 -57.38 9.09
C LEU I 283 -58.55 -57.98 10.40
N TYR I 284 -58.39 -57.23 11.48
CA TYR I 284 -58.78 -57.68 12.80
C TYR I 284 -59.48 -56.54 13.54
N ALA I 285 -60.26 -56.91 14.56
CA ALA I 285 -60.97 -55.92 15.36
C ALA I 285 -60.18 -55.48 16.58
N ASN I 286 -59.43 -56.40 17.20
CA ASN I 286 -58.65 -56.08 18.39
C ASN I 286 -57.19 -55.98 18.04
N PRO I 287 -56.57 -54.81 18.21
CA PRO I 287 -55.13 -54.69 17.89
C PRO I 287 -54.25 -55.61 18.71
N GLU I 288 -54.65 -55.94 19.94
CA GLU I 288 -53.87 -56.85 20.75
C GLU I 288 -53.78 -58.22 20.11
N LYS I 289 -54.89 -58.72 19.57
CA LYS I 289 -54.86 -59.97 18.82
C LYS I 289 -54.05 -59.84 17.54
N LEU I 290 -54.13 -58.68 16.88
CA LEU I 290 -53.37 -58.46 15.66
C LEU I 290 -51.87 -58.55 15.91
N PHE I 291 -51.41 -57.94 17.01
CA PHE I 291 -49.99 -58.02 17.33
C PHE I 291 -49.55 -59.45 17.61
N ALA I 292 -50.36 -60.21 18.34
CA ALA I 292 -50.01 -61.60 18.60
C ALA I 292 -49.92 -62.41 17.31
N ASP I 293 -50.92 -62.28 16.44
CA ASP I 293 -50.90 -63.01 15.18
C ASP I 293 -49.72 -62.59 14.30
N LEU I 294 -49.46 -61.29 14.23
CA LEU I 294 -48.36 -60.80 13.42
C LEU I 294 -47.01 -61.28 13.96
N ALA I 295 -46.85 -61.29 15.29
CA ALA I 295 -45.62 -61.80 15.88
C ALA I 295 -45.45 -63.28 15.59
N ASP I 296 -46.53 -64.06 15.69
CA ASP I 296 -46.46 -65.49 15.40
C ASP I 296 -46.06 -65.73 13.95
N SER I 297 -46.66 -64.98 13.02
CA SER I 297 -46.33 -65.16 11.61
C SER I 297 -44.92 -64.67 11.28
N PHE I 298 -44.50 -63.57 11.91
CA PHE I 298 -43.23 -62.95 11.57
C PHE I 298 -42.05 -63.71 12.15
N LEU I 299 -42.19 -64.23 13.37
CA LEU I 299 -41.11 -64.97 14.00
C LEU I 299 -40.78 -66.24 13.23
N GLY I 300 -41.79 -66.97 12.78
CA GLY I 300 -41.59 -68.20 12.04
C GLY I 300 -41.08 -67.96 10.63
N ASN J 3 -54.35 -56.25 34.57
CA ASN J 3 -53.69 -56.49 35.85
C ASN J 3 -54.64 -56.23 37.00
N LEU J 4 -54.16 -56.48 38.22
CA LEU J 4 -54.97 -56.25 39.43
C LEU J 4 -55.04 -54.76 39.72
N ASN J 5 -55.78 -54.06 38.86
CA ASN J 5 -55.87 -52.61 38.93
C ASN J 5 -57.22 -52.16 38.41
N LEU J 6 -57.62 -50.94 38.81
CA LEU J 6 -58.84 -50.32 38.34
C LEU J 6 -58.50 -49.27 37.28
N PHE J 7 -59.19 -49.33 36.16
CA PHE J 7 -58.90 -48.49 35.01
C PHE J 7 -59.91 -47.34 34.94
N ALA J 8 -59.83 -46.57 33.85
CA ALA J 8 -60.67 -45.39 33.65
C ALA J 8 -62.16 -45.72 33.62
N THR J 9 -62.90 -45.17 34.57
CA THR J 9 -64.36 -45.29 34.61
C THR J 9 -64.98 -43.90 34.61
N ILE J 10 -65.91 -43.69 33.69
CA ILE J 10 -66.50 -42.38 33.46
C ILE J 10 -67.96 -42.43 33.90
N LEU J 11 -68.33 -41.53 34.81
CA LEU J 11 -69.70 -41.47 35.30
C LEU J 11 -70.53 -40.58 34.38
N THR J 12 -71.82 -40.88 34.30
CA THR J 12 -72.67 -40.25 33.30
C THR J 12 -74.03 -39.94 33.93
N TYR J 13 -74.99 -39.54 33.09
CA TYR J 13 -76.34 -39.19 33.52
C TYR J 13 -77.32 -39.98 32.67
N PRO J 14 -77.55 -41.26 33.00
CA PRO J 14 -78.49 -42.06 32.19
C PRO J 14 -79.93 -41.56 32.25
N ALA J 15 -80.29 -40.76 33.26
CA ALA J 15 -81.67 -40.29 33.39
C ALA J 15 -82.00 -39.27 32.31
N GLN J 32 -63.68 -20.91 33.93
CA GLN J 32 -64.86 -20.96 33.06
C GLN J 32 -64.47 -20.81 31.59
N LYS J 33 -63.62 -21.72 31.13
CA LYS J 33 -63.19 -21.69 29.74
C LYS J 33 -64.36 -21.93 28.81
N ILE J 34 -64.42 -21.15 27.73
CA ILE J 34 -65.50 -21.23 26.75
C ILE J 34 -64.90 -21.62 25.41
N LEU J 35 -65.37 -22.74 24.86
CA LEU J 35 -64.88 -23.31 23.61
C LEU J 35 -63.35 -23.41 23.61
N LYS J 36 -62.83 -24.23 24.52
CA LYS J 36 -61.39 -24.51 24.53
C LYS J 36 -60.95 -25.12 23.20
N ASP J 37 -61.84 -25.83 22.54
CA ASP J 37 -61.65 -26.32 21.18
C ASP J 37 -62.75 -25.73 20.29
N GLY J 38 -62.83 -26.23 19.06
CA GLY J 38 -63.83 -25.74 18.13
C GLY J 38 -65.24 -26.19 18.41
N GLN J 39 -65.42 -27.17 19.31
CA GLN J 39 -66.76 -27.69 19.57
C GLN J 39 -67.05 -27.96 21.05
N LYS J 40 -66.13 -27.71 21.97
CA LYS J 40 -66.37 -28.01 23.37
C LYS J 40 -65.52 -27.10 24.24
N TYR J 41 -65.93 -26.97 25.49
CA TYR J 41 -65.31 -26.07 26.46
C TYR J 41 -64.82 -26.84 27.69
N ALA J 42 -64.33 -26.10 28.67
CA ALA J 42 -63.80 -26.66 29.91
C ALA J 42 -64.55 -26.05 31.09
N ILE J 43 -64.57 -26.78 32.21
CA ILE J 43 -65.40 -26.39 33.35
C ILE J 43 -64.58 -26.19 34.61
N ILE J 44 -63.94 -27.27 35.08
CA ILE J 44 -63.30 -27.26 36.40
C ILE J 44 -61.80 -27.49 36.27
N SER J 45 -61.11 -27.51 37.42
CA SER J 45 -59.68 -27.72 37.48
C SER J 45 -59.35 -29.09 38.09
N PRO J 46 -58.22 -29.69 37.71
CA PRO J 46 -57.86 -31.00 38.28
C PRO J 46 -57.58 -30.96 39.77
N GLU J 47 -57.38 -29.77 40.35
CA GLU J 47 -57.16 -29.64 41.79
C GLU J 47 -58.44 -29.41 42.57
N SER J 48 -59.56 -29.18 41.88
CA SER J 48 -60.80 -28.83 42.57
C SER J 48 -61.31 -29.99 43.43
N MET J 49 -61.57 -31.14 42.81
CA MET J 49 -62.01 -32.29 43.58
C MET J 49 -60.93 -32.80 44.51
N ARG J 50 -59.65 -32.60 44.17
CA ARG J 50 -58.58 -32.98 45.09
C ARG J 50 -58.66 -32.19 46.38
N ASN J 51 -58.89 -30.88 46.28
CA ASN J 51 -59.09 -30.07 47.48
C ASN J 51 -60.38 -30.46 48.20
N ALA J 52 -61.45 -30.72 47.44
CA ALA J 52 -62.72 -31.09 48.05
C ALA J 52 -62.64 -32.45 48.75
N LEU J 53 -61.64 -33.26 48.41
CA LEU J 53 -61.47 -34.55 49.04
C LEU J 53 -61.03 -34.42 50.50
N ARG J 54 -60.65 -33.22 50.94
CA ARG J 54 -60.17 -33.07 52.31
C ARG J 54 -61.27 -33.35 53.34
N GLU J 55 -62.43 -32.70 53.18
CA GLU J 55 -63.53 -32.99 54.09
C GLU J 55 -64.08 -34.39 53.86
N MET J 56 -63.96 -34.91 52.65
CA MET J 56 -64.29 -36.31 52.42
C MET J 56 -63.46 -37.24 53.29
N LEU J 57 -62.15 -37.00 53.36
CA LEU J 57 -61.29 -37.78 54.25
C LEU J 57 -61.61 -37.53 55.71
N ILE J 58 -61.95 -36.29 56.07
CA ILE J 58 -62.27 -35.97 57.46
C ILE J 58 -63.50 -36.75 57.91
N GLU J 59 -64.54 -36.79 57.07
CA GLU J 59 -65.75 -37.53 57.43
C GLU J 59 -65.50 -39.04 57.54
N LEU J 60 -64.39 -39.53 57.01
CA LEU J 60 -64.02 -40.94 57.16
C LEU J 60 -63.42 -41.25 58.51
N GLY J 61 -63.25 -40.24 59.37
CA GLY J 61 -62.57 -40.44 60.64
C GLY J 61 -61.10 -40.76 60.47
N GLN J 62 -60.46 -40.18 59.45
CA GLN J 62 -59.02 -40.35 59.19
C GLN J 62 -58.38 -38.96 59.23
N PRO J 63 -57.82 -38.56 60.37
CA PRO J 63 -57.18 -37.24 60.45
C PRO J 63 -56.03 -37.12 59.47
N ASN J 64 -55.88 -35.92 58.91
CA ASN J 64 -54.83 -35.66 57.94
C ASN J 64 -53.83 -34.68 58.54
N ASN J 65 -52.54 -34.92 58.28
CA ASN J 65 -51.51 -34.03 58.79
C ASN J 65 -51.60 -32.66 58.13
N ARG J 66 -51.70 -32.61 56.80
CA ARG J 66 -51.73 -31.35 56.08
C ARG J 66 -53.12 -30.72 56.26
N THR J 67 -53.29 -30.04 57.39
CA THR J 67 -54.54 -29.38 57.72
C THR J 67 -54.58 -28.02 57.04
N ARG J 68 -54.71 -28.05 55.72
CA ARG J 68 -54.81 -26.83 54.93
C ARG J 68 -56.28 -26.41 54.83
N LEU J 69 -56.56 -25.15 55.13
CA LEU J 69 -57.91 -24.64 55.10
C LEU J 69 -58.16 -23.96 53.76
N HIS J 70 -59.11 -24.48 52.99
CA HIS J 70 -59.42 -23.94 51.67
C HIS J 70 -60.83 -24.31 51.25
N LEU J 75 -57.96 -20.47 58.88
CA LEU J 75 -57.80 -19.51 57.80
C LEU J 75 -56.57 -19.82 56.96
N ALA J 76 -55.44 -19.27 57.36
CA ALA J 76 -54.20 -19.48 56.63
C ALA J 76 -53.68 -20.89 56.83
N VAL J 77 -52.78 -21.31 55.93
CA VAL J 77 -52.18 -22.64 56.01
C VAL J 77 -51.19 -22.67 57.16
N GLU J 78 -51.39 -23.58 58.09
CA GLU J 78 -50.56 -23.68 59.28
C GLU J 78 -49.26 -24.44 58.97
N PHE J 79 -48.29 -24.30 59.87
CA PHE J 79 -47.01 -25.00 59.77
C PHE J 79 -46.93 -26.01 60.91
N LYS J 80 -47.15 -27.28 60.59
CA LYS J 80 -47.08 -28.34 61.58
C LYS J 80 -45.70 -28.99 61.47
N GLU J 81 -45.48 -30.06 62.22
CA GLU J 81 -44.26 -30.85 62.07
C GLU J 81 -44.25 -31.51 60.69
N TYR J 82 -43.07 -31.93 60.28
CA TYR J 82 -42.88 -32.44 58.92
C TYR J 82 -43.54 -33.81 58.78
N PRO J 83 -44.34 -34.01 57.71
CA PRO J 83 -45.07 -35.28 57.52
C PRO J 83 -44.22 -36.39 56.91
N ASN J 84 -43.03 -36.60 57.48
CA ASN J 84 -42.14 -37.65 56.98
C ASN J 84 -42.75 -39.05 57.08
N PRO J 85 -43.35 -39.47 58.19
CA PRO J 85 -43.96 -40.81 58.21
C PRO J 85 -45.13 -40.92 57.25
N ASP J 86 -45.33 -42.13 56.76
CA ASP J 86 -46.37 -42.41 55.77
C ASP J 86 -47.54 -43.11 56.46
N LYS J 87 -48.67 -42.41 56.55
CA LYS J 87 -49.88 -42.97 57.13
C LYS J 87 -51.07 -42.16 56.65
N PHE J 88 -52.24 -42.81 56.64
CA PHE J 88 -53.50 -42.17 56.24
C PHE J 88 -53.40 -41.63 54.80
N ALA J 89 -53.22 -42.57 53.87
CA ALA J 89 -53.03 -42.27 52.45
C ALA J 89 -51.76 -41.46 52.21
N ASP J 90 -50.82 -41.55 53.14
CA ASP J 90 -49.56 -40.80 53.10
C ASP J 90 -49.83 -39.30 52.89
N ASP J 91 -50.84 -38.79 53.61
CA ASP J 91 -51.26 -37.40 53.50
C ASP J 91 -51.58 -37.03 52.05
N PHE J 92 -52.47 -37.83 51.46
CA PHE J 92 -52.90 -37.65 50.08
C PHE J 92 -51.72 -37.70 49.11
N LEU J 93 -50.82 -38.66 49.35
CA LEU J 93 -49.74 -39.02 48.43
C LEU J 93 -48.92 -37.80 47.98
N PHE J 94 -48.58 -36.94 48.93
CA PHE J 94 -47.75 -35.77 48.67
C PHE J 94 -46.65 -35.65 49.72
N GLY J 95 -45.95 -36.76 49.99
CA GLY J 95 -44.89 -36.76 50.97
C GLY J 95 -43.58 -36.18 50.46
N TYR J 96 -43.62 -34.93 49.99
CA TYR J 96 -42.44 -34.27 49.45
C TYR J 96 -42.38 -32.85 50.00
N MET J 97 -41.18 -32.27 49.93
CA MET J 97 -40.99 -30.87 50.32
C MET J 97 -39.85 -30.28 49.50
N VAL J 98 -39.59 -29.00 49.75
CA VAL J 98 -38.56 -28.24 49.04
C VAL J 98 -37.52 -27.65 49.97
N ALA J 99 -37.76 -27.63 51.28
CA ALA J 99 -36.84 -27.04 52.24
C ALA J 99 -35.65 -27.99 52.44
N GLN J 100 -34.72 -27.95 51.49
CA GLN J 100 -33.50 -28.73 51.60
C GLN J 100 -32.56 -28.22 52.69
N THR J 101 -32.84 -27.05 53.26
CA THR J 101 -31.99 -26.52 54.32
C THR J 101 -32.02 -27.38 55.58
N ASN J 102 -33.04 -28.23 55.73
CA ASN J 102 -33.11 -29.12 56.88
C ASN J 102 -32.08 -30.23 56.74
N ASP J 103 -30.89 -30.02 57.33
CA ASP J 103 -29.75 -30.90 57.14
C ASP J 103 -29.53 -31.10 55.64
N ALA J 104 -29.67 -32.34 55.16
CA ALA J 104 -29.72 -32.64 53.73
C ALA J 104 -31.02 -33.40 53.50
N LYS J 105 -32.11 -32.67 53.35
CA LYS J 105 -33.46 -33.26 53.22
C LYS J 105 -33.75 -34.26 54.34
N GLU J 106 -33.17 -34.02 55.51
CA GLU J 106 -33.42 -34.83 56.71
C GLU J 106 -33.03 -36.30 56.49
N MET J 107 -31.74 -36.51 56.23
CA MET J 107 -31.18 -37.85 56.16
C MET J 107 -30.67 -38.35 57.51
N LYS J 108 -30.84 -37.56 58.58
CA LYS J 108 -30.31 -37.95 59.88
C LYS J 108 -30.98 -39.24 60.37
N LYS J 109 -32.29 -39.19 60.61
CA LYS J 109 -33.02 -40.38 61.04
C LYS J 109 -34.29 -40.55 60.22
N LEU J 110 -34.83 -39.44 59.70
CA LEU J 110 -36.01 -39.53 58.85
C LEU J 110 -35.68 -40.21 57.53
N ASN J 111 -34.61 -39.76 56.87
CA ASN J 111 -34.07 -40.41 55.67
C ASN J 111 -35.14 -40.55 54.57
N ARG J 112 -35.96 -39.52 54.41
CA ARG J 112 -36.96 -39.49 53.34
C ARG J 112 -36.67 -38.33 52.40
N PRO J 113 -36.09 -38.59 51.23
CA PRO J 113 -35.74 -37.50 50.29
C PRO J 113 -36.89 -37.14 49.34
N ALA J 114 -37.96 -36.58 49.92
CA ALA J 114 -39.12 -36.10 49.18
C ALA J 114 -39.70 -37.18 48.28
N LYS J 115 -39.92 -38.36 48.86
CA LYS J 115 -40.52 -39.46 48.12
C LYS J 115 -41.93 -39.10 47.69
N ARG J 116 -42.18 -39.14 46.38
CA ARG J 116 -43.48 -38.77 45.83
C ARG J 116 -44.24 -40.03 45.46
N ASP J 117 -45.50 -40.10 45.90
CA ASP J 117 -46.38 -41.22 45.61
C ASP J 117 -47.53 -40.74 44.74
N SER J 118 -47.96 -41.60 43.82
CA SER J 118 -49.01 -41.25 42.86
C SER J 118 -50.00 -42.41 42.71
N ILE J 119 -50.43 -42.98 43.84
CA ILE J 119 -51.35 -44.11 43.80
C ILE J 119 -52.63 -43.74 43.07
N PHE J 120 -53.18 -42.57 43.39
CA PHE J 120 -54.40 -42.09 42.75
C PHE J 120 -54.06 -41.06 41.69
N ARG J 121 -54.73 -41.15 40.55
CA ARG J 121 -54.53 -40.21 39.44
C ARG J 121 -55.89 -39.78 38.91
N CYS J 122 -55.94 -38.54 38.42
CA CYS J 122 -57.17 -37.96 37.91
C CYS J 122 -56.87 -37.30 36.57
N ASN J 123 -57.86 -36.59 36.03
CA ASN J 123 -57.72 -35.96 34.72
C ASN J 123 -58.73 -34.83 34.60
N MET J 124 -58.76 -34.20 33.44
CA MET J 124 -59.70 -33.13 33.15
C MET J 124 -61.12 -33.65 33.08
N ALA J 125 -62.07 -32.77 33.39
CA ALA J 125 -63.49 -33.06 33.34
C ALA J 125 -64.16 -32.13 32.33
N VAL J 126 -65.00 -32.71 31.47
CA VAL J 126 -65.69 -31.93 30.44
C VAL J 126 -67.19 -32.08 30.63
N ALA J 127 -67.97 -31.48 29.73
CA ALA J 127 -69.42 -31.58 29.75
C ALA J 127 -69.94 -31.90 28.36
N VAL J 128 -70.97 -32.74 28.30
CA VAL J 128 -71.59 -33.07 27.02
C VAL J 128 -72.32 -31.87 26.44
N ASN J 129 -72.96 -31.07 27.29
CA ASN J 129 -73.74 -29.93 26.82
C ASN J 129 -72.80 -28.84 26.32
N PRO J 130 -72.98 -28.35 25.09
CA PRO J 130 -72.15 -27.24 24.60
C PRO J 130 -72.41 -25.95 25.37
N TYR J 131 -71.64 -24.90 25.07
CA TYR J 131 -71.81 -23.64 25.76
C TYR J 131 -73.21 -23.07 25.53
N LYS J 132 -73.84 -22.62 26.60
CA LYS J 132 -75.18 -22.06 26.52
C LYS J 132 -75.11 -20.54 26.49
N TYR J 133 -75.70 -19.94 25.46
CA TYR J 133 -75.70 -18.49 25.32
C TYR J 133 -76.85 -17.87 26.12
N THR J 165 -75.31 -31.06 31.10
CA THR J 165 -74.89 -30.54 32.41
C THR J 165 -74.09 -31.58 33.18
N ALA J 166 -74.07 -32.81 32.67
CA ALA J 166 -73.33 -33.88 33.32
C ALA J 166 -71.83 -33.72 33.06
N PHE J 167 -71.04 -34.32 33.95
CA PHE J 167 -69.59 -34.23 33.88
C PHE J 167 -68.97 -35.61 33.87
N GLN J 168 -67.72 -35.67 33.41
CA GLN J 168 -67.00 -36.93 33.23
C GLN J 168 -65.75 -36.91 34.10
N TYR J 169 -65.56 -37.99 34.87
CA TYR J 169 -64.41 -38.12 35.77
C TYR J 169 -63.70 -39.42 35.47
N PRO J 170 -62.70 -39.40 34.59
CA PRO J 170 -61.85 -40.59 34.42
C PRO J 170 -61.10 -40.90 35.71
N PHE J 171 -61.01 -42.19 36.04
CA PHE J 171 -60.41 -42.64 37.28
C PHE J 171 -59.25 -43.58 36.99
N ALA J 172 -58.03 -43.13 37.31
CA ALA J 172 -56.84 -43.98 37.23
C ALA J 172 -56.48 -44.43 38.64
N LEU J 173 -57.17 -45.47 39.09
CA LEU J 173 -56.98 -46.02 40.44
C LEU J 173 -56.11 -47.27 40.43
N ALA J 174 -55.07 -47.29 39.60
CA ALA J 174 -54.20 -48.44 39.48
C ALA J 174 -53.44 -48.63 40.79
N GLY J 175 -53.84 -49.63 41.56
CA GLY J 175 -53.23 -49.89 42.85
C GLY J 175 -51.96 -50.72 42.80
N LYS J 176 -51.63 -51.29 41.64
CA LYS J 176 -50.42 -52.07 41.39
C LYS J 176 -50.02 -52.94 42.57
N ASP J 177 -48.72 -52.94 42.90
CA ASP J 177 -48.23 -53.78 43.99
C ASP J 177 -48.71 -53.29 45.35
N CYS J 178 -48.77 -51.96 45.54
CA CYS J 178 -49.11 -51.41 46.84
C CYS J 178 -50.54 -51.72 47.26
N ALA J 179 -51.41 -52.10 46.32
CA ALA J 179 -52.77 -52.48 46.66
C ALA J 179 -52.86 -53.83 47.36
N ALA J 180 -51.77 -54.60 47.39
CA ALA J 180 -51.79 -55.91 48.03
C ALA J 180 -51.77 -55.78 49.55
N LYS J 181 -50.74 -55.12 50.08
CA LYS J 181 -50.64 -54.94 51.52
C LYS J 181 -51.78 -54.04 52.01
N PRO J 182 -52.39 -54.37 53.16
CA PRO J 182 -53.63 -53.70 53.56
C PRO J 182 -53.47 -52.34 54.19
N GLU J 183 -52.26 -51.79 54.27
CA GLU J 183 -52.08 -50.47 54.86
C GLU J 183 -52.80 -49.40 54.05
N TRP J 184 -52.75 -49.51 52.72
CA TRP J 184 -53.58 -48.63 51.89
C TRP J 184 -55.04 -49.05 51.94
N VAL J 185 -55.29 -50.37 52.02
CA VAL J 185 -56.65 -50.90 51.93
C VAL J 185 -57.52 -50.37 53.06
N LYS J 186 -57.00 -50.37 54.28
CA LYS J 186 -57.79 -49.98 55.44
C LYS J 186 -58.36 -48.58 55.32
N ALA J 187 -57.77 -47.73 54.48
CA ALA J 187 -58.31 -46.42 54.19
C ALA J 187 -59.11 -46.39 52.89
N LEU J 188 -58.56 -46.94 51.81
CA LEU J 188 -59.21 -46.82 50.51
C LEU J 188 -60.53 -47.58 50.42
N LEU J 189 -60.66 -48.70 51.15
CA LEU J 189 -61.87 -49.51 51.07
C LEU J 189 -63.11 -48.69 51.38
N GLN J 190 -63.00 -47.74 52.31
CA GLN J 190 -64.09 -46.83 52.60
C GLN J 190 -63.93 -45.46 51.94
N ALA J 191 -62.72 -45.07 51.56
CA ALA J 191 -62.52 -43.80 50.87
C ALA J 191 -63.22 -43.82 49.51
N ILE J 192 -63.10 -44.92 48.77
CA ILE J 192 -63.73 -45.04 47.46
C ILE J 192 -65.13 -45.63 47.55
N ALA J 193 -65.52 -46.14 48.72
CA ALA J 193 -66.82 -46.81 48.86
C ALA J 193 -67.98 -45.89 48.52
N GLU J 194 -68.19 -44.85 49.32
CA GLU J 194 -69.32 -43.96 49.06
C GLU J 194 -69.06 -43.08 47.83
N LEU J 195 -67.84 -42.56 47.71
CA LEU J 195 -67.42 -41.77 46.55
C LEU J 195 -68.42 -40.64 46.26
N ASN J 196 -68.85 -39.96 47.31
CA ASN J 196 -69.82 -38.88 47.18
C ASN J 196 -69.37 -37.69 48.01
N GLY J 197 -69.39 -36.52 47.39
CA GLY J 197 -68.97 -35.31 48.07
C GLY J 197 -69.49 -34.08 47.35
N VAL J 198 -68.98 -32.93 47.76
CA VAL J 198 -69.35 -31.64 47.18
C VAL J 198 -68.08 -30.96 46.66
N ALA J 199 -68.17 -30.41 45.47
CA ALA J 199 -67.04 -29.72 44.83
C ALA J 199 -67.22 -28.21 44.96
N GLY J 200 -66.25 -27.47 44.43
CA GLY J 200 -66.29 -26.03 44.49
C GLY J 200 -65.98 -25.48 45.87
N GLY J 201 -67.00 -24.97 46.55
CA GLY J 201 -66.83 -24.40 47.87
C GLY J 201 -66.97 -22.89 47.87
N HIS J 202 -66.41 -22.23 46.87
CA HIS J 202 -66.62 -20.80 46.70
C HIS J 202 -68.09 -20.52 46.39
N ALA J 203 -68.70 -21.34 45.55
CA ALA J 203 -70.12 -21.24 45.23
C ALA J 203 -70.72 -22.64 45.25
N ARG J 204 -72.04 -22.70 45.39
CA ARG J 204 -72.77 -23.98 45.43
C ARG J 204 -72.80 -24.56 44.03
N ALA J 205 -71.72 -25.27 43.68
CA ALA J 205 -71.60 -25.91 42.37
C ALA J 205 -70.98 -27.29 42.57
N TYR J 206 -71.83 -28.32 42.55
CA TYR J 206 -71.35 -29.69 42.68
C TYR J 206 -72.38 -30.62 42.06
N TYR J 207 -71.90 -31.64 41.35
CA TYR J 207 -72.78 -32.61 40.70
C TYR J 207 -72.07 -33.96 40.73
N GLU J 208 -72.53 -34.85 41.61
CA GLU J 208 -71.98 -36.21 41.74
C GLU J 208 -73.15 -37.17 41.55
N PHE J 209 -73.40 -37.53 40.29
CA PHE J 209 -74.56 -38.34 39.94
C PHE J 209 -74.24 -39.82 40.17
N ALA J 210 -74.99 -40.46 41.06
CA ALA J 210 -74.63 -41.78 41.56
C ALA J 210 -74.50 -42.87 40.50
N PRO J 211 -75.38 -42.98 39.49
CA PRO J 211 -75.27 -44.08 38.54
C PRO J 211 -73.89 -44.23 37.92
N ARG J 212 -73.49 -45.48 37.73
CA ARG J 212 -72.13 -45.89 37.44
C ARG J 212 -72.12 -46.88 36.29
N SER J 213 -71.12 -46.75 35.43
CA SER J 213 -70.93 -47.70 34.35
C SER J 213 -70.62 -49.08 34.92
N VAL J 214 -70.73 -50.08 34.07
CA VAL J 214 -70.50 -51.47 34.48
C VAL J 214 -69.06 -51.86 34.11
N VAL J 215 -68.28 -52.23 35.12
CA VAL J 215 -66.88 -52.62 34.94
C VAL J 215 -66.58 -53.77 35.88
N ALA J 216 -65.34 -54.25 35.82
CA ALA J 216 -64.87 -55.30 36.72
C ALA J 216 -63.35 -55.13 36.84
N ARG J 217 -62.68 -56.13 37.42
CA ARG J 217 -61.23 -56.11 37.56
C ARG J 217 -60.60 -56.70 36.31
N LEU J 218 -59.70 -55.94 35.69
CA LEU J 218 -59.09 -56.33 34.42
C LEU J 218 -57.74 -57.01 34.68
N THR J 219 -57.81 -58.14 35.39
CA THR J 219 -56.61 -58.91 35.70
C THR J 219 -55.88 -59.41 34.45
N PRO J 220 -56.53 -59.98 33.44
CA PRO J 220 -55.76 -60.61 32.34
C PRO J 220 -54.81 -59.69 31.62
N LYS J 221 -55.14 -58.41 31.46
CA LYS J 221 -54.34 -57.48 30.69
C LYS J 221 -54.08 -56.23 31.53
N LEU J 222 -52.86 -55.71 31.42
CA LEU J 222 -52.40 -54.64 32.31
C LEU J 222 -53.03 -53.31 31.87
N VAL J 223 -52.53 -52.21 32.43
CA VAL J 223 -53.22 -50.92 32.30
C VAL J 223 -53.44 -50.54 30.84
N ALA J 224 -54.72 -50.53 30.44
CA ALA J 224 -55.18 -50.10 29.13
C ALA J 224 -56.70 -50.01 29.19
N GLY J 225 -57.23 -48.87 28.73
CA GLY J 225 -58.67 -48.66 28.83
C GLY J 225 -59.40 -49.00 27.54
N TYR J 226 -60.65 -49.44 27.70
CA TYR J 226 -61.53 -49.67 26.56
C TYR J 226 -62.13 -48.33 26.16
N GLN J 227 -61.50 -47.70 25.17
CA GLN J 227 -61.90 -46.36 24.73
C GLN J 227 -61.85 -45.38 25.90
N THR J 228 -62.56 -44.26 25.78
CA THR J 228 -62.63 -43.29 26.86
C THR J 228 -63.92 -42.49 26.72
N TYR J 229 -64.40 -41.98 27.85
CA TYR J 229 -65.61 -41.17 27.93
C TYR J 229 -66.82 -41.95 27.46
N GLY J 230 -67.37 -41.60 26.30
CA GLY J 230 -68.60 -42.20 25.85
C GLY J 230 -69.75 -41.90 26.80
N PHE J 231 -70.12 -40.61 26.89
CA PHE J 231 -71.11 -40.17 27.86
C PHE J 231 -72.43 -40.93 27.69
N ASP J 232 -72.95 -40.97 26.47
CA ASP J 232 -74.17 -41.70 26.16
C ASP J 232 -75.35 -41.21 26.99
N ALA J 233 -75.35 -39.93 27.35
CA ALA J 233 -76.48 -39.35 28.05
C ALA J 233 -77.74 -39.36 27.20
N GLU J 234 -77.59 -39.52 25.89
CA GLU J 234 -78.71 -39.60 24.96
C GLU J 234 -78.59 -40.72 23.93
N GLY J 235 -77.44 -41.38 23.81
CA GLY J 235 -77.25 -42.37 22.77
C GLY J 235 -77.18 -43.81 23.24
N ASN J 236 -76.54 -44.04 24.40
CA ASN J 236 -76.34 -45.38 24.95
C ASN J 236 -75.61 -46.28 23.94
N TRP J 237 -74.37 -45.90 23.64
CA TRP J 237 -73.57 -46.58 22.62
C TRP J 237 -72.17 -46.97 23.10
N LEU J 238 -71.86 -46.81 24.38
CA LEU J 238 -70.52 -47.11 24.88
C LEU J 238 -70.20 -48.60 24.78
N GLU J 239 -71.19 -49.45 24.54
CA GLU J 239 -70.93 -50.86 24.32
C GLU J 239 -70.03 -51.07 23.11
N LEU J 240 -70.29 -50.34 22.02
CA LEU J 240 -69.53 -50.47 20.78
C LEU J 240 -69.57 -51.91 20.26
N SER J 241 -70.72 -52.57 20.44
CA SER J 241 -70.91 -53.96 20.02
C SER J 241 -69.86 -54.87 20.64
N ARG J 242 -69.50 -54.60 21.90
CA ARG J 242 -68.55 -55.43 22.62
C ARG J 242 -69.34 -56.46 23.42
N LEU J 243 -69.67 -57.57 22.76
CA LEU J 243 -70.43 -58.66 23.38
C LEU J 243 -69.72 -59.97 23.09
N THR J 244 -69.60 -60.81 24.11
CA THR J 244 -68.94 -62.11 23.99
C THR J 244 -69.92 -63.22 23.63
N ALA J 245 -70.70 -63.00 22.57
CA ALA J 245 -71.62 -64.03 22.11
C ALA J 245 -70.87 -65.28 21.65
N THR J 246 -69.79 -65.10 20.92
CA THR J 246 -68.92 -66.19 20.50
C THR J 246 -67.61 -66.08 21.25
N ASP J 247 -67.31 -67.06 22.09
CA ASP J 247 -66.12 -66.98 22.93
C ASP J 247 -64.84 -67.28 22.16
N SER J 248 -64.92 -68.10 21.11
CA SER J 248 -63.73 -68.62 20.45
C SER J 248 -63.56 -68.10 19.03
N ASP J 249 -64.57 -68.26 18.17
CA ASP J 249 -64.37 -68.00 16.75
C ASP J 249 -64.13 -66.53 16.46
N ASN J 250 -64.97 -65.65 17.02
CA ASN J 250 -64.88 -64.23 16.71
C ASN J 250 -65.58 -63.44 17.80
N LEU J 251 -65.27 -62.14 17.85
CA LEU J 251 -65.97 -61.19 18.71
C LEU J 251 -65.86 -61.58 20.18
N ASP J 252 -64.66 -61.96 20.58
CA ASP J 252 -64.36 -62.26 21.99
C ASP J 252 -63.75 -61.05 22.67
N LEU J 253 -64.47 -59.93 22.57
CA LEU J 253 -63.99 -58.64 23.05
C LEU J 253 -64.13 -58.44 24.56
N PRO J 254 -65.28 -58.71 25.18
CA PRO J 254 -65.43 -58.42 26.61
C PRO J 254 -64.65 -59.40 27.47
N ALA J 255 -64.56 -59.07 28.75
CA ALA J 255 -63.91 -59.91 29.76
C ALA J 255 -64.76 -59.95 31.03
N ASN J 256 -66.07 -60.09 30.88
CA ASN J 256 -67.02 -60.16 32.00
C ASN J 256 -66.94 -58.90 32.85
N GLU J 257 -67.32 -57.77 32.23
CA GLU J 257 -67.31 -56.47 32.89
C GLU J 257 -68.70 -56.08 33.40
N PHE J 258 -69.69 -56.97 33.30
CA PHE J 258 -71.05 -56.63 33.68
C PHE J 258 -71.18 -56.50 35.20
N TRP J 259 -72.05 -55.59 35.61
CA TRP J 259 -72.42 -55.42 37.01
C TRP J 259 -73.80 -54.78 37.04
N LEU J 260 -74.41 -54.78 38.23
CA LEU J 260 -75.66 -54.06 38.40
C LEU J 260 -75.38 -52.57 38.41
N GLY J 261 -75.45 -51.94 37.25
CA GLY J 261 -74.99 -50.58 37.06
C GLY J 261 -76.09 -49.55 37.22
N GLY J 262 -75.80 -48.33 36.73
CA GLY J 262 -76.66 -47.19 36.89
C GLY J 262 -77.78 -47.02 35.88
N GLU J 263 -77.85 -47.87 34.86
CA GLU J 263 -78.92 -47.78 33.87
C GLU J 263 -79.72 -49.08 33.80
N LEU J 264 -79.81 -49.80 34.92
CA LEU J 264 -80.65 -50.98 34.99
C LEU J 264 -82.10 -50.61 34.77
N VAL J 265 -82.66 -49.83 35.71
CA VAL J 265 -84.02 -49.32 35.56
C VAL J 265 -84.03 -47.89 35.02
N ARG J 266 -82.88 -47.22 34.98
CA ARG J 266 -82.82 -45.90 34.35
C ARG J 266 -82.98 -46.00 32.84
N LYS J 267 -82.61 -47.13 32.25
CA LYS J 267 -82.68 -47.33 30.81
C LYS J 267 -83.41 -48.64 30.53
N MET J 268 -84.44 -48.57 29.69
CA MET J 268 -85.26 -49.72 29.33
C MET J 268 -84.96 -50.16 27.90
N ASP J 269 -84.72 -51.44 27.72
CA ASP J 269 -84.44 -52.03 26.41
C ASP J 269 -84.56 -53.54 26.56
N GLN J 270 -84.09 -54.27 25.55
CA GLN J 270 -84.05 -55.73 25.56
C GLN J 270 -82.74 -56.25 26.15
N GLU J 271 -82.10 -55.47 27.02
CA GLU J 271 -80.82 -55.86 27.61
C GLU J 271 -80.91 -57.04 28.56
N GLN J 272 -82.12 -57.59 28.77
CA GLN J 272 -82.26 -58.73 29.68
C GLN J 272 -81.50 -59.95 29.20
N LYS J 273 -81.26 -60.06 27.89
CA LYS J 273 -80.44 -61.15 27.37
C LYS J 273 -78.95 -60.79 27.35
N ALA J 274 -78.61 -59.53 27.60
CA ALA J 274 -77.22 -59.10 27.52
C ALA J 274 -76.41 -59.59 28.73
N GLN J 275 -76.95 -59.44 29.94
CA GLN J 275 -76.15 -59.72 31.14
C GLN J 275 -75.80 -61.21 31.21
N LEU J 276 -76.74 -62.09 30.88
CA LEU J 276 -76.42 -63.51 30.80
C LEU J 276 -75.40 -63.77 29.69
N GLU J 277 -75.50 -63.00 28.60
CA GLU J 277 -74.46 -63.03 27.58
C GLU J 277 -73.16 -62.42 28.09
N ALA J 278 -73.25 -61.46 29.02
CA ALA J 278 -72.07 -60.79 29.55
C ALA J 278 -71.47 -61.52 30.75
N MET J 279 -72.31 -62.16 31.57
CA MET J 279 -71.92 -62.90 32.77
C MET J 279 -70.78 -62.25 33.55
N GLY J 280 -70.83 -60.93 33.70
CA GLY J 280 -69.82 -60.22 34.44
C GLY J 280 -70.09 -60.20 35.93
N ALA J 281 -69.25 -59.46 36.65
CA ALA J 281 -69.36 -59.36 38.10
C ALA J 281 -69.03 -57.95 38.58
N PRO J 287 -78.58 -49.69 43.09
CA PRO J 287 -77.25 -50.04 42.57
C PRO J 287 -76.16 -49.12 43.08
N GLU J 288 -76.56 -47.97 43.64
CA GLU J 288 -75.57 -47.00 44.12
C GLU J 288 -74.70 -47.60 45.22
N LYS J 289 -75.32 -48.34 46.15
CA LYS J 289 -74.53 -49.03 47.17
C LYS J 289 -73.83 -50.25 46.60
N LEU J 290 -74.36 -50.81 45.51
CA LEU J 290 -73.77 -52.02 44.94
C LEU J 290 -72.37 -51.78 44.37
N PHE J 291 -72.09 -50.54 43.96
CA PHE J 291 -70.74 -50.21 43.49
C PHE J 291 -69.72 -50.38 44.60
N ALA J 292 -69.98 -49.77 45.76
CA ALA J 292 -69.13 -49.97 46.93
C ALA J 292 -69.14 -51.43 47.36
N ASP J 293 -70.28 -52.11 47.20
CA ASP J 293 -70.36 -53.52 47.55
C ASP J 293 -69.37 -54.34 46.73
N LEU J 294 -69.35 -54.16 45.41
CA LEU J 294 -68.42 -54.88 44.57
C LEU J 294 -66.98 -54.49 44.88
N ALA J 295 -66.73 -53.19 45.08
CA ALA J 295 -65.37 -52.73 45.37
C ALA J 295 -64.84 -53.37 46.65
N ASP J 296 -65.68 -53.43 47.69
CA ASP J 296 -65.25 -54.04 48.94
C ASP J 296 -65.13 -55.56 48.81
N SER J 297 -66.04 -56.18 48.06
CA SER J 297 -66.02 -57.64 47.95
C SER J 297 -64.76 -58.12 47.23
N PHE J 298 -64.38 -57.45 46.14
CA PHE J 298 -63.19 -57.89 45.43
C PHE J 298 -61.91 -57.57 46.21
N LEU J 299 -61.87 -56.41 46.86
CA LEU J 299 -60.69 -56.00 47.61
C LEU J 299 -60.79 -56.43 49.06
N GLU K 59 89.36 52.45 -6.15
CA GLU K 59 88.70 52.57 -4.85
C GLU K 59 88.44 51.20 -4.24
N ILE K 60 88.36 51.17 -2.91
CA ILE K 60 88.10 49.94 -2.16
C ILE K 60 86.84 50.14 -1.34
N LEU K 61 85.89 49.22 -1.46
CA LEU K 61 84.65 49.30 -0.72
C LEU K 61 84.35 47.96 -0.05
N THR K 62 83.92 48.02 1.21
CA THR K 62 83.62 46.84 2.01
C THR K 62 82.16 46.88 2.44
N LEU K 63 81.47 45.75 2.27
CA LEU K 63 80.07 45.61 2.66
C LEU K 63 79.94 44.43 3.63
N ASP K 64 79.13 44.63 4.67
CA ASP K 64 78.85 43.61 5.66
C ASP K 64 77.35 43.38 5.75
N PHE K 65 76.95 42.11 5.84
CA PHE K 65 75.55 41.73 5.86
C PHE K 65 75.28 40.73 6.96
N ASN K 66 74.09 40.82 7.54
CA ASN K 66 73.61 39.88 8.55
C ASN K 66 72.28 39.32 8.10
N LEU K 67 72.12 38.00 8.25
CA LEU K 67 70.89 37.36 7.80
C LEU K 67 69.69 37.74 8.64
N ALA K 68 69.91 38.07 9.92
CA ALA K 68 68.78 38.36 10.81
C ALA K 68 68.08 39.66 10.44
N GLU K 69 68.79 40.63 9.86
CA GLU K 69 68.22 41.93 9.60
C GLU K 69 67.41 42.00 8.31
N LEU K 70 67.47 40.97 7.47
CA LEU K 70 66.75 41.01 6.21
C LEU K 70 65.25 40.87 6.45
N PRO K 71 64.43 41.69 5.79
CA PRO K 71 62.98 41.66 6.05
C PRO K 71 62.27 40.50 5.35
N SER K 72 62.77 40.09 4.19
CA SER K 72 62.14 39.04 3.40
C SER K 72 63.16 37.96 3.07
N ALA K 73 62.64 36.76 2.81
CA ALA K 73 63.51 35.64 2.43
C ALA K 73 64.16 35.86 1.08
N GLN K 74 63.60 36.75 0.26
CA GLN K 74 64.19 37.01 -1.05
C GLN K 74 65.58 37.61 -0.92
N HIS K 75 65.78 38.51 0.05
CA HIS K 75 67.12 39.03 0.30
C HIS K 75 68.06 37.93 0.76
N ARG K 76 67.55 37.01 1.59
CA ARG K 76 68.37 35.88 2.04
C ARG K 76 68.82 35.04 0.85
N ALA K 77 67.91 34.80 -0.10
CA ALA K 77 68.30 34.11 -1.33
C ALA K 77 69.30 34.93 -2.14
N GLY K 78 69.15 36.25 -2.13
CA GLY K 78 70.07 37.10 -2.87
C GLY K 78 71.50 37.01 -2.36
N LEU K 79 71.67 36.95 -1.05
CA LEU K 79 73.02 36.78 -0.49
C LEU K 79 73.66 35.50 -1.01
N ALA K 80 72.94 34.38 -0.94
CA ALA K 80 73.48 33.13 -1.43
C ALA K 80 73.77 33.19 -2.92
N GLY K 81 72.87 33.82 -3.69
CA GLY K 81 73.10 33.96 -5.12
C GLY K 81 74.36 34.75 -5.43
N LEU K 82 74.58 35.85 -4.71
CA LEU K 82 75.78 36.64 -4.92
C LEU K 82 77.03 35.87 -4.55
N ILE K 83 76.98 35.13 -3.45
CA ILE K 83 78.15 34.35 -3.03
C ILE K 83 78.47 33.27 -4.05
N LEU K 84 77.44 32.58 -4.56
CA LEU K 84 77.67 31.57 -5.59
C LEU K 84 78.17 32.22 -6.88
N MET K 85 77.68 33.42 -7.19
CA MET K 85 78.19 34.16 -8.35
C MET K 85 79.69 34.38 -8.22
N ILE K 86 80.14 34.86 -7.06
CA ILE K 86 81.56 35.12 -6.85
C ILE K 86 82.35 33.81 -6.93
N ARG K 87 81.85 32.76 -6.28
CA ARG K 87 82.57 31.49 -6.27
C ARG K 87 82.72 30.93 -7.68
N GLU K 88 81.66 30.99 -8.49
CA GLU K 88 81.75 30.49 -9.86
C GLU K 88 82.65 31.37 -10.71
N LEU K 89 82.56 32.70 -10.54
CA LEU K 89 83.40 33.60 -11.32
C LEU K 89 84.87 33.41 -11.01
N LYS K 90 85.20 32.96 -9.79
CA LYS K 90 86.59 32.74 -9.44
C LYS K 90 87.22 31.55 -10.15
N LYS K 91 86.53 30.92 -11.11
CA LYS K 91 87.03 29.74 -11.78
C LYS K 91 87.17 29.93 -13.30
N TRP K 92 87.49 31.14 -13.75
CA TRP K 92 87.61 31.42 -15.17
C TRP K 92 88.97 32.03 -15.49
N PRO K 93 89.69 31.54 -16.49
CA PRO K 93 91.00 32.12 -16.81
C PRO K 93 90.93 33.58 -17.23
N TRP K 94 89.91 33.97 -17.98
CA TRP K 94 89.78 35.37 -18.38
C TRP K 94 89.52 36.26 -17.16
N PHE K 95 88.85 35.72 -16.14
CA PHE K 95 88.60 36.50 -14.93
C PHE K 95 89.92 36.86 -14.25
N LYS K 96 90.81 35.88 -14.08
CA LYS K 96 92.09 36.18 -13.45
C LYS K 96 92.99 37.01 -14.37
N ILE K 97 92.83 36.86 -15.69
CA ILE K 97 93.56 37.73 -16.62
C ILE K 97 93.16 39.18 -16.41
N ARG K 98 91.85 39.45 -16.32
CA ARG K 98 91.39 40.80 -16.04
C ARG K 98 91.79 41.25 -14.65
N GLN K 99 91.82 40.34 -13.68
CA GLN K 99 92.26 40.69 -12.33
C GLN K 99 93.70 41.18 -12.34
N LYS K 100 94.59 40.46 -13.02
CA LYS K 100 96.00 40.84 -13.06
C LYS K 100 96.25 42.02 -13.99
N GLU K 101 95.35 42.29 -14.94
CA GLU K 101 95.54 43.42 -15.84
C GLU K 101 95.01 44.73 -15.27
N LYS K 102 93.74 44.76 -14.88
CA LYS K 102 93.08 45.99 -14.47
C LYS K 102 92.99 46.14 -12.95
N ASP K 103 93.69 45.29 -12.19
CA ASP K 103 93.71 45.36 -10.73
C ASP K 103 92.31 45.23 -10.15
N VAL K 104 91.68 44.10 -10.42
CA VAL K 104 90.33 43.83 -9.95
C VAL K 104 90.40 43.32 -8.52
N LEU K 105 89.59 43.92 -7.64
CA LEU K 105 89.54 43.56 -6.23
C LEU K 105 88.24 42.84 -5.93
N LEU K 106 88.34 41.62 -5.41
CA LEU K 106 87.17 40.80 -5.08
C LEU K 106 87.61 39.82 -4.00
N SER K 107 87.03 39.93 -2.80
CA SER K 107 87.45 39.04 -1.71
C SER K 107 86.34 38.89 -0.70
N ILE K 108 85.94 37.65 -0.42
CA ILE K 108 85.02 37.36 0.66
C ILE K 108 85.81 37.29 1.96
N GLU K 109 85.42 38.10 2.94
CA GLU K 109 86.22 38.26 4.15
C GLU K 109 85.78 37.31 5.27
N ASN K 110 84.53 37.41 5.71
CA ASN K 110 84.03 36.67 6.86
C ASN K 110 82.77 35.90 6.44
N LEU K 111 82.95 34.66 6.01
CA LEU K 111 81.85 33.79 5.63
C LEU K 111 81.59 32.80 6.75
N ASP K 112 80.42 32.87 7.36
CA ASP K 112 80.03 31.95 8.42
C ASP K 112 78.51 31.78 8.38
N GLN K 113 77.96 31.22 9.45
CA GLN K 113 76.52 30.95 9.49
C GLN K 113 75.71 32.24 9.66
N TYR K 114 76.24 33.22 10.39
CA TYR K 114 75.42 34.36 10.82
C TYR K 114 75.71 35.65 10.05
N GLY K 115 76.83 35.75 9.36
CA GLY K 115 77.16 37.00 8.69
C GLY K 115 77.96 36.78 7.44
N ALA K 116 78.18 37.88 6.72
CA ALA K 116 78.97 37.85 5.50
C ALA K 116 79.67 39.20 5.33
N SER K 117 80.87 39.15 4.75
CA SER K 117 81.66 40.35 4.48
C SER K 117 82.31 40.22 3.11
N ILE K 118 82.30 41.32 2.36
CA ILE K 118 82.82 41.34 0.99
C ILE K 118 83.60 42.63 0.79
N GLN K 119 84.71 42.54 0.04
CA GLN K 119 85.51 43.68 -0.36
C GLN K 119 85.64 43.67 -1.88
N LEU K 120 85.45 44.83 -2.50
CA LEU K 120 85.43 44.91 -3.95
C LEU K 120 85.80 46.32 -4.40
N ASN K 121 86.12 46.43 -5.68
CA ASN K 121 86.40 47.69 -6.35
C ASN K 121 85.40 47.89 -7.48
N LEU K 122 85.61 48.95 -8.27
CA LEU K 122 84.74 49.20 -9.42
C LEU K 122 84.86 48.09 -10.46
N GLU K 123 86.09 47.64 -10.72
CA GLU K 123 86.29 46.59 -11.72
C GLU K 123 85.64 45.27 -11.31
N GLY K 124 85.59 44.99 -10.01
CA GLY K 124 84.87 43.82 -9.55
C GLY K 124 83.39 43.89 -9.89
N LEU K 125 82.78 45.06 -9.66
CA LEU K 125 81.38 45.25 -10.03
C LEU K 125 81.20 45.11 -11.54
N ILE K 126 82.14 45.65 -12.32
CA ILE K 126 82.06 45.53 -13.77
C ILE K 126 82.09 44.06 -14.18
N ALA K 127 82.99 43.28 -13.59
CA ALA K 127 83.09 41.87 -13.93
C ALA K 127 81.83 41.10 -13.53
N LEU K 128 81.28 41.40 -12.35
CA LEU K 128 80.06 40.73 -11.90
C LEU K 128 78.90 41.06 -12.83
N PHE K 129 78.77 42.32 -13.24
CA PHE K 129 77.67 42.67 -14.14
C PHE K 129 77.89 42.11 -15.54
N ASP K 130 79.15 41.94 -15.96
CA ASP K 130 79.43 41.29 -17.23
C ASP K 130 79.01 39.82 -17.19
N LEU K 131 79.33 39.13 -16.10
CA LEU K 131 79.00 37.71 -16.00
C LEU K 131 77.49 37.49 -15.84
N ALA K 132 76.84 38.30 -14.99
CA ALA K 132 75.44 38.06 -14.67
C ALA K 132 74.53 38.38 -15.84
N TYR K 133 74.76 39.51 -16.51
CA TYR K 133 73.88 39.98 -17.58
C TYR K 133 74.32 39.52 -18.97
N LEU K 134 75.11 38.45 -19.04
CA LEU K 134 75.51 37.91 -20.34
C LEU K 134 74.30 37.32 -21.06
N SER K 135 74.22 37.56 -22.37
CA SER K 135 73.09 37.09 -23.16
C SER K 135 73.51 36.97 -24.61
N PHE K 136 72.72 36.23 -25.38
CA PHE K 136 72.93 36.04 -26.81
C PHE K 136 71.58 36.03 -27.52
N THR K 137 71.61 35.79 -28.82
CA THR K 137 70.42 35.79 -29.65
C THR K 137 70.19 34.41 -30.26
N GLU K 138 68.92 34.01 -30.33
CA GLU K 138 68.54 32.70 -30.85
C GLU K 138 67.49 32.88 -31.94
N GLU K 139 67.51 31.99 -32.92
CA GLU K 139 66.61 32.04 -34.06
C GLU K 139 65.45 31.06 -33.86
N ARG K 140 64.23 31.56 -34.06
CA ARG K 140 63.03 30.74 -34.02
C ARG K 140 62.20 31.01 -35.27
N LYS K 141 61.37 30.05 -35.64
CA LYS K 141 60.60 30.11 -36.87
C LYS K 141 59.15 30.49 -36.59
N SER K 142 58.50 31.04 -37.63
CA SER K 142 57.10 31.45 -37.55
C SER K 142 56.36 30.96 -38.78
N LYS K 143 55.04 30.85 -38.65
CA LYS K 143 54.20 30.42 -39.76
C LYS K 143 53.14 31.49 -40.08
N PHE K 170 60.38 34.57 -40.18
CA PHE K 170 61.51 34.28 -39.30
C PHE K 170 61.92 35.53 -38.52
N TYR K 171 62.53 35.33 -37.36
CA TYR K 171 62.74 36.42 -36.41
C TYR K 171 63.88 36.05 -35.47
N ASP K 172 64.41 37.06 -34.80
CA ASP K 172 65.48 36.90 -33.83
C ASP K 172 64.97 37.25 -32.44
N VAL K 173 65.32 36.43 -31.46
CA VAL K 173 64.94 36.65 -30.06
C VAL K 173 66.19 36.57 -29.21
N ILE K 174 66.40 37.59 -28.38
CA ILE K 174 67.55 37.62 -27.47
C ILE K 174 67.25 36.72 -26.28
N THR K 175 68.24 35.91 -25.90
CA THR K 175 68.08 34.94 -24.82
C THR K 175 69.24 35.07 -23.84
N PRO K 176 68.97 35.14 -22.53
CA PRO K 176 70.05 35.19 -21.55
C PRO K 176 70.86 33.90 -21.55
N GLN K 177 72.15 34.03 -21.21
CA GLN K 177 73.03 32.87 -21.17
C GLN K 177 72.63 31.90 -20.07
N GLY K 178 72.27 32.42 -18.90
CA GLY K 178 71.89 31.58 -17.77
C GLY K 178 72.90 31.53 -16.64
N GLY K 179 74.11 32.07 -16.84
CA GLY K 179 75.08 32.10 -15.75
C GLY K 179 75.57 30.71 -15.38
N PHE K 180 75.91 30.55 -14.10
CA PHE K 180 76.51 29.31 -13.62
C PHE K 180 75.61 28.10 -13.83
N LEU K 181 74.30 28.32 -13.97
CA LEU K 181 73.40 27.21 -14.25
C LEU K 181 73.79 26.48 -15.53
N ALA K 182 74.30 27.22 -16.52
CA ALA K 182 74.74 26.59 -17.76
C ALA K 182 75.81 25.55 -17.50
N GLY K 183 76.64 25.77 -16.48
CA GLY K 183 77.66 24.81 -16.11
C GLY K 183 77.20 23.66 -15.26
N TRP K 184 75.94 23.63 -14.84
CA TRP K 184 75.45 22.58 -13.97
C TRP K 184 74.33 21.74 -14.58
N ASP K 185 73.60 22.26 -15.55
CA ASP K 185 72.51 21.50 -16.18
C ASP K 185 73.11 20.51 -17.17
N LYS K 186 73.22 19.25 -16.76
CA LYS K 186 73.75 18.20 -17.60
C LYS K 186 72.66 17.47 -18.39
N SER K 187 71.41 17.90 -18.27
CA SER K 187 70.33 17.27 -19.03
C SER K 187 70.52 17.51 -20.52
N ASP K 188 70.07 16.55 -21.32
CA ASP K 188 70.20 16.66 -22.76
C ASP K 188 69.46 17.88 -23.27
N GLY K 189 70.15 18.71 -24.06
CA GLY K 189 69.57 19.93 -24.57
C GLY K 189 69.38 21.03 -23.56
N GLN K 190 69.81 20.83 -22.31
CA GLN K 190 69.62 21.81 -21.23
C GLN K 190 68.16 22.22 -21.11
N ILE K 191 67.28 21.22 -21.20
CA ILE K 191 65.84 21.48 -21.24
C ILE K 191 65.39 22.24 -20.00
N TRP K 192 65.91 21.86 -18.83
CA TRP K 192 65.61 22.62 -17.61
C TRP K 192 65.92 24.09 -17.81
N LEU K 193 67.14 24.40 -18.26
CA LEU K 193 67.51 25.79 -18.53
C LEU K 193 66.47 26.46 -19.41
N ARG K 194 66.01 25.76 -20.46
CA ARG K 194 65.00 26.32 -21.34
C ARG K 194 63.81 26.82 -20.54
N ILE K 195 63.23 25.96 -19.70
CA ILE K 195 62.11 26.38 -18.88
C ILE K 195 62.50 27.60 -18.05
N TRP K 196 63.66 27.53 -17.38
CA TRP K 196 64.13 28.68 -16.62
C TRP K 196 64.19 29.91 -17.50
N ARG K 197 64.80 29.78 -18.68
CA ARG K 197 64.88 30.92 -19.60
C ARG K 197 63.49 31.44 -19.92
N ASP K 198 62.56 30.53 -20.22
CA ASP K 198 61.19 30.95 -20.51
C ASP K 198 60.62 31.74 -19.34
N MET K 199 60.82 31.24 -18.12
CA MET K 199 60.31 31.95 -16.95
C MET K 199 60.92 33.33 -16.85
N PHE K 200 62.21 33.47 -17.17
CA PHE K 200 62.86 34.77 -17.07
C PHE K 200 62.23 35.78 -18.01
N TRP K 201 61.61 35.30 -19.10
CA TRP K 201 60.95 36.22 -20.01
C TRP K 201 59.47 36.38 -19.66
N SER K 202 58.91 35.42 -18.90
CA SER K 202 57.47 35.44 -18.64
C SER K 202 57.11 36.48 -17.59
N ILE K 203 57.73 36.39 -16.42
CA ILE K 203 57.36 37.19 -15.25
C ILE K 203 58.50 38.12 -14.83
N ILE K 204 59.75 37.63 -14.94
CA ILE K 204 60.89 38.38 -14.44
C ILE K 204 61.00 39.73 -15.13
N LYS K 205 60.93 39.74 -16.46
CA LYS K 205 61.09 40.97 -17.22
C LYS K 205 59.90 41.20 -18.14
N GLY K 206 58.69 41.08 -17.59
CA GLY K 206 57.50 41.33 -18.39
C GLY K 206 57.47 42.74 -18.96
N VAL K 207 57.95 43.71 -18.20
CA VAL K 207 58.08 45.08 -18.70
C VAL K 207 59.33 45.16 -19.56
N PRO K 208 59.21 45.40 -20.87
CA PRO K 208 60.39 45.38 -21.73
C PRO K 208 61.38 46.50 -21.44
N ALA K 209 60.95 47.58 -20.80
CA ALA K 209 61.86 48.68 -20.49
C ALA K 209 62.97 48.26 -19.54
N THR K 210 62.79 47.15 -18.83
CA THR K 210 63.82 46.61 -17.95
C THR K 210 64.75 45.62 -18.66
N ARG K 211 64.59 45.44 -19.96
CA ARG K 211 65.41 44.52 -20.74
C ARG K 211 66.67 45.17 -21.28
N ASN K 212 66.92 46.44 -20.94
CA ASN K 212 68.08 47.15 -21.49
C ASN K 212 69.41 46.49 -21.19
N PRO K 213 69.71 46.03 -19.96
CA PRO K 213 71.05 45.47 -19.71
C PRO K 213 71.40 44.29 -20.59
N PHE K 214 70.42 43.43 -20.92
CA PHE K 214 70.72 42.27 -21.75
C PHE K 214 70.93 42.67 -23.21
N ASN K 215 70.30 43.77 -23.65
CA ASN K 215 70.49 44.22 -25.02
C ASN K 215 71.93 44.63 -25.28
N ASN K 216 72.56 45.32 -24.32
CA ASN K 216 73.92 45.81 -24.51
C ASN K 216 74.92 44.67 -24.57
N ARG K 217 74.74 43.63 -23.75
CA ARG K 217 75.70 42.55 -23.60
C ARG K 217 75.36 41.34 -24.48
N CYS K 218 74.77 41.56 -25.64
CA CYS K 218 74.44 40.49 -26.57
C CYS K 218 75.60 40.29 -27.53
N GLY K 219 76.13 39.08 -27.56
CA GLY K 219 77.24 38.75 -28.45
C GLY K 219 78.61 39.13 -27.94
N LEU K 220 78.71 39.72 -26.75
CA LEU K 220 80.01 40.08 -26.21
C LEU K 220 80.82 38.84 -25.87
N ASN K 221 82.13 38.91 -26.07
CA ASN K 221 83.04 37.80 -25.81
C ASN K 221 83.95 38.21 -24.65
N LEU K 222 83.65 37.67 -23.46
CA LEU K 222 84.48 37.96 -22.30
C LEU K 222 85.87 37.37 -22.43
N ASN K 223 86.02 36.30 -23.21
CA ASN K 223 87.34 35.75 -23.49
C ASN K 223 88.14 36.63 -24.43
N ALA K 224 87.48 37.45 -25.24
CA ALA K 224 88.14 38.36 -26.16
C ALA K 224 88.31 39.75 -25.60
N GLY K 225 87.96 39.98 -24.33
CA GLY K 225 88.11 41.27 -23.71
C GLY K 225 86.95 42.23 -23.88
N ASP K 226 85.83 41.76 -24.40
CA ASP K 226 84.64 42.62 -24.52
C ASP K 226 84.12 42.99 -23.14
N SER K 227 83.77 44.26 -22.97
CA SER K 227 83.29 44.74 -21.67
C SER K 227 82.35 45.91 -21.88
N PHE K 228 81.53 46.17 -20.87
CA PHE K 228 80.59 47.29 -20.87
C PHE K 228 80.47 47.81 -19.45
N SER K 229 80.62 49.13 -19.28
CA SER K 229 80.62 49.71 -17.94
C SER K 229 79.86 51.02 -17.84
N LYS K 230 79.00 51.35 -18.80
CA LYS K 230 78.27 52.61 -18.75
C LYS K 230 77.28 52.63 -17.58
N ASP K 231 76.48 51.57 -17.44
CA ASP K 231 75.50 51.52 -16.37
C ASP K 231 76.14 51.22 -15.02
N VAL K 232 77.34 50.63 -15.02
CA VAL K 232 77.98 50.24 -13.77
C VAL K 232 78.34 51.48 -12.94
N GLU K 233 78.70 52.57 -13.61
CA GLU K 233 79.14 53.77 -12.90
C GLU K 233 78.02 54.37 -12.06
N SER K 234 76.79 54.38 -12.58
CA SER K 234 75.66 54.89 -11.82
C SER K 234 75.42 54.04 -10.57
N VAL K 235 75.49 52.72 -10.72
CA VAL K 235 75.31 51.83 -9.58
C VAL K 235 76.42 52.07 -8.56
N TRP K 236 77.65 52.30 -9.03
CA TRP K 236 78.75 52.61 -8.12
C TRP K 236 78.50 53.90 -7.36
N LYS K 237 78.01 54.93 -8.05
CA LYS K 237 77.69 56.19 -7.40
C LYS K 237 76.63 55.99 -6.32
N SER K 238 75.58 55.22 -6.65
CA SER K 238 74.54 54.94 -5.67
C SER K 238 75.08 54.15 -4.48
N LEU K 239 75.92 53.15 -4.73
CA LEU K 239 76.46 52.33 -3.66
C LEU K 239 77.46 53.07 -2.80
N GLN K 240 78.04 54.16 -3.31
CA GLN K 240 78.94 54.98 -2.49
C GLN K 240 78.27 55.42 -1.20
N ASN K 241 76.95 55.64 -1.22
CA ASN K 241 76.16 55.89 -0.03
C ASN K 241 74.97 54.94 -0.08
N ALA K 242 75.17 53.72 0.41
CA ALA K 242 74.12 52.70 0.34
C ALA K 242 73.04 52.92 1.39
N GLU K 243 73.36 53.63 2.48
CA GLU K 243 72.41 53.83 3.56
C GLU K 243 71.28 54.79 3.19
N LYS K 244 71.41 55.52 2.08
CA LYS K 244 70.34 56.41 1.65
C LYS K 244 69.14 55.62 1.14
N THR K 245 67.96 56.22 1.30
CA THR K 245 66.73 55.58 0.85
C THR K 245 66.57 55.74 -0.66
N THR K 246 65.60 55.02 -1.21
CA THR K 246 65.31 55.03 -2.64
C THR K 246 63.86 54.58 -2.84
N GLY K 247 63.52 54.22 -4.07
CA GLY K 247 62.19 53.76 -4.39
C GLY K 247 62.17 52.40 -5.07
N GLN K 248 61.35 51.49 -4.56
CA GLN K 248 61.26 50.15 -5.15
C GLN K 248 60.59 50.22 -6.51
N SER K 249 61.20 49.58 -7.49
CA SER K 249 60.69 49.46 -8.84
C SER K 249 60.09 48.07 -9.03
N GLY K 250 59.75 47.75 -10.28
CA GLY K 250 59.26 46.42 -10.60
C GLY K 250 60.31 45.33 -10.55
N ALA K 251 61.58 45.68 -10.31
CA ALA K 251 62.60 44.66 -10.12
C ALA K 251 62.26 43.74 -8.96
N PHE K 252 61.58 44.25 -7.94
CA PHE K 252 60.92 43.39 -6.96
C PHE K 252 59.66 42.83 -7.59
N TYR K 253 59.57 41.51 -7.69
CA TYR K 253 58.51 40.87 -8.44
C TYR K 253 57.21 40.76 -7.67
N LEU K 254 57.05 41.54 -6.60
CA LEU K 254 55.81 41.59 -5.85
C LEU K 254 55.47 43.04 -5.58
N GLY K 255 54.19 43.37 -5.71
CA GLY K 255 53.72 44.72 -5.46
C GLY K 255 54.07 45.68 -6.59
N ALA K 256 53.71 46.93 -6.36
CA ALA K 256 53.92 48.01 -7.32
C ALA K 256 54.70 49.15 -6.65
N MET K 257 54.80 50.27 -7.35
CA MET K 257 55.57 51.40 -6.82
C MET K 257 54.96 51.94 -5.53
N ALA K 258 53.64 51.94 -5.42
CA ALA K 258 53.00 52.31 -4.15
C ALA K 258 51.76 51.48 -3.82
N VAL K 259 51.47 50.42 -4.58
CA VAL K 259 50.21 49.67 -4.52
C VAL K 259 49.05 50.57 -4.95
N ASN K 260 49.17 51.86 -4.65
CA ASN K 260 48.37 52.92 -5.27
C ASN K 260 46.89 52.80 -4.93
N ALA K 261 46.61 52.43 -3.68
CA ALA K 261 45.34 52.83 -3.10
C ALA K 261 45.28 54.34 -2.97
N GLU K 262 46.40 54.95 -2.60
CA GLU K 262 46.63 56.38 -2.74
C GLU K 262 48.13 56.58 -2.98
N ASN K 263 48.53 57.83 -3.17
CA ASN K 263 49.93 58.14 -3.44
C ASN K 263 50.73 57.94 -2.15
N VAL K 264 51.46 56.83 -2.07
CA VAL K 264 52.18 56.46 -0.87
C VAL K 264 53.68 56.32 -1.10
N SER K 265 54.11 55.99 -2.32
CA SER K 265 55.49 55.63 -2.65
C SER K 265 55.86 54.36 -1.86
N THR K 266 57.14 54.17 -1.56
CA THR K 266 57.58 52.97 -0.86
C THR K 266 58.93 53.23 -0.22
N ASP K 267 59.32 52.33 0.68
CA ASP K 267 60.56 52.45 1.44
C ASP K 267 61.45 51.24 1.18
N ASP K 268 62.75 51.49 1.03
CA ASP K 268 63.74 50.43 0.86
C ASP K 268 65.13 51.06 1.01
N LEU K 269 66.14 50.21 1.06
CA LEU K 269 67.53 50.64 1.15
C LEU K 269 68.26 50.33 -0.14
N ILE K 270 69.24 51.19 -0.46
CA ILE K 270 70.01 51.01 -1.69
C ILE K 270 70.79 49.69 -1.65
N LYS K 271 71.44 49.40 -0.52
CA LYS K 271 72.16 48.14 -0.39
C LYS K 271 71.21 46.95 -0.48
N TRP K 272 70.01 47.08 0.13
CA TRP K 272 69.03 46.00 0.04
C TRP K 272 68.53 45.83 -1.38
N GLN K 273 68.31 46.93 -2.10
CA GLN K 273 67.88 46.85 -3.49
C GLN K 273 68.95 46.22 -4.36
N PHE K 274 70.23 46.45 -4.04
CA PHE K 274 71.31 45.84 -4.80
C PHE K 274 71.26 44.32 -4.71
N LEU K 275 70.91 43.80 -3.53
CA LEU K 275 70.93 42.35 -3.31
C LEU K 275 69.91 41.62 -4.18
N LEU K 276 68.81 42.29 -4.55
CA LEU K 276 67.73 41.63 -5.28
C LEU K 276 68.08 41.33 -6.73
N HIS K 277 69.23 41.82 -7.23
CA HIS K 277 69.57 41.62 -8.63
C HIS K 277 70.02 40.20 -8.95
N PHE K 278 70.21 39.34 -7.96
CA PHE K 278 70.81 38.03 -8.19
C PHE K 278 70.04 36.86 -7.61
N TRP K 279 69.02 37.08 -6.78
CA TRP K 279 68.32 35.96 -6.17
C TRP K 279 67.51 35.14 -7.17
N ALA K 280 67.24 35.68 -8.36
CA ALA K 280 66.46 34.95 -9.35
C ALA K 280 67.17 33.71 -9.85
N PHE K 281 68.47 33.58 -9.61
CA PHE K 281 69.22 32.42 -10.07
C PHE K 281 69.13 31.23 -9.13
N VAL K 282 68.47 31.37 -7.98
CA VAL K 282 68.40 30.31 -6.98
C VAL K 282 66.99 29.73 -6.95
N ALA K 283 66.02 30.49 -7.45
CA ALA K 283 64.63 30.07 -7.39
C ALA K 283 64.39 28.82 -8.23
N GLN K 284 63.37 28.05 -7.84
CA GLN K 284 62.98 26.87 -8.59
C GLN K 284 61.71 27.15 -9.36
N VAL K 285 61.59 26.50 -10.53
CA VAL K 285 60.48 26.74 -11.44
C VAL K 285 59.78 25.43 -11.74
N TYR K 286 58.45 25.45 -11.76
CA TYR K 286 57.65 24.31 -12.15
C TYR K 286 56.49 24.78 -13.02
N CYS K 287 55.95 23.88 -13.82
CA CYS K 287 54.87 24.22 -14.73
C CYS K 287 53.55 23.60 -14.25
N PRO K 288 52.58 24.39 -13.82
CA PRO K 288 51.26 23.87 -13.51
C PRO K 288 50.44 23.74 -14.78
N TYR K 289 49.19 23.29 -14.61
CA TYR K 289 48.31 23.11 -15.76
C TYR K 289 46.87 22.96 -15.27
N ILE K 290 45.97 22.89 -16.24
CA ILE K 290 44.55 22.64 -16.00
C ILE K 290 44.09 21.53 -16.93
N LEU K 291 42.95 20.92 -16.62
CA LEU K 291 42.41 19.86 -17.46
C LEU K 291 41.26 20.42 -18.30
N ASP K 292 41.26 20.08 -19.58
CA ASP K 292 40.24 20.57 -20.52
C ASP K 292 39.10 19.56 -20.61
N LYS K 293 38.21 19.78 -21.59
CA LYS K 293 37.10 18.85 -21.79
C LYS K 293 37.59 17.49 -22.26
N ASP K 294 38.73 17.45 -22.96
CA ASP K 294 39.29 16.20 -23.47
C ASP K 294 40.32 15.58 -22.54
N GLY K 295 40.55 16.19 -21.37
CA GLY K 295 41.50 15.64 -20.42
C GLY K 295 42.94 16.00 -20.65
N LYS K 296 43.26 16.68 -21.75
CA LYS K 296 44.64 17.06 -22.03
C LYS K 296 45.08 18.16 -21.08
N ARG K 297 46.36 18.11 -20.68
CA ARG K 297 46.92 19.13 -19.81
C ARG K 297 47.17 20.40 -20.61
N ASN K 298 46.64 21.53 -20.11
CA ASN K 298 46.90 22.83 -20.70
C ASN K 298 47.70 23.64 -19.69
N PHE K 299 48.95 23.93 -20.04
CA PHE K 299 49.84 24.62 -19.12
C PHE K 299 49.56 26.12 -19.12
N ASN K 300 49.60 26.72 -17.94
CA ASN K 300 49.31 28.16 -17.78
C ASN K 300 50.25 28.72 -16.73
N GLY K 301 51.12 29.65 -17.14
CA GLY K 301 52.00 30.31 -16.21
C GLY K 301 53.04 29.39 -15.61
N TYR K 302 53.50 29.74 -14.41
CA TYR K 302 54.55 29.00 -13.73
C TYR K 302 54.33 29.09 -12.22
N VAL K 303 55.02 28.21 -11.51
CA VAL K 303 55.08 28.20 -10.05
C VAL K 303 56.54 28.37 -9.65
N ILE K 304 56.78 29.38 -8.82
CA ILE K 304 58.13 29.74 -8.37
C ILE K 304 58.27 29.33 -6.91
N VAL K 305 59.37 28.64 -6.59
CA VAL K 305 59.64 28.14 -5.25
C VAL K 305 60.89 28.84 -4.73
N ILE K 306 60.76 29.44 -3.54
CA ILE K 306 61.82 30.20 -2.89
C ILE K 306 62.14 29.51 -1.56
N PRO K 307 63.39 29.14 -1.30
CA PRO K 307 63.74 28.59 0.01
C PRO K 307 64.15 29.69 0.97
N ASP K 308 64.01 29.41 2.27
CA ASP K 308 64.50 30.29 3.32
C ASP K 308 65.75 29.67 3.93
N ILE K 309 66.84 30.42 3.91
CA ILE K 309 68.14 29.91 4.33
C ILE K 309 68.35 30.17 5.81
N ALA K 310 68.78 29.14 6.53
CA ALA K 310 69.14 29.24 7.94
C ALA K 310 70.65 29.29 8.14
N ASN K 311 71.38 28.34 7.58
CA ASN K 311 72.84 28.36 7.57
C ASN K 311 73.30 28.61 6.14
N LEU K 312 73.99 29.73 5.93
CA LEU K 312 74.38 30.14 4.59
C LEU K 312 75.46 29.23 4.02
N GLU K 313 76.50 28.96 4.80
CA GLU K 313 77.62 28.16 4.33
C GLU K 313 77.19 26.75 3.96
N ASP K 314 76.34 26.14 4.79
CA ASP K 314 75.83 24.81 4.47
C ASP K 314 75.01 24.82 3.18
N PHE K 315 74.14 25.81 3.03
CA PHE K 315 73.27 25.86 1.87
C PHE K 315 74.08 26.01 0.58
N CYS K 316 75.06 26.93 0.58
CA CYS K 316 75.84 27.16 -0.61
C CYS K 316 76.71 25.97 -0.98
N ASP K 317 77.06 25.12 0.00
CA ASP K 317 77.82 23.92 -0.29
C ASP K 317 76.94 22.81 -0.86
N ILE K 318 75.68 22.73 -0.43
CA ILE K 318 74.85 21.57 -0.77
C ILE K 318 74.10 21.78 -2.09
N LEU K 319 73.63 23.00 -2.36
CA LEU K 319 72.91 23.24 -3.61
C LEU K 319 73.64 22.82 -4.89
N PRO K 320 74.95 23.02 -5.06
CA PRO K 320 75.58 22.63 -6.34
C PRO K 320 75.37 21.18 -6.72
N ASP K 321 75.35 20.25 -5.77
CA ASP K 321 75.04 18.86 -6.07
C ASP K 321 73.55 18.57 -6.07
N VAL K 322 72.76 19.32 -5.29
CA VAL K 322 71.31 19.16 -5.33
C VAL K 322 70.79 19.40 -6.73
N LEU K 323 71.27 20.47 -7.38
CA LEU K 323 70.87 20.72 -8.76
C LEU K 323 71.33 19.59 -9.68
N SER K 324 72.55 19.09 -9.46
CA SER K 324 73.12 18.07 -10.32
C SER K 324 72.46 16.70 -10.16
N ASN K 325 71.74 16.47 -9.07
CA ASN K 325 71.11 15.18 -8.83
C ASN K 325 69.68 15.10 -9.34
N ARG K 326 69.27 16.03 -10.20
CA ARG K 326 67.91 16.01 -10.73
C ARG K 326 67.75 14.92 -11.78
N ASN K 327 66.50 14.51 -11.99
CA ASN K 327 66.18 13.55 -13.04
C ASN K 327 66.30 14.21 -14.42
N SER K 328 66.42 13.37 -15.43
CA SER K 328 66.64 13.84 -16.80
C SER K 328 65.59 13.38 -17.79
N LYS K 329 64.63 12.55 -17.36
CA LYS K 329 63.59 12.09 -18.27
C LYS K 329 62.65 13.23 -18.64
N ALA K 330 62.33 13.34 -19.92
CA ALA K 330 61.54 14.44 -20.46
C ALA K 330 60.24 13.92 -21.06
N PHE K 331 59.15 14.64 -20.82
CA PHE K 331 57.85 14.34 -21.39
C PHE K 331 57.53 15.41 -22.42
N GLY K 332 57.42 15.01 -23.68
CA GLY K 332 57.30 15.99 -24.74
C GLY K 332 58.56 16.82 -24.83
N PHE K 333 58.40 18.15 -24.78
CA PHE K 333 59.53 19.06 -24.71
C PHE K 333 59.71 19.66 -23.32
N ARG K 334 59.24 18.98 -22.29
CA ARG K 334 59.40 19.39 -20.90
C ARG K 334 59.86 18.20 -20.07
N PRO K 335 60.60 18.45 -18.99
CA PRO K 335 60.93 17.36 -18.06
C PRO K 335 59.67 16.77 -17.45
N GLN K 336 59.67 15.45 -17.28
CA GLN K 336 58.52 14.79 -16.68
C GLN K 336 58.32 15.23 -15.24
N GLU K 337 59.42 15.37 -14.48
CA GLU K 337 59.33 15.84 -13.11
C GLU K 337 58.86 17.28 -13.01
N SER K 338 59.01 18.06 -14.08
CA SER K 338 58.63 19.47 -14.05
C SER K 338 57.13 19.67 -13.98
N VAL K 339 56.34 18.64 -14.27
CA VAL K 339 54.88 18.75 -14.30
C VAL K 339 54.37 18.57 -12.87
N ILE K 340 53.68 19.58 -12.35
CA ILE K 340 53.06 19.53 -11.04
C ILE K 340 51.59 19.87 -11.19
N ASP K 341 50.82 19.58 -10.14
CA ASP K 341 49.37 19.72 -10.16
C ASP K 341 48.86 20.80 -9.22
N VAL K 342 49.46 20.96 -8.06
CA VAL K 342 49.03 21.96 -7.09
C VAL K 342 50.24 22.81 -6.70
N PRO K 343 50.01 24.04 -6.26
CA PRO K 343 51.14 24.91 -5.89
C PRO K 343 52.02 24.32 -4.78
N GLU K 344 51.44 23.56 -3.85
CA GLU K 344 52.22 23.00 -2.76
C GLU K 344 53.04 21.79 -3.16
N GLN K 345 52.79 21.23 -4.35
CA GLN K 345 53.51 20.04 -4.78
C GLN K 345 54.99 20.33 -5.02
N GLY K 346 55.29 21.47 -5.67
CA GLY K 346 56.67 21.82 -5.93
C GLY K 346 57.46 22.08 -4.66
N ALA K 347 56.82 22.68 -3.66
CA ALA K 347 57.47 22.89 -2.37
C ALA K 347 57.88 21.57 -1.75
N LEU K 348 56.99 20.58 -1.78
CA LEU K 348 57.35 19.25 -1.29
C LEU K 348 58.44 18.62 -2.13
N GLU K 349 58.40 18.82 -3.46
CA GLU K 349 59.40 18.22 -4.33
C GLU K 349 60.81 18.74 -4.04
N LEU K 350 60.94 20.05 -3.85
CA LEU K 350 62.26 20.63 -3.61
C LEU K 350 62.87 20.08 -2.32
N LEU K 351 62.12 20.13 -1.24
CA LEU K 351 62.61 19.59 0.03
C LEU K 351 62.76 18.07 0.00
N ASN K 352 62.02 17.36 -0.87
CA ASN K 352 62.28 15.94 -1.04
C ASN K 352 63.64 15.70 -1.69
N LEU K 353 63.98 16.51 -2.69
CA LEU K 353 65.32 16.43 -3.26
C LEU K 353 66.37 16.78 -2.21
N ILE K 354 66.08 17.76 -1.35
CA ILE K 354 67.00 18.12 -0.28
C ILE K 354 67.19 16.96 0.68
N LYS K 355 66.11 16.24 1.01
CA LYS K 355 66.21 15.10 1.89
C LYS K 355 66.94 13.93 1.25
N GLN K 356 66.82 13.78 -0.07
CA GLN K 356 67.65 12.81 -0.77
C GLN K 356 69.11 13.18 -0.67
N ARG K 357 69.44 14.46 -0.85
CA ARG K 357 70.82 14.89 -0.81
C ARG K 357 71.42 14.82 0.59
N ILE K 358 70.62 15.06 1.64
CA ILE K 358 71.15 14.98 2.99
C ILE K 358 71.60 13.56 3.30
N ALA K 359 70.90 12.56 2.75
CA ALA K 359 71.42 11.20 2.78
C ALA K 359 72.63 11.06 1.89
N LYS K 360 72.62 11.69 0.71
CA LYS K 360 73.77 11.68 -0.18
C LYS K 360 74.93 12.48 0.41
N LYS K 361 74.66 13.70 0.87
CA LYS K 361 75.67 14.61 1.40
C LYS K 361 75.51 14.69 2.92
N ALA K 362 76.49 14.16 3.65
CA ALA K 362 76.45 14.17 5.10
C ALA K 362 77.21 15.39 5.63
N GLY K 363 77.20 15.53 6.96
CA GLY K 363 77.90 16.60 7.64
C GLY K 363 77.05 17.80 7.99
N SER K 364 75.80 17.84 7.55
CA SER K 364 74.91 18.96 7.81
C SER K 364 73.81 18.55 8.78
N GLY K 365 73.09 19.56 9.29
CA GLY K 365 71.99 19.33 10.19
C GLY K 365 70.73 18.91 9.47
N LEU K 366 69.64 18.85 10.24
CA LEU K 366 68.36 18.42 9.70
C LEU K 366 67.81 19.47 8.73
N LEU K 367 66.73 19.10 8.04
CA LEU K 367 66.14 20.00 7.04
C LEU K 367 65.67 21.30 7.68
N SER K 368 65.10 21.21 8.89
CA SER K 368 64.72 22.41 9.62
C SER K 368 65.93 23.29 9.90
N ASP K 369 67.06 22.67 10.27
CA ASP K 369 68.29 23.43 10.48
C ASP K 369 68.82 24.07 9.22
N LEU K 370 68.42 23.55 8.04
CA LEU K 370 68.87 24.12 6.77
C LEU K 370 67.86 25.11 6.20
N ILE K 371 66.59 24.73 6.13
CA ILE K 371 65.53 25.56 5.55
C ILE K 371 64.51 25.87 6.63
N VAL K 372 64.22 27.15 6.82
CA VAL K 372 63.22 27.55 7.80
C VAL K 372 61.83 27.53 7.18
N GLY K 373 61.69 28.06 5.96
CA GLY K 373 60.40 28.12 5.32
C GLY K 373 60.51 28.02 3.81
N VAL K 374 59.37 27.79 3.18
CA VAL K 374 59.27 27.68 1.73
C VAL K 374 58.19 28.63 1.25
N GLU K 375 58.49 29.38 0.20
CA GLU K 375 57.56 30.33 -0.41
C GLU K 375 57.17 29.85 -1.79
N VAL K 376 55.87 29.84 -2.06
CA VAL K 376 55.32 29.38 -3.34
C VAL K 376 54.55 30.52 -3.97
N ILE K 377 54.86 30.80 -5.23
CA ILE K 377 54.21 31.88 -5.98
C ILE K 377 53.63 31.29 -7.26
N HIS K 378 52.37 31.60 -7.55
CA HIS K 378 51.76 31.20 -8.81
C HIS K 378 51.58 32.43 -9.69
N ALA K 379 52.17 32.41 -10.89
CA ALA K 379 52.14 33.59 -11.73
C ALA K 379 51.80 33.19 -13.16
N GLU K 380 51.27 34.15 -13.92
CA GLU K 380 50.97 33.93 -15.32
C GLU K 380 50.81 35.28 -16.01
N LYS K 381 51.20 35.35 -17.27
CA LYS K 381 51.17 36.59 -18.04
C LYS K 381 49.89 36.68 -18.86
N GLN K 382 49.33 37.89 -18.94
CA GLN K 382 48.15 38.16 -19.75
C GLN K 382 48.36 39.48 -20.48
N GLY K 383 48.66 39.39 -21.78
CA GLY K 383 48.84 40.59 -22.57
C GLY K 383 49.99 41.44 -22.03
N ASN K 384 49.75 42.74 -21.93
CA ASN K 384 50.73 43.67 -21.38
C ASN K 384 50.61 43.81 -19.86
N SER K 385 50.04 42.81 -19.19
CA SER K 385 49.84 42.85 -17.75
C SER K 385 50.24 41.51 -17.13
N ILE K 386 50.58 41.56 -15.85
CA ILE K 386 51.01 40.40 -15.07
C ILE K 386 50.04 40.20 -13.92
N LYS K 387 49.53 38.97 -13.79
CA LYS K 387 48.53 38.63 -12.79
C LYS K 387 49.07 37.55 -11.85
N LEU K 388 48.76 37.68 -10.58
CA LEU K 388 49.10 36.68 -9.58
C LEU K 388 47.88 35.84 -9.23
N HIS K 389 48.14 34.64 -8.71
CA HIS K 389 47.06 33.72 -8.36
C HIS K 389 47.15 33.20 -6.94
N SER K 390 48.34 32.92 -6.42
CA SER K 390 48.44 32.36 -5.08
C SER K 390 49.82 32.63 -4.50
N VAL K 391 49.84 33.04 -3.23
CA VAL K 391 51.05 33.24 -2.44
C VAL K 391 50.84 32.56 -1.10
N SER K 392 51.84 31.77 -0.67
CA SER K 392 51.67 30.98 0.55
C SER K 392 53.03 30.67 1.16
N TYR K 393 52.98 30.24 2.43
CA TYR K 393 54.15 29.89 3.21
C TYR K 393 53.98 28.47 3.72
N LEU K 394 55.01 27.64 3.57
CA LEU K 394 54.92 26.22 3.89
C LEU K 394 55.87 25.86 5.03
N GLN K 395 55.83 24.58 5.43
CA GLN K 395 56.60 24.04 6.54
C GLN K 395 57.40 22.81 6.10
N PRO K 396 58.59 22.61 6.67
CA PRO K 396 59.48 21.54 6.18
C PRO K 396 59.29 20.18 6.83
N ASN K 397 58.16 19.94 7.49
CA ASN K 397 57.98 18.72 8.27
C ASN K 397 58.18 17.46 7.43
N GLU K 398 58.83 16.46 8.03
CA GLU K 398 59.25 15.25 7.33
C GLU K 398 58.18 14.17 7.30
N GLU K 399 57.29 14.14 8.28
CA GLU K 399 56.23 13.13 8.29
C GLU K 399 55.34 13.27 7.06
N SER K 400 55.12 14.49 6.59
CA SER K 400 54.42 14.69 5.33
C SER K 400 55.26 14.22 4.15
N VAL K 401 56.59 14.36 4.26
CA VAL K 401 57.48 13.92 3.19
C VAL K 401 57.37 12.42 3.00
N ASP K 402 57.32 11.67 4.11
CA ASP K 402 57.20 10.22 4.01
C ASP K 402 55.91 9.82 3.31
N ASP K 403 54.80 10.49 3.64
CA ASP K 403 53.54 10.19 2.96
C ASP K 403 53.61 10.57 1.48
N TYR K 404 54.19 11.72 1.17
CA TYR K 404 54.27 12.16 -0.22
C TYR K 404 55.15 11.24 -1.07
N ASN K 405 56.13 10.59 -0.46
CA ASN K 405 56.99 9.69 -1.23
C ASN K 405 56.22 8.52 -1.82
N ALA K 406 55.02 8.23 -1.33
CA ALA K 406 54.27 7.08 -1.81
C ALA K 406 53.61 7.34 -3.15
N ILE K 407 53.20 8.59 -3.41
CA ILE K 407 52.35 8.86 -4.57
C ILE K 407 53.11 8.64 -5.87
N LYS K 408 54.40 8.94 -5.89
CA LYS K 408 55.18 8.81 -7.12
C LYS K 408 55.34 7.36 -7.55
N ASN K 409 55.12 6.40 -6.65
CA ASN K 409 55.31 4.99 -7.00
C ASN K 409 54.29 4.54 -8.05
N SER K 410 53.03 4.94 -7.89
CA SER K 410 52.00 4.55 -8.84
C SER K 410 52.24 5.24 -10.18
N TYR K 411 52.16 4.46 -11.26
CA TYR K 411 52.47 4.95 -12.60
C TYR K 411 51.23 5.52 -13.25
N TYR K 412 51.38 6.69 -13.86
CA TYR K 412 50.28 7.39 -14.54
C TYR K 412 49.06 7.54 -13.63
N CYS K 413 49.26 8.31 -12.58
CA CYS K 413 48.19 8.58 -11.62
C CYS K 413 47.08 9.38 -12.30
N PRO K 414 45.82 8.93 -12.21
CA PRO K 414 44.72 9.72 -12.75
C PRO K 414 44.55 11.02 -12.00
N TRP K 415 44.02 12.02 -12.68
CA TRP K 415 43.87 13.35 -12.10
C TRP K 415 42.81 13.37 -11.00
N PHE K 416 41.96 12.35 -10.93
CA PHE K 416 40.96 12.28 -9.88
C PHE K 416 41.55 11.73 -8.58
N ARG K 417 42.18 10.55 -8.65
CA ARG K 417 42.91 10.04 -7.49
C ARG K 417 44.07 10.95 -7.11
N ARG K 418 44.57 11.74 -8.07
CA ARG K 418 45.61 12.71 -7.76
C ARG K 418 45.15 13.72 -6.72
N GLN K 419 43.85 13.98 -6.65
CA GLN K 419 43.31 14.95 -5.71
C GLN K 419 43.51 14.52 -4.26
N LEU K 420 44.13 13.34 -4.07
CA LEU K 420 44.52 12.91 -2.73
C LEU K 420 45.49 13.90 -2.09
N LEU K 421 46.24 14.64 -2.91
CA LEU K 421 47.15 15.65 -2.36
C LEU K 421 46.40 16.76 -1.65
N LEU K 422 45.17 17.06 -2.10
CA LEU K 422 44.41 18.16 -1.50
C LEU K 422 44.06 17.86 -0.05
N ASN K 423 43.64 16.63 0.25
CA ASN K 423 43.26 16.27 1.61
C ASN K 423 44.45 15.94 2.50
N LEU K 424 45.67 16.30 2.07
CA LEU K 424 46.84 16.10 2.92
C LEU K 424 46.82 17.04 4.12
N VAL K 425 46.11 18.15 4.02
CA VAL K 425 46.03 19.11 5.12
C VAL K 425 44.88 18.74 6.05
N LEU K 431 44.96 20.02 16.69
CA LEU K 431 44.34 18.89 17.38
C LEU K 431 43.08 18.49 16.62
N ALA K 432 42.89 19.09 15.44
CA ALA K 432 41.68 18.88 14.65
C ALA K 432 41.93 18.18 13.32
N SER K 433 42.90 18.64 12.54
CA SER K 433 43.09 18.15 11.17
C SER K 433 44.35 17.32 11.01
N GLN K 434 44.92 16.80 12.10
CA GLN K 434 46.11 15.95 11.98
C GLN K 434 45.81 14.66 11.25
N SER K 435 44.68 14.03 11.55
CA SER K 435 44.33 12.73 10.98
C SER K 435 43.10 12.79 10.07
N TRP K 436 42.87 13.94 9.43
CA TRP K 436 41.69 14.08 8.57
C TRP K 436 41.81 13.28 7.28
N LEU K 437 43.03 12.92 6.87
CA LEU K 437 43.21 12.18 5.63
C LEU K 437 42.67 10.76 5.72
N LYS K 438 42.63 10.20 6.93
CA LYS K 438 42.32 8.78 7.08
C LYS K 438 40.88 8.44 6.70
N ARG K 439 39.99 9.43 6.66
CA ARG K 439 38.60 9.17 6.29
C ARG K 439 38.37 9.20 4.79
N HIS K 440 39.35 9.62 4.00
CA HIS K 440 39.28 9.79 2.55
C HIS K 440 37.92 10.35 2.10
N PRO K 441 37.59 11.61 2.49
CA PRO K 441 36.33 12.23 2.05
C PRO K 441 36.45 12.91 0.69
N TRP K 442 36.97 12.17 -0.29
CA TRP K 442 37.26 12.74 -1.61
C TRP K 442 36.16 12.47 -2.63
N TYR K 443 35.02 11.89 -2.21
CA TYR K 443 33.96 11.60 -3.16
C TYR K 443 33.40 12.87 -3.78
N GLY K 444 33.23 13.92 -2.98
CA GLY K 444 32.56 15.13 -3.43
C GLY K 444 33.25 15.88 -4.56
N PHE K 445 34.42 16.44 -4.28
CA PHE K 445 35.14 17.19 -5.31
C PHE K 445 35.66 16.29 -6.42
N GLY K 446 36.00 15.03 -6.10
CA GLY K 446 36.37 14.10 -7.15
C GLY K 446 35.24 13.81 -8.10
N ASP K 447 34.00 13.78 -7.60
CA ASP K 447 32.84 13.55 -8.45
C ASP K 447 32.45 14.81 -9.22
N LEU K 448 32.60 15.98 -8.59
CA LEU K 448 32.13 17.23 -9.21
C LEU K 448 32.80 17.46 -10.56
N LEU K 449 34.12 17.35 -10.62
CA LEU K 449 34.82 17.56 -11.88
C LEU K 449 34.66 16.36 -12.81
N SER K 450 34.65 15.15 -12.24
CA SER K 450 34.56 13.95 -13.08
C SER K 450 33.23 13.89 -13.82
N ARG K 451 32.17 14.50 -13.27
CA ARG K 451 30.88 14.48 -13.93
C ARG K 451 30.93 15.15 -15.29
N ILE K 452 31.48 16.36 -15.35
CA ILE K 452 31.22 17.26 -16.46
C ILE K 452 31.87 16.77 -17.75
N PRO K 453 33.23 16.76 -17.90
CA PRO K 453 33.78 16.33 -19.19
C PRO K 453 34.25 14.88 -19.22
N GLN K 454 34.44 14.26 -18.06
CA GLN K 454 35.06 12.95 -17.99
C GLN K 454 34.08 11.81 -17.74
N ARG K 455 32.79 12.10 -17.60
CA ARG K 455 31.82 11.02 -17.72
C ARG K 455 31.84 10.43 -19.12
N TRP K 456 32.22 11.25 -20.10
CA TRP K 456 32.40 10.77 -21.46
C TRP K 456 33.71 9.99 -21.60
N LEU K 457 34.77 10.47 -20.93
CA LEU K 457 36.11 9.95 -21.11
C LEU K 457 36.46 8.81 -20.16
N LYS K 458 35.57 8.48 -19.22
CA LYS K 458 35.88 7.43 -18.24
C LYS K 458 36.08 6.08 -18.90
N GLU K 459 35.49 5.89 -20.09
CA GLU K 459 35.66 4.64 -20.81
C GLU K 459 37.00 4.53 -21.53
N ASN K 460 37.80 5.59 -21.53
CA ASN K 460 39.04 5.63 -22.30
C ASN K 460 40.22 5.28 -21.40
N ASN K 461 40.86 4.14 -21.67
CA ASN K 461 42.11 3.73 -21.06
C ASN K 461 41.99 3.53 -19.55
N SER K 462 40.78 3.66 -19.01
CA SER K 462 40.49 3.50 -17.58
C SER K 462 41.42 4.34 -16.71
N TYR K 463 41.98 5.41 -17.29
CA TYR K 463 43.02 6.22 -16.65
C TYR K 463 44.04 5.33 -15.95
N PHE K 464 44.65 4.45 -16.75
CA PHE K 464 45.58 3.44 -16.25
C PHE K 464 44.99 2.70 -15.05
N SER K 465 43.81 2.11 -15.29
CA SER K 465 43.09 1.32 -14.30
C SER K 465 42.82 2.11 -13.02
N HIS K 466 42.81 3.44 -13.12
CA HIS K 466 42.63 4.31 -11.97
C HIS K 466 43.64 4.00 -10.87
N ASP K 467 44.90 3.77 -11.28
CA ASP K 467 45.92 3.24 -10.38
C ASP K 467 45.40 2.02 -9.65
N ALA K 468 45.02 1.00 -10.42
CA ALA K 468 44.35 -0.18 -9.90
C ALA K 468 43.25 0.20 -8.92
N ARG K 469 42.47 1.21 -9.29
CA ARG K 469 41.43 1.77 -8.43
C ARG K 469 41.98 2.06 -7.04
N GLN K 470 42.92 3.02 -7.02
CA GLN K 470 43.65 3.37 -5.79
C GLN K 470 44.37 2.14 -5.25
N LEU K 471 44.85 1.31 -6.18
CA LEU K 471 45.54 0.06 -5.86
C LEU K 471 44.65 -0.82 -4.98
N PHE K 472 43.35 -0.83 -5.28
CA PHE K 472 42.37 -1.70 -4.61
C PHE K 472 42.46 -1.52 -3.10
N THR K 473 42.07 -0.31 -2.67
CA THR K 473 42.26 0.20 -1.31
C THR K 473 43.63 -0.20 -0.74
N GLN K 474 44.66 0.00 -1.59
CA GLN K 474 46.07 -0.23 -1.25
C GLN K 474 46.30 -1.55 -0.51
N LYS K 475 45.51 -2.56 -0.86
CA LYS K 475 45.68 -3.88 -0.25
C LYS K 475 46.05 -4.92 -1.29
N LYS K 486 35.60 -2.94 13.98
CA LYS K 486 35.07 -3.54 12.77
C LYS K 486 35.02 -2.54 11.62
N THR K 487 35.59 -1.35 11.85
CA THR K 487 35.58 -0.32 10.81
C THR K 487 36.35 -0.78 9.58
N ARG K 488 37.50 -1.42 9.78
CA ARG K 488 38.22 -2.03 8.67
C ARG K 488 37.39 -3.14 8.04
N GLU K 489 36.72 -3.94 8.87
CA GLU K 489 35.81 -4.95 8.34
C GLU K 489 34.61 -4.28 7.65
N TYR K 490 34.20 -3.12 8.14
CA TYR K 490 33.12 -2.38 7.48
C TYR K 490 33.55 -1.93 6.09
N ALA K 491 34.81 -1.53 5.94
CA ALA K 491 35.34 -1.21 4.62
C ALA K 491 35.48 -2.45 3.73
N GLU K 492 35.90 -3.58 4.30
CA GLU K 492 36.11 -4.81 3.53
C GLU K 492 34.82 -5.47 3.08
N ILE K 493 33.75 -5.38 3.88
CA ILE K 493 32.50 -6.01 3.49
C ILE K 493 31.90 -5.30 2.29
N VAL K 494 32.15 -3.99 2.14
CA VAL K 494 31.69 -3.29 0.95
C VAL K 494 32.37 -3.84 -0.30
N TYR K 495 33.69 -4.04 -0.23
CA TYR K 495 34.42 -4.64 -1.34
C TYR K 495 33.93 -6.04 -1.65
N LYS K 496 33.68 -6.86 -0.63
CA LYS K 496 33.13 -8.19 -0.86
C LYS K 496 31.74 -8.13 -1.48
N ILE K 497 30.89 -7.24 -0.99
CA ILE K 497 29.50 -7.17 -1.43
C ILE K 497 29.42 -6.72 -2.89
N ALA K 498 30.22 -5.73 -3.27
CA ALA K 498 30.18 -5.25 -4.64
C ALA K 498 30.59 -6.35 -5.62
N GLN K 499 31.66 -7.08 -5.30
CA GLN K 499 32.11 -8.16 -6.18
C GLN K 499 31.08 -9.28 -6.24
N GLY K 500 30.52 -9.65 -5.07
CA GLY K 500 29.48 -10.66 -5.06
C GLY K 500 28.28 -10.26 -5.89
N PHE K 501 27.86 -9.00 -5.76
CA PHE K 501 26.74 -8.50 -6.56
C PHE K 501 27.02 -8.59 -8.04
N VAL K 502 28.16 -8.06 -8.50
CA VAL K 502 28.40 -8.04 -9.93
C VAL K 502 28.50 -9.46 -10.49
N LEU K 503 29.26 -10.34 -9.79
CA LEU K 503 29.39 -11.71 -10.28
C LEU K 503 28.06 -12.44 -10.29
N SER K 504 27.29 -12.35 -9.19
CA SER K 504 26.03 -13.07 -9.10
C SER K 504 25.02 -12.55 -10.13
N LYS K 505 24.95 -11.23 -10.32
CA LYS K 505 24.02 -10.68 -11.29
C LYS K 505 24.40 -11.09 -12.71
N LEU K 506 25.68 -10.99 -13.06
CA LEU K 506 26.10 -11.38 -14.39
C LEU K 506 25.86 -12.87 -14.63
N SER K 507 26.05 -13.70 -13.59
CA SER K 507 25.75 -15.12 -13.72
C SER K 507 24.25 -15.35 -13.92
N SER K 508 23.42 -14.74 -13.07
CA SER K 508 21.98 -14.96 -13.17
C SER K 508 21.42 -14.46 -14.49
N LYS K 509 22.10 -13.51 -15.14
CA LYS K 509 21.63 -13.05 -16.44
C LYS K 509 21.74 -14.14 -17.50
N HIS K 510 22.92 -14.77 -17.64
CA HIS K 510 23.11 -15.76 -18.69
C HIS K 510 23.88 -17.01 -18.27
N ASP K 511 24.30 -17.13 -17.01
CA ASP K 511 25.00 -18.31 -16.52
C ASP K 511 26.29 -18.58 -17.29
N LEU K 512 27.01 -17.51 -17.62
CA LEU K 512 28.33 -17.61 -18.22
C LEU K 512 29.37 -17.20 -17.19
N GLN K 513 30.44 -17.97 -17.08
CA GLN K 513 31.45 -17.79 -16.05
C GLN K 513 32.79 -17.40 -16.68
N TRP K 514 33.45 -16.41 -16.08
CA TRP K 514 34.76 -15.99 -16.56
C TRP K 514 35.80 -17.10 -16.45
N SER K 515 35.58 -18.06 -15.54
CA SER K 515 36.50 -19.19 -15.45
C SER K 515 36.56 -19.98 -16.75
N LYS K 516 35.39 -20.26 -17.34
CA LYS K 516 35.36 -20.92 -18.63
C LYS K 516 35.71 -19.96 -19.77
N CYS K 517 35.36 -18.69 -19.64
CA CYS K 517 35.64 -17.71 -20.69
C CYS K 517 37.14 -17.53 -20.90
N LYS K 518 37.90 -17.50 -19.81
CA LYS K 518 39.35 -17.34 -19.95
C LYS K 518 39.99 -18.57 -20.57
N GLY K 519 39.36 -19.73 -20.46
CA GLY K 519 39.92 -20.94 -21.05
C GLY K 519 39.94 -20.89 -22.56
N ASN K 520 38.86 -20.39 -23.17
CA ASN K 520 38.87 -20.40 -24.63
C ASN K 520 39.08 -18.99 -25.18
N PRO K 521 39.81 -18.88 -26.29
CA PRO K 521 40.00 -17.56 -26.90
C PRO K 521 38.77 -17.09 -27.65
N LYS K 522 38.88 -15.96 -28.35
CA LYS K 522 37.88 -15.36 -29.23
C LYS K 522 36.53 -15.12 -28.55
N LEU K 523 36.49 -15.16 -27.21
CA LEU K 523 35.23 -14.90 -26.50
C LEU K 523 35.44 -14.01 -25.27
N GLU K 524 36.61 -13.42 -25.09
CA GLU K 524 36.85 -12.60 -23.91
C GLU K 524 36.11 -11.27 -23.99
N ARG K 525 36.19 -10.60 -25.14
CA ARG K 525 35.67 -9.24 -25.20
C ARG K 525 34.15 -9.21 -25.25
N GLU K 526 33.50 -10.27 -25.75
CA GLU K 526 32.04 -10.32 -25.69
C GLU K 526 31.56 -10.42 -24.26
N TYR K 527 32.25 -11.21 -23.43
CA TYR K 527 31.99 -11.22 -21.99
C TYR K 527 32.27 -9.87 -21.37
N ASN K 528 33.39 -9.26 -21.75
CA ASN K 528 33.80 -8.01 -21.12
C ASN K 528 32.85 -6.86 -21.45
N ASP K 529 32.28 -6.86 -22.65
CA ASP K 529 31.33 -5.82 -23.03
C ASP K 529 30.09 -5.87 -22.15
N LYS K 530 29.56 -7.07 -21.91
CA LYS K 530 28.43 -7.21 -21.00
C LYS K 530 28.81 -6.78 -19.59
N LYS K 531 30.02 -7.15 -19.15
CA LYS K 531 30.48 -6.68 -17.84
C LYS K 531 30.49 -5.16 -17.77
N GLU K 532 31.01 -4.51 -18.80
CA GLU K 532 31.01 -3.05 -18.84
C GLU K 532 29.60 -2.49 -18.76
N LYS K 533 28.70 -2.98 -19.62
CA LYS K 533 27.36 -2.43 -19.67
C LYS K 533 26.51 -2.80 -18.47
N VAL K 534 26.95 -3.74 -17.63
CA VAL K 534 26.20 -4.08 -16.43
C VAL K 534 26.77 -3.34 -15.23
N VAL K 535 28.04 -2.92 -15.31
CA VAL K 535 28.58 -2.18 -14.17
C VAL K 535 28.31 -0.69 -14.28
N ASN K 536 28.40 -0.12 -15.49
CA ASN K 536 28.28 1.34 -15.64
C ASN K 536 26.87 1.81 -15.33
N GLU K 537 25.86 1.02 -15.70
CA GLU K 537 24.49 1.43 -15.42
C GLU K 537 24.24 1.53 -13.92
N ALA K 538 24.73 0.57 -13.14
CA ALA K 538 24.59 0.64 -11.69
C ALA K 538 25.40 1.80 -11.13
N PHE K 539 26.61 2.02 -11.66
CA PHE K 539 27.42 3.13 -11.18
C PHE K 539 26.72 4.46 -11.40
N LEU K 540 26.10 4.64 -12.57
CA LEU K 540 25.36 5.87 -12.85
C LEU K 540 24.07 5.96 -12.03
N ALA K 541 23.44 4.82 -11.75
CA ALA K 541 22.25 4.83 -10.90
C ALA K 541 22.60 5.34 -9.50
N ILE K 542 23.71 4.87 -8.93
CA ILE K 542 24.19 5.40 -7.66
C ILE K 542 24.75 6.80 -7.80
N ARG K 543 25.14 7.21 -9.00
CA ARG K 543 25.73 8.53 -9.20
C ARG K 543 24.75 9.63 -8.82
N SER K 544 23.48 9.49 -9.21
CA SER K 544 22.44 10.43 -8.88
C SER K 544 21.48 9.80 -7.87
N ARG K 545 20.44 10.55 -7.53
CA ARG K 545 19.42 10.13 -6.56
C ARG K 545 20.08 9.73 -5.23
N THR K 546 20.77 10.71 -4.63
CA THR K 546 21.51 10.50 -3.40
C THR K 546 21.03 11.48 -2.35
N GLU K 547 20.55 10.96 -1.22
CA GLU K 547 20.17 11.78 -0.08
C GLU K 547 20.13 10.87 1.15
N LYS K 548 19.59 11.39 2.25
CA LYS K 548 19.69 10.69 3.53
C LYS K 548 18.94 9.36 3.50
N GLN K 549 17.73 9.33 2.93
CA GLN K 549 16.87 8.16 3.01
C GLN K 549 16.82 7.36 1.71
N ALA K 550 16.74 8.04 0.56
CA ALA K 550 16.56 7.32 -0.71
C ALA K 550 17.76 6.43 -1.03
N PHE K 551 18.95 6.79 -0.54
CA PHE K 551 20.13 6.00 -0.85
C PHE K 551 20.05 4.59 -0.28
N ILE K 552 19.57 4.46 0.95
CA ILE K 552 19.53 3.15 1.60
C ILE K 552 18.54 2.22 0.90
N ASP K 553 17.55 2.75 0.19
CA ASP K 553 16.62 1.89 -0.53
C ASP K 553 17.25 1.30 -1.79
N TYR K 554 18.29 1.92 -2.33
CA TYR K 554 19.01 1.34 -3.45
C TYR K 554 19.85 0.14 -3.05
N PHE K 555 20.05 -0.10 -1.75
CA PHE K 555 20.75 -1.29 -1.30
C PHE K 555 19.97 -2.56 -1.55
N VAL K 556 18.68 -2.45 -1.88
CA VAL K 556 17.91 -3.63 -2.29
C VAL K 556 18.49 -4.20 -3.57
N SER K 557 18.80 -3.34 -4.54
CA SER K 557 19.39 -3.80 -5.79
C SER K 557 20.78 -4.41 -5.55
N THR K 558 21.57 -3.81 -4.67
CA THR K 558 22.91 -4.33 -4.41
C THR K 558 22.86 -5.75 -3.87
N LEU K 559 21.85 -6.08 -3.08
CA LEU K 559 21.62 -7.44 -2.60
C LEU K 559 20.41 -8.08 -3.27
N TYR K 560 20.17 -7.75 -4.54
CA TYR K 560 19.00 -8.29 -5.24
C TYR K 560 18.99 -9.81 -5.32
N PRO K 561 20.08 -10.50 -5.74
CA PRO K 561 20.04 -11.97 -5.80
C PRO K 561 20.28 -12.62 -4.44
N HIS K 562 19.56 -12.14 -3.43
CA HIS K 562 19.70 -12.67 -2.08
C HIS K 562 18.33 -12.86 -1.42
N GLU K 567 25.25 -10.84 15.01
CA GLU K 567 26.34 -10.53 14.10
C GLU K 567 25.80 -10.22 12.70
N PHE K 568 26.60 -9.48 11.92
CA PHE K 568 26.33 -9.12 10.53
C PHE K 568 25.19 -8.13 10.39
N VAL K 569 24.53 -7.75 11.48
CA VAL K 569 23.45 -6.76 11.44
C VAL K 569 23.63 -5.66 12.48
N ASP K 570 24.63 -5.75 13.34
CA ASP K 570 24.84 -4.76 14.40
C ASP K 570 25.76 -3.63 13.93
N PHE K 571 25.41 -3.03 12.79
CA PHE K 571 26.13 -1.86 12.31
C PHE K 571 25.20 -0.79 11.75
N ALA K 572 23.88 -0.95 11.88
CA ALA K 572 22.95 0.09 11.46
C ALA K 572 23.17 1.39 12.22
N GLN K 573 23.70 1.31 13.44
CA GLN K 573 24.06 2.50 14.20
C GLN K 573 25.16 3.31 13.54
N LYS K 574 25.86 2.74 12.56
CA LYS K 574 26.79 3.47 11.71
C LYS K 574 26.18 3.83 10.36
N LEU K 575 25.50 2.88 9.72
CA LEU K 575 24.95 3.11 8.39
C LEU K 575 23.91 4.22 8.39
N PHE K 576 23.00 4.20 9.37
CA PHE K 576 21.94 5.20 9.45
C PHE K 576 22.45 6.56 9.90
N GLN K 577 23.70 6.66 10.34
CA GLN K 577 24.26 7.90 10.87
C GLN K 577 25.23 8.58 9.91
N ASP K 578 26.17 7.84 9.33
CA ASP K 578 27.14 8.48 8.44
C ASP K 578 26.51 8.86 7.11
N THR K 579 26.05 7.87 6.35
CA THR K 579 25.33 8.00 5.08
C THR K 579 26.22 8.61 3.99
N ASP K 580 27.45 9.02 4.31
CA ASP K 580 28.36 9.60 3.34
C ASP K 580 29.62 8.77 3.14
N GLU K 581 30.25 8.34 4.23
CA GLU K 581 31.41 7.45 4.11
C GLU K 581 31.03 6.15 3.44
N ILE K 582 29.90 5.56 3.83
CA ILE K 582 29.43 4.34 3.20
C ILE K 582 29.11 4.59 1.73
N ARG K 583 28.48 5.73 1.43
CA ARG K 583 28.21 6.06 0.04
C ARG K 583 29.49 6.20 -0.77
N SER K 584 30.50 6.86 -0.19
CA SER K 584 31.77 7.02 -0.89
C SER K 584 32.42 5.67 -1.16
N LEU K 585 32.42 4.78 -0.16
CA LEU K 585 33.01 3.46 -0.35
C LEU K 585 32.27 2.68 -1.42
N THR K 586 30.93 2.67 -1.36
CA THR K 586 30.17 1.94 -2.37
C THR K 586 30.36 2.52 -3.76
N LEU K 587 30.60 3.82 -3.87
CA LEU K 587 30.83 4.42 -5.18
C LEU K 587 32.22 4.06 -5.72
N LEU K 588 33.25 4.19 -4.87
CA LEU K 588 34.61 3.98 -5.37
C LEU K 588 34.91 2.50 -5.58
N ALA K 589 34.53 1.64 -4.63
CA ALA K 589 34.86 0.22 -4.74
C ALA K 589 34.10 -0.45 -5.87
N LEU K 590 32.96 0.13 -6.28
CA LEU K 590 32.23 -0.43 -7.41
C LEU K 590 33.06 -0.32 -8.68
N SER K 591 33.89 0.70 -8.80
CA SER K 591 34.78 0.84 -9.95
C SER K 591 35.94 -0.15 -9.91
N SER K 592 36.17 -0.82 -8.78
CA SER K 592 37.22 -1.84 -8.73
C SER K 592 36.89 -3.00 -9.66
N GLN K 593 35.63 -3.40 -9.71
CA GLN K 593 35.18 -4.47 -10.60
C GLN K 593 35.11 -4.02 -12.06
N TYR K 594 35.33 -2.74 -12.34
CA TYR K 594 35.41 -2.28 -13.72
C TYR K 594 36.52 -3.03 -14.44
N PRO K 595 36.33 -3.40 -15.70
CA PRO K 595 37.30 -4.26 -16.38
C PRO K 595 38.69 -3.63 -16.46
N ILE K 596 39.69 -4.48 -16.34
CA ILE K 596 41.07 -4.07 -16.56
C ILE K 596 41.32 -3.91 -18.06
N LYS K 597 42.30 -3.09 -18.41
CA LYS K 597 42.62 -2.88 -19.81
C LYS K 597 43.32 -4.10 -20.38
N ARG K 598 43.23 -4.25 -21.71
CA ARG K 598 43.85 -5.40 -22.37
C ARG K 598 45.36 -5.38 -22.20
N GLN K 599 45.98 -4.21 -22.34
CA GLN K 599 47.42 -4.08 -22.19
C GLN K 599 47.79 -3.51 -20.82
N THR L 8 20.83 -5.75 23.28
CA THR L 8 20.59 -4.31 23.29
C THR L 8 19.11 -4.01 23.15
N ARG L 9 18.29 -5.06 23.23
CA ARG L 9 16.82 -5.03 23.24
C ARG L 9 16.23 -4.02 22.26
N GLU L 10 16.93 -3.78 21.16
CA GLU L 10 16.54 -2.78 20.18
C GLU L 10 15.98 -3.45 18.93
N TYR L 11 15.66 -2.61 17.93
CA TYR L 11 15.08 -3.11 16.68
C TYR L 11 16.02 -4.08 15.96
N ALA L 12 17.33 -3.89 16.10
CA ALA L 12 18.29 -4.64 15.28
C ALA L 12 18.15 -6.14 15.49
N GLU L 13 18.38 -6.60 16.72
CA GLU L 13 18.30 -8.04 17.00
C GLU L 13 16.87 -8.56 16.93
N ILE L 14 15.89 -7.71 17.24
CA ILE L 14 14.49 -8.16 17.25
C ILE L 14 14.07 -8.59 15.85
N VAL L 15 14.36 -7.78 14.84
CA VAL L 15 14.00 -8.14 13.47
C VAL L 15 14.84 -9.32 13.00
N TYR L 16 16.11 -9.38 13.40
CA TYR L 16 16.96 -10.48 12.99
C TYR L 16 16.48 -11.79 13.60
N LYS L 17 16.06 -11.76 14.87
CA LYS L 17 15.57 -12.97 15.52
C LYS L 17 14.30 -13.48 14.86
N ILE L 18 13.36 -12.57 14.57
CA ILE L 18 12.10 -12.99 13.97
C ILE L 18 12.31 -13.44 12.52
N ALA L 19 13.28 -12.86 11.83
CA ALA L 19 13.53 -13.23 10.44
C ALA L 19 14.04 -14.66 10.34
N GLN L 20 15.06 -14.99 11.13
CA GLN L 20 15.58 -16.36 11.11
C GLN L 20 14.57 -17.35 11.68
N GLY L 21 13.82 -16.93 12.70
CA GLY L 21 12.79 -17.80 13.24
C GLY L 21 11.66 -18.05 12.27
N PHE L 22 11.27 -17.03 11.51
CA PHE L 22 10.18 -17.18 10.55
C PHE L 22 10.55 -18.18 9.46
N VAL L 23 11.70 -17.99 8.81
CA VAL L 23 12.09 -18.87 7.71
C VAL L 23 12.30 -20.29 8.20
N LEU L 24 12.93 -20.45 9.37
CA LEU L 24 13.20 -21.78 9.89
C LEU L 24 11.90 -22.50 10.25
N SER L 25 10.93 -21.77 10.79
CA SER L 25 9.69 -22.41 11.25
C SER L 25 8.91 -23.02 10.10
N LYS L 26 8.66 -22.25 9.04
CA LYS L 26 7.79 -22.73 7.98
C LYS L 26 8.48 -23.74 7.07
N LEU L 27 9.81 -23.68 6.94
CA LEU L 27 10.49 -24.75 6.22
C LEU L 27 10.42 -26.06 6.99
N SER L 28 10.45 -25.99 8.32
CA SER L 28 10.22 -27.15 9.17
C SER L 28 8.76 -27.54 9.24
N SER L 29 7.86 -26.73 8.67
CA SER L 29 6.44 -27.06 8.61
C SER L 29 6.07 -27.61 7.23
N LYS L 30 6.40 -26.85 6.18
CA LYS L 30 6.09 -27.30 4.82
C LYS L 30 6.91 -28.54 4.46
N HIS L 31 8.23 -28.48 4.67
CA HIS L 31 9.11 -29.58 4.32
C HIS L 31 9.39 -30.53 5.47
N ASP L 32 9.19 -30.10 6.71
CA ASP L 32 9.40 -30.93 7.90
C ASP L 32 10.84 -31.43 7.96
N LEU L 33 11.76 -30.48 8.08
CA LEU L 33 13.19 -30.79 8.06
C LEU L 33 13.89 -30.11 9.23
N GLN L 34 14.97 -30.72 9.69
CA GLN L 34 15.82 -30.17 10.74
C GLN L 34 17.27 -30.18 10.27
N TRP L 35 18.05 -29.24 10.80
CA TRP L 35 19.44 -29.10 10.38
C TRP L 35 20.27 -30.33 10.69
N SER L 36 19.89 -31.09 11.72
CA SER L 36 20.62 -32.30 12.06
C SER L 36 20.58 -33.30 10.92
N LYS L 37 19.41 -33.46 10.28
CA LYS L 37 19.32 -34.33 9.12
C LYS L 37 20.09 -33.78 7.94
N CYS L 38 20.18 -32.45 7.82
CA CYS L 38 20.90 -31.84 6.71
C CYS L 38 22.37 -32.21 6.74
N LYS L 39 23.00 -32.11 7.91
CA LYS L 39 24.42 -32.42 8.04
C LYS L 39 24.71 -33.91 8.01
N GLY L 40 23.68 -34.76 8.06
CA GLY L 40 23.92 -36.19 8.08
C GLY L 40 24.59 -36.69 6.81
N ASN L 41 24.09 -36.26 5.67
CA ASN L 41 24.63 -36.67 4.38
C ASN L 41 24.65 -35.49 3.43
N PRO L 42 25.63 -35.43 2.53
CA PRO L 42 25.68 -34.33 1.55
C PRO L 42 24.47 -34.29 0.63
N LYS L 43 23.86 -35.44 0.35
CA LYS L 43 22.71 -35.47 -0.56
C LYS L 43 21.54 -34.68 0.00
N LEU L 44 21.10 -35.03 1.21
CA LEU L 44 19.94 -34.36 1.79
C LEU L 44 20.20 -32.87 1.99
N GLU L 45 21.47 -32.49 2.18
CA GLU L 45 21.80 -31.10 2.44
C GLU L 45 21.48 -30.20 1.24
N ARG L 46 21.81 -30.65 0.03
CA ARG L 46 21.73 -29.75 -1.11
C ARG L 46 20.30 -29.38 -1.48
N GLU L 47 19.39 -30.36 -1.51
CA GLU L 47 17.99 -30.00 -1.74
C GLU L 47 17.41 -29.20 -0.58
N TYR L 48 17.88 -29.46 0.64
CA TYR L 48 17.52 -28.59 1.76
C TYR L 48 17.98 -27.16 1.50
N ASN L 49 19.21 -27.00 1.00
CA ASN L 49 19.67 -25.69 0.58
C ASN L 49 18.82 -25.16 -0.58
N ASP L 50 18.50 -26.02 -1.54
CA ASP L 50 17.66 -25.61 -2.66
C ASP L 50 16.26 -25.23 -2.19
N LYS L 51 15.69 -26.00 -1.26
CA LYS L 51 14.37 -25.67 -0.72
C LYS L 51 14.41 -24.33 0.01
N LYS L 52 15.48 -24.07 0.76
CA LYS L 52 15.63 -22.78 1.39
C LYS L 52 15.81 -21.67 0.34
N GLU L 53 16.41 -22.01 -0.80
CA GLU L 53 16.60 -21.02 -1.86
C GLU L 53 15.26 -20.51 -2.38
N LYS L 54 14.32 -21.42 -2.64
CA LYS L 54 13.00 -21.00 -3.12
C LYS L 54 12.24 -20.24 -2.05
N VAL L 55 12.38 -20.65 -0.79
CA VAL L 55 11.62 -20.03 0.30
C VAL L 55 12.03 -18.57 0.47
N VAL L 56 13.34 -18.30 0.46
CA VAL L 56 13.81 -16.95 0.75
C VAL L 56 13.49 -15.99 -0.39
N ASN L 57 13.61 -16.45 -1.64
CA ASN L 57 13.51 -15.52 -2.77
C ASN L 57 12.06 -15.07 -2.99
N GLU L 58 11.10 -15.96 -2.76
CA GLU L 58 9.70 -15.58 -3.00
C GLU L 58 9.28 -14.46 -2.06
N ALA L 59 9.73 -14.50 -0.81
CA ALA L 59 9.46 -13.38 0.09
C ALA L 59 10.25 -12.14 -0.33
N PHE L 60 11.49 -12.34 -0.78
CA PHE L 60 12.34 -11.22 -1.16
C PHE L 60 11.71 -10.40 -2.29
N LEU L 61 11.25 -11.08 -3.34
CA LEU L 61 10.62 -10.38 -4.44
C LEU L 61 9.26 -9.80 -4.04
N ALA L 62 8.48 -10.58 -3.30
CA ALA L 62 7.11 -10.15 -2.98
C ALA L 62 7.09 -9.01 -1.98
N ILE L 63 8.01 -9.00 -1.00
CA ILE L 63 8.03 -7.90 -0.04
C ILE L 63 8.34 -6.59 -0.75
N ARG L 64 9.10 -6.65 -1.85
CA ARG L 64 9.32 -5.47 -2.68
C ARG L 64 8.08 -5.09 -3.47
N SER L 65 7.20 -6.06 -3.75
CA SER L 65 6.02 -5.79 -4.56
C SER L 65 5.12 -4.77 -3.89
N ARG L 66 4.86 -4.93 -2.60
CA ARG L 66 4.10 -3.95 -1.85
C ARG L 66 5.09 -2.99 -1.19
N THR L 67 5.00 -1.70 -1.55
CA THR L 67 5.92 -0.69 -1.10
C THR L 67 5.18 0.44 -0.39
N GLU L 68 5.96 1.35 0.18
CA GLU L 68 5.52 2.57 0.86
C GLU L 68 4.39 2.32 1.86
N LYS L 69 3.62 3.36 2.19
CA LYS L 69 2.63 3.25 3.25
C LYS L 69 1.51 2.27 2.93
N GLN L 70 1.34 1.90 1.66
CA GLN L 70 0.36 0.88 1.33
C GLN L 70 0.75 -0.47 1.95
N ALA L 71 2.01 -0.63 2.35
CA ALA L 71 2.40 -1.76 3.18
C ALA L 71 1.82 -1.67 4.58
N PHE L 72 1.50 -0.45 5.04
CA PHE L 72 0.92 -0.18 6.36
C PHE L 72 1.75 -0.92 7.41
N ILE L 73 1.13 -1.62 8.35
CA ILE L 73 1.86 -2.47 9.28
C ILE L 73 1.27 -3.87 9.15
N ASP L 74 0.60 -4.15 8.04
CA ASP L 74 0.08 -5.47 7.73
C ASP L 74 0.89 -6.07 6.60
N TYR L 75 1.55 -7.19 6.88
CA TYR L 75 2.51 -7.78 5.96
C TYR L 75 2.08 -9.21 5.63
N PHE L 76 2.94 -9.89 4.90
CA PHE L 76 2.65 -11.22 4.41
C PHE L 76 2.54 -12.21 5.56
N VAL L 77 1.73 -13.25 5.35
CA VAL L 77 1.31 -14.22 6.37
C VAL L 77 1.10 -13.50 7.69
N SER L 78 0.40 -12.36 7.63
CA SER L 78 0.08 -11.53 8.78
C SER L 78 1.34 -11.12 9.55
N THR L 79 2.17 -10.33 8.87
CA THR L 79 3.39 -9.75 9.47
C THR L 79 4.32 -10.82 10.02
N LEU L 80 4.38 -11.96 9.33
CA LEU L 80 5.24 -13.09 9.69
C LEU L 80 4.93 -13.65 11.07
N TYR L 81 3.74 -13.37 11.62
CA TYR L 81 3.25 -13.78 12.92
C TYR L 81 4.34 -13.71 14.00
N PRO L 82 4.77 -12.51 14.40
CA PRO L 82 5.82 -12.35 15.40
C PRO L 82 5.42 -12.87 16.78
N GLN L 86 6.97 -9.61 26.34
CA GLN L 86 5.55 -9.33 26.46
C GLN L 86 5.31 -7.83 26.63
N ASP L 87 5.75 -7.30 27.77
CA ASP L 87 5.62 -5.87 28.02
C ASP L 87 6.39 -5.04 26.99
N GLU L 88 7.54 -5.55 26.54
CA GLU L 88 8.32 -4.85 25.54
C GLU L 88 7.59 -4.78 24.20
N PHE L 89 6.64 -5.68 23.95
CA PHE L 89 5.89 -5.63 22.71
C PHE L 89 5.00 -4.40 22.62
N VAL L 90 4.51 -3.91 23.76
CA VAL L 90 3.58 -2.79 23.76
C VAL L 90 4.24 -1.53 23.22
N ASP L 91 5.42 -1.20 23.76
CA ASP L 91 6.12 0.00 23.31
C ASP L 91 6.74 -0.20 21.94
N PHE L 92 7.26 -1.41 21.68
CA PHE L 92 7.88 -1.69 20.39
C PHE L 92 6.88 -1.56 19.26
N ALA L 93 5.64 -2.02 19.49
CA ALA L 93 4.59 -1.86 18.48
C ALA L 93 4.30 -0.39 18.23
N GLN L 94 4.27 0.42 19.29
CA GLN L 94 4.04 1.85 19.12
C GLN L 94 5.22 2.51 18.41
N LYS L 95 6.45 2.06 18.68
CA LYS L 95 7.60 2.62 18.00
C LYS L 95 7.53 2.38 16.50
N LEU L 96 7.12 1.18 16.10
CA LEU L 96 6.91 0.88 14.69
C LEU L 96 5.56 1.36 14.17
N PHE L 97 4.70 1.88 15.05
CA PHE L 97 3.42 2.44 14.58
C PHE L 97 3.66 3.64 13.68
N GLN L 98 4.54 4.54 14.09
CA GLN L 98 4.89 5.72 13.32
C GLN L 98 6.30 5.60 12.78
N ASP L 99 6.55 6.26 11.65
CA ASP L 99 7.84 6.24 10.97
C ASP L 99 8.25 4.80 10.66
N THR L 100 7.47 4.16 9.79
CA THR L 100 7.65 2.76 9.44
C THR L 100 8.63 2.54 8.29
N ASP L 101 9.14 3.63 7.68
CA ASP L 101 9.93 3.48 6.47
C ASP L 101 11.24 2.73 6.71
N GLU L 102 11.90 2.98 7.84
CA GLU L 102 13.19 2.36 8.08
C GLU L 102 13.07 0.89 8.47
N ILE L 103 11.97 0.51 9.13
CA ILE L 103 11.82 -0.87 9.59
C ILE L 103 11.78 -1.82 8.41
N ARG L 104 11.00 -1.50 7.38
CA ARG L 104 10.93 -2.37 6.21
C ARG L 104 12.27 -2.43 5.49
N SER L 105 12.97 -1.30 5.40
CA SER L 105 14.24 -1.26 4.70
C SER L 105 15.27 -2.15 5.38
N LEU L 106 15.34 -2.10 6.72
CA LEU L 106 16.32 -2.89 7.43
C LEU L 106 15.96 -4.38 7.49
N THR L 107 14.68 -4.73 7.29
CA THR L 107 14.31 -6.13 7.25
C THR L 107 14.92 -6.84 6.06
N LEU L 108 15.07 -6.15 4.93
CA LEU L 108 15.72 -6.75 3.76
C LEU L 108 17.15 -7.18 4.07
N LEU L 109 17.82 -6.47 4.97
CA LEU L 109 19.16 -6.88 5.40
C LEU L 109 19.12 -8.23 6.08
N ALA L 110 18.13 -8.44 6.94
CA ALA L 110 18.00 -9.73 7.62
C ALA L 110 17.74 -10.85 6.63
N LEU L 111 16.87 -10.62 5.65
CA LEU L 111 16.59 -11.63 4.64
C LEU L 111 17.84 -11.97 3.83
N SER L 112 18.61 -10.94 3.45
CA SER L 112 19.86 -11.18 2.75
C SER L 112 20.84 -11.94 3.63
N SER L 113 20.85 -11.65 4.93
CA SER L 113 21.70 -12.40 5.85
C SER L 113 21.31 -13.87 5.90
N GLN L 114 20.00 -14.15 5.94
CA GLN L 114 19.52 -15.53 5.93
C GLN L 114 19.73 -16.22 4.59
N TYR L 115 20.02 -15.48 3.54
CA TYR L 115 20.26 -16.07 2.24
C TYR L 115 21.50 -16.97 2.30
N PRO L 116 21.39 -18.22 1.85
CA PRO L 116 22.54 -19.14 1.94
C PRO L 116 23.71 -18.67 1.09
N ILE L 117 24.91 -18.95 1.59
CA ILE L 117 26.13 -18.55 0.89
C ILE L 117 26.43 -19.52 -0.24
N LYS L 118 27.16 -19.04 -1.23
CA LYS L 118 27.55 -19.82 -2.40
C LYS L 118 26.34 -20.43 -3.11
N ARG M 9 -1.39 2.75 22.11
CA ARG M 9 -1.02 2.86 23.53
C ARG M 9 -2.07 2.22 24.42
N GLU M 10 -2.97 3.05 24.98
CA GLU M 10 -4.02 2.51 25.84
C GLU M 10 -4.94 1.58 25.06
N TYR M 11 -5.24 1.90 23.81
CA TYR M 11 -6.02 0.99 22.99
C TYR M 11 -5.24 -0.27 22.65
N ALA M 12 -3.92 -0.14 22.47
CA ALA M 12 -3.09 -1.31 22.15
C ALA M 12 -3.12 -2.33 23.28
N GLU M 13 -2.94 -1.88 24.52
CA GLU M 13 -3.00 -2.80 25.64
C GLU M 13 -4.42 -3.32 25.85
N ILE M 14 -5.43 -2.52 25.52
CA ILE M 14 -6.81 -3.01 25.54
C ILE M 14 -6.97 -4.17 24.56
N VAL M 15 -6.40 -4.02 23.35
CA VAL M 15 -6.38 -5.14 22.41
C VAL M 15 -5.63 -6.32 23.00
N TYR M 16 -4.53 -6.05 23.72
CA TYR M 16 -3.80 -7.12 24.39
C TYR M 16 -4.68 -7.80 25.44
N LYS M 17 -5.40 -7.02 26.24
CA LYS M 17 -6.19 -7.57 27.32
C LYS M 17 -7.29 -8.50 26.81
N ILE M 18 -8.03 -8.07 25.78
CA ILE M 18 -9.09 -8.90 25.25
C ILE M 18 -8.54 -10.16 24.60
N ALA M 19 -7.29 -10.10 24.11
CA ALA M 19 -6.67 -11.28 23.53
C ALA M 19 -6.46 -12.38 24.57
N GLN M 20 -5.97 -11.99 25.76
CA GLN M 20 -5.84 -12.96 26.84
C GLN M 20 -7.20 -13.48 27.29
N GLY M 21 -8.18 -12.58 27.45
CA GLY M 21 -9.48 -13.00 27.94
C GLY M 21 -10.18 -13.97 27.01
N PHE M 22 -10.08 -13.72 25.70
CA PHE M 22 -10.69 -14.64 24.73
C PHE M 22 -10.02 -16.01 24.77
N VAL M 23 -8.70 -16.03 24.89
CA VAL M 23 -7.98 -17.31 24.87
C VAL M 23 -8.34 -18.15 26.09
N LEU M 24 -8.32 -17.55 27.27
CA LEU M 24 -8.67 -18.29 28.47
C LEU M 24 -10.13 -18.71 28.48
N SER M 25 -11.02 -17.88 27.92
CA SER M 25 -12.42 -18.24 27.83
C SER M 25 -12.62 -19.49 26.97
N LYS M 26 -11.90 -19.56 25.85
CA LYS M 26 -11.96 -20.77 25.03
C LYS M 26 -11.43 -21.98 25.78
N LEU M 27 -10.37 -21.78 26.56
CA LEU M 27 -9.85 -22.87 27.40
C LEU M 27 -10.90 -23.31 28.40
N SER M 28 -11.61 -22.36 29.01
CA SER M 28 -12.65 -22.70 29.97
C SER M 28 -13.77 -23.50 29.31
N SER M 29 -14.10 -23.16 28.06
CA SER M 29 -15.15 -23.91 27.36
C SER M 29 -14.72 -25.36 27.12
N LYS M 30 -13.44 -25.57 26.80
CA LYS M 30 -12.96 -26.92 26.47
C LYS M 30 -12.49 -27.68 27.71
N HIS M 31 -11.84 -27.01 28.65
CA HIS M 31 -11.30 -27.68 29.83
C HIS M 31 -11.36 -26.71 31.00
N ASP M 32 -10.65 -27.04 32.08
CA ASP M 32 -10.69 -26.24 33.29
C ASP M 32 -10.08 -24.87 33.08
N LEU M 33 -10.67 -23.85 33.69
CA LEU M 33 -10.15 -22.49 33.59
C LEU M 33 -8.80 -22.36 34.27
N GLN M 34 -8.70 -22.83 35.51
CA GLN M 34 -7.47 -22.70 36.29
C GLN M 34 -6.36 -23.53 35.67
N TRP M 35 -5.13 -23.04 35.80
CA TRP M 35 -3.95 -23.68 35.23
C TRP M 35 -2.97 -24.00 36.35
N SER M 36 -3.20 -25.14 37.02
CA SER M 36 -2.23 -25.68 37.96
C SER M 36 -2.02 -27.18 37.82
N LYS M 37 -2.88 -27.89 37.09
CA LYS M 37 -2.64 -29.31 36.84
C LYS M 37 -1.42 -29.53 35.96
N CYS M 38 -1.10 -28.56 35.10
CA CYS M 38 0.06 -28.64 34.23
C CYS M 38 1.18 -27.82 34.85
N LYS M 39 1.85 -28.41 35.84
CA LYS M 39 2.99 -27.78 36.50
C LYS M 39 4.09 -28.82 36.63
N GLY M 40 5.20 -28.61 35.91
CA GLY M 40 6.30 -29.56 35.95
C GLY M 40 5.94 -30.93 35.43
N ASN M 41 5.19 -31.00 34.34
CA ASN M 41 4.75 -32.27 33.79
C ASN M 41 5.18 -32.40 32.33
N PRO M 42 5.69 -33.57 31.93
CA PRO M 42 6.11 -33.74 30.53
C PRO M 42 4.97 -34.11 29.60
N LYS M 43 3.78 -34.37 30.12
CA LYS M 43 2.61 -34.68 29.30
C LYS M 43 1.45 -33.72 29.50
N LEU M 44 1.16 -33.33 30.75
CA LEU M 44 0.08 -32.40 31.01
C LEU M 44 0.37 -31.03 30.39
N GLU M 45 1.62 -30.58 30.49
CA GLU M 45 1.99 -29.32 29.84
C GLU M 45 1.93 -29.45 28.33
N ARG M 46 2.24 -30.65 27.81
CA ARG M 46 2.22 -30.86 26.37
C ARG M 46 0.81 -30.70 25.80
N GLU M 47 -0.18 -31.31 26.45
CA GLU M 47 -1.55 -31.21 25.95
C GLU M 47 -2.14 -29.82 26.18
N TYR M 48 -1.73 -29.17 27.27
CA TYR M 48 -2.28 -27.85 27.59
C TYR M 48 -1.91 -26.84 26.49
N ASN M 49 -0.64 -26.83 26.08
CA ASN M 49 -0.23 -25.94 25.00
C ASN M 49 -0.77 -26.40 23.65
N ASP M 50 -0.93 -27.71 23.46
CA ASP M 50 -1.42 -28.22 22.19
C ASP M 50 -2.84 -27.76 21.92
N LYS M 51 -3.72 -27.84 22.92
CA LYS M 51 -5.08 -27.33 22.75
C LYS M 51 -5.07 -25.81 22.70
N LYS M 52 -4.08 -25.18 23.33
CA LYS M 52 -3.97 -23.72 23.27
C LYS M 52 -3.60 -23.27 21.87
N GLU M 53 -2.60 -23.91 21.26
CA GLU M 53 -2.11 -23.46 19.96
C GLU M 53 -3.13 -23.73 18.85
N LYS M 54 -3.87 -24.83 18.95
CA LYS M 54 -4.83 -25.15 17.89
C LYS M 54 -6.03 -24.21 17.93
N VAL M 55 -6.41 -23.75 19.12
CA VAL M 55 -7.56 -22.86 19.24
C VAL M 55 -7.25 -21.51 18.60
N VAL M 56 -6.08 -20.95 18.91
CA VAL M 56 -5.71 -19.65 18.35
C VAL M 56 -5.43 -19.77 16.86
N ASN M 57 -4.92 -20.93 16.43
CA ASN M 57 -4.59 -21.10 15.01
C ASN M 57 -5.84 -21.02 14.14
N GLU M 58 -6.90 -21.72 14.54
CA GLU M 58 -8.13 -21.70 13.74
C GLU M 58 -8.81 -20.33 13.82
N ALA M 59 -8.79 -19.70 14.99
CA ALA M 59 -9.39 -18.37 15.11
C ALA M 59 -8.62 -17.35 14.28
N PHE M 60 -7.28 -17.42 14.30
CA PHE M 60 -6.47 -16.51 13.52
C PHE M 60 -6.64 -16.77 12.02
N LEU M 61 -6.80 -18.05 11.65
CA LEU M 61 -6.99 -18.40 10.24
C LEU M 61 -8.26 -17.78 9.69
N ALA M 62 -9.35 -17.83 10.46
CA ALA M 62 -10.59 -17.21 10.01
C ALA M 62 -10.45 -15.70 9.86
N ILE M 63 -9.70 -15.07 10.76
CA ILE M 63 -9.58 -13.61 10.74
C ILE M 63 -8.76 -13.16 9.54
N ARG M 64 -7.62 -13.81 9.29
CA ARG M 64 -6.77 -13.34 8.19
C ARG M 64 -7.31 -13.73 6.81
N SER M 65 -8.32 -14.60 6.74
CA SER M 65 -8.88 -14.97 5.45
C SER M 65 -9.74 -13.84 4.86
N ARG M 66 -10.38 -13.05 5.71
CA ARG M 66 -11.25 -11.96 5.27
C ARG M 66 -10.43 -10.70 5.01
N THR M 67 -9.51 -10.83 4.05
CA THR M 67 -8.54 -9.76 3.80
C THR M 67 -9.21 -8.49 3.31
N GLU M 68 -10.02 -8.59 2.26
CA GLU M 68 -10.58 -7.42 1.59
C GLU M 68 -11.91 -6.98 2.18
N LYS M 69 -12.44 -7.70 3.17
CA LYS M 69 -13.66 -7.31 3.87
C LYS M 69 -13.35 -6.54 5.15
N GLN M 70 -12.26 -5.76 5.13
CA GLN M 70 -11.71 -5.07 6.29
C GLN M 70 -12.77 -4.43 7.17
N ALA M 71 -13.56 -3.52 6.59
CA ALA M 71 -14.54 -2.79 7.38
C ALA M 71 -15.62 -3.70 7.92
N PHE M 72 -16.22 -4.51 7.03
CA PHE M 72 -17.44 -5.23 7.42
C PHE M 72 -17.15 -6.28 8.49
N ILE M 73 -16.04 -6.99 8.37
CA ILE M 73 -15.71 -8.00 9.37
C ILE M 73 -15.51 -7.34 10.72
N ASP M 74 -14.94 -6.13 10.74
CA ASP M 74 -14.74 -5.41 12.00
C ASP M 74 -16.06 -4.95 12.59
N TYR M 75 -17.11 -4.83 11.78
CA TYR M 75 -18.43 -4.59 12.35
C TYR M 75 -19.08 -5.89 12.84
N PHE M 76 -18.97 -6.97 12.06
CA PHE M 76 -19.88 -8.09 12.22
C PHE M 76 -19.24 -9.35 12.80
N VAL M 77 -18.24 -9.91 12.14
CA VAL M 77 -17.83 -11.28 12.45
C VAL M 77 -16.56 -11.30 13.31
N SER M 78 -15.67 -10.33 13.15
CA SER M 78 -14.46 -10.33 13.95
C SER M 78 -14.68 -9.80 15.36
N THR M 79 -15.89 -9.34 15.69
CA THR M 79 -16.17 -8.75 16.99
C THR M 79 -17.27 -9.45 17.78
N LEU M 80 -18.00 -10.38 17.18
CA LEU M 80 -18.97 -11.15 17.94
C LEU M 80 -18.33 -12.36 18.60
N TYR M 81 -17.66 -13.19 17.79
CA TYR M 81 -17.03 -14.40 18.34
C TYR M 81 -15.97 -14.07 19.38
N PRO M 82 -15.04 -13.13 19.16
CA PRO M 82 -14.22 -12.66 20.28
C PRO M 82 -15.04 -11.79 21.21
N HIS M 83 -15.16 -12.21 22.46
CA HIS M 83 -15.93 -11.48 23.46
C HIS M 83 -15.15 -10.23 23.85
N VAL M 84 -15.66 -9.07 23.49
CA VAL M 84 -14.98 -7.80 23.72
C VAL M 84 -15.44 -7.22 25.05
N ARG M 85 -14.64 -6.30 25.59
CA ARG M 85 -14.89 -5.69 26.88
C ARG M 85 -14.80 -4.18 26.75
N GLN M 86 -15.72 -3.48 27.41
CA GLN M 86 -15.77 -2.03 27.38
C GLN M 86 -16.03 -1.50 28.78
N ASP M 87 -15.24 -0.51 29.20
CA ASP M 87 -15.43 0.12 30.51
C ASP M 87 -15.83 1.58 30.40
N GLU M 88 -15.01 2.41 29.75
CA GLU M 88 -15.35 3.82 29.56
C GLU M 88 -15.03 4.35 28.17
N PHE M 89 -14.26 3.65 27.35
CA PHE M 89 -13.77 4.19 26.09
C PHE M 89 -14.81 4.10 24.98
N VAL M 90 -16.01 4.64 25.23
CA VAL M 90 -17.01 4.73 24.18
C VAL M 90 -16.55 5.70 23.09
N ASP M 91 -15.86 6.78 23.49
CA ASP M 91 -15.38 7.74 22.50
C ASP M 91 -14.36 7.11 21.56
N PHE M 92 -13.44 6.30 22.09
CA PHE M 92 -12.47 5.63 21.24
C PHE M 92 -13.06 4.43 20.51
N ALA M 93 -14.25 3.97 20.91
CA ALA M 93 -14.94 2.94 20.14
C ALA M 93 -15.70 3.60 18.99
N GLN M 94 -15.02 4.45 18.26
CA GLN M 94 -15.57 5.17 17.10
C GLN M 94 -14.70 5.01 15.86
N LYS M 95 -13.38 4.95 16.02
CA LYS M 95 -12.51 4.73 14.87
C LYS M 95 -12.73 3.36 14.26
N LEU M 96 -13.38 2.44 14.99
CA LEU M 96 -13.79 1.18 14.39
C LEU M 96 -14.76 1.37 13.23
N PHE M 97 -15.39 2.55 13.15
CA PHE M 97 -16.29 2.86 12.05
C PHE M 97 -15.59 3.54 10.88
N GLN M 98 -14.38 4.07 11.08
CA GLN M 98 -13.72 4.81 10.00
C GLN M 98 -12.31 4.31 9.71
N ASP M 99 -11.62 3.79 10.72
CA ASP M 99 -10.28 3.26 10.48
C ASP M 99 -10.34 1.86 9.89
N THR M 100 -10.85 0.90 10.67
CA THR M 100 -11.22 -0.43 10.22
C THR M 100 -10.06 -1.23 9.63
N ASP M 101 -8.85 -0.66 9.62
CA ASP M 101 -7.69 -1.36 9.09
C ASP M 101 -6.56 -1.48 10.09
N GLU M 102 -6.18 -0.39 10.76
CA GLU M 102 -5.11 -0.47 11.76
C GLU M 102 -5.56 -1.28 12.97
N ILE M 103 -6.84 -1.21 13.32
CA ILE M 103 -7.35 -2.03 14.42
C ILE M 103 -7.17 -3.50 14.10
N ARG M 104 -7.45 -3.90 12.85
CA ARG M 104 -7.15 -5.27 12.44
C ARG M 104 -5.66 -5.55 12.56
N SER M 105 -4.82 -4.59 12.17
CA SER M 105 -3.37 -4.77 12.28
C SER M 105 -2.96 -5.00 13.73
N LEU M 106 -3.57 -4.28 14.66
CA LEU M 106 -3.29 -4.50 16.07
C LEU M 106 -3.74 -5.90 16.51
N THR M 107 -4.93 -6.32 16.07
CA THR M 107 -5.46 -7.60 16.51
C THR M 107 -4.58 -8.76 16.04
N LEU M 108 -4.15 -8.73 14.77
CA LEU M 108 -3.28 -9.77 14.28
C LEU M 108 -1.92 -9.74 14.97
N LEU M 109 -1.44 -8.54 15.32
CA LEU M 109 -0.21 -8.44 16.08
C LEU M 109 -0.36 -9.07 17.47
N ALA M 110 -1.48 -8.79 18.14
CA ALA M 110 -1.68 -9.34 19.47
C ALA M 110 -1.82 -10.86 19.44
N LEU M 111 -2.58 -11.38 18.47
CA LEU M 111 -2.74 -12.83 18.37
C LEU M 111 -1.42 -13.51 18.02
N SER M 112 -0.62 -12.88 17.16
CA SER M 112 0.67 -13.45 16.81
C SER M 112 1.58 -13.56 18.03
N SER M 113 1.56 -12.55 18.89
CA SER M 113 2.37 -12.59 20.10
C SER M 113 1.90 -13.71 21.03
N GLN M 114 0.59 -13.97 21.05
CA GLN M 114 0.02 -15.03 21.88
C GLN M 114 0.12 -16.39 21.17
N TYR M 115 1.34 -16.72 20.76
CA TYR M 115 1.65 -17.98 20.09
C TYR M 115 2.87 -18.59 20.76
N PRO M 116 2.72 -19.08 22.00
CA PRO M 116 3.86 -19.56 22.78
C PRO M 116 4.32 -20.96 22.35
N ILE M 117 4.85 -21.06 21.14
CA ILE M 117 5.36 -22.31 20.59
C ILE M 117 6.81 -22.08 20.17
N LYS M 118 7.69 -22.99 20.57
CA LYS M 118 9.10 -22.90 20.20
C LYS M 118 9.44 -23.91 19.10
N ARG N 9 -22.73 8.63 14.58
CA ARG N 9 -22.45 9.92 15.19
C ARG N 9 -23.11 10.03 16.56
N GLU N 10 -24.02 11.00 16.71
CA GLU N 10 -24.67 11.20 18.00
C GLU N 10 -25.56 10.00 18.36
N TYR N 11 -26.17 9.36 17.37
CA TYR N 11 -27.02 8.20 17.64
C TYR N 11 -26.23 7.03 18.19
N ALA N 12 -24.92 6.98 17.94
CA ALA N 12 -24.10 5.91 18.50
C ALA N 12 -24.13 5.94 20.02
N GLU N 13 -23.97 7.14 20.61
CA GLU N 13 -24.11 7.27 22.05
C GLU N 13 -25.56 7.09 22.50
N ILE N 14 -26.51 7.54 21.68
CA ILE N 14 -27.92 7.39 22.02
C ILE N 14 -28.28 5.91 22.13
N VAL N 15 -27.83 5.11 21.17
CA VAL N 15 -28.01 3.66 21.26
C VAL N 15 -27.21 3.11 22.43
N TYR N 16 -26.02 3.65 22.66
CA TYR N 16 -25.20 3.22 23.79
C TYR N 16 -25.92 3.48 25.10
N LYS N 17 -26.38 4.71 25.32
CA LYS N 17 -26.99 5.09 26.59
C LYS N 17 -28.29 4.31 26.84
N ILE N 18 -29.12 4.16 25.82
CA ILE N 18 -30.40 3.50 26.00
C ILE N 18 -30.21 2.02 26.34
N ALA N 19 -29.06 1.46 25.98
CA ALA N 19 -28.82 0.04 26.23
C ALA N 19 -28.60 -0.25 27.71
N GLN N 20 -27.84 0.61 28.41
CA GLN N 20 -27.66 0.42 29.84
C GLN N 20 -29.00 0.53 30.58
N GLY N 21 -29.82 1.49 30.19
CA GLY N 21 -31.17 1.55 30.73
C GLY N 21 -31.99 0.33 30.37
N PHE N 22 -31.75 -0.23 29.17
CA PHE N 22 -32.46 -1.44 28.77
C PHE N 22 -32.06 -2.63 29.62
N VAL N 23 -30.76 -2.84 29.85
CA VAL N 23 -30.32 -3.96 30.66
C VAL N 23 -30.65 -3.72 32.13
N LEU N 24 -30.56 -2.48 32.60
CA LEU N 24 -30.95 -2.18 33.97
C LEU N 24 -32.44 -2.45 34.18
N SER N 25 -33.27 -2.08 33.20
CA SER N 25 -34.67 -2.48 33.22
C SER N 25 -34.81 -3.99 33.16
N LYS N 26 -33.98 -4.64 32.34
CA LYS N 26 -33.96 -6.10 32.30
C LYS N 26 -33.67 -6.69 33.67
N LEU N 27 -32.62 -6.18 34.34
CA LEU N 27 -32.28 -6.67 35.66
C LEU N 27 -33.39 -6.40 36.66
N SER N 28 -33.97 -5.20 36.62
CA SER N 28 -35.01 -4.84 37.57
C SER N 28 -36.27 -5.65 37.36
N SER N 29 -36.49 -6.17 36.14
CA SER N 29 -37.70 -6.93 35.86
C SER N 29 -37.59 -8.36 36.37
N LYS N 30 -36.62 -9.12 35.85
CA LYS N 30 -36.48 -10.52 36.24
C LYS N 30 -36.07 -10.65 37.71
N HIS N 31 -35.18 -9.79 38.17
CA HIS N 31 -34.70 -9.83 39.54
C HIS N 31 -35.48 -8.85 40.41
N ASP N 32 -35.43 -9.09 41.72
CA ASP N 32 -36.16 -8.28 42.69
C ASP N 32 -35.20 -7.56 43.61
N LEU N 33 -35.64 -6.41 44.12
CA LEU N 33 -34.90 -5.58 45.06
C LEU N 33 -33.62 -4.99 44.46
N GLN N 34 -33.36 -5.24 43.17
CA GLN N 34 -32.23 -4.71 42.41
C GLN N 34 -30.91 -4.67 43.18
N TRP N 35 -30.14 -3.60 43.01
CA TRP N 35 -28.78 -3.52 43.51
C TRP N 35 -28.70 -3.15 44.98
N SER N 36 -29.82 -2.86 45.63
CA SER N 36 -29.78 -2.47 47.04
C SER N 36 -29.28 -3.61 47.92
N LYS N 37 -29.51 -4.86 47.52
CA LYS N 37 -29.06 -6.01 48.29
C LYS N 37 -27.64 -6.44 47.95
N CYS N 38 -26.96 -5.74 47.04
CA CYS N 38 -25.58 -6.07 46.71
C CYS N 38 -24.66 -5.95 47.92
N LYS N 39 -24.91 -4.97 48.78
CA LYS N 39 -24.07 -4.75 49.95
C LYS N 39 -24.26 -5.82 51.03
N GLY N 40 -25.29 -6.67 50.91
CA GLY N 40 -25.49 -7.74 51.85
C GLY N 40 -24.34 -8.72 51.89
N ASN N 41 -24.12 -9.41 50.78
CA ASN N 41 -23.00 -10.35 50.66
C ASN N 41 -22.68 -10.51 49.19
N PRO N 42 -21.41 -10.77 48.84
CA PRO N 42 -21.06 -10.98 47.42
C PRO N 42 -21.68 -12.24 46.83
N LYS N 43 -22.21 -13.15 47.66
CA LYS N 43 -22.75 -14.40 47.15
C LYS N 43 -23.90 -14.15 46.18
N LEU N 44 -24.95 -13.48 46.63
CA LEU N 44 -26.15 -13.31 45.81
C LEU N 44 -25.85 -12.62 44.49
N GLU N 45 -24.83 -11.77 44.46
CA GLU N 45 -24.46 -11.12 43.21
C GLU N 45 -24.00 -12.13 42.17
N ARG N 46 -23.33 -13.20 42.60
CA ARG N 46 -22.85 -14.21 41.67
C ARG N 46 -24.02 -14.84 40.91
N GLU N 47 -25.10 -15.18 41.62
CA GLU N 47 -26.29 -15.65 40.93
C GLU N 47 -26.92 -14.53 40.11
N TYR N 48 -26.90 -13.30 40.62
CA TYR N 48 -27.39 -12.18 39.83
C TYR N 48 -26.51 -11.93 38.62
N ASN N 49 -25.19 -12.05 38.78
CA ASN N 49 -24.29 -11.85 37.65
C ASN N 49 -24.42 -12.97 36.63
N ASP N 50 -24.49 -14.22 37.10
CA ASP N 50 -24.58 -15.33 36.16
C ASP N 50 -25.94 -15.37 35.47
N LYS N 51 -27.00 -15.03 36.19
CA LYS N 51 -28.32 -14.92 35.55
C LYS N 51 -28.34 -13.76 34.55
N LYS N 52 -27.75 -12.62 34.90
CA LYS N 52 -27.70 -11.52 33.96
C LYS N 52 -26.81 -11.87 32.77
N GLU N 53 -25.85 -12.77 32.96
CA GLU N 53 -25.03 -13.23 31.85
C GLU N 53 -25.78 -14.25 31.00
N LYS N 54 -26.59 -15.11 31.63
CA LYS N 54 -27.25 -16.17 30.89
C LYS N 54 -28.50 -15.68 30.17
N VAL N 55 -28.93 -14.45 30.46
CA VAL N 55 -30.06 -13.89 29.72
C VAL N 55 -29.58 -13.11 28.51
N VAL N 56 -28.45 -12.41 28.64
CA VAL N 56 -27.93 -11.64 27.51
C VAL N 56 -27.36 -12.57 26.44
N ASN N 57 -26.62 -13.61 26.84
CA ASN N 57 -25.98 -14.49 25.87
C ASN N 57 -26.97 -15.27 25.03
N GLU N 58 -28.08 -15.73 25.60
CA GLU N 58 -29.11 -16.36 24.80
C GLU N 58 -29.76 -15.36 23.85
N ALA N 59 -29.86 -14.09 24.26
CA ALA N 59 -30.36 -13.05 23.37
C ALA N 59 -29.38 -12.76 22.23
N PHE N 60 -28.09 -13.05 22.42
CA PHE N 60 -27.13 -12.85 21.34
C PHE N 60 -27.47 -13.71 20.13
N LEU N 61 -27.82 -14.98 20.35
CA LEU N 61 -28.13 -15.87 19.24
C LEU N 61 -29.36 -15.39 18.48
N ALA N 62 -30.39 -14.94 19.21
CA ALA N 62 -31.62 -14.50 18.55
C ALA N 62 -31.41 -13.20 17.79
N ILE N 63 -30.66 -12.26 18.36
CA ILE N 63 -30.56 -10.93 17.77
C ILE N 63 -29.77 -10.96 16.46
N ARG N 64 -28.82 -11.88 16.31
CA ARG N 64 -27.97 -11.93 15.14
C ARG N 64 -28.41 -13.02 14.14
N SER N 65 -29.69 -13.38 14.16
CA SER N 65 -30.14 -14.50 13.35
C SER N 65 -30.38 -14.09 11.89
N ARG N 66 -31.32 -13.19 11.66
CA ARG N 66 -31.70 -12.80 10.30
C ARG N 66 -32.15 -11.36 10.28
N THR N 67 -31.66 -10.61 9.28
CA THR N 67 -31.78 -9.16 9.30
C THR N 67 -33.23 -8.70 9.29
N GLU N 68 -34.08 -9.35 8.50
CA GLU N 68 -35.45 -8.86 8.32
C GLU N 68 -36.24 -8.93 9.61
N LYS N 69 -36.27 -10.10 10.26
CA LYS N 69 -37.13 -10.24 11.43
C LYS N 69 -36.41 -9.84 12.71
N GLN N 70 -35.07 -9.82 12.70
CA GLN N 70 -34.36 -9.27 13.84
C GLN N 70 -34.72 -7.81 14.07
N ALA N 71 -35.15 -7.13 13.01
CA ALA N 71 -35.86 -5.86 13.18
C ALA N 71 -37.18 -6.09 13.92
N PHE N 72 -38.07 -6.88 13.31
CA PHE N 72 -39.41 -7.06 13.88
C PHE N 72 -39.35 -7.53 15.33
N ILE N 73 -38.35 -8.35 15.67
CA ILE N 73 -38.26 -8.83 17.05
C ILE N 73 -37.82 -7.69 17.98
N ASP N 74 -36.94 -6.81 17.52
CA ASP N 74 -36.34 -5.88 18.49
C ASP N 74 -37.12 -4.58 18.63
N TYR N 75 -38.02 -4.26 17.69
CA TYR N 75 -38.90 -3.12 17.91
C TYR N 75 -39.77 -3.34 19.14
N PHE N 76 -40.48 -4.46 19.17
CA PHE N 76 -41.44 -4.70 20.26
C PHE N 76 -40.72 -4.82 21.59
N VAL N 77 -39.56 -5.48 21.62
CA VAL N 77 -38.79 -5.60 22.85
C VAL N 77 -38.29 -4.23 23.29
N SER N 78 -37.83 -3.42 22.34
CA SER N 78 -37.25 -2.11 22.69
C SER N 78 -38.33 -1.14 23.19
N THR N 79 -39.55 -1.24 22.68
CA THR N 79 -40.59 -0.30 23.09
C THR N 79 -41.06 -0.55 24.51
N LEU N 80 -40.81 -1.74 25.06
CA LEU N 80 -41.38 -2.10 26.35
C LEU N 80 -40.66 -1.41 27.51
N TYR N 81 -39.37 -1.69 27.67
CA TYR N 81 -38.65 -1.38 28.90
C TYR N 81 -38.37 0.10 29.12
N PRO N 82 -37.63 0.78 28.23
CA PRO N 82 -37.21 2.15 28.54
C PRO N 82 -38.39 3.12 28.56
N HIS N 83 -38.22 4.18 29.35
CA HIS N 83 -39.25 5.19 29.53
C HIS N 83 -38.96 6.52 28.84
N VAL N 84 -37.74 6.71 28.34
CA VAL N 84 -37.38 7.94 27.63
C VAL N 84 -37.59 7.71 26.13
N ARG N 85 -38.30 6.64 25.78
CA ARG N 85 -38.49 6.28 24.39
C ARG N 85 -39.30 7.35 23.65
N GLN N 86 -40.15 8.09 24.35
CA GLN N 86 -40.92 9.15 23.71
C GLN N 86 -40.00 10.21 23.12
N ASP N 87 -38.88 10.49 23.81
CA ASP N 87 -37.91 11.45 23.28
C ASP N 87 -37.28 10.94 21.98
N GLU N 88 -36.85 9.68 21.97
CA GLU N 88 -36.14 9.16 20.80
C GLU N 88 -37.08 8.83 19.65
N PHE N 89 -38.31 8.40 19.94
CA PHE N 89 -39.24 8.04 18.87
C PHE N 89 -39.63 9.26 18.05
N VAL N 90 -39.88 10.39 18.70
CA VAL N 90 -40.25 11.60 17.97
C VAL N 90 -39.05 12.20 17.25
N ASP N 91 -37.83 11.80 17.60
CA ASP N 91 -36.63 12.35 17.01
C ASP N 91 -36.05 11.40 15.97
N PHE N 92 -35.22 11.96 15.10
CA PHE N 92 -34.52 11.28 14.00
C PHE N 92 -35.40 10.26 13.28
N ALA N 93 -36.67 10.60 13.06
CA ALA N 93 -37.58 9.84 12.20
C ALA N 93 -37.65 8.37 12.61
N GLN N 94 -37.72 8.12 13.92
CA GLN N 94 -37.87 6.77 14.46
C GLN N 94 -36.74 5.86 13.97
N LYS N 95 -35.52 6.21 14.41
CA LYS N 95 -34.31 5.48 14.07
C LYS N 95 -34.03 5.55 12.56
N LEU N 96 -34.22 6.75 12.00
CA LEU N 96 -33.95 7.02 10.59
C LEU N 96 -34.74 6.08 9.67
N PHE N 97 -36.06 6.24 9.72
CA PHE N 97 -36.99 5.48 8.88
C PHE N 97 -36.78 3.97 9.09
N GLN N 98 -37.08 3.53 10.31
CA GLN N 98 -37.12 2.12 10.68
C GLN N 98 -35.73 1.52 10.46
N ASP N 99 -35.55 0.59 9.53
CA ASP N 99 -34.31 -0.18 9.43
C ASP N 99 -33.31 0.57 8.55
N THR N 100 -32.24 1.06 9.18
CA THR N 100 -31.11 1.63 8.48
C THR N 100 -29.82 1.23 9.18
N ASP N 101 -28.77 1.00 8.39
CA ASP N 101 -27.46 0.61 8.91
C ASP N 101 -27.57 -0.65 9.78
N GLU N 102 -28.23 -1.67 9.23
CA GLU N 102 -28.40 -2.99 9.85
C GLU N 102 -28.65 -2.88 11.36
N ILE N 103 -29.57 -1.98 11.71
CA ILE N 103 -29.92 -1.69 13.10
C ILE N 103 -28.66 -1.23 13.83
N ARG N 104 -28.04 -0.15 13.35
CA ARG N 104 -26.87 0.46 13.98
C ARG N 104 -25.78 -0.56 14.24
N SER N 105 -25.39 -1.29 13.19
CA SER N 105 -24.38 -2.34 13.28
C SER N 105 -24.76 -3.38 14.33
N LEU N 106 -25.99 -3.87 14.24
CA LEU N 106 -26.54 -4.86 15.17
C LEU N 106 -26.51 -4.35 16.61
N THR N 107 -27.20 -3.23 16.83
CA THR N 107 -27.34 -2.61 18.15
C THR N 107 -25.98 -2.37 18.81
N LEU N 108 -25.03 -1.90 18.01
CA LEU N 108 -23.66 -1.65 18.46
C LEU N 108 -23.06 -2.90 19.11
N LEU N 109 -23.24 -4.04 18.43
CA LEU N 109 -22.71 -5.33 18.89
C LEU N 109 -23.31 -5.71 20.24
N ALA N 110 -24.62 -5.52 20.37
CA ALA N 110 -25.35 -5.76 21.62
C ALA N 110 -24.68 -5.05 22.79
N LEU N 111 -24.43 -3.75 22.62
CA LEU N 111 -23.72 -2.93 23.59
C LEU N 111 -22.33 -3.49 23.85
N SER N 112 -21.54 -3.59 22.78
CA SER N 112 -20.15 -4.05 22.84
C SER N 112 -20.04 -5.38 23.58
N SER N 113 -20.91 -6.33 23.21
CA SER N 113 -20.97 -7.64 23.82
C SER N 113 -21.18 -7.54 25.33
N GLN N 114 -22.13 -6.69 25.73
CA GLN N 114 -22.47 -6.45 27.13
C GLN N 114 -21.23 -6.03 27.92
N TYR N 115 -20.75 -4.83 27.57
CA TYR N 115 -19.57 -4.23 28.19
C TYR N 115 -18.34 -5.09 27.98
N ASN O 3 -24.09 -42.94 -28.53
CA ASN O 3 -24.42 -43.74 -27.36
C ASN O 3 -25.44 -43.00 -26.49
N LEU O 4 -26.09 -43.73 -25.59
CA LEU O 4 -27.13 -43.15 -24.75
C LEU O 4 -26.55 -42.65 -23.44
N ASN O 5 -27.05 -41.51 -22.98
CA ASN O 5 -26.66 -40.93 -21.70
C ASN O 5 -27.92 -40.49 -20.97
N LEU O 6 -28.03 -40.88 -19.69
CA LEU O 6 -29.22 -40.59 -18.91
C LEU O 6 -28.85 -39.91 -17.61
N PHE O 7 -29.80 -39.13 -17.08
CA PHE O 7 -29.63 -38.40 -15.84
C PHE O 7 -30.99 -37.99 -15.31
N ALA O 8 -31.15 -37.99 -13.99
CA ALA O 8 -32.47 -37.91 -13.39
C ALA O 8 -32.44 -37.05 -12.13
N THR O 9 -33.64 -36.78 -11.62
CA THR O 9 -33.85 -36.05 -10.38
C THR O 9 -35.01 -36.68 -9.62
N ILE O 10 -34.91 -36.61 -8.28
CA ILE O 10 -35.86 -37.24 -7.38
C ILE O 10 -36.15 -36.30 -6.22
N LEU O 11 -37.15 -36.65 -5.42
CA LEU O 11 -37.37 -36.03 -4.12
C LEU O 11 -38.05 -37.04 -3.21
N THR O 12 -37.95 -36.78 -1.91
CA THR O 12 -38.51 -37.67 -0.89
C THR O 12 -39.76 -37.06 -0.28
N TYR O 13 -40.45 -37.86 0.52
CA TYR O 13 -41.66 -37.41 1.18
C TYR O 13 -41.32 -36.49 2.35
N PRO O 14 -42.18 -35.51 2.63
CA PRO O 14 -41.93 -34.61 3.77
C PRO O 14 -41.93 -35.37 5.08
N ALA O 15 -41.07 -34.94 5.99
CA ALA O 15 -40.92 -35.56 7.30
C ALA O 15 -40.00 -34.69 8.14
N PRO O 16 -40.05 -34.83 9.47
CA PRO O 16 -39.01 -34.23 10.31
C PRO O 16 -37.68 -34.94 10.12
N ALA O 17 -36.60 -34.21 10.32
CA ALA O 17 -35.27 -34.76 10.11
C ALA O 17 -34.24 -33.95 10.88
N SER O 18 -33.09 -34.57 11.09
CA SER O 18 -31.93 -33.95 11.68
C SER O 18 -30.74 -34.86 11.44
N ASN O 19 -29.61 -34.26 11.08
CA ASN O 19 -28.40 -35.01 10.73
C ASN O 19 -27.23 -34.43 11.49
N TYR O 20 -26.43 -35.30 12.12
CA TYR O 20 -25.20 -34.86 12.76
C TYR O 20 -24.29 -34.21 11.72
N ARG O 21 -24.05 -32.92 11.87
CA ARG O 21 -23.29 -32.18 10.86
C ARG O 21 -22.27 -31.22 11.43
N GLY O 22 -22.28 -30.95 12.74
CA GLY O 22 -21.38 -29.99 13.32
C GLY O 22 -19.98 -30.52 13.56
N GLU O 23 -19.86 -31.44 14.50
CA GLU O 23 -18.54 -31.96 14.87
C GLU O 23 -17.71 -30.75 15.30
N SER O 24 -18.37 -29.77 15.91
CA SER O 24 -17.69 -28.55 16.33
C SER O 24 -17.89 -28.24 17.80
N GLU O 25 -19.14 -28.22 18.27
CA GLU O 25 -19.44 -27.87 19.65
C GLU O 25 -20.41 -28.88 20.23
N GLU O 26 -20.42 -28.97 21.56
CA GLU O 26 -21.22 -29.95 22.27
C GLU O 26 -22.48 -29.37 22.89
N ASN O 27 -22.47 -28.10 23.29
CA ASN O 27 -23.64 -27.52 23.95
C ASN O 27 -24.83 -27.44 23.00
N ARG O 28 -24.59 -27.11 21.74
CA ARG O 28 -25.66 -26.95 20.75
C ARG O 28 -25.24 -27.63 19.46
N SER O 29 -26.23 -28.04 18.68
CA SER O 29 -26.02 -28.70 17.40
C SER O 29 -26.51 -27.80 16.26
N VAL O 30 -25.73 -27.73 15.19
CA VAL O 30 -26.06 -26.91 14.03
C VAL O 30 -26.22 -27.80 12.82
N ILE O 31 -27.22 -27.49 11.99
CA ILE O 31 -27.54 -28.32 10.84
C ILE O 31 -27.40 -27.54 9.54
N GLN O 32 -27.58 -26.22 9.63
CA GLN O 32 -27.63 -25.38 8.43
C GLN O 32 -26.25 -25.32 7.77
N LYS O 33 -26.21 -25.52 6.45
CA LYS O 33 -24.96 -25.56 5.70
C LYS O 33 -24.81 -24.39 4.72
N ILE O 34 -25.72 -24.25 3.76
CA ILE O 34 -25.59 -23.27 2.70
C ILE O 34 -26.93 -22.58 2.47
N LEU O 35 -26.85 -21.33 2.01
CA LEU O 35 -28.01 -20.47 1.82
C LEU O 35 -28.30 -20.27 0.34
N LYS O 36 -29.43 -19.61 0.08
CA LYS O 36 -29.85 -19.24 -1.27
C LYS O 36 -30.50 -17.87 -1.20
N ASP O 37 -30.18 -17.02 -2.20
CA ASP O 37 -30.76 -15.70 -2.42
C ASP O 37 -31.07 -14.95 -1.12
N GLY O 38 -30.16 -15.01 -0.16
CA GLY O 38 -30.35 -14.37 1.12
C GLY O 38 -31.19 -15.16 2.11
N GLN O 39 -31.38 -16.46 1.89
CA GLN O 39 -32.17 -17.30 2.78
C GLN O 39 -31.48 -18.64 2.96
N LYS O 40 -31.50 -19.15 4.19
CA LYS O 40 -30.79 -20.36 4.57
C LYS O 40 -31.77 -21.53 4.53
N TYR O 41 -31.85 -22.23 3.40
CA TYR O 41 -32.75 -23.37 3.28
C TYR O 41 -32.10 -24.54 2.55
N ALA O 42 -30.85 -24.86 2.86
CA ALA O 42 -30.21 -26.01 2.24
C ALA O 42 -29.27 -26.69 3.23
N ILE O 43 -29.26 -28.03 3.19
CA ILE O 43 -28.53 -28.88 4.13
C ILE O 43 -27.97 -30.06 3.35
N ILE O 44 -27.25 -30.95 4.05
CA ILE O 44 -26.87 -32.29 3.58
C ILE O 44 -25.65 -32.23 2.66
N SER O 45 -24.80 -33.26 2.73
CA SER O 45 -23.52 -33.43 2.05
C SER O 45 -23.67 -34.31 0.81
N PRO O 46 -22.85 -34.08 -0.23
CA PRO O 46 -22.98 -34.86 -1.46
C PRO O 46 -22.15 -36.14 -1.49
N GLU O 47 -21.66 -36.60 -0.34
CA GLU O 47 -20.81 -37.79 -0.33
C GLU O 47 -21.25 -38.87 0.65
N SER O 48 -22.18 -38.60 1.56
CA SER O 48 -22.66 -39.65 2.46
C SER O 48 -23.43 -40.71 1.70
N MET O 49 -24.23 -40.31 0.70
CA MET O 49 -24.97 -41.28 -0.09
C MET O 49 -24.05 -42.21 -0.85
N ARG O 50 -22.81 -41.82 -1.12
CA ARG O 50 -21.85 -42.76 -1.67
C ARG O 50 -21.62 -43.92 -0.71
N ASN O 51 -21.43 -43.61 0.57
CA ASN O 51 -21.29 -44.66 1.57
C ASN O 51 -22.57 -45.49 1.69
N ALA O 52 -23.72 -44.84 1.60
CA ALA O 52 -24.98 -45.57 1.66
C ALA O 52 -25.10 -46.56 0.50
N LEU O 53 -24.75 -46.12 -0.70
CA LEU O 53 -24.76 -47.01 -1.86
C LEU O 53 -23.78 -48.15 -1.69
N ARG O 54 -22.58 -47.86 -1.16
CA ARG O 54 -21.61 -48.91 -0.94
C ARG O 54 -22.16 -49.97 0.02
N GLU O 55 -22.76 -49.52 1.13
CA GLU O 55 -23.32 -50.47 2.09
C GLU O 55 -24.42 -51.30 1.46
N MET O 56 -25.34 -50.65 0.74
CA MET O 56 -26.45 -51.38 0.14
C MET O 56 -25.95 -52.39 -0.89
N LEU O 57 -24.95 -52.01 -1.68
CA LEU O 57 -24.33 -52.95 -2.59
C LEU O 57 -23.70 -54.11 -1.83
N ILE O 58 -23.19 -53.85 -0.62
CA ILE O 58 -22.66 -54.93 0.20
C ILE O 58 -23.76 -55.91 0.57
N GLU O 59 -24.93 -55.39 0.96
CA GLU O 59 -26.01 -56.29 1.34
C GLU O 59 -26.63 -57.01 0.15
N LEU O 60 -26.30 -56.63 -1.08
CA LEU O 60 -26.91 -57.24 -2.26
C LEU O 60 -26.07 -58.36 -2.86
N GLY O 61 -24.98 -58.75 -2.20
CA GLY O 61 -24.21 -59.90 -2.62
C GLY O 61 -23.00 -59.61 -3.49
N GLN O 62 -22.74 -58.35 -3.81
CA GLN O 62 -21.52 -57.99 -4.52
C GLN O 62 -20.34 -57.93 -3.55
N PRO O 63 -19.10 -58.04 -4.04
CA PRO O 63 -17.96 -58.25 -3.15
C PRO O 63 -17.79 -57.16 -2.11
N ASN O 64 -17.34 -57.58 -0.92
CA ASN O 64 -17.08 -56.67 0.20
C ASN O 64 -15.63 -56.18 0.10
N ASN O 65 -15.41 -55.27 -0.84
CA ASN O 65 -14.05 -54.84 -1.14
C ASN O 65 -13.51 -53.90 -0.07
N ARG O 66 -14.34 -53.02 0.45
CA ARG O 66 -13.93 -52.06 1.46
C ARG O 66 -15.01 -51.98 2.52
N THR O 67 -14.77 -52.60 3.66
CA THR O 67 -15.74 -52.68 4.74
C THR O 67 -15.32 -51.77 5.89
N ARG O 68 -16.24 -50.93 6.34
CA ARG O 68 -15.95 -50.04 7.46
C ARG O 68 -15.91 -50.82 8.76
N LEU O 69 -14.84 -50.62 9.53
CA LEU O 69 -14.68 -51.27 10.82
C LEU O 69 -14.61 -50.21 11.91
N HIS O 70 -15.20 -50.52 13.06
CA HIS O 70 -15.27 -49.59 14.20
C HIS O 70 -14.68 -50.27 15.43
N SER O 71 -13.37 -50.14 15.59
CA SER O 71 -12.66 -50.66 16.75
C SER O 71 -11.81 -49.62 17.44
N GLU O 72 -11.18 -48.72 16.69
CA GLU O 72 -10.38 -47.65 17.25
C GLU O 72 -11.23 -46.42 17.52
N ASP O 73 -10.67 -45.46 18.26
CA ASP O 73 -11.38 -44.22 18.54
C ASP O 73 -11.69 -43.45 17.27
N GLN O 74 -10.72 -43.36 16.37
CA GLN O 74 -10.93 -42.72 15.08
C GLN O 74 -11.24 -43.77 14.02
N LEU O 75 -12.20 -43.47 13.16
CA LEU O 75 -12.67 -44.44 12.19
C LEU O 75 -11.57 -44.79 11.19
N ALA O 76 -11.44 -46.08 10.90
CA ALA O 76 -10.50 -46.57 9.91
C ALA O 76 -11.20 -47.63 9.06
N VAL O 77 -10.87 -47.66 7.78
CA VAL O 77 -11.49 -48.57 6.82
C VAL O 77 -10.43 -49.50 6.26
N GLU O 78 -10.73 -50.80 6.26
CA GLU O 78 -9.78 -51.79 5.77
C GLU O 78 -9.82 -51.86 4.24
N PHE O 79 -9.02 -52.76 3.69
CA PHE O 79 -8.97 -52.96 2.24
C PHE O 79 -8.65 -54.41 1.95
N LYS O 80 -8.91 -54.81 0.71
CA LYS O 80 -8.50 -56.11 0.21
C LYS O 80 -7.03 -56.05 -0.20
N GLU O 81 -6.56 -57.06 -0.93
CA GLU O 81 -5.16 -57.11 -1.30
C GLU O 81 -4.75 -55.88 -2.11
N TYR O 82 -5.57 -55.50 -3.08
CA TYR O 82 -5.31 -54.30 -3.88
C TYR O 82 -6.55 -53.98 -4.71
N PRO O 83 -6.84 -52.70 -4.96
CA PRO O 83 -8.00 -52.36 -5.81
C PRO O 83 -7.81 -52.87 -7.23
N ASN O 84 -8.75 -53.70 -7.68
CA ASN O 84 -8.70 -54.33 -9.00
C ASN O 84 -10.06 -54.22 -9.65
N PRO O 85 -10.20 -53.47 -10.75
CA PRO O 85 -11.51 -53.31 -11.40
C PRO O 85 -11.92 -54.48 -12.29
N ASP O 86 -11.21 -55.61 -12.26
CA ASP O 86 -11.52 -56.72 -13.15
C ASP O 86 -11.90 -57.99 -12.40
N LYS O 87 -11.12 -58.38 -11.40
CA LYS O 87 -11.46 -59.57 -10.62
C LYS O 87 -12.77 -59.41 -9.87
N PHE O 88 -13.19 -58.18 -9.61
CA PHE O 88 -14.34 -57.90 -8.76
C PHE O 88 -14.83 -56.49 -9.07
N ALA O 89 -15.97 -56.13 -8.45
CA ALA O 89 -16.64 -54.88 -8.79
C ALA O 89 -15.80 -53.65 -8.44
N ASP O 90 -14.83 -53.78 -7.54
CA ASP O 90 -13.95 -52.68 -7.15
C ASP O 90 -14.76 -51.47 -6.71
N ASP O 91 -15.81 -51.72 -5.93
CA ASP O 91 -16.75 -50.68 -5.50
C ASP O 91 -17.24 -49.88 -6.70
N PHE O 92 -17.85 -50.61 -7.65
CA PHE O 92 -18.26 -50.05 -8.94
C PHE O 92 -17.04 -49.50 -9.68
N LEU O 93 -15.97 -50.29 -9.70
CA LEU O 93 -14.74 -49.96 -10.41
C LEU O 93 -14.17 -48.62 -9.94
N PHE O 94 -13.86 -48.55 -8.65
CA PHE O 94 -13.39 -47.32 -8.02
C PHE O 94 -11.95 -47.47 -7.54
N GLY O 95 -11.09 -48.08 -8.36
CA GLY O 95 -9.68 -48.07 -8.06
C GLY O 95 -9.15 -46.66 -8.16
N TYR O 96 -8.85 -46.06 -7.01
CA TYR O 96 -8.60 -44.63 -6.92
C TYR O 96 -7.11 -44.35 -6.72
N MET O 97 -6.80 -43.06 -6.58
CA MET O 97 -5.41 -42.63 -6.49
C MET O 97 -4.73 -43.21 -5.26
N VAL O 98 -3.50 -43.68 -5.44
CA VAL O 98 -2.66 -44.15 -4.35
C VAL O 98 -1.35 -43.37 -4.45
N ALA O 99 -1.26 -42.25 -3.74
CA ALA O 99 -0.10 -41.37 -3.78
C ALA O 99 0.77 -41.66 -2.57
N GLN O 100 1.91 -42.31 -2.81
CA GLN O 100 2.85 -42.63 -1.75
C GLN O 100 4.26 -42.70 -2.33
N THR O 101 5.24 -42.51 -1.45
CA THR O 101 6.64 -42.53 -1.87
C THR O 101 7.16 -43.94 -2.11
N ASN O 102 6.47 -44.97 -1.59
CA ASN O 102 6.92 -46.34 -1.82
C ASN O 102 6.94 -46.70 -3.29
N ASP O 103 5.99 -46.16 -4.06
CA ASP O 103 5.82 -46.47 -5.49
C ASP O 103 5.65 -47.99 -5.59
N ALA O 104 6.35 -48.66 -6.50
CA ALA O 104 6.23 -50.11 -6.68
C ALA O 104 4.78 -50.54 -6.85
N LYS O 105 4.02 -49.70 -7.56
CA LYS O 105 2.61 -49.98 -7.78
C LYS O 105 2.44 -51.11 -8.79
N GLU O 106 1.21 -51.59 -8.92
CA GLU O 106 0.92 -52.69 -9.83
C GLU O 106 1.11 -52.31 -11.30
N MET O 107 1.25 -51.01 -11.60
CA MET O 107 1.47 -50.61 -12.98
C MET O 107 2.71 -51.27 -13.58
N LYS O 108 3.73 -51.51 -12.76
CA LYS O 108 4.92 -52.23 -13.21
C LYS O 108 4.85 -53.72 -12.95
N LYS O 109 3.85 -54.20 -12.21
CA LYS O 109 3.69 -55.62 -11.93
C LYS O 109 2.42 -56.20 -12.51
N LEU O 110 1.26 -55.61 -12.21
CA LEU O 110 -0.01 -56.05 -12.75
C LEU O 110 -0.50 -55.15 -13.89
N ASN O 111 0.32 -54.18 -14.30
CA ASN O 111 -0.04 -53.22 -15.35
C ASN O 111 -1.33 -52.47 -15.00
N ARG O 112 -1.46 -52.10 -13.73
CA ARG O 112 -2.62 -51.35 -13.27
C ARG O 112 -2.22 -49.89 -13.06
N PRO O 113 -2.69 -48.96 -13.91
CA PRO O 113 -2.28 -47.56 -13.77
C PRO O 113 -2.88 -46.85 -12.58
N ALA O 114 -3.61 -47.54 -11.71
CA ALA O 114 -4.30 -46.98 -10.55
C ALA O 114 -5.35 -45.95 -10.93
N LYS O 115 -5.68 -45.88 -12.22
CA LYS O 115 -6.68 -44.92 -12.70
C LYS O 115 -8.09 -45.31 -12.25
N ARG O 116 -8.96 -44.32 -12.14
CA ARG O 116 -10.32 -44.55 -11.71
C ARG O 116 -11.23 -44.85 -12.90
N ASP O 117 -12.37 -45.48 -12.60
CA ASP O 117 -13.51 -45.57 -13.50
C ASP O 117 -14.69 -44.98 -12.72
N SER O 118 -14.83 -43.65 -12.77
CA SER O 118 -15.85 -42.98 -11.99
C SER O 118 -17.25 -43.39 -12.44
N ILE O 119 -17.63 -43.00 -13.65
CA ILE O 119 -18.88 -43.40 -14.28
C ILE O 119 -20.05 -43.11 -13.33
N PHE O 120 -19.97 -41.98 -12.61
CA PHE O 120 -21.04 -41.61 -11.71
C PHE O 120 -20.97 -40.12 -11.43
N ARG O 121 -22.14 -39.52 -11.20
CA ARG O 121 -22.26 -38.10 -10.93
C ARG O 121 -23.36 -37.87 -9.92
N CYS O 122 -23.09 -37.05 -8.90
CA CYS O 122 -24.07 -36.76 -7.86
C CYS O 122 -23.78 -35.39 -7.27
N ASN O 123 -24.80 -34.81 -6.65
CA ASN O 123 -24.70 -33.45 -6.11
C ASN O 123 -25.40 -33.39 -4.77
N MET O 124 -25.09 -32.34 -4.01
CA MET O 124 -25.67 -32.18 -2.69
C MET O 124 -27.14 -31.83 -2.79
N ALA O 125 -27.93 -32.37 -1.85
CA ALA O 125 -29.35 -32.09 -1.80
C ALA O 125 -29.62 -30.70 -1.23
N VAL O 126 -30.81 -30.19 -1.50
CA VAL O 126 -31.23 -28.86 -1.05
C VAL O 126 -32.66 -28.94 -0.54
N ALA O 127 -32.91 -28.38 0.65
CA ALA O 127 -34.23 -28.39 1.25
C ALA O 127 -35.13 -27.35 0.59
N VAL O 128 -36.36 -27.24 1.08
CA VAL O 128 -37.32 -26.31 0.52
C VAL O 128 -37.98 -25.49 1.62
N ASN O 129 -37.45 -25.55 2.84
CA ASN O 129 -38.00 -24.82 3.97
C ASN O 129 -36.88 -24.10 4.70
N PRO O 130 -37.07 -22.82 5.04
CA PRO O 130 -35.93 -21.99 5.46
C PRO O 130 -35.66 -21.93 6.97
N TYR O 131 -36.61 -22.33 7.79
CA TYR O 131 -36.53 -22.05 9.22
C TYR O 131 -35.71 -23.11 9.93
N LYS O 132 -34.65 -22.68 10.61
CA LYS O 132 -33.76 -23.55 11.38
C LYS O 132 -33.47 -22.93 12.75
N TYR O 133 -34.51 -22.49 13.45
CA TYR O 133 -34.37 -21.82 14.74
C TYR O 133 -35.36 -22.38 15.74
N ASP O 134 -35.43 -23.70 15.85
CA ASP O 134 -36.27 -24.39 16.82
C ASP O 134 -35.45 -25.45 17.55
N THR O 135 -35.81 -25.70 18.81
CA THR O 135 -35.09 -26.63 19.66
C THR O 135 -36.06 -27.66 20.23
N VAL O 136 -35.52 -28.64 20.95
CA VAL O 136 -36.34 -29.69 21.56
C VAL O 136 -36.09 -29.77 23.06
N PHE O 137 -34.91 -29.34 23.50
CA PHE O 137 -34.56 -29.22 24.91
C PHE O 137 -34.71 -30.56 25.65
N TYR O 138 -33.76 -31.45 25.36
CA TYR O 138 -33.67 -32.76 26.01
C TYR O 138 -32.37 -32.83 26.81
N GLN O 139 -32.42 -33.30 28.05
CA GLN O 139 -31.23 -33.35 28.91
C GLN O 139 -30.77 -34.71 29.44
N SER O 140 -29.46 -34.94 29.39
CA SER O 140 -28.82 -36.16 29.88
C SER O 140 -28.70 -36.21 31.41
N PRO O 141 -28.53 -37.41 31.96
CA PRO O 141 -28.42 -37.59 33.42
C PRO O 141 -27.01 -37.91 33.87
N LEU O 142 -26.83 -37.90 35.19
CA LEU O 142 -25.62 -38.38 35.84
C LEU O 142 -25.94 -39.72 36.50
N ASN O 143 -25.12 -40.73 36.23
CA ASN O 143 -25.40 -42.07 36.73
C ASN O 143 -25.30 -42.11 38.25
N ALA O 144 -24.11 -41.85 38.80
CA ALA O 144 -23.90 -41.82 40.25
C ALA O 144 -24.46 -43.07 40.94
N GLY O 145 -24.46 -44.19 40.24
CA GLY O 145 -25.04 -45.41 40.78
C GLY O 145 -24.02 -46.33 41.40
N ASP O 146 -22.86 -45.77 41.75
CA ASP O 146 -21.75 -46.52 42.34
C ASP O 146 -21.25 -47.62 41.43
N SER O 147 -21.43 -47.47 40.12
CA SER O 147 -20.94 -48.44 39.16
C SER O 147 -19.46 -48.21 38.88
N ALA O 148 -18.84 -49.21 38.25
CA ALA O 148 -17.42 -49.14 37.95
C ALA O 148 -17.06 -48.09 36.90
N TRP O 149 -18.05 -47.56 36.19
CA TRP O 149 -17.79 -46.60 35.12
C TRP O 149 -18.69 -45.37 35.30
N LYS O 150 -18.07 -44.20 35.28
CA LYS O 150 -18.79 -42.93 35.31
C LYS O 150 -18.55 -42.23 33.97
N ASN O 151 -19.62 -41.83 33.30
CA ASN O 151 -19.49 -41.29 31.96
C ASN O 151 -18.93 -39.87 31.98
N SER O 152 -19.67 -38.94 32.60
CA SER O 152 -19.28 -37.54 32.61
C SER O 152 -19.08 -36.95 33.99
N THR O 153 -19.61 -37.60 35.03
CA THR O 153 -19.54 -37.10 36.41
C THR O 153 -20.09 -35.69 36.50
N SER O 154 -21.22 -35.46 35.81
CA SER O 154 -21.88 -34.16 35.79
C SER O 154 -23.27 -34.35 35.17
N SER O 155 -24.05 -33.27 35.21
CA SER O 155 -25.36 -33.24 34.58
C SER O 155 -25.46 -31.98 33.72
N ALA O 156 -26.09 -32.11 32.56
CA ALA O 156 -26.17 -31.01 31.61
C ALA O 156 -27.58 -30.92 31.05
N LEU O 157 -27.93 -29.72 30.58
CA LEU O 157 -29.21 -29.43 29.95
C LEU O 157 -28.92 -28.92 28.55
N LEU O 158 -28.77 -29.85 27.60
CA LEU O 158 -28.38 -29.53 26.24
C LEU O 158 -29.54 -29.85 25.29
N HIS O 159 -29.69 -29.03 24.26
CA HIS O 159 -30.81 -29.10 23.35
C HIS O 159 -30.32 -29.37 21.93
N ARG O 160 -31.27 -29.76 21.06
CA ARG O 160 -30.99 -30.16 19.70
C ARG O 160 -31.96 -29.45 18.76
N GLU O 161 -31.60 -29.42 17.48
CA GLU O 161 -32.39 -28.74 16.45
C GLU O 161 -32.84 -29.74 15.40
N VAL O 162 -34.11 -29.63 15.00
CA VAL O 162 -34.70 -30.48 13.98
C VAL O 162 -35.47 -29.61 13.00
N THR O 163 -35.73 -30.17 11.82
CA THR O 163 -36.47 -29.43 10.80
C THR O 163 -37.33 -30.39 10.00
N HIS O 164 -38.58 -30.01 9.74
CA HIS O 164 -39.52 -30.82 8.97
C HIS O 164 -39.50 -30.32 7.53
N THR O 165 -38.92 -31.12 6.63
CA THR O 165 -38.75 -30.65 5.26
C THR O 165 -38.62 -31.85 4.32
N ALA O 166 -39.03 -31.64 3.07
CA ALA O 166 -38.74 -32.54 1.97
C ALA O 166 -37.75 -31.87 1.04
N PHE O 167 -36.86 -32.65 0.45
CA PHE O 167 -35.74 -32.11 -0.31
C PHE O 167 -35.48 -32.96 -1.54
N GLN O 168 -34.97 -32.30 -2.59
CA GLN O 168 -34.73 -32.91 -3.89
C GLN O 168 -33.28 -33.34 -4.04
N TYR O 169 -33.02 -34.11 -5.10
CA TYR O 169 -31.74 -34.75 -5.33
C TYR O 169 -31.52 -35.02 -6.82
N PRO O 170 -30.53 -34.39 -7.45
CA PRO O 170 -30.19 -34.71 -8.83
C PRO O 170 -29.02 -35.70 -8.92
N PHE O 171 -28.94 -36.37 -10.06
CA PHE O 171 -27.77 -37.20 -10.33
C PHE O 171 -27.69 -37.47 -11.83
N ALA O 172 -26.49 -37.87 -12.25
CA ALA O 172 -26.20 -38.19 -13.64
C ALA O 172 -25.31 -39.43 -13.70
N LEU O 173 -25.43 -40.18 -14.79
CA LEU O 173 -24.58 -41.35 -15.02
C LEU O 173 -23.71 -41.18 -16.25
N ALA O 174 -24.31 -41.00 -17.43
CA ALA O 174 -23.58 -40.69 -18.66
C ALA O 174 -22.47 -41.71 -18.92
N GLY O 175 -22.78 -42.99 -18.75
CA GLY O 175 -21.83 -44.05 -18.93
C GLY O 175 -22.08 -44.86 -20.18
N LYS O 176 -21.46 -46.04 -20.21
CA LYS O 176 -21.59 -46.93 -21.36
C LYS O 176 -21.29 -48.35 -20.91
N ASP O 177 -21.92 -49.31 -21.59
CA ASP O 177 -21.75 -50.71 -21.23
C ASP O 177 -20.35 -51.20 -21.57
N CYS O 178 -19.79 -52.03 -20.68
CA CYS O 178 -18.47 -52.63 -20.87
C CYS O 178 -18.50 -54.01 -20.24
N ALA O 179 -17.31 -54.58 -20.03
CA ALA O 179 -17.20 -55.91 -19.46
C ALA O 179 -17.76 -55.94 -18.04
N ALA O 180 -18.57 -56.96 -17.75
CA ALA O 180 -19.17 -57.21 -16.44
C ALA O 180 -20.05 -56.05 -15.95
N LYS O 181 -20.34 -55.09 -16.81
CA LYS O 181 -21.11 -53.91 -16.44
C LYS O 181 -22.61 -54.16 -16.32
N PRO O 182 -23.27 -54.84 -17.27
CA PRO O 182 -24.74 -54.88 -17.24
C PRO O 182 -25.31 -55.39 -15.92
N GLU O 183 -24.73 -56.44 -15.35
CA GLU O 183 -25.19 -56.90 -14.04
C GLU O 183 -24.94 -55.85 -12.97
N TRP O 184 -23.77 -55.21 -13.00
CA TRP O 184 -23.45 -54.24 -11.96
C TRP O 184 -24.27 -52.97 -12.08
N VAL O 185 -24.46 -52.46 -13.30
CA VAL O 185 -25.29 -51.27 -13.48
C VAL O 185 -26.74 -51.58 -13.17
N LYS O 186 -27.20 -52.79 -13.50
CA LYS O 186 -28.56 -53.19 -13.15
C LYS O 186 -28.73 -53.26 -11.64
N ALA O 187 -27.73 -53.80 -10.94
CA ALA O 187 -27.78 -53.83 -9.47
C ALA O 187 -27.77 -52.42 -8.89
N LEU O 188 -26.99 -51.53 -9.48
CA LEU O 188 -26.97 -50.14 -9.01
C LEU O 188 -28.33 -49.48 -9.18
N LEU O 189 -28.97 -49.68 -10.34
CA LEU O 189 -30.29 -49.12 -10.55
C LEU O 189 -31.34 -49.76 -9.65
N GLN O 190 -31.18 -51.04 -9.33
CA GLN O 190 -32.08 -51.68 -8.37
C GLN O 190 -31.90 -51.09 -6.98
N ALA O 191 -30.65 -50.86 -6.58
CA ALA O 191 -30.36 -50.39 -5.22
C ALA O 191 -30.72 -48.93 -5.02
N ILE O 192 -30.60 -48.10 -6.06
CA ILE O 192 -30.91 -46.69 -5.91
C ILE O 192 -32.39 -46.47 -5.61
N ALA O 193 -33.24 -47.46 -5.92
CA ALA O 193 -34.66 -47.33 -5.65
C ALA O 193 -34.94 -47.20 -4.14
N GLU O 194 -34.28 -48.01 -3.33
CA GLU O 194 -34.56 -47.98 -1.89
C GLU O 194 -33.82 -46.85 -1.20
N LEU O 195 -32.49 -46.89 -1.23
CA LEU O 195 -31.63 -45.83 -0.70
C LEU O 195 -31.99 -45.51 0.77
N ASN O 196 -31.77 -46.50 1.61
CA ASN O 196 -32.01 -46.37 3.05
C ASN O 196 -30.68 -46.28 3.79
N GLY O 197 -30.77 -45.95 5.08
CA GLY O 197 -29.59 -45.83 5.91
C GLY O 197 -28.67 -44.68 5.54
N VAL O 198 -29.24 -43.51 5.27
CA VAL O 198 -28.45 -42.34 4.89
C VAL O 198 -27.94 -41.65 6.15
N ALA O 199 -26.77 -41.02 6.04
CA ALA O 199 -26.17 -40.24 7.13
C ALA O 199 -25.93 -41.11 8.37
N GLY O 200 -25.46 -42.33 8.15
CA GLY O 200 -25.09 -43.20 9.24
C GLY O 200 -26.29 -43.68 10.05
N GLY O 201 -25.98 -44.16 11.25
CA GLY O 201 -27.02 -44.64 12.15
C GLY O 201 -27.74 -43.49 12.83
N HIS O 202 -29.05 -43.68 13.04
CA HIS O 202 -29.88 -42.67 13.70
C HIS O 202 -31.04 -43.40 14.38
N ALA O 203 -30.90 -43.65 15.68
CA ALA O 203 -31.92 -44.37 16.43
C ALA O 203 -32.98 -43.44 17.01
N ARG O 204 -32.79 -42.12 16.96
CA ARG O 204 -33.76 -41.18 17.48
C ARG O 204 -34.55 -40.46 16.40
N ALA O 205 -33.94 -40.18 15.25
CA ALA O 205 -34.63 -39.63 14.11
C ALA O 205 -34.50 -40.61 12.95
N TYR O 206 -35.63 -40.94 12.33
CA TYR O 206 -35.67 -41.96 11.29
C TYR O 206 -36.17 -41.33 10.00
N TYR O 207 -35.35 -41.38 8.96
CA TYR O 207 -35.65 -40.74 7.70
C TYR O 207 -35.39 -41.71 6.56
N GLU O 208 -36.10 -41.50 5.46
CA GLU O 208 -36.02 -42.38 4.30
C GLU O 208 -35.78 -41.56 3.05
N PHE O 209 -35.14 -42.18 2.06
CA PHE O 209 -34.91 -41.56 0.76
C PHE O 209 -35.73 -42.25 -0.34
N ALA O 210 -36.89 -42.78 0.03
CA ALA O 210 -37.76 -43.40 -0.96
C ALA O 210 -38.23 -42.34 -1.96
N PRO O 211 -38.00 -42.53 -3.25
CA PRO O 211 -38.26 -41.45 -4.21
C PRO O 211 -39.69 -41.44 -4.69
N ARG O 212 -40.24 -40.23 -4.79
CA ARG O 212 -41.51 -39.98 -5.46
C ARG O 212 -41.32 -38.89 -6.50
N SER O 213 -42.11 -38.98 -7.58
CA SER O 213 -42.04 -38.04 -8.70
C SER O 213 -40.62 -37.99 -9.28
N VAL O 214 -40.07 -39.17 -9.50
CA VAL O 214 -38.78 -39.29 -10.20
C VAL O 214 -38.95 -38.89 -11.65
N VAL O 215 -38.00 -38.12 -12.17
CA VAL O 215 -38.01 -37.76 -13.59
C VAL O 215 -36.61 -37.89 -14.16
N ALA O 216 -36.49 -38.63 -15.26
CA ALA O 216 -35.24 -38.82 -15.98
C ALA O 216 -35.36 -38.17 -17.34
N ARG O 217 -34.26 -37.60 -17.83
CA ARG O 217 -34.31 -36.75 -19.01
C ARG O 217 -33.33 -37.23 -20.09
N LEU O 218 -33.80 -37.19 -21.33
CA LEU O 218 -32.95 -37.31 -22.52
C LEU O 218 -32.06 -38.53 -22.47
N THR O 219 -32.66 -39.69 -22.18
CA THR O 219 -31.87 -40.93 -22.09
C THR O 219 -31.15 -41.28 -23.38
N PRO O 220 -31.74 -41.20 -24.59
CA PRO O 220 -30.98 -41.60 -25.78
C PRO O 220 -30.06 -40.51 -26.31
N LYS O 221 -30.49 -39.26 -26.20
CA LYS O 221 -29.78 -38.14 -26.80
C LYS O 221 -28.59 -37.73 -25.94
N LEU O 222 -27.72 -36.92 -26.54
CA LEU O 222 -26.56 -36.38 -25.84
C LEU O 222 -27.00 -35.40 -24.75
N VAL O 223 -26.01 -34.85 -24.04
CA VAL O 223 -26.30 -33.98 -22.90
C VAL O 223 -26.93 -32.68 -23.40
N ALA O 224 -28.21 -32.50 -23.10
CA ALA O 224 -28.92 -31.26 -23.44
C ALA O 224 -29.84 -30.79 -22.33
N GLY O 225 -29.86 -31.46 -21.17
CA GLY O 225 -30.80 -31.11 -20.14
C GLY O 225 -30.47 -29.78 -19.48
N TYR O 226 -31.44 -29.24 -18.77
CA TYR O 226 -31.30 -27.95 -18.10
C TYR O 226 -32.26 -27.88 -16.93
N GLN O 227 -31.86 -27.12 -15.91
CA GLN O 227 -32.68 -26.88 -14.72
C GLN O 227 -33.04 -28.19 -14.02
N THR O 228 -32.00 -28.86 -13.52
CA THR O 228 -32.20 -30.10 -12.78
C THR O 228 -32.98 -29.88 -11.49
N TYR O 229 -32.78 -28.73 -10.84
CA TYR O 229 -33.44 -28.41 -9.58
C TYR O 229 -34.84 -27.83 -9.78
N GLY O 230 -35.46 -28.07 -10.92
CA GLY O 230 -36.70 -27.39 -11.28
C GLY O 230 -37.89 -27.62 -10.37
N PHE O 231 -38.41 -28.83 -10.34
CA PHE O 231 -39.66 -29.08 -9.63
C PHE O 231 -39.44 -29.00 -8.12
N ASP O 232 -40.33 -28.28 -7.44
CA ASP O 232 -40.20 -28.03 -6.01
C ASP O 232 -41.53 -27.49 -5.50
N ALA O 233 -41.57 -27.15 -4.22
CA ALA O 233 -42.75 -26.59 -3.58
C ALA O 233 -43.96 -27.50 -3.76
N GLU O 234 -43.74 -28.80 -3.58
CA GLU O 234 -44.75 -29.84 -3.76
C GLU O 234 -45.60 -29.63 -5.02
N GLY O 235 -45.01 -29.02 -6.03
CA GLY O 235 -45.71 -28.71 -7.27
C GLY O 235 -44.96 -29.24 -8.47
N ASN O 236 -45.70 -29.78 -9.43
CA ASN O 236 -45.10 -30.24 -10.67
C ASN O 236 -44.55 -29.06 -11.46
N TRP O 237 -43.39 -29.27 -12.09
CA TRP O 237 -42.80 -28.25 -12.95
C TRP O 237 -42.30 -28.78 -14.29
N LEU O 238 -42.05 -30.09 -14.43
CA LEU O 238 -41.55 -30.60 -15.70
C LEU O 238 -42.64 -30.66 -16.77
N GLU O 239 -43.91 -30.55 -16.39
CA GLU O 239 -44.97 -30.57 -17.39
C GLU O 239 -44.91 -29.34 -18.30
N LEU O 240 -44.60 -28.16 -17.75
CA LEU O 240 -44.36 -27.00 -18.58
C LEU O 240 -43.01 -27.05 -19.27
N SER O 241 -42.05 -27.76 -18.68
CA SER O 241 -40.77 -27.98 -19.35
C SER O 241 -40.97 -28.75 -20.65
N ARG O 242 -41.81 -29.79 -20.63
CA ARG O 242 -42.20 -30.46 -21.86
C ARG O 242 -42.89 -29.51 -22.83
N LEU O 243 -43.64 -28.53 -22.32
CA LEU O 243 -44.25 -27.54 -23.20
C LEU O 243 -43.20 -26.68 -23.88
N THR O 244 -42.16 -26.29 -23.15
CA THR O 244 -41.17 -25.35 -23.67
C THR O 244 -39.91 -26.00 -24.22
N ALA O 245 -39.54 -27.19 -23.72
CA ALA O 245 -38.38 -27.91 -24.22
C ALA O 245 -38.86 -29.21 -24.84
N THR O 246 -38.51 -29.41 -26.12
CA THR O 246 -38.96 -30.56 -26.90
C THR O 246 -40.49 -30.71 -26.80
N ASP O 247 -41.18 -29.70 -27.32
CA ASP O 247 -42.62 -29.62 -27.19
C ASP O 247 -43.29 -30.87 -27.73
N SER O 248 -44.40 -31.26 -27.09
CA SER O 248 -45.04 -32.55 -27.37
C SER O 248 -45.35 -32.70 -28.86
N ASP O 249 -45.97 -31.69 -29.45
CA ASP O 249 -46.24 -31.73 -30.88
C ASP O 249 -44.95 -31.52 -31.67
N ASN O 250 -44.84 -32.22 -32.80
CA ASN O 250 -43.68 -32.08 -33.68
C ASN O 250 -43.94 -31.04 -34.78
N LEU O 251 -44.33 -29.84 -34.37
CA LEU O 251 -44.66 -28.76 -35.31
C LEU O 251 -43.64 -27.62 -35.25
N ASP O 252 -43.42 -27.05 -34.07
CA ASP O 252 -42.40 -26.02 -33.89
C ASP O 252 -41.22 -26.47 -33.05
N LEU O 253 -41.37 -27.54 -32.28
CA LEU O 253 -40.28 -28.09 -31.47
C LEU O 253 -40.54 -29.56 -31.23
N PRO O 254 -39.91 -30.46 -31.99
CA PRO O 254 -40.18 -31.89 -31.84
C PRO O 254 -39.85 -32.39 -30.45
N ALA O 255 -40.65 -33.34 -29.97
CA ALA O 255 -40.56 -33.81 -28.60
C ALA O 255 -39.41 -34.81 -28.44
N ASN O 256 -39.36 -35.45 -27.27
CA ASN O 256 -38.29 -36.38 -26.96
C ASN O 256 -38.81 -37.44 -26.01
N GLU O 257 -38.06 -38.54 -25.92
CA GLU O 257 -38.44 -39.66 -25.05
C GLU O 257 -38.15 -39.30 -23.60
N PHE O 258 -39.21 -39.13 -22.81
CA PHE O 258 -39.10 -38.86 -21.39
C PHE O 258 -39.71 -39.99 -20.59
N TRP O 259 -39.30 -40.09 -19.33
CA TRP O 259 -39.84 -41.06 -18.40
C TRP O 259 -40.24 -40.33 -17.12
N LEU O 260 -41.50 -40.50 -16.71
CA LEU O 260 -42.07 -39.74 -15.60
C LEU O 260 -42.41 -40.66 -14.44
N GLY O 261 -42.41 -40.11 -13.24
CA GLY O 261 -42.65 -40.86 -12.03
C GLY O 261 -44.12 -41.05 -11.74
N GLY O 262 -44.41 -41.31 -10.46
CA GLY O 262 -45.76 -41.65 -10.05
C GLY O 262 -46.58 -40.50 -9.49
N GLU O 263 -45.95 -39.65 -8.69
CA GLU O 263 -46.70 -38.57 -8.05
C GLU O 263 -47.25 -37.59 -9.08
N LEU O 264 -46.48 -37.28 -10.12
CA LEU O 264 -46.92 -36.32 -11.11
C LEU O 264 -48.11 -36.82 -11.93
N VAL O 265 -48.40 -38.11 -11.88
CA VAL O 265 -49.54 -38.67 -12.60
C VAL O 265 -50.60 -39.25 -11.67
N ARG O 266 -50.29 -39.46 -10.39
CA ARG O 266 -51.29 -40.00 -9.46
C ARG O 266 -52.42 -39.01 -9.25
N LYS O 267 -52.08 -37.75 -8.98
CA LYS O 267 -53.07 -36.70 -8.75
C LYS O 267 -52.85 -35.59 -9.77
N MET O 268 -53.46 -35.76 -10.94
CA MET O 268 -53.31 -34.81 -12.04
C MET O 268 -54.45 -35.09 -13.03
N ASP O 269 -54.73 -34.10 -13.88
CA ASP O 269 -55.92 -34.13 -14.71
C ASP O 269 -55.97 -35.38 -15.58
N GLN O 270 -57.13 -36.04 -15.60
CA GLN O 270 -57.30 -37.24 -16.39
C GLN O 270 -57.18 -36.95 -17.88
N GLU O 271 -57.75 -35.83 -18.34
CA GLU O 271 -57.68 -35.49 -19.75
C GLU O 271 -56.25 -35.26 -20.22
N GLN O 272 -55.37 -34.84 -19.31
CA GLN O 272 -53.98 -34.57 -19.69
C GLN O 272 -53.26 -35.84 -20.09
N LYS O 273 -53.56 -36.97 -19.45
CA LYS O 273 -52.96 -38.24 -19.86
C LYS O 273 -53.24 -38.53 -21.33
N ALA O 274 -54.50 -38.39 -21.74
CA ALA O 274 -54.84 -38.58 -23.14
C ALA O 274 -54.19 -37.52 -24.02
N GLN O 275 -54.18 -36.27 -23.55
CA GLN O 275 -53.57 -35.19 -24.32
C GLN O 275 -52.07 -35.42 -24.51
N LEU O 276 -51.37 -35.84 -23.45
CA LEU O 276 -49.94 -36.10 -23.53
C LEU O 276 -49.74 -37.50 -24.10
N GLU O 277 -50.03 -37.62 -25.40
CA GLU O 277 -49.92 -38.90 -26.09
C GLU O 277 -49.33 -38.73 -27.48
N ALA O 278 -48.52 -37.70 -27.70
CA ALA O 278 -47.82 -37.57 -28.98
C ALA O 278 -46.91 -38.76 -29.22
N MET O 279 -46.17 -39.18 -28.20
CA MET O 279 -45.49 -40.46 -28.18
C MET O 279 -45.91 -41.32 -26.99
N GLY O 280 -46.74 -40.79 -26.11
CA GLY O 280 -47.13 -41.49 -24.89
C GLY O 280 -46.17 -41.35 -23.75
N ALA O 281 -44.97 -40.84 -23.99
CA ALA O 281 -43.92 -40.72 -22.97
C ALA O 281 -43.76 -42.02 -22.22
N HIS O 282 -43.62 -41.94 -20.89
CA HIS O 282 -43.51 -43.14 -20.05
C HIS O 282 -44.14 -42.79 -18.71
N LEU O 283 -45.38 -43.23 -18.51
CA LEU O 283 -46.14 -42.93 -17.31
C LEU O 283 -46.26 -44.19 -16.46
N TYR O 284 -45.92 -44.07 -15.18
CA TYR O 284 -45.93 -45.21 -14.27
C TYR O 284 -46.50 -44.78 -12.93
N ALA O 285 -47.06 -45.75 -12.21
CA ALA O 285 -47.67 -45.49 -10.91
C ALA O 285 -46.62 -45.54 -9.79
N ASN O 286 -45.92 -46.67 -9.68
CA ASN O 286 -44.89 -46.66 -8.66
C ASN O 286 -43.52 -46.42 -9.29
N PRO O 287 -42.69 -45.58 -8.67
CA PRO O 287 -41.39 -45.26 -9.27
C PRO O 287 -40.49 -46.47 -9.46
N GLU O 288 -40.54 -47.44 -8.56
CA GLU O 288 -39.66 -48.60 -8.67
C GLU O 288 -39.94 -49.41 -9.94
N LYS O 289 -41.18 -49.36 -10.43
CA LYS O 289 -41.53 -50.14 -11.62
C LYS O 289 -40.75 -49.66 -12.84
N LEU O 290 -40.59 -48.33 -12.99
CA LEU O 290 -40.02 -47.81 -14.22
C LEU O 290 -38.51 -47.97 -14.29
N PHE O 291 -37.83 -48.12 -13.16
CA PHE O 291 -36.37 -48.22 -13.19
C PHE O 291 -35.91 -49.49 -13.92
N ALA O 292 -36.59 -50.61 -13.71
CA ALA O 292 -36.20 -51.83 -14.39
C ALA O 292 -36.33 -51.67 -15.91
N ASP O 293 -37.45 -51.12 -16.37
CA ASP O 293 -37.64 -50.92 -17.81
C ASP O 293 -36.64 -49.91 -18.36
N LEU O 294 -36.36 -48.84 -17.61
CA LEU O 294 -35.38 -47.86 -18.08
C LEU O 294 -33.99 -48.46 -18.18
N ALA O 295 -33.60 -49.28 -17.21
CA ALA O 295 -32.32 -49.95 -17.27
C ALA O 295 -32.26 -50.91 -18.45
N ASP O 296 -33.35 -51.64 -18.69
CA ASP O 296 -33.40 -52.54 -19.84
C ASP O 296 -33.24 -51.78 -21.14
N SER O 297 -33.92 -50.65 -21.28
CA SER O 297 -33.87 -49.89 -22.53
C SER O 297 -32.50 -49.25 -22.74
N PHE O 298 -31.99 -48.55 -21.72
CA PHE O 298 -30.73 -47.84 -21.87
C PHE O 298 -29.56 -48.82 -22.00
N LEU O 299 -29.53 -49.85 -21.17
CA LEU O 299 -28.46 -50.85 -21.25
C LEU O 299 -28.52 -51.62 -22.55
N GLY O 300 -29.69 -51.73 -23.17
CA GLY O 300 -29.85 -52.47 -24.39
C GLY O 300 -30.16 -53.94 -24.22
N VAL O 301 -30.21 -54.43 -22.98
CA VAL O 301 -30.51 -55.83 -22.73
C VAL O 301 -31.07 -55.97 -21.31
#